data_9FRT
#
_entry.id   9FRT
#
_cell.length_a   199.700
_cell.length_b   199.890
_cell.length_c   144.150
_cell.angle_alpha   90.000
_cell.angle_beta   133.790
_cell.angle_gamma   90.000
#
_symmetry.space_group_name_H-M   'C 1 2 1'
#
loop_
_entity.id
_entity.type
_entity.pdbx_description
1 polymer 'Trans-O-hydroxybenzylidenepyruvate hydratase-aldolase'
2 non-polymer GLYCEROL
3 non-polymer 'PHOSPHATE ION'
4 water water
#
_entity_poly.entity_id   1
_entity_poly.type   'polypeptide(L)'
_entity_poly.pdbx_seq_one_letter_code
;MRGSHHHHHHGSMSNKIMKTSRLTAEDINGAWTIMPTPSTPDASDWRSTATVDLEETARIVEELIAAGVNGILSMGTFGE
CATLTWDEKRDYVSTIVETIRGRVPYFCGTTALNTREVIRQTRELIDIGANGTMLGVPMWVKMDLPTAVQFYRDVADAVP
EAAIAIYANPEAFKFDFPRPFWAEMSKIPQVVTAKYLGIGMLDLDLRLAPNIRFLPHEDDYYAAARINPERITAFWSSGA
MCGPATAIMLRDEVVRAKSTGDWAKAKAISDDMRAADSTLFPRGDFSEFSKYNIGLEKARMDAAGWLKAGPCRPPYNLVP
EDYLAGAQKSGKAWAALHAKYSNELK
;
_entity_poly.pdbx_strand_id   A,B,C,D,G,H,J,K
#
loop_
_chem_comp.id
_chem_comp.type
_chem_comp.name
_chem_comp.formula
GOL non-polymer GLYCEROL 'C3 H8 O3'
PO4 non-polymer 'PHOSPHATE ION' 'O4 P -3'
#
# COMPACT_ATOMS: atom_id res chain seq x y z
N THR A 20 -45.55 20.99 -39.49
CA THR A 20 -45.56 22.18 -40.38
C THR A 20 -44.67 23.28 -39.76
N SER A 21 -44.85 23.59 -38.46
CA SER A 21 -44.21 24.76 -37.87
C SER A 21 -42.81 24.41 -37.35
N ARG A 22 -41.93 25.42 -37.34
CA ARG A 22 -40.53 25.17 -37.10
C ARG A 22 -40.33 24.73 -35.66
N LEU A 23 -39.47 23.74 -35.46
CA LEU A 23 -39.05 23.32 -34.12
C LEU A 23 -38.56 24.50 -33.29
N THR A 24 -38.82 24.45 -31.99
CA THR A 24 -38.21 25.39 -31.06
C THR A 24 -37.54 24.57 -29.98
N ALA A 25 -36.75 25.23 -29.14
CA ALA A 25 -36.11 24.62 -27.98
C ALA A 25 -37.10 23.87 -27.09
N GLU A 26 -38.32 24.42 -26.94
CA GLU A 26 -39.34 23.78 -26.13
C GLU A 26 -39.69 22.39 -26.63
N ASP A 27 -39.48 22.12 -27.90
CA ASP A 27 -39.81 20.84 -28.49
C ASP A 27 -38.66 19.83 -28.39
N ILE A 28 -37.53 20.22 -27.78
CA ILE A 28 -36.34 19.39 -27.77
C ILE A 28 -36.13 18.88 -26.35
N ASN A 29 -36.43 17.58 -26.13
CA ASN A 29 -36.37 16.99 -24.80
C ASN A 29 -35.89 15.55 -24.93
N GLY A 30 -35.31 15.04 -23.86
CA GLY A 30 -35.02 13.61 -23.78
C GLY A 30 -33.75 13.20 -24.52
N ALA A 31 -33.80 11.98 -25.08
CA ALA A 31 -32.66 11.33 -25.69
C ALA A 31 -32.66 11.60 -27.20
N TRP A 32 -31.63 12.36 -27.63
CA TRP A 32 -31.38 12.66 -29.04
C TRP A 32 -30.19 11.83 -29.51
N THR A 33 -30.47 10.82 -30.38
CA THR A 33 -29.46 9.86 -30.79
C THR A 33 -28.88 10.22 -32.14
N ILE A 34 -27.54 10.24 -32.23
CA ILE A 34 -26.84 10.58 -33.45
CA ILE A 34 -26.84 10.57 -33.45
C ILE A 34 -26.46 9.27 -34.15
N MET A 35 -27.01 9.10 -35.35
CA MET A 35 -26.81 7.86 -36.08
C MET A 35 -25.68 8.03 -37.10
N PRO A 36 -24.96 6.94 -37.41
CA PRO A 36 -23.99 6.94 -38.50
C PRO A 36 -24.69 6.91 -39.85
N THR A 37 -23.88 6.90 -40.90
CA THR A 37 -24.32 6.70 -42.27
C THR A 37 -23.79 5.33 -42.69
N PRO A 38 -24.62 4.28 -42.58
CA PRO A 38 -24.19 2.92 -42.88
C PRO A 38 -23.56 2.79 -44.25
N SER A 39 -22.50 1.99 -44.29
CA SER A 39 -21.68 1.79 -45.47
C SER A 39 -21.91 0.42 -46.08
N THR A 40 -21.82 0.36 -47.41
CA THR A 40 -21.68 -0.89 -48.14
C THR A 40 -20.28 -1.47 -47.95
N PRO A 41 -20.05 -2.77 -48.24
CA PRO A 41 -18.72 -3.34 -48.09
C PRO A 41 -17.58 -2.65 -48.85
N ASP A 42 -17.88 -1.99 -49.97
CA ASP A 42 -16.86 -1.37 -50.80
C ASP A 42 -16.66 0.13 -50.49
N ALA A 43 -17.14 0.61 -49.34
CA ALA A 43 -17.24 2.06 -49.11
C ALA A 43 -15.88 2.73 -48.89
N SER A 44 -14.82 1.97 -48.58
CA SER A 44 -13.50 2.56 -48.41
C SER A 44 -12.82 2.88 -49.74
N ASP A 45 -13.32 2.38 -50.85
CA ASP A 45 -12.65 2.46 -52.14
C ASP A 45 -13.15 3.72 -52.82
N TRP A 46 -12.21 4.60 -53.22
CA TRP A 46 -12.60 5.84 -53.91
C TRP A 46 -13.36 5.58 -55.22
N ARG A 47 -13.26 4.38 -55.78
CA ARG A 47 -13.95 4.02 -57.02
C ARG A 47 -15.43 3.81 -56.80
N SER A 48 -15.84 3.56 -55.54
CA SER A 48 -17.24 3.24 -55.26
C SER A 48 -18.08 4.50 -55.32
N THR A 49 -19.30 4.38 -55.87
CA THR A 49 -20.14 5.55 -56.09
C THR A 49 -21.41 5.60 -55.26
N ALA A 50 -21.91 4.46 -54.79
CA ALA A 50 -23.19 4.54 -54.09
C ALA A 50 -23.04 3.70 -52.83
N THR A 51 -22.39 4.27 -51.79
CA THR A 51 -21.87 3.48 -50.70
C THR A 51 -22.79 3.47 -49.49
N VAL A 52 -23.99 4.05 -49.58
CA VAL A 52 -24.88 4.05 -48.42
C VAL A 52 -25.74 2.78 -48.44
N ASP A 53 -25.72 1.99 -47.35
CA ASP A 53 -26.69 0.92 -47.18
C ASP A 53 -27.99 1.54 -46.70
N LEU A 54 -28.90 1.76 -47.66
CA LEU A 54 -30.12 2.47 -47.42
C LEU A 54 -31.09 1.60 -46.62
N GLU A 55 -31.05 0.28 -46.79
CA GLU A 55 -31.93 -0.54 -46.00
C GLU A 55 -31.49 -0.58 -44.52
N GLU A 56 -30.17 -0.66 -44.25
CA GLU A 56 -29.64 -0.59 -42.88
C GLU A 56 -30.02 0.76 -42.29
N THR A 57 -29.98 1.82 -43.08
CA THR A 57 -30.39 3.15 -42.64
C THR A 57 -31.85 3.13 -42.15
N ALA A 58 -32.75 2.56 -42.98
CA ALA A 58 -34.17 2.46 -42.61
C ALA A 58 -34.33 1.64 -41.33
N ARG A 59 -33.57 0.54 -41.21
CA ARG A 59 -33.71 -0.39 -40.10
C ARG A 59 -33.27 0.30 -38.80
N ILE A 60 -32.17 1.05 -38.87
CA ILE A 60 -31.68 1.80 -37.72
C ILE A 60 -32.76 2.80 -37.25
N VAL A 61 -33.35 3.56 -38.19
CA VAL A 61 -34.32 4.58 -37.82
C VAL A 61 -35.52 3.96 -37.12
N GLU A 62 -36.07 2.85 -37.69
CA GLU A 62 -37.24 2.25 -37.07
C GLU A 62 -36.88 1.71 -35.68
N GLU A 63 -35.67 1.11 -35.53
CA GLU A 63 -35.24 0.59 -34.25
C GLU A 63 -35.12 1.71 -33.22
N LEU A 64 -34.59 2.86 -33.63
CA LEU A 64 -34.46 3.98 -32.72
C LEU A 64 -35.84 4.49 -32.29
N ILE A 65 -36.76 4.66 -33.23
CA ILE A 65 -38.10 5.12 -32.91
C ILE A 65 -38.71 4.10 -31.93
N ALA A 66 -38.54 2.80 -32.22
CA ALA A 66 -39.16 1.77 -31.38
C ALA A 66 -38.62 1.82 -29.96
N ALA A 67 -37.33 2.15 -29.81
CA ALA A 67 -36.73 2.25 -28.50
C ALA A 67 -37.27 3.45 -27.72
N GLY A 68 -37.94 4.39 -28.38
CA GLY A 68 -38.50 5.51 -27.68
C GLY A 68 -37.62 6.76 -27.74
N VAL A 69 -36.67 6.85 -28.68
CA VAL A 69 -35.82 8.04 -28.80
C VAL A 69 -36.69 9.23 -29.14
N ASN A 70 -36.25 10.41 -28.65
CA ASN A 70 -37.04 11.62 -28.80
C ASN A 70 -36.75 12.32 -30.12
N GLY A 71 -35.53 12.18 -30.64
CA GLY A 71 -35.16 12.81 -31.89
C GLY A 71 -33.90 12.18 -32.45
N ILE A 72 -33.65 12.40 -33.74
CA ILE A 72 -32.50 11.81 -34.40
C ILE A 72 -31.62 12.91 -35.01
N LEU A 73 -30.33 12.83 -34.69
CA LEU A 73 -29.30 13.64 -35.32
C LEU A 73 -28.50 12.76 -36.24
N SER A 74 -27.86 13.39 -37.22
CA SER A 74 -27.03 12.67 -38.17
C SER A 74 -26.02 13.62 -38.81
N MET A 75 -25.04 13.03 -39.51
CA MET A 75 -24.19 13.74 -40.46
C MET A 75 -23.29 14.75 -39.74
N GLY A 76 -22.77 14.34 -38.59
CA GLY A 76 -21.64 14.99 -37.97
C GLY A 76 -20.32 14.43 -38.47
N THR A 77 -19.31 14.35 -37.60
CA THR A 77 -18.01 13.84 -38.01
C THR A 77 -18.09 12.34 -38.29
N PHE A 78 -18.44 11.51 -37.29
CA PHE A 78 -18.46 10.07 -37.52
C PHE A 78 -19.54 9.69 -38.54
N GLY A 79 -20.55 10.53 -38.70
CA GLY A 79 -21.60 10.38 -39.69
C GLY A 79 -21.14 10.65 -41.13
N GLU A 80 -19.88 11.10 -41.28
CA GLU A 80 -19.17 11.16 -42.55
C GLU A 80 -19.81 12.20 -43.46
N CYS A 81 -20.28 13.30 -42.85
CA CYS A 81 -20.68 14.45 -43.63
C CYS A 81 -19.56 14.87 -44.58
N ALA A 82 -18.30 14.77 -44.14
CA ALA A 82 -17.17 15.24 -44.94
C ALA A 82 -16.96 14.36 -46.16
N THR A 83 -17.31 13.06 -46.11
CA THR A 83 -16.80 12.10 -47.07
C THR A 83 -17.87 11.43 -47.93
N LEU A 84 -19.16 11.69 -47.67
CA LEU A 84 -20.25 11.27 -48.53
C LEU A 84 -20.32 12.11 -49.78
N THR A 85 -20.74 11.54 -50.90
CA THR A 85 -21.05 12.35 -52.08
C THR A 85 -22.43 12.96 -51.90
N TRP A 86 -22.74 13.97 -52.72
CA TRP A 86 -24.01 14.67 -52.60
C TRP A 86 -25.18 13.72 -52.91
N ASP A 87 -25.04 12.87 -53.92
CA ASP A 87 -26.11 11.95 -54.24
C ASP A 87 -26.34 10.99 -53.08
N GLU A 88 -25.26 10.52 -52.44
CA GLU A 88 -25.38 9.66 -51.24
C GLU A 88 -26.15 10.34 -50.13
N LYS A 89 -25.82 11.63 -49.88
CA LYS A 89 -26.48 12.42 -48.86
C LYS A 89 -27.98 12.54 -49.15
N ARG A 90 -28.33 12.88 -50.39
CA ARG A 90 -29.74 13.01 -50.75
C ARG A 90 -30.48 11.67 -50.57
N ASP A 91 -29.86 10.57 -50.99
CA ASP A 91 -30.49 9.26 -50.87
C ASP A 91 -30.67 8.86 -49.38
N TYR A 92 -29.65 9.11 -48.56
CA TYR A 92 -29.69 8.82 -47.13
C TYR A 92 -30.82 9.58 -46.46
N VAL A 93 -30.85 10.90 -46.68
CA VAL A 93 -31.86 11.73 -46.05
C VAL A 93 -33.26 11.33 -46.55
N SER A 94 -33.42 11.04 -47.85
CA SER A 94 -34.72 10.64 -48.38
C SER A 94 -35.22 9.39 -47.66
N THR A 95 -34.33 8.41 -47.49
CA THR A 95 -34.65 7.15 -46.83
C THR A 95 -35.07 7.41 -45.38
N ILE A 96 -34.32 8.25 -44.68
CA ILE A 96 -34.62 8.59 -43.30
C ILE A 96 -36.00 9.27 -43.22
N VAL A 97 -36.27 10.24 -44.06
CA VAL A 97 -37.49 11.02 -43.97
C VAL A 97 -38.69 10.10 -44.23
N GLU A 98 -38.58 9.24 -45.23
CA GLU A 98 -39.71 8.35 -45.60
C GLU A 98 -39.92 7.31 -44.49
N THR A 99 -38.85 6.90 -43.80
CA THR A 99 -38.96 5.95 -42.71
C THR A 99 -39.62 6.61 -41.50
N ILE A 100 -39.18 7.83 -41.14
CA ILE A 100 -39.67 8.50 -39.94
C ILE A 100 -41.17 8.82 -40.07
N ARG A 101 -41.56 9.26 -41.25
CA ARG A 101 -42.98 9.62 -41.51
C ARG A 101 -43.44 10.59 -40.42
N GLY A 102 -42.65 11.62 -40.12
CA GLY A 102 -43.07 12.66 -39.20
C GLY A 102 -43.14 12.25 -37.73
N ARG A 103 -42.74 11.03 -37.35
CA ARG A 103 -43.00 10.57 -35.99
C ARG A 103 -42.06 11.18 -34.94
N VAL A 104 -40.82 11.52 -35.34
CA VAL A 104 -39.89 12.20 -34.45
C VAL A 104 -39.17 13.25 -35.30
N PRO A 105 -38.63 14.30 -34.68
CA PRO A 105 -37.82 15.25 -35.41
C PRO A 105 -36.47 14.69 -35.83
N TYR A 106 -35.96 15.19 -36.94
CA TYR A 106 -34.76 14.67 -37.60
C TYR A 106 -33.91 15.85 -38.12
N PHE A 107 -32.64 15.83 -37.75
CA PHE A 107 -31.65 16.78 -38.22
C PHE A 107 -30.65 16.06 -39.12
N CYS A 108 -30.55 16.59 -40.35
CA CYS A 108 -29.46 16.31 -41.27
C CYS A 108 -28.25 17.13 -40.82
N GLY A 109 -27.14 17.02 -41.58
CA GLY A 109 -25.97 17.88 -41.36
C GLY A 109 -25.48 18.44 -42.68
N THR A 110 -25.13 19.75 -42.71
CA THR A 110 -24.77 20.39 -43.96
C THR A 110 -23.51 21.24 -43.83
N THR A 111 -22.66 20.93 -42.87
CA THR A 111 -21.38 21.62 -42.77
C THR A 111 -20.64 21.43 -44.09
N ALA A 112 -20.08 22.53 -44.60
CA ALA A 112 -19.35 22.52 -45.87
C ALA A 112 -18.32 23.66 -45.81
N LEU A 113 -17.57 23.83 -46.90
CA LEU A 113 -16.44 24.74 -46.98
C LEU A 113 -16.86 26.21 -47.12
N ASN A 114 -18.11 26.51 -47.44
CA ASN A 114 -18.49 27.92 -47.64
C ASN A 114 -20.00 28.09 -47.47
N THR A 115 -20.39 29.33 -47.28
CA THR A 115 -21.74 29.68 -46.92
C THR A 115 -22.71 29.32 -48.04
N ARG A 116 -22.32 29.55 -49.30
CA ARG A 116 -23.23 29.26 -50.39
C ARG A 116 -23.53 27.77 -50.52
N GLU A 117 -22.50 26.92 -50.35
CA GLU A 117 -22.68 25.48 -50.40
C GLU A 117 -23.53 25.00 -49.23
N VAL A 118 -23.31 25.57 -48.04
CA VAL A 118 -24.13 25.20 -46.90
C VAL A 118 -25.59 25.47 -47.20
N ILE A 119 -25.86 26.69 -47.71
CA ILE A 119 -27.22 27.08 -48.03
C ILE A 119 -27.82 26.11 -49.06
N ARG A 120 -27.11 25.82 -50.14
CA ARG A 120 -27.59 24.94 -51.20
C ARG A 120 -28.00 23.59 -50.61
N GLN A 121 -27.11 22.99 -49.81
CA GLN A 121 -27.34 21.69 -49.23
C GLN A 121 -28.50 21.71 -48.25
N THR A 122 -28.54 22.74 -47.40
CA THR A 122 -29.55 22.90 -46.38
C THR A 122 -30.92 23.03 -47.03
N ARG A 123 -31.05 23.85 -48.06
CA ARG A 123 -32.33 24.01 -48.73
C ARG A 123 -32.82 22.66 -49.30
N GLU A 124 -31.93 21.92 -49.96
CA GLU A 124 -32.36 20.65 -50.57
C GLU A 124 -32.75 19.60 -49.50
N LEU A 125 -31.94 19.44 -48.45
CA LEU A 125 -32.24 18.42 -47.43
C LEU A 125 -33.49 18.78 -46.62
N ILE A 126 -33.70 20.06 -46.30
CA ILE A 126 -34.93 20.49 -45.63
C ILE A 126 -36.11 20.24 -46.57
N ASP A 127 -35.93 20.54 -47.86
CA ASP A 127 -36.98 20.28 -48.85
C ASP A 127 -37.37 18.80 -48.88
N ILE A 128 -36.39 17.91 -48.73
CA ILE A 128 -36.67 16.48 -48.76
C ILE A 128 -37.52 16.12 -47.55
N GLY A 129 -37.31 16.84 -46.45
CA GLY A 129 -38.14 16.71 -45.27
C GLY A 129 -37.41 16.65 -43.94
N ALA A 130 -36.12 16.92 -43.88
CA ALA A 130 -35.46 17.06 -42.56
C ALA A 130 -36.02 18.31 -41.91
N ASN A 131 -36.05 18.33 -40.58
CA ASN A 131 -36.62 19.44 -39.81
C ASN A 131 -35.54 20.50 -39.58
N GLY A 132 -34.27 20.10 -39.55
CA GLY A 132 -33.20 21.04 -39.27
C GLY A 132 -31.85 20.48 -39.71
N THR A 133 -30.81 21.29 -39.55
CA THR A 133 -29.45 20.90 -39.85
C THR A 133 -28.57 21.09 -38.62
N MET A 134 -27.75 20.04 -38.37
CA MET A 134 -26.73 20.07 -37.37
C MET A 134 -25.50 20.60 -38.10
N LEU A 135 -25.08 21.81 -37.71
CA LEU A 135 -24.22 22.64 -38.55
C LEU A 135 -23.02 23.23 -37.80
N GLY A 136 -21.82 22.86 -38.28
CA GLY A 136 -20.54 23.38 -37.83
C GLY A 136 -20.18 24.59 -38.68
N VAL A 137 -18.95 25.09 -38.59
CA VAL A 137 -18.57 26.23 -39.44
C VAL A 137 -17.55 25.78 -40.48
N PRO A 138 -17.51 26.43 -41.65
CA PRO A 138 -16.42 26.26 -42.60
C PRO A 138 -15.07 26.39 -41.92
N MET A 139 -14.15 25.48 -42.26
CA MET A 139 -12.96 25.30 -41.44
C MET A 139 -11.67 25.30 -42.27
N TRP A 140 -11.72 25.53 -43.60
CA TRP A 140 -10.43 25.65 -44.28
C TRP A 140 -9.58 26.79 -43.69
N VAL A 141 -10.25 27.92 -43.50
CA VAL A 141 -9.72 29.04 -42.76
C VAL A 141 -10.46 29.11 -41.44
N LYS A 142 -9.69 29.18 -40.32
CA LYS A 142 -10.24 29.35 -39.00
C LYS A 142 -11.10 30.61 -38.94
N MET A 143 -12.37 30.43 -38.61
CA MET A 143 -13.24 31.59 -38.44
C MET A 143 -12.95 32.36 -37.16
N ASP A 144 -13.25 33.66 -37.20
CA ASP A 144 -13.25 34.51 -36.01
C ASP A 144 -14.71 34.67 -35.55
N LEU A 145 -14.90 35.36 -34.41
CA LEU A 145 -16.20 35.52 -33.79
C LEU A 145 -17.22 36.20 -34.71
N PRO A 146 -17.00 37.44 -35.22
CA PRO A 146 -18.04 38.06 -36.04
C PRO A 146 -18.38 37.28 -37.32
N THR A 147 -17.38 36.59 -37.92
CA THR A 147 -17.60 35.87 -39.17
C THR A 147 -18.43 34.61 -38.87
N ALA A 148 -18.15 33.95 -37.74
CA ALA A 148 -18.94 32.78 -37.36
C ALA A 148 -20.40 33.18 -37.10
N VAL A 149 -20.60 34.28 -36.37
CA VAL A 149 -21.95 34.75 -36.09
C VAL A 149 -22.69 35.04 -37.39
N GLN A 150 -22.06 35.77 -38.31
CA GLN A 150 -22.71 36.18 -39.55
C GLN A 150 -23.01 34.95 -40.40
N PHE A 151 -22.12 33.94 -40.34
CA PHE A 151 -22.37 32.70 -41.07
C PHE A 151 -23.71 32.07 -40.68
N TYR A 152 -23.97 31.90 -39.37
CA TYR A 152 -25.21 31.31 -38.94
C TYR A 152 -26.40 32.23 -39.24
N ARG A 153 -26.20 33.55 -39.12
CA ARG A 153 -27.24 34.50 -39.52
C ARG A 153 -27.61 34.39 -41.00
N ASP A 154 -26.58 34.22 -41.83
CA ASP A 154 -26.73 34.07 -43.28
C ASP A 154 -27.53 32.81 -43.62
N VAL A 155 -27.22 31.67 -42.95
CA VAL A 155 -27.91 30.42 -43.25
C VAL A 155 -29.38 30.54 -42.84
N ALA A 156 -29.63 31.09 -41.65
CA ALA A 156 -30.97 31.23 -41.12
C ALA A 156 -31.78 32.20 -41.99
N ASP A 157 -31.15 33.26 -42.50
CA ASP A 157 -31.79 34.20 -43.42
C ASP A 157 -32.17 33.51 -44.73
N ALA A 158 -31.27 32.67 -45.24
CA ALA A 158 -31.48 32.01 -46.53
C ALA A 158 -32.46 30.84 -46.47
N VAL A 159 -32.49 30.12 -45.36
CA VAL A 159 -33.34 28.95 -45.21
C VAL A 159 -34.16 29.11 -43.93
N PRO A 160 -35.11 30.08 -43.87
CA PRO A 160 -35.78 30.43 -42.61
C PRO A 160 -36.61 29.32 -42.01
N GLU A 161 -37.00 28.33 -42.81
CA GLU A 161 -37.76 27.20 -42.29
C GLU A 161 -36.87 26.13 -41.65
N ALA A 162 -35.54 26.19 -41.78
CA ALA A 162 -34.67 25.19 -41.15
C ALA A 162 -34.40 25.53 -39.69
N ALA A 163 -34.66 24.57 -38.79
CA ALA A 163 -34.07 24.66 -37.47
C ALA A 163 -32.55 24.36 -37.57
N ILE A 164 -31.78 24.96 -36.70
CA ILE A 164 -30.33 24.78 -36.66
C ILE A 164 -29.95 24.25 -35.29
N ALA A 165 -29.14 23.20 -35.32
CA ALA A 165 -28.38 22.68 -34.19
C ALA A 165 -26.92 23.09 -34.37
N ILE A 166 -26.41 23.91 -33.44
CA ILE A 166 -25.03 24.31 -33.51
C ILE A 166 -24.17 23.09 -33.20
N TYR A 167 -23.27 22.76 -34.13
CA TYR A 167 -22.36 21.64 -33.95
C TYR A 167 -21.05 22.22 -33.45
N ALA A 168 -20.93 22.28 -32.13
CA ALA A 168 -19.82 22.96 -31.48
C ALA A 168 -18.67 22.00 -31.29
N ASN A 169 -17.88 21.82 -32.35
CA ASN A 169 -16.74 20.93 -32.37
C ASN A 169 -15.46 21.71 -32.73
N PRO A 170 -14.73 22.23 -31.75
CA PRO A 170 -13.51 23.00 -32.04
C PRO A 170 -12.37 22.22 -32.69
N GLU A 171 -12.30 20.90 -32.51
CA GLU A 171 -11.23 20.12 -33.10
C GLU A 171 -11.40 20.05 -34.62
N ALA A 172 -12.62 19.70 -35.05
CA ALA A 172 -12.96 19.70 -36.48
C ALA A 172 -12.92 21.12 -37.06
N PHE A 173 -13.55 22.07 -36.41
CA PHE A 173 -13.92 23.30 -37.07
C PHE A 173 -13.02 24.46 -36.67
N LYS A 174 -12.04 24.24 -35.75
CA LYS A 174 -11.00 25.23 -35.40
C LYS A 174 -11.55 26.34 -34.50
N PHE A 175 -12.59 27.04 -34.93
CA PHE A 175 -13.32 27.98 -34.08
C PHE A 175 -13.74 27.31 -32.78
N ASP A 176 -13.66 28.04 -31.67
CA ASP A 176 -13.90 27.40 -30.38
C ASP A 176 -15.27 27.72 -29.74
N PHE A 177 -16.19 28.34 -30.46
CA PHE A 177 -17.57 28.53 -30.02
C PHE A 177 -17.64 29.18 -28.63
N PRO A 178 -17.13 30.40 -28.47
CA PRO A 178 -16.97 31.05 -27.18
C PRO A 178 -18.24 31.64 -26.61
N ARG A 179 -18.18 32.11 -25.35
CA ARG A 179 -19.32 32.69 -24.68
C ARG A 179 -20.07 33.70 -25.56
N PRO A 180 -19.45 34.77 -26.11
CA PRO A 180 -20.25 35.78 -26.84
C PRO A 180 -20.93 35.24 -28.09
N PHE A 181 -20.36 34.17 -28.66
CA PHE A 181 -20.99 33.46 -29.78
C PHE A 181 -22.37 32.94 -29.35
N TRP A 182 -22.46 32.29 -28.18
CA TRP A 182 -23.75 31.75 -27.73
C TRP A 182 -24.79 32.87 -27.50
N ALA A 183 -24.37 34.01 -26.90
CA ALA A 183 -25.24 35.17 -26.73
C ALA A 183 -25.81 35.64 -28.08
N GLU A 184 -25.00 35.64 -29.15
CA GLU A 184 -25.47 36.05 -30.47
C GLU A 184 -26.41 35.02 -31.06
N MET A 185 -26.11 33.74 -30.89
CA MET A 185 -26.98 32.68 -31.42
C MET A 185 -28.37 32.72 -30.82
N SER A 186 -28.50 33.12 -29.56
CA SER A 186 -29.77 33.13 -28.86
C SER A 186 -30.70 34.20 -29.44
N LYS A 187 -30.19 35.13 -30.24
CA LYS A 187 -31.01 36.10 -30.97
C LYS A 187 -31.54 35.56 -32.29
N ILE A 188 -31.14 34.34 -32.69
CA ILE A 188 -31.50 33.79 -33.99
C ILE A 188 -32.57 32.74 -33.73
N PRO A 189 -33.85 32.97 -34.09
CA PRO A 189 -34.92 32.05 -33.73
C PRO A 189 -34.72 30.63 -34.26
N GLN A 190 -34.10 30.52 -35.44
CA GLN A 190 -33.85 29.22 -36.05
C GLN A 190 -32.86 28.37 -35.24
N VAL A 191 -32.00 29.00 -34.42
CA VAL A 191 -31.04 28.24 -33.63
C VAL A 191 -31.72 27.73 -32.36
N VAL A 192 -31.97 26.41 -32.30
CA VAL A 192 -32.84 25.89 -31.27
C VAL A 192 -32.11 24.98 -30.31
N THR A 193 -30.93 24.48 -30.72
CA THR A 193 -30.23 23.50 -29.93
C THR A 193 -28.76 23.54 -30.31
N ALA A 194 -27.94 22.84 -29.53
CA ALA A 194 -26.52 22.74 -29.75
C ALA A 194 -26.06 21.34 -29.35
N LYS A 195 -25.27 20.71 -30.23
CA LYS A 195 -24.51 19.52 -29.89
C LYS A 195 -23.27 20.02 -29.18
N TYR A 196 -23.34 20.01 -27.84
CA TYR A 196 -22.39 20.69 -27.00
C TYR A 196 -21.33 19.70 -26.51
N LEU A 197 -20.22 20.25 -26.06
CA LEU A 197 -19.17 19.42 -25.48
C LEU A 197 -19.01 19.74 -23.99
N GLY A 198 -17.79 19.97 -23.53
CA GLY A 198 -17.53 19.99 -22.09
C GLY A 198 -18.44 21.03 -21.44
N ILE A 199 -18.82 20.78 -20.19
CA ILE A 199 -19.83 21.55 -19.50
C ILE A 199 -19.20 22.57 -18.55
N GLY A 200 -17.90 22.82 -18.67
CA GLY A 200 -17.23 23.74 -17.75
C GLY A 200 -17.84 25.15 -17.74
N MET A 201 -18.37 25.62 -18.89
CA MET A 201 -18.98 26.93 -18.96
C MET A 201 -20.47 26.80 -19.33
N LEU A 202 -21.09 25.66 -19.04
CA LEU A 202 -22.51 25.47 -19.35
C LEU A 202 -23.40 26.43 -18.54
N ASP A 203 -23.15 26.57 -17.26
CA ASP A 203 -23.91 27.46 -16.40
C ASP A 203 -23.98 28.86 -17.04
N LEU A 204 -22.83 29.44 -17.43
CA LEU A 204 -22.81 30.76 -18.07
C LEU A 204 -23.52 30.74 -19.44
N ASP A 205 -23.22 29.73 -20.27
CA ASP A 205 -23.80 29.69 -21.61
C ASP A 205 -25.32 29.64 -21.55
N LEU A 206 -25.87 28.88 -20.60
CA LEU A 206 -27.32 28.84 -20.42
C LEU A 206 -27.90 30.23 -20.13
N ARG A 207 -27.18 31.01 -19.34
CA ARG A 207 -27.64 32.38 -18.99
C ARG A 207 -27.55 33.27 -20.23
N LEU A 208 -26.48 33.13 -20.99
CA LEU A 208 -26.25 33.95 -22.18
C LEU A 208 -27.21 33.62 -23.31
N ALA A 209 -27.68 32.37 -23.36
CA ALA A 209 -28.46 31.90 -24.47
C ALA A 209 -29.74 31.22 -23.97
N PRO A 210 -30.72 32.02 -23.48
CA PRO A 210 -31.96 31.46 -22.94
C PRO A 210 -32.78 30.65 -23.94
N ASN A 211 -32.61 30.89 -25.26
CA ASN A 211 -33.51 30.32 -26.25
C ASN A 211 -32.92 29.06 -26.89
N ILE A 212 -31.82 28.52 -26.37
CA ILE A 212 -31.21 27.32 -26.94
C ILE A 212 -31.34 26.18 -25.95
N ARG A 213 -31.73 24.99 -26.48
CA ARG A 213 -31.62 23.75 -25.72
C ARG A 213 -30.21 23.18 -25.89
N PHE A 214 -29.36 23.34 -24.88
CA PHE A 214 -27.99 22.85 -24.94
C PHE A 214 -28.03 21.35 -24.67
N LEU A 215 -27.53 20.57 -25.62
CA LEU A 215 -27.42 19.13 -25.44
C LEU A 215 -26.00 18.77 -24.96
N PRO A 216 -25.81 18.39 -23.69
CA PRO A 216 -24.54 17.79 -23.29
C PRO A 216 -24.42 16.42 -23.91
N HIS A 217 -23.20 15.93 -24.03
CA HIS A 217 -22.94 14.53 -24.30
C HIS A 217 -23.54 13.70 -23.17
N GLU A 218 -24.05 12.50 -23.51
CA GLU A 218 -24.76 11.66 -22.59
C GLU A 218 -24.01 11.48 -21.27
N ASP A 219 -22.69 11.32 -21.30
CA ASP A 219 -21.94 11.03 -20.08
C ASP A 219 -21.99 12.22 -19.10
N ASP A 220 -22.22 13.41 -19.66
CA ASP A 220 -22.26 14.66 -18.90
C ASP A 220 -23.66 15.10 -18.52
N TYR A 221 -24.68 14.38 -19.01
CA TYR A 221 -26.07 14.76 -18.77
C TYR A 221 -26.43 14.76 -17.27
N TYR A 222 -25.97 13.78 -16.51
CA TYR A 222 -26.17 13.70 -15.07
C TYR A 222 -25.74 14.99 -14.38
N ALA A 223 -24.48 15.37 -14.61
CA ALA A 223 -23.95 16.59 -13.99
C ALA A 223 -24.69 17.84 -14.46
N ALA A 224 -24.90 17.94 -15.77
CA ALA A 224 -25.56 19.10 -16.37
C ALA A 224 -27.00 19.26 -15.88
N ALA A 225 -27.75 18.15 -15.79
CA ALA A 225 -29.12 18.16 -15.31
C ALA A 225 -29.15 18.59 -13.84
N ARG A 226 -28.13 18.26 -13.06
CA ARG A 226 -28.10 18.70 -11.68
C ARG A 226 -27.77 20.21 -11.57
N ILE A 227 -26.95 20.72 -12.50
CA ILE A 227 -26.65 22.15 -12.54
C ILE A 227 -27.93 22.94 -12.79
N ASN A 228 -28.68 22.57 -13.85
CA ASN A 228 -29.84 23.33 -14.23
C ASN A 228 -30.95 22.39 -14.69
N PRO A 229 -31.74 21.83 -13.77
CA PRO A 229 -32.77 20.82 -14.14
C PRO A 229 -33.91 21.36 -15.00
N GLU A 230 -34.16 22.68 -14.89
CA GLU A 230 -35.18 23.32 -15.69
C GLU A 230 -34.76 23.37 -17.16
N ARG A 231 -33.49 23.70 -17.43
CA ARG A 231 -33.03 23.93 -18.78
C ARG A 231 -32.46 22.65 -19.43
N ILE A 232 -31.81 21.83 -18.64
CA ILE A 232 -31.12 20.66 -19.16
C ILE A 232 -32.08 19.45 -19.05
N THR A 233 -32.86 19.26 -20.12
CA THR A 233 -33.87 18.22 -20.23
C THR A 233 -33.58 17.24 -21.35
N ALA A 234 -32.47 17.44 -22.05
CA ALA A 234 -32.16 16.63 -23.23
C ALA A 234 -30.67 16.42 -23.34
N PHE A 235 -30.26 15.40 -24.10
CA PHE A 235 -28.84 15.13 -24.26
C PHE A 235 -28.63 14.43 -25.60
N TRP A 236 -27.38 14.40 -26.07
CA TRP A 236 -27.07 13.70 -27.31
C TRP A 236 -26.29 12.43 -27.00
N SER A 237 -26.57 11.38 -27.77
CA SER A 237 -26.06 10.04 -27.50
C SER A 237 -25.50 9.43 -28.78
N SER A 238 -24.24 8.99 -28.75
CA SER A 238 -23.66 8.08 -29.74
C SER A 238 -23.64 6.67 -29.18
N GLY A 239 -23.55 6.50 -27.84
CA GLY A 239 -23.60 5.17 -27.20
C GLY A 239 -24.87 4.39 -27.57
N ALA A 240 -25.97 5.11 -27.89
CA ALA A 240 -27.20 4.46 -28.28
C ALA A 240 -27.06 3.60 -29.53
N MET A 241 -26.04 3.89 -30.34
CA MET A 241 -25.81 3.13 -31.56
C MET A 241 -25.27 1.74 -31.26
N CYS A 242 -24.97 1.48 -29.97
CA CYS A 242 -24.54 0.18 -29.50
C CYS A 242 -25.66 -0.53 -28.73
N GLY A 243 -26.86 0.07 -28.78
CA GLY A 243 -28.03 -0.38 -28.05
C GLY A 243 -28.58 0.79 -27.22
N PRO A 244 -29.78 1.30 -27.56
CA PRO A 244 -30.32 2.49 -26.90
C PRO A 244 -30.95 2.42 -25.52
N ALA A 245 -31.03 1.21 -24.92
CA ALA A 245 -31.70 1.10 -23.64
C ALA A 245 -31.02 1.95 -22.56
N THR A 246 -29.68 2.04 -22.59
CA THR A 246 -28.95 2.79 -21.58
C THR A 246 -29.37 4.26 -21.57
N ALA A 247 -29.40 4.89 -22.77
CA ALA A 247 -29.81 6.28 -22.92
C ALA A 247 -31.25 6.49 -22.50
N ILE A 248 -32.12 5.55 -22.87
CA ILE A 248 -33.53 5.66 -22.48
C ILE A 248 -33.66 5.56 -20.97
N MET A 249 -32.91 4.63 -20.37
CA MET A 249 -32.95 4.47 -18.89
C MET A 249 -32.48 5.77 -18.26
N LEU A 250 -31.34 6.30 -18.72
CA LEU A 250 -30.80 7.55 -18.16
C LEU A 250 -31.85 8.66 -18.24
N ARG A 251 -32.43 8.87 -19.43
CA ARG A 251 -33.49 9.82 -19.62
C ARG A 251 -34.58 9.65 -18.56
N ASP A 252 -35.12 8.42 -18.45
CA ASP A 252 -36.26 8.16 -17.60
C ASP A 252 -35.89 8.38 -16.14
N GLU A 253 -34.70 7.97 -15.74
CA GLU A 253 -34.32 8.01 -14.34
CA GLU A 253 -34.32 8.01 -14.34
C GLU A 253 -33.99 9.44 -13.92
N VAL A 254 -33.47 10.26 -14.86
CA VAL A 254 -33.24 11.67 -14.57
C VAL A 254 -34.57 12.40 -14.38
N VAL A 255 -35.58 12.10 -15.21
CA VAL A 255 -36.90 12.66 -14.98
C VAL A 255 -37.38 12.34 -13.56
N ARG A 256 -37.23 11.08 -13.13
CA ARG A 256 -37.66 10.65 -11.81
CA ARG A 256 -37.66 10.65 -11.81
C ARG A 256 -36.85 11.35 -10.71
N ALA A 257 -35.53 11.44 -10.89
CA ALA A 257 -34.64 12.14 -9.94
C ALA A 257 -35.07 13.58 -9.74
N LYS A 258 -35.45 14.26 -10.80
CA LYS A 258 -35.86 15.65 -10.71
C LYS A 258 -37.13 15.78 -9.87
N SER A 259 -38.01 14.77 -9.95
CA SER A 259 -39.25 14.75 -9.20
C SER A 259 -39.03 14.34 -7.74
N THR A 260 -38.19 13.33 -7.49
CA THR A 260 -38.06 12.76 -6.16
C THR A 260 -36.93 13.38 -5.36
N GLY A 261 -35.93 13.96 -6.05
CA GLY A 261 -34.69 14.39 -5.43
C GLY A 261 -33.70 13.25 -5.14
N ASP A 262 -34.00 12.03 -5.57
CA ASP A 262 -33.09 10.92 -5.36
C ASP A 262 -32.37 10.57 -6.67
N TRP A 263 -31.11 10.94 -6.74
CA TRP A 263 -30.27 10.96 -7.93
C TRP A 263 -29.39 9.71 -7.99
N ALA A 264 -29.50 8.78 -7.01
CA ALA A 264 -28.54 7.69 -6.93
C ALA A 264 -28.60 6.75 -8.15
N LYS A 265 -29.78 6.44 -8.66
CA LYS A 265 -29.88 5.52 -9.78
C LYS A 265 -29.34 6.18 -11.06
N ALA A 266 -29.68 7.47 -11.25
CA ALA A 266 -29.20 8.20 -12.41
C ALA A 266 -27.68 8.24 -12.37
N LYS A 267 -27.13 8.44 -11.17
CA LYS A 267 -25.69 8.49 -10.98
C LYS A 267 -25.07 7.14 -11.34
N ALA A 268 -25.69 6.02 -10.94
CA ALA A 268 -25.16 4.70 -11.25
C ALA A 268 -25.15 4.44 -12.77
N ILE A 269 -26.21 4.85 -13.47
CA ILE A 269 -26.28 4.68 -14.92
C ILE A 269 -25.19 5.53 -15.58
N SER A 270 -25.06 6.79 -15.16
CA SER A 270 -24.08 7.73 -15.71
C SER A 270 -22.67 7.19 -15.51
N ASP A 271 -22.40 6.62 -14.32
CA ASP A 271 -21.09 6.06 -14.03
C ASP A 271 -20.76 4.86 -14.92
N ASP A 272 -21.77 4.01 -15.18
CA ASP A 272 -21.66 2.91 -16.11
C ASP A 272 -21.27 3.40 -17.51
N MET A 273 -21.91 4.47 -17.96
CA MET A 273 -21.66 5.05 -19.27
C MET A 273 -20.22 5.55 -19.43
N ARG A 274 -19.73 6.29 -18.44
CA ARG A 274 -18.35 6.74 -18.45
C ARG A 274 -17.38 5.57 -18.47
N ALA A 275 -17.63 4.51 -17.66
CA ALA A 275 -16.75 3.34 -17.71
C ALA A 275 -16.75 2.73 -19.11
N ALA A 276 -17.91 2.61 -19.75
CA ALA A 276 -17.99 2.03 -21.09
C ALA A 276 -17.16 2.82 -22.12
N ASP A 277 -17.09 4.15 -21.92
CA ASP A 277 -16.32 5.03 -22.79
C ASP A 277 -14.85 5.03 -22.48
N SER A 278 -14.44 4.38 -21.37
CA SER A 278 -13.11 4.65 -20.85
C SER A 278 -11.98 4.15 -21.79
N THR A 279 -12.24 3.21 -22.69
CA THR A 279 -11.17 2.68 -23.56
C THR A 279 -11.24 3.27 -24.97
N LEU A 280 -12.18 4.17 -25.25
CA LEU A 280 -12.37 4.61 -26.62
C LEU A 280 -11.19 5.44 -27.14
N PHE A 281 -10.71 6.41 -26.34
CA PHE A 281 -9.62 7.28 -26.77
C PHE A 281 -8.27 6.55 -26.79
N PRO A 282 -7.53 6.60 -27.91
CA PRO A 282 -6.20 5.99 -28.01
C PRO A 282 -5.31 6.58 -26.92
N ARG A 283 -4.79 5.71 -26.04
CA ARG A 283 -3.97 6.06 -24.89
C ARG A 283 -4.57 7.21 -24.10
N GLY A 284 -5.91 7.26 -24.06
CA GLY A 284 -6.60 8.26 -23.28
C GLY A 284 -6.42 9.67 -23.86
N ASP A 285 -5.95 9.74 -25.11
CA ASP A 285 -5.57 11.01 -25.70
C ASP A 285 -6.63 11.51 -26.68
N PHE A 286 -7.22 12.66 -26.37
CA PHE A 286 -8.31 13.20 -27.17
C PHE A 286 -7.83 13.66 -28.54
N SER A 287 -6.57 14.16 -28.64
CA SER A 287 -6.07 14.63 -29.91
C SER A 287 -5.93 13.46 -30.89
N GLU A 288 -5.58 12.31 -30.33
CA GLU A 288 -5.49 11.09 -31.16
C GLU A 288 -6.94 10.65 -31.49
N PHE A 289 -7.87 10.70 -30.52
CA PHE A 289 -9.25 10.37 -30.84
C PHE A 289 -9.77 11.23 -32.00
N SER A 290 -9.41 12.51 -32.00
CA SER A 290 -9.88 13.46 -32.97
C SER A 290 -9.44 13.07 -34.38
N LYS A 291 -8.23 12.54 -34.51
CA LYS A 291 -7.72 12.12 -35.79
C LYS A 291 -8.47 10.88 -36.30
N TYR A 292 -8.93 10.02 -35.39
CA TYR A 292 -9.54 8.74 -35.82
C TYR A 292 -11.01 8.65 -35.41
N ASN A 293 -11.66 9.81 -35.21
CA ASN A 293 -13.05 10.00 -34.74
C ASN A 293 -13.96 9.10 -35.58
N ILE A 294 -13.80 9.11 -36.91
CA ILE A 294 -14.70 8.36 -37.76
C ILE A 294 -14.50 6.86 -37.57
N GLY A 295 -13.27 6.39 -37.76
CA GLY A 295 -13.00 4.96 -37.74
C GLY A 295 -13.23 4.36 -36.37
N LEU A 296 -12.92 5.12 -35.32
CA LEU A 296 -13.08 4.62 -33.95
C LEU A 296 -14.57 4.47 -33.62
N GLU A 297 -15.39 5.46 -33.97
CA GLU A 297 -16.81 5.42 -33.69
C GLU A 297 -17.44 4.26 -34.46
N LYS A 298 -17.13 4.19 -35.76
CA LYS A 298 -17.73 3.15 -36.62
C LYS A 298 -17.28 1.76 -36.15
N ALA A 299 -16.01 1.59 -35.77
CA ALA A 299 -15.55 0.31 -35.27
C ALA A 299 -16.25 -0.13 -33.99
N ARG A 300 -16.49 0.83 -33.09
CA ARG A 300 -17.16 0.53 -31.84
C ARG A 300 -18.58 0.04 -32.11
N MET A 301 -19.29 0.73 -33.00
CA MET A 301 -20.63 0.32 -33.37
C MET A 301 -20.63 -1.06 -34.01
N ASP A 302 -19.71 -1.31 -34.96
CA ASP A 302 -19.57 -2.64 -35.55
C ASP A 302 -19.34 -3.69 -34.48
N ALA A 303 -18.50 -3.43 -33.48
CA ALA A 303 -18.22 -4.42 -32.46
C ALA A 303 -19.45 -4.70 -31.60
N ALA A 304 -20.24 -3.65 -31.32
CA ALA A 304 -21.39 -3.78 -30.45
C ALA A 304 -22.47 -4.66 -31.07
N GLY A 305 -22.65 -4.64 -32.40
CA GLY A 305 -23.53 -5.62 -33.03
C GLY A 305 -24.99 -5.15 -33.10
N TRP A 306 -25.30 -3.93 -32.66
CA TRP A 306 -26.65 -3.44 -32.67
C TRP A 306 -26.99 -2.90 -34.07
N LEU A 307 -25.97 -2.38 -34.75
CA LEU A 307 -26.10 -1.92 -36.12
C LEU A 307 -24.79 -2.14 -36.86
N LYS A 308 -24.84 -2.04 -38.18
CA LYS A 308 -23.69 -2.21 -39.04
C LYS A 308 -23.28 -0.85 -39.62
N ALA A 309 -22.25 -0.24 -39.01
CA ALA A 309 -21.82 1.08 -39.46
C ALA A 309 -21.02 0.94 -40.77
N GLY A 310 -20.14 -0.05 -40.81
CA GLY A 310 -19.46 -0.44 -42.04
C GLY A 310 -18.18 0.37 -42.28
N PRO A 311 -17.49 0.12 -43.39
CA PRO A 311 -16.23 0.80 -43.70
C PRO A 311 -16.32 2.31 -43.84
N CYS A 312 -15.19 2.98 -43.59
CA CYS A 312 -15.10 4.43 -43.68
C CYS A 312 -14.76 4.84 -45.12
N ARG A 313 -15.44 5.90 -45.57
CA ARG A 313 -15.17 6.50 -46.85
C ARG A 313 -13.83 7.23 -46.84
N PRO A 314 -13.15 7.26 -48.00
CA PRO A 314 -11.82 7.84 -48.12
C PRO A 314 -11.88 9.35 -47.92
N PRO A 315 -10.86 9.98 -47.30
CA PRO A 315 -9.59 9.31 -46.98
C PRO A 315 -9.42 8.62 -45.64
N TYR A 316 -10.42 8.66 -44.76
CA TYR A 316 -10.25 8.32 -43.35
C TYR A 316 -10.61 6.85 -43.13
N ASN A 317 -9.87 6.01 -43.84
CA ASN A 317 -10.19 4.58 -43.92
C ASN A 317 -9.03 3.74 -43.36
N LEU A 318 -8.12 4.35 -42.59
CA LEU A 318 -7.02 3.64 -41.94
C LEU A 318 -6.93 4.08 -40.49
N VAL A 319 -7.05 3.12 -39.56
CA VAL A 319 -6.91 3.37 -38.14
C VAL A 319 -5.86 2.40 -37.60
N PRO A 320 -4.85 2.85 -36.82
CA PRO A 320 -3.88 1.93 -36.20
C PRO A 320 -4.57 0.77 -35.49
N GLU A 321 -4.13 -0.47 -35.74
CA GLU A 321 -4.82 -1.66 -35.25
C GLU A 321 -4.96 -1.62 -33.72
N ASP A 322 -3.93 -1.14 -33.03
CA ASP A 322 -3.94 -1.09 -31.58
C ASP A 322 -5.04 -0.18 -31.05
N TYR A 323 -5.42 0.84 -31.82
CA TYR A 323 -6.46 1.76 -31.38
C TYR A 323 -7.84 1.13 -31.57
N LEU A 324 -7.93 0.13 -32.43
CA LEU A 324 -9.20 -0.49 -32.77
C LEU A 324 -9.68 -1.30 -31.58
N ALA A 325 -8.79 -2.01 -30.89
CA ALA A 325 -9.18 -2.84 -29.77
C ALA A 325 -9.88 -2.01 -28.70
N GLY A 326 -9.41 -0.78 -28.45
CA GLY A 326 -10.01 0.04 -27.41
C GLY A 326 -11.44 0.44 -27.80
N ALA A 327 -11.64 0.76 -29.10
CA ALA A 327 -12.95 1.11 -29.62
C ALA A 327 -13.89 -0.10 -29.53
N GLN A 328 -13.38 -1.30 -29.86
CA GLN A 328 -14.20 -2.51 -29.88
C GLN A 328 -14.57 -2.90 -28.45
N LYS A 329 -13.63 -2.73 -27.52
CA LYS A 329 -13.90 -2.98 -26.09
C LYS A 329 -14.99 -2.05 -25.60
N SER A 330 -14.96 -0.78 -26.01
CA SER A 330 -15.99 0.18 -25.64
C SER A 330 -17.33 -0.25 -26.22
N GLY A 331 -17.35 -0.67 -27.49
CA GLY A 331 -18.56 -1.17 -28.12
C GLY A 331 -19.17 -2.36 -27.37
N LYS A 332 -18.34 -3.30 -26.97
CA LYS A 332 -18.81 -4.43 -26.16
C LYS A 332 -19.35 -3.98 -24.81
N ALA A 333 -18.73 -2.98 -24.18
CA ALA A 333 -19.17 -2.50 -22.89
C ALA A 333 -20.54 -1.84 -23.03
N TRP A 334 -20.73 -1.03 -24.07
CA TRP A 334 -22.03 -0.44 -24.31
C TRP A 334 -23.10 -1.48 -24.65
N ALA A 335 -22.73 -2.51 -25.42
CA ALA A 335 -23.68 -3.59 -25.70
C ALA A 335 -24.14 -4.26 -24.39
N ALA A 336 -23.21 -4.49 -23.48
CA ALA A 336 -23.48 -5.08 -22.16
C ALA A 336 -24.41 -4.20 -21.33
N LEU A 337 -24.16 -2.87 -21.37
CA LEU A 337 -25.10 -1.94 -20.73
C LEU A 337 -26.48 -2.05 -21.32
N HIS A 338 -26.59 -2.12 -22.66
CA HIS A 338 -27.89 -2.19 -23.33
C HIS A 338 -28.64 -3.43 -22.85
N ALA A 339 -27.95 -4.55 -22.73
CA ALA A 339 -28.62 -5.77 -22.27
C ALA A 339 -29.10 -5.59 -20.82
N LYS A 340 -28.26 -4.98 -19.97
CA LYS A 340 -28.61 -4.77 -18.58
C LYS A 340 -29.82 -3.87 -18.46
N TYR A 341 -29.81 -2.72 -19.17
CA TYR A 341 -30.90 -1.77 -19.02
C TYR A 341 -32.16 -2.20 -19.79
N SER A 342 -32.03 -2.96 -20.88
CA SER A 342 -33.20 -3.53 -21.53
C SER A 342 -34.06 -4.29 -20.53
N ASN A 343 -33.41 -5.07 -19.68
CA ASN A 343 -34.09 -5.88 -18.66
C ASN A 343 -34.73 -5.01 -17.59
N GLU A 344 -34.13 -3.85 -17.29
CA GLU A 344 -34.67 -2.96 -16.26
C GLU A 344 -35.82 -2.11 -16.81
N LEU A 345 -35.89 -1.95 -18.14
CA LEU A 345 -36.99 -1.22 -18.74
C LEU A 345 -38.25 -2.10 -18.72
N LYS A 346 -38.07 -3.44 -18.73
CA LYS A 346 -39.13 -4.37 -19.10
C LYS A 346 -39.29 -5.42 -18.01
N SER B 21 -2.08 18.07 14.25
CA SER B 21 -2.27 16.91 13.35
C SER B 21 -2.35 17.39 11.91
N ARG B 22 -1.97 16.53 10.97
CA ARG B 22 -1.98 16.88 9.55
C ARG B 22 -3.43 17.04 9.09
N LEU B 23 -3.67 18.11 8.34
CA LEU B 23 -5.00 18.35 7.79
C LEU B 23 -5.45 17.20 6.89
N THR B 24 -6.74 16.91 6.87
CA THR B 24 -7.29 15.95 5.89
C THR B 24 -8.36 16.66 5.09
N ALA B 25 -8.84 16.01 4.04
CA ALA B 25 -9.92 16.57 3.21
C ALA B 25 -11.15 16.94 4.03
N GLU B 26 -11.45 16.11 5.06
CA GLU B 26 -12.58 16.37 5.94
C GLU B 26 -12.50 17.75 6.58
N ASP B 27 -11.30 18.27 6.77
CA ASP B 27 -11.09 19.53 7.45
C ASP B 27 -11.11 20.73 6.50
N ILE B 28 -11.36 20.49 5.20
CA ILE B 28 -11.29 21.54 4.19
C ILE B 28 -12.71 21.84 3.76
N ASN B 29 -13.24 22.99 4.18
CA ASN B 29 -14.62 23.38 3.92
C ASN B 29 -14.70 24.88 3.73
N GLY B 30 -15.72 25.33 3.01
CA GLY B 30 -16.05 26.74 2.92
C GLY B 30 -15.13 27.52 1.98
N ALA B 31 -14.87 28.78 2.38
CA ALA B 31 -14.21 29.77 1.55
C ALA B 31 -12.70 29.79 1.84
N TRP B 32 -11.94 29.35 0.85
CA TRP B 32 -10.48 29.30 0.89
C TRP B 32 -9.94 30.40 -0.01
N THR B 33 -9.35 31.44 0.60
CA THR B 33 -8.99 32.66 -0.13
C THR B 33 -7.49 32.66 -0.38
N ILE B 34 -7.11 32.96 -1.63
CA ILE B 34 -5.73 32.99 -2.06
CA ILE B 34 -5.72 32.99 -2.06
C ILE B 34 -5.25 34.45 -2.02
N MET B 35 -4.26 34.70 -1.17
CA MET B 35 -3.78 36.05 -0.94
C MET B 35 -2.54 36.28 -1.79
N PRO B 36 -2.31 37.56 -2.23
CA PRO B 36 -1.09 37.92 -2.91
C PRO B 36 0.07 38.02 -1.93
N THR B 37 1.24 38.34 -2.48
CA THR B 37 2.41 38.68 -1.67
C THR B 37 2.63 40.18 -1.82
N PRO B 38 2.18 40.97 -0.84
CA PRO B 38 2.24 42.45 -0.94
C PRO B 38 3.66 42.91 -1.21
N SER B 39 3.76 43.90 -2.12
CA SER B 39 5.01 44.47 -2.57
C SER B 39 5.25 45.85 -1.95
N THR B 40 6.52 46.14 -1.66
CA THR B 40 6.97 47.52 -1.43
C THR B 40 6.99 48.30 -2.73
N PRO B 41 7.05 49.66 -2.68
CA PRO B 41 7.04 50.44 -3.91
C PRO B 41 8.15 50.16 -4.91
N ASP B 42 9.30 49.66 -4.45
CA ASP B 42 10.45 49.42 -5.32
C ASP B 42 10.51 47.97 -5.84
N ALA B 43 9.41 47.20 -5.75
CA ALA B 43 9.50 45.75 -5.95
C ALA B 43 9.71 45.37 -7.41
N SER B 44 9.48 46.27 -8.37
CA SER B 44 9.71 45.95 -9.77
C SER B 44 11.19 45.98 -10.15
N ASP B 45 12.05 46.56 -9.30
CA ASP B 45 13.42 46.83 -9.65
C ASP B 45 14.27 45.63 -9.22
N TRP B 46 15.02 45.06 -10.15
CA TRP B 46 15.86 43.91 -9.86
C TRP B 46 16.90 44.20 -8.77
N ARG B 47 17.22 45.50 -8.53
CA ARG B 47 18.17 45.88 -7.50
C ARG B 47 17.60 45.69 -6.11
N SER B 48 16.27 45.64 -5.96
CA SER B 48 15.64 45.61 -4.65
C SER B 48 15.79 44.23 -4.02
N THR B 49 16.02 44.18 -2.72
CA THR B 49 16.31 42.90 -2.05
C THR B 49 15.26 42.44 -1.04
N ALA B 50 14.46 43.34 -0.49
CA ALA B 50 13.52 42.88 0.53
C ALA B 50 12.17 43.54 0.20
N THR B 51 11.45 42.96 -0.75
CA THR B 51 10.34 43.67 -1.38
C THR B 51 8.98 43.29 -0.81
N VAL B 52 8.93 42.47 0.25
CA VAL B 52 7.65 42.10 0.82
C VAL B 52 7.23 43.14 1.88
N ASP B 53 6.02 43.74 1.73
CA ASP B 53 5.44 44.56 2.77
C ASP B 53 4.86 43.63 3.81
N LEU B 54 5.63 43.42 4.89
CA LEU B 54 5.28 42.45 5.90
C LEU B 54 4.12 42.94 6.74
N GLU B 55 4.03 44.26 6.95
CA GLU B 55 2.89 44.74 7.70
C GLU B 55 1.57 44.60 6.93
N GLU B 56 1.58 44.89 5.61
CA GLU B 56 0.41 44.72 4.79
C GLU B 56 0.02 43.24 4.80
N THR B 57 1.02 42.35 4.79
CA THR B 57 0.79 40.91 4.85
C THR B 57 0.00 40.57 6.12
N ALA B 58 0.47 41.05 7.27
CA ALA B 58 -0.19 40.80 8.54
C ALA B 58 -1.60 41.36 8.54
N ARG B 59 -1.79 42.56 7.96
CA ARG B 59 -3.07 43.22 7.94
C ARG B 59 -4.09 42.42 7.10
N ILE B 60 -3.62 41.92 5.95
CA ILE B 60 -4.46 41.11 5.09
C ILE B 60 -4.91 39.85 5.83
N VAL B 61 -3.97 39.15 6.48
CA VAL B 61 -4.29 37.92 7.18
C VAL B 61 -5.34 38.14 8.26
N GLU B 62 -5.15 39.18 9.11
CA GLU B 62 -6.13 39.45 10.16
C GLU B 62 -7.50 39.79 9.55
N GLU B 63 -7.53 40.56 8.46
CA GLU B 63 -8.76 40.95 7.82
C GLU B 63 -9.49 39.72 7.28
N LEU B 64 -8.73 38.77 6.70
CA LEU B 64 -9.36 37.56 6.18
C LEU B 64 -9.94 36.73 7.32
N ILE B 65 -9.17 36.57 8.41
CA ILE B 65 -9.66 35.82 9.57
C ILE B 65 -10.93 36.50 10.06
N ALA B 66 -10.90 37.84 10.19
CA ALA B 66 -12.06 38.56 10.72
C ALA B 66 -13.28 38.39 9.86
N ALA B 67 -13.09 38.30 8.53
CA ALA B 67 -14.20 38.11 7.61
C ALA B 67 -14.80 36.72 7.76
N GLY B 68 -14.12 35.78 8.41
CA GLY B 68 -14.68 34.45 8.61
C GLY B 68 -14.20 33.44 7.54
N VAL B 69 -13.08 33.71 6.88
CA VAL B 69 -12.55 32.77 5.89
C VAL B 69 -12.16 31.47 6.57
N ASN B 70 -12.28 30.36 5.82
CA ASN B 70 -12.05 29.05 6.39
C ASN B 70 -10.59 28.64 6.32
N GLY B 71 -9.88 29.14 5.32
CA GLY B 71 -8.48 28.81 5.14
C GLY B 71 -7.82 29.79 4.16
N ILE B 72 -6.51 29.84 4.21
CA ILE B 72 -5.74 30.75 3.37
C ILE B 72 -4.78 29.97 2.49
N LEU B 73 -4.84 30.27 1.19
CA LEU B 73 -3.84 29.80 0.24
C LEU B 73 -2.97 31.00 -0.13
N SER B 74 -1.78 30.70 -0.64
CA SER B 74 -0.83 31.71 -1.07
C SER B 74 0.18 31.11 -2.04
N MET B 75 0.95 31.98 -2.71
CA MET B 75 2.17 31.59 -3.39
C MET B 75 1.86 30.67 -4.58
N GLY B 76 0.79 31.03 -5.30
CA GLY B 76 0.58 30.52 -6.66
C GLY B 76 1.26 31.42 -7.68
N THR B 77 0.64 31.57 -8.84
CA THR B 77 1.15 32.40 -9.89
C THR B 77 1.10 33.88 -9.49
N PHE B 78 -0.09 34.45 -9.26
CA PHE B 78 -0.18 35.88 -8.96
C PHE B 78 0.47 36.17 -7.60
N GLY B 79 0.60 35.14 -6.73
CA GLY B 79 1.29 35.26 -5.46
C GLY B 79 2.81 35.33 -5.58
N GLU B 80 3.33 35.22 -6.84
CA GLU B 80 4.69 35.51 -7.21
C GLU B 80 5.66 34.53 -6.56
N CYS B 81 5.20 33.26 -6.41
CA CYS B 81 6.11 32.21 -6.05
C CYS B 81 7.32 32.16 -7.00
N ALA B 82 7.14 32.51 -8.27
CA ALA B 82 8.21 32.45 -9.24
C ALA B 82 9.27 33.52 -8.99
N THR B 83 8.88 34.70 -8.46
CA THR B 83 9.73 35.87 -8.54
C THR B 83 10.17 36.42 -7.18
N LEU B 84 9.70 35.89 -6.07
CA LEU B 84 10.21 36.17 -4.73
C LEU B 84 11.56 35.51 -4.53
N THR B 85 12.44 36.15 -3.75
CA THR B 85 13.66 35.51 -3.30
C THR B 85 13.34 34.60 -2.12
N TRP B 86 14.27 33.70 -1.79
CA TRP B 86 14.04 32.75 -0.72
C TRP B 86 13.91 33.47 0.64
N ASP B 87 14.71 34.50 0.88
CA ASP B 87 14.61 35.23 2.13
C ASP B 87 13.22 35.91 2.24
N GLU B 88 12.72 36.45 1.12
CA GLU B 88 11.39 37.08 1.07
C GLU B 88 10.32 36.06 1.41
N LYS B 89 10.43 34.87 0.83
CA LYS B 89 9.50 33.79 1.06
C LYS B 89 9.47 33.40 2.54
N ARG B 90 10.65 33.24 3.14
CA ARG B 90 10.71 32.87 4.55
C ARG B 90 10.10 33.96 5.42
N ASP B 91 10.39 35.21 5.13
CA ASP B 91 9.87 36.32 5.91
C ASP B 91 8.36 36.42 5.78
N TYR B 92 7.83 36.29 4.55
CA TYR B 92 6.39 36.31 4.29
C TYR B 92 5.68 35.23 5.09
N VAL B 93 6.16 33.98 4.95
CA VAL B 93 5.53 32.87 5.62
C VAL B 93 5.62 33.01 7.14
N SER B 94 6.77 33.49 7.67
CA SER B 94 6.93 33.67 9.10
C SER B 94 5.89 34.67 9.61
N THR B 95 5.71 35.78 8.89
CA THR B 95 4.75 36.82 9.26
C THR B 95 3.32 36.27 9.25
N ILE B 96 2.99 35.50 8.20
CA ILE B 96 1.69 34.86 8.11
C ILE B 96 1.45 33.95 9.30
N VAL B 97 2.39 33.07 9.60
CA VAL B 97 2.21 32.05 10.62
C VAL B 97 2.04 32.75 11.99
N GLU B 98 2.87 33.74 12.28
CA GLU B 98 2.79 34.47 13.54
C GLU B 98 1.45 35.20 13.68
N THR B 99 0.93 35.72 12.58
CA THR B 99 -0.35 36.43 12.58
C THR B 99 -1.51 35.45 12.83
N ILE B 100 -1.50 34.31 12.11
CA ILE B 100 -2.61 33.37 12.18
C ILE B 100 -2.72 32.77 13.59
N ARG B 101 -1.57 32.46 14.17
CA ARG B 101 -1.48 31.83 15.49
C ARG B 101 -2.45 30.66 15.59
N GLY B 102 -2.39 29.78 14.59
CA GLY B 102 -3.12 28.53 14.57
C GLY B 102 -4.62 28.65 14.36
N ARG B 103 -5.17 29.83 14.08
CA ARG B 103 -6.62 29.96 14.06
C ARG B 103 -7.29 29.39 12.79
N VAL B 104 -6.61 29.41 11.65
CA VAL B 104 -7.11 28.85 10.41
C VAL B 104 -5.94 28.14 9.75
N PRO B 105 -6.22 27.11 8.90
CA PRO B 105 -5.15 26.47 8.15
C PRO B 105 -4.58 27.40 7.07
N TYR B 106 -3.27 27.22 6.80
CA TYR B 106 -2.55 28.05 5.86
C TYR B 106 -1.63 27.19 4.98
N PHE B 107 -1.74 27.41 3.67
CA PHE B 107 -0.86 26.77 2.69
C PHE B 107 0.05 27.82 2.06
N CYS B 108 1.34 27.55 2.16
CA CYS B 108 2.38 28.19 1.38
C CYS B 108 2.38 27.58 -0.02
N GLY B 109 3.31 28.02 -0.88
CA GLY B 109 3.54 27.42 -2.19
C GLY B 109 5.02 27.19 -2.41
N THR B 110 5.40 26.00 -2.93
CA THR B 110 6.80 25.66 -3.09
C THR B 110 7.10 25.09 -4.47
N THR B 111 6.28 25.42 -5.47
CA THR B 111 6.59 25.01 -6.83
C THR B 111 7.98 25.56 -7.21
N ALA B 112 8.79 24.69 -7.81
CA ALA B 112 10.17 25.04 -8.16
C ALA B 112 10.58 24.16 -9.34
N LEU B 113 11.82 24.29 -9.79
CA LEU B 113 12.30 23.70 -11.02
C LEU B 113 12.70 22.23 -10.85
N ASN B 114 12.82 21.74 -9.61
CA ASN B 114 13.22 20.35 -9.44
C ASN B 114 12.78 19.83 -8.07
N THR B 115 12.83 18.50 -7.95
CA THR B 115 12.24 17.84 -6.80
C THR B 115 13.00 18.19 -5.54
N ARG B 116 14.33 18.25 -5.63
CA ARG B 116 15.12 18.51 -4.45
C ARG B 116 14.89 19.92 -3.91
N GLU B 117 14.75 20.93 -4.79
CA GLU B 117 14.45 22.29 -4.38
C GLU B 117 13.05 22.38 -3.76
N VAL B 118 12.08 21.69 -4.36
CA VAL B 118 10.74 21.65 -3.79
C VAL B 118 10.80 21.13 -2.35
N ILE B 119 11.51 20.00 -2.18
CA ILE B 119 11.58 19.37 -0.87
C ILE B 119 12.23 20.35 0.12
N ARG B 120 13.36 20.96 -0.26
CA ARG B 120 14.07 21.89 0.61
C ARG B 120 13.13 23.00 1.08
N GLN B 121 12.43 23.62 0.13
CA GLN B 121 11.55 24.73 0.44
C GLN B 121 10.38 24.29 1.30
N THR B 122 9.78 23.15 0.96
CA THR B 122 8.63 22.62 1.66
C THR B 122 9.00 22.32 3.10
N ARG B 123 10.14 21.66 3.34
CA ARG B 123 10.54 21.34 4.70
C ARG B 123 10.68 22.63 5.53
N GLU B 124 11.36 23.63 4.99
CA GLU B 124 11.58 24.88 5.73
C GLU B 124 10.27 25.63 6.01
N LEU B 125 9.41 25.81 5.01
CA LEU B 125 8.16 26.55 5.21
C LEU B 125 7.20 25.82 6.16
N ILE B 126 7.12 24.49 6.06
CA ILE B 126 6.29 23.73 6.99
C ILE B 126 6.89 23.86 8.39
N ASP B 127 8.21 23.80 8.51
CA ASP B 127 8.89 23.99 9.79
C ASP B 127 8.55 25.34 10.40
N ILE B 128 8.48 26.39 9.59
CA ILE B 128 8.15 27.72 10.09
C ILE B 128 6.73 27.70 10.66
N GLY B 129 5.85 26.88 10.04
CA GLY B 129 4.54 26.66 10.57
C GLY B 129 3.40 26.67 9.57
N ALA B 130 3.66 26.67 8.25
CA ALA B 130 2.59 26.41 7.30
C ALA B 130 2.06 25.00 7.51
N ASN B 131 0.79 24.78 7.20
CA ASN B 131 0.17 23.45 7.35
C ASN B 131 0.39 22.61 6.09
N GLY B 132 0.55 23.26 4.94
CA GLY B 132 0.71 22.52 3.71
C GLY B 132 1.28 23.42 2.63
N THR B 133 1.50 22.83 1.45
CA THR B 133 2.00 23.55 0.30
C THR B 133 1.03 23.35 -0.86
N MET B 134 0.76 24.48 -1.52
CA MET B 134 0.03 24.49 -2.77
C MET B 134 1.09 24.36 -3.83
N LEU B 135 1.06 23.19 -4.53
CA LEU B 135 2.22 22.71 -5.26
C LEU B 135 1.87 22.28 -6.69
N GLY B 136 2.48 22.97 -7.66
CA GLY B 136 2.44 22.66 -9.08
C GLY B 136 3.60 21.72 -9.42
N VAL B 137 3.88 21.49 -10.69
CA VAL B 137 4.98 20.63 -11.07
C VAL B 137 6.09 21.44 -11.71
N PRO B 138 7.35 20.97 -11.59
CA PRO B 138 8.47 21.53 -12.35
C PRO B 138 8.11 21.63 -13.82
N MET B 139 8.44 22.77 -14.44
CA MET B 139 7.89 23.05 -15.75
C MET B 139 8.90 23.46 -16.80
N TRP B 140 10.21 23.46 -16.49
CA TRP B 140 11.16 23.71 -17.58
C TRP B 140 11.00 22.69 -18.71
N VAL B 141 10.94 21.44 -18.30
CA VAL B 141 10.59 20.33 -19.15
C VAL B 141 9.18 19.87 -18.75
N LYS B 142 8.35 19.70 -19.78
CA LYS B 142 6.98 19.25 -19.62
C LYS B 142 6.99 17.85 -19.04
N MET B 143 6.34 17.71 -17.89
CA MET B 143 6.24 16.37 -17.27
C MET B 143 5.20 15.47 -17.92
N ASP B 144 5.48 14.18 -17.94
CA ASP B 144 4.51 13.18 -18.34
C ASP B 144 3.81 12.64 -17.09
N LEU B 145 2.84 11.75 -17.29
CA LEU B 145 2.00 11.22 -16.22
C LEU B 145 2.80 10.52 -15.13
N PRO B 146 3.57 9.45 -15.43
CA PRO B 146 4.32 8.80 -14.35
C PRO B 146 5.33 9.68 -13.62
N THR B 147 5.96 10.63 -14.32
CA THR B 147 6.91 11.58 -13.72
C THR B 147 6.20 12.47 -12.72
N ALA B 148 5.06 13.02 -13.13
CA ALA B 148 4.27 13.89 -12.27
C ALA B 148 3.79 13.13 -11.02
N VAL B 149 3.29 11.90 -11.20
CA VAL B 149 2.86 11.11 -10.06
C VAL B 149 4.02 10.88 -9.08
N GLN B 150 5.17 10.46 -9.59
CA GLN B 150 6.31 10.15 -8.74
CA GLN B 150 6.29 10.16 -8.74
C GLN B 150 6.81 11.43 -8.05
N PHE B 151 6.71 12.55 -8.73
CA PHE B 151 7.10 13.84 -8.14
C PHE B 151 6.32 14.09 -6.85
N TYR B 152 4.98 13.98 -6.89
CA TYR B 152 4.18 14.22 -5.70
C TYR B 152 4.43 13.14 -4.64
N ARG B 153 4.64 11.89 -5.05
CA ARG B 153 5.00 10.81 -4.15
C ARG B 153 6.31 11.10 -3.40
N ASP B 154 7.29 11.63 -4.17
CA ASP B 154 8.61 11.98 -3.63
C ASP B 154 8.48 13.07 -2.58
N VAL B 155 7.68 14.11 -2.85
CA VAL B 155 7.56 15.23 -1.92
C VAL B 155 6.87 14.74 -0.64
N ALA B 156 5.80 13.96 -0.79
CA ALA B 156 5.05 13.43 0.35
C ALA B 156 5.89 12.48 1.18
N ASP B 157 6.73 11.68 0.52
CA ASP B 157 7.67 10.79 1.21
C ASP B 157 8.70 11.60 2.01
N ALA B 158 9.18 12.69 1.42
CA ALA B 158 10.24 13.49 2.02
C ALA B 158 9.76 14.39 3.16
N VAL B 159 8.51 14.89 3.03
CA VAL B 159 7.96 15.82 3.98
C VAL B 159 6.61 15.31 4.43
N PRO B 160 6.55 14.16 5.15
CA PRO B 160 5.28 13.50 5.45
C PRO B 160 4.30 14.31 6.28
N GLU B 161 4.79 15.32 6.99
CA GLU B 161 3.92 16.17 7.80
C GLU B 161 3.28 17.28 6.97
N ALA B 162 3.68 17.52 5.73
CA ALA B 162 3.05 18.55 4.89
C ALA B 162 1.79 18.04 4.23
N ALA B 163 0.66 18.74 4.43
CA ALA B 163 -0.45 18.57 3.53
C ALA B 163 -0.10 19.18 2.15
N ILE B 164 -0.67 18.62 1.09
CA ILE B 164 -0.45 19.07 -0.26
C ILE B 164 -1.79 19.44 -0.88
N ALA B 165 -1.82 20.63 -1.47
CA ALA B 165 -2.84 21.10 -2.37
C ALA B 165 -2.28 21.06 -3.81
N ILE B 166 -2.88 20.23 -4.65
CA ILE B 166 -2.45 20.13 -6.02
C ILE B 166 -2.79 21.42 -6.74
N TYR B 167 -1.77 22.07 -7.33
CA TYR B 167 -1.99 23.30 -8.04
C TYR B 167 -2.10 22.96 -9.52
N ALA B 168 -3.33 22.70 -9.94
CA ALA B 168 -3.60 22.15 -11.26
C ALA B 168 -3.75 23.27 -12.28
N ASN B 169 -2.59 23.79 -12.74
CA ASN B 169 -2.53 24.89 -13.69
C ASN B 169 -1.76 24.46 -14.94
N PRO B 170 -2.43 23.96 -15.98
CA PRO B 170 -1.73 23.55 -17.20
C PRO B 170 -1.02 24.64 -17.99
N GLU B 171 -1.45 25.88 -17.86
CA GLU B 171 -0.82 26.98 -18.62
C GLU B 171 0.58 27.21 -18.04
N ALA B 172 0.63 27.39 -16.74
CA ALA B 172 1.90 27.58 -16.06
C ALA B 172 2.79 26.33 -16.16
N PHE B 173 2.24 25.15 -15.90
CA PHE B 173 3.08 24.00 -15.60
C PHE B 173 3.10 23.00 -16.76
N LYS B 174 2.38 23.27 -17.87
CA LYS B 174 2.46 22.48 -19.12
C LYS B 174 1.70 21.15 -18.98
N PHE B 175 2.04 20.32 -17.97
CA PHE B 175 1.28 19.14 -17.64
C PHE B 175 -0.20 19.46 -17.44
N ASP B 176 -1.10 18.59 -17.89
CA ASP B 176 -2.51 18.93 -17.88
C ASP B 176 -3.34 18.24 -16.80
N PHE B 177 -2.73 17.56 -15.84
CA PHE B 177 -3.40 17.03 -14.66
C PHE B 177 -4.62 16.18 -15.07
N PRO B 178 -4.42 15.07 -15.81
CA PRO B 178 -5.50 14.29 -16.39
C PRO B 178 -6.19 13.36 -15.39
N ARG B 179 -7.26 12.70 -15.85
CA ARG B 179 -8.03 11.79 -15.01
C ARG B 179 -7.13 10.83 -14.24
N PRO B 180 -6.25 10.01 -14.89
CA PRO B 180 -5.50 8.98 -14.15
C PRO B 180 -4.57 9.57 -13.07
N PHE B 181 -4.13 10.81 -13.30
CA PHE B 181 -3.34 11.52 -12.31
C PHE B 181 -4.14 11.67 -11.02
N TRP B 182 -5.41 12.09 -11.09
CA TRP B 182 -6.23 12.24 -9.89
C TRP B 182 -6.42 10.92 -9.14
N ALA B 183 -6.66 9.82 -9.88
CA ALA B 183 -6.75 8.48 -9.28
C ALA B 183 -5.47 8.15 -8.48
N GLU B 184 -4.28 8.50 -9.02
CA GLU B 184 -3.04 8.23 -8.30
C GLU B 184 -2.89 9.15 -7.08
N MET B 185 -3.27 10.41 -7.21
CA MET B 185 -3.14 11.35 -6.08
C MET B 185 -3.97 10.93 -4.88
N SER B 186 -5.12 10.29 -5.14
CA SER B 186 -6.03 9.88 -4.07
C SER B 186 -5.41 8.80 -3.19
N LYS B 187 -4.37 8.12 -3.68
CA LYS B 187 -3.63 7.14 -2.88
C LYS B 187 -2.54 7.76 -2.00
N ILE B 188 -2.31 9.07 -2.11
CA ILE B 188 -1.27 9.74 -1.34
C ILE B 188 -1.95 10.47 -0.17
N PRO B 189 -1.79 10.02 1.09
CA PRO B 189 -2.52 10.60 2.21
C PRO B 189 -2.34 12.12 2.36
N GLN B 190 -1.15 12.59 2.05
CA GLN B 190 -0.80 14.00 2.18
C GLN B 190 -1.58 14.88 1.23
N VAL B 191 -2.05 14.30 0.09
CA VAL B 191 -2.79 15.11 -0.86
C VAL B 191 -4.23 15.24 -0.41
N VAL B 192 -4.63 16.44 0.03
CA VAL B 192 -5.91 16.59 0.70
C VAL B 192 -6.85 17.49 -0.09
N THR B 193 -6.32 18.27 -1.05
CA THR B 193 -7.12 19.23 -1.77
C THR B 193 -6.43 19.57 -3.09
N ALA B 194 -7.14 20.27 -3.94
CA ALA B 194 -6.67 20.72 -5.23
C ALA B 194 -7.24 22.09 -5.53
N LYS B 195 -6.38 23.01 -5.97
CA LYS B 195 -6.82 24.24 -6.61
C LYS B 195 -7.14 23.89 -8.05
N TYR B 196 -8.43 23.69 -8.30
CA TYR B 196 -8.91 23.09 -9.54
C TYR B 196 -9.39 24.16 -10.49
N LEU B 197 -9.48 23.79 -11.76
CA LEU B 197 -9.96 24.74 -12.76
C LEU B 197 -11.28 24.21 -13.34
N GLY B 198 -11.41 24.14 -14.68
CA GLY B 198 -12.74 23.98 -15.25
C GLY B 198 -13.34 22.65 -14.76
N ILE B 199 -14.68 22.61 -14.64
CA ILE B 199 -15.37 21.54 -13.95
C ILE B 199 -15.96 20.55 -14.94
N GLY B 200 -15.57 20.61 -16.22
CA GLY B 200 -16.14 19.66 -17.21
C GLY B 200 -15.97 18.19 -16.83
N MET B 201 -14.89 17.83 -16.13
CA MET B 201 -14.65 16.44 -15.74
C MET B 201 -14.59 16.32 -14.21
N LEU B 202 -15.21 17.26 -13.49
CA LEU B 202 -15.26 17.17 -12.04
C LEU B 202 -16.01 15.94 -11.56
N ASP B 203 -17.19 15.65 -12.18
CA ASP B 203 -17.98 14.48 -11.80
C ASP B 203 -17.10 13.21 -11.77
N LEU B 204 -16.35 12.96 -12.85
CA LEU B 204 -15.47 11.79 -12.92
C LEU B 204 -14.30 11.89 -11.94
N ASP B 205 -13.66 13.07 -11.83
CA ASP B 205 -12.51 13.20 -10.96
C ASP B 205 -12.90 12.92 -9.51
N LEU B 206 -14.10 13.37 -9.10
CA LEU B 206 -14.60 13.08 -7.76
C LEU B 206 -14.66 11.56 -7.50
N ARG B 207 -15.12 10.83 -8.50
CA ARG B 207 -15.23 9.36 -8.39
C ARG B 207 -13.82 8.74 -8.33
N LEU B 208 -12.90 9.24 -9.15
CA LEU B 208 -11.55 8.71 -9.21
C LEU B 208 -10.73 9.01 -7.95
N ALA B 209 -11.04 10.13 -7.28
CA ALA B 209 -10.22 10.58 -6.17
C ALA B 209 -11.09 10.88 -4.94
N PRO B 210 -11.58 9.83 -4.27
CA PRO B 210 -12.48 10.04 -3.12
C PRO B 210 -11.87 10.82 -1.96
N ASN B 211 -10.53 10.83 -1.84
CA ASN B 211 -9.88 11.36 -0.64
C ASN B 211 -9.41 12.82 -0.84
N ILE B 212 -9.80 13.46 -1.94
CA ILE B 212 -9.39 14.84 -2.18
C ILE B 212 -10.61 15.77 -2.12
N ARG B 213 -10.43 16.91 -1.43
CA ARG B 213 -11.40 17.99 -1.52
C ARG B 213 -11.07 18.89 -2.72
N PHE B 214 -11.81 18.73 -3.80
CA PHE B 214 -11.57 19.50 -5.02
C PHE B 214 -12.15 20.89 -4.81
N LEU B 215 -11.29 21.91 -4.94
CA LEU B 215 -11.75 23.29 -4.85
C LEU B 215 -11.98 23.86 -6.25
N PRO B 216 -13.24 24.01 -6.71
CA PRO B 216 -13.49 24.82 -7.91
C PRO B 216 -13.17 26.27 -7.62
N HIS B 217 -12.92 27.01 -8.68
CA HIS B 217 -12.85 28.45 -8.63
C HIS B 217 -14.23 28.94 -8.21
N GLU B 218 -14.24 30.06 -7.46
CA GLU B 218 -15.45 30.58 -6.84
C GLU B 218 -16.61 30.70 -7.84
N ASP B 219 -16.37 31.12 -9.08
CA ASP B 219 -17.44 31.32 -10.05
C ASP B 219 -18.13 29.99 -10.43
N ASP B 220 -17.40 28.90 -10.26
CA ASP B 220 -17.85 27.55 -10.61
C ASP B 220 -18.40 26.78 -9.41
N TYR B 221 -18.29 27.36 -8.19
CA TYR B 221 -18.71 26.69 -6.98
C TYR B 221 -20.23 26.34 -7.00
N TYR B 222 -21.05 27.26 -7.47
CA TYR B 222 -22.49 27.07 -7.57
C TYR B 222 -22.79 25.80 -8.37
N ALA B 223 -22.26 25.71 -9.59
CA ALA B 223 -22.52 24.57 -10.44
C ALA B 223 -21.95 23.28 -9.83
N ALA B 224 -20.72 23.34 -9.35
CA ALA B 224 -20.05 22.18 -8.76
C ALA B 224 -20.78 21.65 -7.53
N ALA B 225 -21.25 22.55 -6.66
CA ALA B 225 -21.96 22.17 -5.46
C ALA B 225 -23.30 21.51 -5.83
N ARG B 226 -23.91 21.91 -6.95
CA ARG B 226 -25.13 21.26 -7.38
C ARG B 226 -24.86 19.88 -7.97
N ILE B 227 -23.68 19.70 -8.62
CA ILE B 227 -23.28 18.40 -9.12
C ILE B 227 -23.16 17.40 -8.00
N ASN B 228 -22.38 17.78 -6.97
CA ASN B 228 -22.12 16.85 -5.89
C ASN B 228 -22.08 17.63 -4.58
N PRO B 229 -23.24 17.83 -3.93
CA PRO B 229 -23.30 18.64 -2.70
C PRO B 229 -22.58 18.03 -1.50
N GLU B 230 -22.47 16.70 -1.50
CA GLU B 230 -21.80 16.00 -0.43
C GLU B 230 -20.29 16.26 -0.50
N ARG B 231 -19.70 16.23 -1.71
CA ARG B 231 -18.27 16.36 -1.86
C ARG B 231 -17.81 17.81 -2.02
N ILE B 232 -18.62 18.62 -2.70
CA ILE B 232 -18.17 19.97 -3.03
C ILE B 232 -18.71 20.94 -1.97
N THR B 233 -17.90 21.13 -0.94
CA THR B 233 -18.23 21.92 0.24
C THR B 233 -17.30 23.13 0.39
N ALA B 234 -16.34 23.29 -0.53
CA ALA B 234 -15.34 24.34 -0.40
C ALA B 234 -14.99 24.87 -1.77
N PHE B 235 -14.37 26.06 -1.82
CA PHE B 235 -13.95 26.62 -3.10
C PHE B 235 -12.78 27.55 -2.84
N TRP B 236 -12.07 27.91 -3.88
CA TRP B 236 -10.98 28.90 -3.81
C TRP B 236 -11.41 30.23 -4.42
N SER B 237 -10.97 31.31 -3.78
CA SER B 237 -11.36 32.66 -4.14
C SER B 237 -10.15 33.58 -4.28
N SER B 238 -10.00 34.25 -5.43
CA SER B 238 -9.14 35.41 -5.59
C SER B 238 -9.95 36.70 -5.51
N GLY B 239 -11.24 36.64 -5.85
CA GLY B 239 -12.13 37.81 -5.78
C GLY B 239 -12.20 38.37 -4.34
N ALA B 240 -11.97 37.52 -3.34
CA ALA B 240 -12.03 37.95 -1.94
C ALA B 240 -10.97 39.00 -1.62
N MET B 241 -9.92 39.09 -2.44
CA MET B 241 -8.86 40.07 -2.21
C MET B 241 -9.32 41.47 -2.59
N CYS B 242 -10.53 41.58 -3.15
CA CYS B 242 -11.16 42.83 -3.46
C CYS B 242 -12.31 43.13 -2.48
N GLY B 243 -12.36 42.33 -1.40
CA GLY B 243 -13.39 42.38 -0.38
C GLY B 243 -14.07 41.02 -0.26
N PRO B 244 -13.88 40.33 0.89
CA PRO B 244 -14.38 38.95 1.03
C PRO B 244 -15.86 38.68 1.30
N ALA B 245 -16.69 39.75 1.41
CA ALA B 245 -18.08 39.52 1.80
C ALA B 245 -18.80 38.63 0.77
N THR B 246 -18.50 38.82 -0.51
CA THR B 246 -19.14 38.08 -1.57
C THR B 246 -18.93 36.57 -1.40
N ALA B 247 -17.67 36.16 -1.18
CA ALA B 247 -17.30 34.76 -1.00
C ALA B 247 -17.95 34.18 0.25
N ILE B 248 -18.00 34.96 1.33
CA ILE B 248 -18.62 34.51 2.55
C ILE B 248 -20.12 34.32 2.33
N MET B 249 -20.76 35.24 1.61
CA MET B 249 -22.19 35.14 1.36
C MET B 249 -22.48 33.94 0.44
N LEU B 250 -21.63 33.73 -0.58
CA LEU B 250 -21.78 32.53 -1.43
C LEU B 250 -21.71 31.27 -0.59
N ARG B 251 -20.67 31.14 0.22
CA ARG B 251 -20.51 30.01 1.13
C ARG B 251 -21.78 29.79 1.94
N ASP B 252 -22.26 30.85 2.61
CA ASP B 252 -23.38 30.75 3.54
C ASP B 252 -24.64 30.36 2.79
N GLU B 253 -24.84 30.92 1.60
CA GLU B 253 -26.08 30.75 0.89
C GLU B 253 -26.11 29.37 0.24
N VAL B 254 -24.95 28.83 -0.14
CA VAL B 254 -24.88 27.47 -0.67
C VAL B 254 -25.20 26.47 0.43
N VAL B 255 -24.69 26.68 1.66
CA VAL B 255 -25.06 25.83 2.75
C VAL B 255 -26.60 25.81 2.91
N ARG B 256 -27.22 26.98 2.88
CA ARG B 256 -28.67 27.07 3.03
C ARG B 256 -29.39 26.38 1.87
N ALA B 257 -28.92 26.60 0.63
CA ALA B 257 -29.50 26.00 -0.57
C ALA B 257 -29.49 24.48 -0.47
N LYS B 258 -28.40 23.90 0.03
CA LYS B 258 -28.28 22.47 0.14
C LYS B 258 -29.31 21.92 1.10
N SER B 259 -29.65 22.70 2.15
CA SER B 259 -30.63 22.30 3.14
C SER B 259 -32.05 22.50 2.63
N THR B 260 -32.33 23.64 1.98
CA THR B 260 -33.70 24.02 1.65
C THR B 260 -34.10 23.56 0.25
N GLY B 261 -33.11 23.34 -0.64
CA GLY B 261 -33.37 23.09 -2.04
C GLY B 261 -33.69 24.35 -2.84
N ASP B 262 -33.57 25.53 -2.22
CA ASP B 262 -33.82 26.76 -2.92
C ASP B 262 -32.48 27.44 -3.26
N TRP B 263 -32.12 27.35 -4.55
CA TRP B 263 -30.81 27.71 -5.05
C TRP B 263 -30.83 29.11 -5.67
N ALA B 264 -31.95 29.85 -5.58
CA ALA B 264 -32.07 31.10 -6.32
C ALA B 264 -31.07 32.16 -5.85
N LYS B 265 -30.88 32.28 -4.53
CA LYS B 265 -30.03 33.33 -4.03
C LYS B 265 -28.57 33.00 -4.32
N ALA B 266 -28.21 31.71 -4.19
CA ALA B 266 -26.84 31.29 -4.47
C ALA B 266 -26.54 31.56 -5.94
N LYS B 267 -27.52 31.29 -6.79
CA LYS B 267 -27.38 31.51 -8.23
C LYS B 267 -27.19 33.00 -8.50
N ALA B 268 -27.92 33.87 -7.79
CA ALA B 268 -27.79 35.31 -8.01
C ALA B 268 -26.40 35.81 -7.62
N ILE B 269 -25.87 35.32 -6.51
CA ILE B 269 -24.54 35.71 -6.07
C ILE B 269 -23.50 35.22 -7.09
N SER B 270 -23.61 33.95 -7.49
CA SER B 270 -22.70 33.37 -8.47
C SER B 270 -22.71 34.14 -9.79
N ASP B 271 -23.91 34.55 -10.23
CA ASP B 271 -24.03 35.30 -11.47
C ASP B 271 -23.38 36.69 -11.39
N ASP B 272 -23.51 37.34 -10.23
CA ASP B 272 -22.83 38.59 -9.94
C ASP B 272 -21.30 38.42 -10.03
N MET B 273 -20.79 37.32 -9.47
CA MET B 273 -19.37 37.04 -9.50
C MET B 273 -18.82 36.87 -10.94
N ARG B 274 -19.52 36.10 -11.76
CA ARG B 274 -19.15 35.97 -13.17
C ARG B 274 -19.16 37.32 -13.89
N ALA B 275 -20.18 38.16 -13.64
CA ALA B 275 -20.19 39.49 -14.26
C ALA B 275 -18.98 40.32 -13.83
N ALA B 276 -18.64 40.28 -12.56
CA ALA B 276 -17.50 41.04 -12.08
C ALA B 276 -16.18 40.60 -12.74
N ASP B 277 -16.08 39.31 -13.07
CA ASP B 277 -14.91 38.74 -13.72
C ASP B 277 -14.91 39.01 -15.23
N SER B 278 -16.00 39.57 -15.78
CA SER B 278 -16.18 39.49 -17.21
C SER B 278 -15.17 40.33 -18.00
N THR B 279 -14.54 41.34 -17.41
CA THR B 279 -13.60 42.21 -18.11
C THR B 279 -12.15 41.87 -17.81
N LEU B 280 -11.90 40.85 -16.98
CA LEU B 280 -10.54 40.62 -16.53
C LEU B 280 -9.61 40.18 -17.68
N PHE B 281 -10.05 39.21 -18.48
CA PHE B 281 -9.23 38.68 -19.58
C PHE B 281 -9.09 39.68 -20.73
N PRO B 282 -7.84 39.94 -21.18
CA PRO B 282 -7.60 40.82 -22.33
C PRO B 282 -8.32 40.22 -23.54
N ARG B 283 -9.23 41.02 -24.13
CA ARG B 283 -10.05 40.65 -25.28
C ARG B 283 -10.72 39.30 -25.06
N GLY B 284 -11.03 38.98 -23.80
CA GLY B 284 -11.72 37.74 -23.50
C GLY B 284 -10.83 36.52 -23.74
N ASP B 285 -9.52 36.75 -23.87
CA ASP B 285 -8.61 35.70 -24.31
C ASP B 285 -7.80 35.17 -23.13
N PHE B 286 -7.97 33.89 -22.82
CA PHE B 286 -7.32 33.28 -21.67
C PHE B 286 -5.81 33.17 -21.86
N SER B 287 -5.35 32.96 -23.10
CA SER B 287 -3.92 32.82 -23.36
CA SER B 287 -3.92 32.83 -23.36
C SER B 287 -3.23 34.15 -23.06
N GLU B 288 -3.89 35.25 -23.40
CA GLU B 288 -3.44 36.59 -23.06
C GLU B 288 -3.50 36.81 -21.54
N PHE B 289 -4.57 36.37 -20.86
CA PHE B 289 -4.62 36.44 -19.41
C PHE B 289 -3.44 35.69 -18.76
N SER B 290 -3.10 34.53 -19.32
CA SER B 290 -2.06 33.68 -18.77
C SER B 290 -0.71 34.40 -18.80
N LYS B 291 -0.46 35.18 -19.84
CA LYS B 291 0.78 35.91 -19.96
C LYS B 291 0.86 37.03 -18.92
N TYR B 292 -0.29 37.61 -18.56
CA TYR B 292 -0.27 38.77 -17.68
C TYR B 292 -0.97 38.48 -16.35
N ASN B 293 -1.04 37.20 -15.96
CA ASN B 293 -1.75 36.64 -14.79
C ASN B 293 -1.32 37.43 -13.56
N ILE B 294 0.00 37.67 -13.40
CA ILE B 294 0.46 38.34 -12.20
C ILE B 294 -0.01 39.79 -12.19
N GLY B 295 0.34 40.54 -13.22
CA GLY B 295 0.09 41.98 -13.29
C GLY B 295 -1.40 42.29 -13.25
N LEU B 296 -2.18 41.46 -13.94
CA LEU B 296 -3.62 41.68 -14.03
C LEU B 296 -4.27 41.45 -12.67
N GLU B 297 -3.94 40.36 -11.99
CA GLU B 297 -4.50 40.07 -10.68
C GLU B 297 -4.13 41.18 -9.69
N LYS B 298 -2.83 41.53 -9.66
CA LYS B 298 -2.36 42.54 -8.69
C LYS B 298 -2.99 43.90 -9.01
N ALA B 299 -3.11 44.27 -10.27
CA ALA B 299 -3.75 45.51 -10.65
C ALA B 299 -5.22 45.58 -10.24
N ARG B 300 -5.93 44.47 -10.39
CA ARG B 300 -7.35 44.41 -10.00
C ARG B 300 -7.48 44.62 -8.50
N MET B 301 -6.64 43.93 -7.73
CA MET B 301 -6.63 44.12 -6.28
C MET B 301 -6.32 45.57 -5.89
N ASP B 302 -5.29 46.15 -6.51
CA ASP B 302 -4.94 47.56 -6.28
C ASP B 302 -6.15 48.45 -6.58
N ALA B 303 -6.85 48.23 -7.70
CA ALA B 303 -7.98 49.08 -8.05
C ALA B 303 -9.13 48.93 -7.04
N ALA B 304 -9.34 47.71 -6.52
CA ALA B 304 -10.45 47.47 -5.62
C ALA B 304 -10.27 48.20 -4.28
N GLY B 305 -9.04 48.38 -3.80
CA GLY B 305 -8.83 49.22 -2.64
C GLY B 305 -8.92 48.46 -1.32
N TRP B 306 -9.18 47.15 -1.33
CA TRP B 306 -9.34 46.43 -0.08
C TRP B 306 -7.97 46.07 0.50
N LEU B 307 -7.00 45.87 -0.39
CA LEU B 307 -5.62 45.65 0.00
C LEU B 307 -4.70 46.25 -1.05
N LYS B 308 -3.41 46.35 -0.69
CA LYS B 308 -2.39 46.89 -1.56
C LYS B 308 -1.47 45.75 -2.01
N ALA B 309 -1.68 45.29 -3.24
CA ALA B 309 -0.90 44.18 -3.75
C ALA B 309 0.48 44.67 -4.19
N GLY B 310 0.51 45.81 -4.87
CA GLY B 310 1.75 46.51 -5.17
C GLY B 310 2.40 46.03 -6.46
N PRO B 311 3.56 46.62 -6.82
CA PRO B 311 4.28 46.29 -8.04
C PRO B 311 4.68 44.83 -8.18
N CYS B 312 4.83 44.41 -9.43
CA CYS B 312 5.23 43.03 -9.73
C CYS B 312 6.77 42.94 -9.76
N ARG B 313 7.26 41.84 -9.18
CA ARG B 313 8.66 41.53 -9.22
C ARG B 313 9.10 41.13 -10.63
N PRO B 314 10.37 41.41 -10.97
CA PRO B 314 10.88 41.14 -12.31
C PRO B 314 11.02 39.64 -12.54
N PRO B 315 10.77 39.13 -13.76
CA PRO B 315 10.57 39.96 -14.95
C PRO B 315 9.17 40.47 -15.33
N TYR B 316 8.14 40.05 -14.59
CA TYR B 316 6.76 40.19 -15.06
C TYR B 316 6.15 41.50 -14.54
N ASN B 317 6.80 42.60 -14.91
CA ASN B 317 6.48 43.93 -14.37
C ASN B 317 6.00 44.87 -15.47
N LEU B 318 5.60 44.34 -16.65
CA LEU B 318 5.09 45.18 -17.75
C LEU B 318 3.78 44.58 -18.29
N VAL B 319 2.69 45.36 -18.27
CA VAL B 319 1.40 44.89 -18.78
C VAL B 319 0.89 45.95 -19.75
N PRO B 320 0.44 45.60 -20.98
CA PRO B 320 -0.10 46.62 -21.90
C PRO B 320 -1.19 47.46 -21.21
N GLU B 321 -1.13 48.78 -21.35
CA GLU B 321 -2.00 49.70 -20.62
C GLU B 321 -3.46 49.38 -20.87
N ASP B 322 -3.81 49.00 -22.11
CA ASP B 322 -5.19 48.72 -22.47
C ASP B 322 -5.73 47.51 -21.71
N TYR B 323 -4.86 46.58 -21.32
CA TYR B 323 -5.30 45.40 -20.58
C TYR B 323 -5.56 45.75 -19.10
N LEU B 324 -4.96 46.85 -18.65
CA LEU B 324 -5.03 47.22 -17.26
C LEU B 324 -6.44 47.70 -16.95
N ALA B 325 -7.06 48.46 -17.86
CA ALA B 325 -8.40 48.98 -17.64
C ALA B 325 -9.38 47.85 -17.35
N GLY B 326 -9.27 46.72 -18.06
CA GLY B 326 -10.22 45.64 -17.87
C GLY B 326 -10.06 45.03 -16.46
N ALA B 327 -8.79 44.88 -16.01
CA ALA B 327 -8.52 44.37 -14.69
C ALA B 327 -9.04 45.32 -13.61
N GLN B 328 -8.84 46.63 -13.81
CA GLN B 328 -9.24 47.64 -12.84
C GLN B 328 -10.75 47.69 -12.74
N LYS B 329 -11.44 47.59 -13.90
CA LYS B 329 -12.89 47.54 -13.92
C LYS B 329 -13.41 46.32 -13.17
N SER B 330 -12.74 45.17 -13.32
CA SER B 330 -13.11 43.97 -12.57
C SER B 330 -12.92 44.20 -11.07
N GLY B 331 -11.79 44.81 -10.68
CA GLY B 331 -11.55 45.14 -9.30
C GLY B 331 -12.64 46.03 -8.69
N LYS B 332 -13.06 47.05 -9.44
CA LYS B 332 -14.14 47.92 -8.99
C LYS B 332 -15.46 47.14 -8.87
N ALA B 333 -15.73 46.23 -9.79
CA ALA B 333 -16.96 45.45 -9.75
C ALA B 333 -16.97 44.55 -8.51
N TRP B 334 -15.84 43.89 -8.23
CA TRP B 334 -15.76 43.07 -7.03
C TRP B 334 -15.87 43.93 -5.75
N ALA B 335 -15.29 45.11 -5.74
CA ALA B 335 -15.42 46.01 -4.57
C ALA B 335 -16.90 46.36 -4.35
N ALA B 336 -17.63 46.61 -5.42
CA ALA B 336 -19.06 46.90 -5.38
C ALA B 336 -19.86 45.70 -4.84
N LEU B 337 -19.49 44.48 -5.27
CA LEU B 337 -20.09 43.29 -4.68
C LEU B 337 -19.82 43.21 -3.18
N HIS B 338 -18.59 43.49 -2.75
CA HIS B 338 -18.25 43.43 -1.34
C HIS B 338 -19.11 44.41 -0.53
N ALA B 339 -19.32 45.60 -1.06
CA ALA B 339 -20.19 46.57 -0.38
C ALA B 339 -21.62 46.04 -0.27
N LYS B 340 -22.11 45.47 -1.36
CA LYS B 340 -23.47 44.97 -1.43
C LYS B 340 -23.66 43.82 -0.46
N TYR B 341 -22.74 42.85 -0.47
CA TYR B 341 -22.89 41.69 0.37
C TYR B 341 -22.55 41.97 1.83
N SER B 342 -21.64 42.91 2.11
CA SER B 342 -21.38 43.30 3.48
C SER B 342 -22.71 43.68 4.17
N ASN B 343 -23.55 44.43 3.46
CA ASN B 343 -24.84 44.90 3.97
C ASN B 343 -25.82 43.74 4.15
N GLU B 344 -25.73 42.71 3.30
CA GLU B 344 -26.64 41.56 3.39
C GLU B 344 -26.19 40.60 4.49
N LEU B 345 -24.92 40.65 4.90
CA LEU B 345 -24.45 39.90 6.05
C LEU B 345 -24.85 40.71 7.29
N LYS B 346 -25.32 41.95 7.06
CA LYS B 346 -25.92 42.82 8.07
C LYS B 346 -24.77 43.64 8.68
N THR C 20 2.34 18.20 -74.69
CA THR C 20 1.37 17.07 -74.73
C THR C 20 1.51 16.21 -73.48
N SER C 21 2.76 15.87 -73.10
CA SER C 21 3.03 14.89 -72.05
C SER C 21 3.07 15.57 -70.68
N ARG C 22 2.88 14.78 -69.62
CA ARG C 22 2.72 15.28 -68.28
C ARG C 22 4.00 15.98 -67.82
N LEU C 23 3.82 17.13 -67.17
CA LEU C 23 4.91 17.90 -66.60
C LEU C 23 5.75 17.04 -65.68
N THR C 24 7.06 17.30 -65.66
CA THR C 24 7.93 16.72 -64.64
C THR C 24 8.62 17.87 -63.91
N ALA C 25 9.32 17.54 -62.82
CA ALA C 25 10.07 18.54 -62.07
C ALA C 25 11.07 19.28 -62.94
N GLU C 26 11.66 18.59 -63.93
CA GLU C 26 12.60 19.19 -64.85
C GLU C 26 11.98 20.36 -65.61
N ASP C 27 10.67 20.38 -65.76
CA ASP C 27 9.98 21.42 -66.51
C ASP C 27 9.58 22.60 -65.62
N ILE C 28 9.90 22.55 -64.33
CA ILE C 28 9.44 23.56 -63.37
C ILE C 28 10.65 24.41 -62.97
N ASN C 29 10.72 25.64 -63.49
CA ASN C 29 11.85 26.52 -63.26
C ASN C 29 11.36 27.96 -63.15
N GLY C 30 12.10 28.79 -62.45
CA GLY C 30 11.86 30.22 -62.48
C GLY C 30 10.73 30.67 -61.56
N ALA C 31 10.03 31.70 -62.02
CA ALA C 31 9.01 32.40 -61.25
C ALA C 31 7.63 31.80 -61.53
N TRP C 32 7.07 31.17 -60.49
CA TRP C 32 5.74 30.58 -60.52
C TRP C 32 4.81 31.45 -59.69
N THR C 33 3.89 32.17 -60.37
CA THR C 33 3.05 33.18 -59.71
C THR C 33 1.67 32.61 -59.42
N ILE C 34 1.20 32.82 -58.19
CA ILE C 34 -0.11 32.35 -57.74
CA ILE C 34 -0.11 32.36 -57.75
C ILE C 34 -1.10 33.53 -57.85
N MET C 35 -2.09 33.34 -58.70
CA MET C 35 -3.05 34.38 -58.98
C MET C 35 -4.29 34.18 -58.12
N PRO C 36 -4.98 35.30 -57.77
CA PRO C 36 -6.29 35.22 -57.11
C PRO C 36 -7.37 34.82 -58.10
N THR C 37 -8.60 34.72 -57.56
CA THR C 37 -9.78 34.53 -58.38
C THR C 37 -10.57 35.85 -58.30
N PRO C 38 -10.41 36.70 -59.32
CA PRO C 38 -11.02 38.04 -59.31
C PRO C 38 -12.51 37.97 -59.07
N SER C 39 -12.98 38.88 -58.21
CA SER C 39 -14.35 38.95 -57.78
C SER C 39 -15.09 40.10 -58.48
N THR C 40 -16.36 39.86 -58.78
CA THR C 40 -17.32 40.94 -59.08
C THR C 40 -17.65 41.73 -57.84
N PRO C 41 -18.20 42.97 -57.97
CA PRO C 41 -18.52 43.79 -56.80
C PRO C 41 -19.46 43.15 -55.78
N ASP C 42 -20.35 42.22 -56.21
CA ASP C 42 -21.31 41.62 -55.32
C ASP C 42 -20.83 40.30 -54.68
N ALA C 43 -19.51 40.01 -54.72
CA ALA C 43 -19.04 38.66 -54.43
C ALA C 43 -19.10 38.32 -52.93
N SER C 44 -19.20 39.30 -52.03
CA SER C 44 -19.32 39.00 -50.62
C SER C 44 -20.72 38.53 -50.21
N ASP C 45 -21.72 38.68 -51.08
CA ASP C 45 -23.09 38.41 -50.73
C ASP C 45 -23.38 36.96 -51.09
N TRP C 46 -23.89 36.20 -50.10
CA TRP C 46 -24.23 34.80 -50.35
C TRP C 46 -25.28 34.60 -51.44
N ARG C 47 -26.05 35.65 -51.76
CA ARG C 47 -27.08 35.55 -52.79
C ARG C 47 -26.49 35.54 -54.19
N SER C 48 -25.23 35.99 -54.34
CA SER C 48 -24.64 36.12 -55.66
C SER C 48 -24.22 34.77 -56.19
N THR C 49 -24.41 34.52 -57.49
CA THR C 49 -24.16 33.18 -58.04
C THR C 49 -23.01 33.10 -59.04
N ALA C 50 -22.62 34.21 -59.66
CA ALA C 50 -21.58 34.09 -60.68
C ALA C 50 -20.57 35.20 -60.42
N THR C 51 -19.70 35.02 -59.43
CA THR C 51 -18.95 36.13 -58.85
C THR C 51 -17.55 36.25 -59.43
N VAL C 52 -17.18 35.45 -60.44
CA VAL C 52 -15.86 35.57 -61.01
C VAL C 52 -15.86 36.64 -62.13
N ASP C 53 -14.96 37.64 -62.03
CA ASP C 53 -14.71 38.55 -63.14
C ASP C 53 -13.80 37.84 -64.13
N LEU C 54 -14.43 37.28 -65.18
CA LEU C 54 -13.73 36.44 -66.12
C LEU C 54 -12.82 37.29 -67.02
N GLU C 55 -13.23 38.53 -67.31
CA GLU C 55 -12.37 39.35 -68.12
C GLU C 55 -11.11 39.78 -67.35
N GLU C 56 -11.24 40.16 -66.07
CA GLU C 56 -10.09 40.48 -65.24
C GLU C 56 -9.18 39.26 -65.12
N THR C 57 -9.77 38.06 -65.05
CA THR C 57 -9.00 36.83 -65.02
C THR C 57 -8.13 36.72 -66.26
N ALA C 58 -8.74 36.90 -67.45
CA ALA C 58 -8.02 36.82 -68.72
C ALA C 58 -6.93 37.87 -68.77
N ARG C 59 -7.22 39.08 -68.27
CA ARG C 59 -6.28 40.19 -68.31
C ARG C 59 -5.07 39.88 -67.46
N ILE C 60 -5.31 39.33 -66.26
CA ILE C 60 -4.21 38.96 -65.36
C ILE C 60 -3.31 37.93 -66.03
N VAL C 61 -3.88 36.91 -66.62
CA VAL C 61 -3.11 35.85 -67.24
C VAL C 61 -2.22 36.39 -68.36
N GLU C 62 -2.78 37.22 -69.24
CA GLU C 62 -1.98 37.77 -70.33
C GLU C 62 -0.85 38.66 -69.78
N GLU C 63 -1.13 39.45 -68.74
CA GLU C 63 -0.16 40.32 -68.12
C GLU C 63 0.99 39.50 -67.52
N LEU C 64 0.64 38.39 -66.87
CA LEU C 64 1.66 37.54 -66.27
C LEU C 64 2.54 36.92 -67.36
N ILE C 65 1.94 36.40 -68.42
CA ILE C 65 2.69 35.81 -69.52
C ILE C 65 3.60 36.90 -70.07
N ALA C 66 3.06 38.11 -70.30
CA ALA C 66 3.85 39.19 -70.89
C ALA C 66 5.05 39.54 -70.02
N ALA C 67 4.89 39.48 -68.70
CA ALA C 67 5.99 39.77 -67.78
C ALA C 67 7.07 38.69 -67.84
N GLY C 68 6.79 37.52 -68.42
CA GLY C 68 7.79 36.48 -68.55
C GLY C 68 7.73 35.45 -67.42
N VAL C 69 6.58 35.32 -66.73
CA VAL C 69 6.43 34.31 -65.69
C VAL C 69 6.55 32.93 -66.31
N ASN C 70 7.07 32.00 -65.51
CA ASN C 70 7.35 30.66 -66.02
C ASN C 70 6.15 29.73 -65.93
N GLY C 71 5.29 29.96 -64.94
CA GLY C 71 4.10 29.15 -64.77
C GLY C 71 3.12 29.85 -63.85
N ILE C 72 1.87 29.42 -63.89
CA ILE C 72 0.82 30.02 -63.07
C ILE C 72 0.19 28.98 -62.14
N LEU C 73 0.08 29.35 -60.87
CA LEU C 73 -0.63 28.57 -59.87
C LEU C 73 -1.88 29.36 -59.52
N SER C 74 -2.86 28.67 -58.96
CA SER C 74 -4.14 29.28 -58.62
C SER C 74 -4.87 28.43 -57.61
N MET C 75 -5.90 29.02 -56.98
CA MET C 75 -6.92 28.24 -56.26
C MET C 75 -6.33 27.58 -55.02
N GLY C 76 -5.44 28.31 -54.32
CA GLY C 76 -5.07 27.96 -52.95
C GLY C 76 -6.00 28.65 -51.98
N THR C 77 -5.47 29.10 -50.83
CA THR C 77 -6.27 29.73 -49.81
C THR C 77 -6.80 31.08 -50.29
N PHE C 78 -5.94 32.05 -50.57
CA PHE C 78 -6.39 33.38 -50.94
C PHE C 78 -7.09 33.33 -52.30
N GLY C 79 -6.80 32.29 -53.12
CA GLY C 79 -7.49 32.08 -54.39
C GLY C 79 -8.92 31.55 -54.25
N GLU C 80 -9.35 31.30 -52.99
CA GLU C 80 -10.72 31.04 -52.64
C GLU C 80 -11.21 29.73 -53.24
N CYS C 81 -10.30 28.74 -53.32
CA CYS C 81 -10.74 27.37 -53.56
C CYS C 81 -11.87 26.94 -52.62
N ALA C 82 -11.82 27.38 -51.35
CA ALA C 82 -12.83 26.96 -50.39
C ALA C 82 -14.18 27.60 -50.66
N THR C 83 -14.23 28.81 -51.26
CA THR C 83 -15.49 29.58 -51.26
C THR C 83 -16.12 29.81 -52.63
N LEU C 84 -15.47 29.39 -53.72
CA LEU C 84 -16.05 29.43 -55.07
C LEU C 84 -17.08 28.32 -55.24
N THR C 85 -18.11 28.55 -56.05
CA THR C 85 -18.99 27.45 -56.42
C THR C 85 -18.33 26.69 -57.56
N TRP C 86 -18.83 25.49 -57.83
CA TRP C 86 -18.27 24.64 -58.87
C TRP C 86 -18.39 25.28 -60.25
N ASP C 87 -19.51 25.89 -60.56
CA ASP C 87 -19.69 26.54 -61.85
C ASP C 87 -18.67 27.68 -61.99
N GLU C 88 -18.45 28.45 -60.92
CA GLU C 88 -17.44 29.51 -60.91
C GLU C 88 -16.04 28.97 -61.22
N LYS C 89 -15.68 27.87 -60.56
CA LYS C 89 -14.40 27.23 -60.74
C LYS C 89 -14.24 26.77 -62.20
N ARG C 90 -15.25 26.13 -62.77
CA ARG C 90 -15.17 25.68 -64.15
C ARG C 90 -15.02 26.87 -65.10
N ASP C 91 -15.77 27.94 -64.88
CA ASP C 91 -15.69 29.11 -65.73
C ASP C 91 -14.32 29.79 -65.63
N TYR C 92 -13.79 29.94 -64.40
CA TYR C 92 -12.47 30.51 -64.17
C TYR C 92 -11.38 29.72 -64.90
N VAL C 93 -11.36 28.41 -64.69
CA VAL C 93 -10.35 27.58 -65.29
C VAL C 93 -10.49 27.59 -66.83
N SER C 94 -11.72 27.56 -67.35
CA SER C 94 -11.94 27.59 -68.80
C SER C 94 -11.32 28.86 -69.39
N THR C 95 -11.57 29.99 -68.74
CA THR C 95 -11.06 31.29 -69.18
C THR C 95 -9.54 31.30 -69.16
N ILE C 96 -8.95 30.77 -68.09
CA ILE C 96 -7.51 30.67 -67.97
C ILE C 96 -6.94 29.82 -69.09
N VAL C 97 -7.49 28.64 -69.33
CA VAL C 97 -6.96 27.71 -70.30
C VAL C 97 -7.00 28.35 -71.70
N GLU C 98 -8.15 28.95 -72.03
CA GLU C 98 -8.30 29.53 -73.37
C GLU C 98 -7.36 30.73 -73.52
N THR C 99 -7.08 31.48 -72.44
CA THR C 99 -6.17 32.61 -72.49
C THR C 99 -4.74 32.13 -72.68
N ILE C 100 -4.30 31.13 -71.90
CA ILE C 100 -2.93 30.69 -71.92
C ILE C 100 -2.59 30.09 -73.29
N ARG C 101 -3.53 29.39 -73.89
CA ARG C 101 -3.29 28.71 -75.19
C ARG C 101 -1.97 27.92 -75.15
N GLY C 102 -1.72 27.15 -74.09
CA GLY C 102 -0.58 26.27 -74.00
C GLY C 102 0.78 26.98 -73.87
N ARG C 103 0.83 28.29 -73.67
CA ARG C 103 2.11 28.99 -73.69
C ARG C 103 2.94 28.80 -72.39
N VAL C 104 2.27 28.64 -71.25
CA VAL C 104 2.93 28.36 -69.98
C VAL C 104 2.12 27.31 -69.27
N PRO C 105 2.72 26.53 -68.36
CA PRO C 105 1.97 25.60 -67.53
C PRO C 105 1.06 26.28 -66.53
N TYR C 106 -0.07 25.62 -66.22
CA TYR C 106 -1.09 26.16 -65.32
C TYR C 106 -1.60 25.06 -64.39
N PHE C 107 -1.62 25.37 -63.09
CA PHE C 107 -2.19 24.53 -62.08
C PHE C 107 -3.44 25.19 -61.52
N CYS C 108 -4.54 24.42 -61.59
CA CYS C 108 -5.75 24.67 -60.84
C CYS C 108 -5.53 24.21 -59.40
N GLY C 109 -6.57 24.32 -58.57
CA GLY C 109 -6.55 23.76 -57.21
C GLY C 109 -7.83 23.00 -56.94
N THR C 110 -7.74 21.81 -56.32
CA THR C 110 -8.90 20.96 -56.13
C THR C 110 -8.96 20.39 -54.72
N THR C 111 -8.34 21.05 -53.74
CA THR C 111 -8.50 20.64 -52.35
C THR C 111 -9.97 20.65 -52.00
N ALA C 112 -10.41 19.57 -51.35
CA ALA C 112 -11.82 19.37 -51.03
C ALA C 112 -11.89 18.49 -49.79
N LEU C 113 -13.09 18.24 -49.28
CA LEU C 113 -13.32 17.54 -48.03
C LEU C 113 -13.11 16.03 -48.11
N ASN C 114 -13.01 15.45 -49.30
CA ASN C 114 -12.86 14.00 -49.39
C ASN C 114 -12.26 13.63 -50.74
N THR C 115 -11.77 12.39 -50.80
CA THR C 115 -10.99 11.92 -51.92
C THR C 115 -11.84 11.87 -53.17
N ARG C 116 -13.09 11.42 -53.06
CA ARG C 116 -13.93 11.30 -54.25
C ARG C 116 -14.22 12.67 -54.87
N GLU C 117 -14.50 13.69 -54.05
CA GLU C 117 -14.72 15.04 -54.54
C GLU C 117 -13.46 15.60 -55.20
N VAL C 118 -12.30 15.35 -54.58
CA VAL C 118 -11.05 15.81 -55.17
C VAL C 118 -10.89 15.20 -56.56
N ILE C 119 -11.12 13.89 -56.67
CA ILE C 119 -10.95 13.20 -57.92
C ILE C 119 -11.90 13.79 -58.98
N ARG C 120 -13.18 13.96 -58.63
CA ARG C 120 -14.18 14.49 -59.55
C ARG C 120 -13.73 15.85 -60.08
N GLN C 121 -13.35 16.76 -59.17
CA GLN C 121 -12.94 18.09 -59.56
C GLN C 121 -11.68 18.07 -60.41
N THR C 122 -10.69 17.27 -59.99
CA THR C 122 -9.41 17.19 -60.67
C THR C 122 -9.61 16.69 -62.11
N ARG C 123 -10.40 15.63 -62.29
CA ARG C 123 -10.65 15.12 -63.63
C ARG C 123 -11.26 16.19 -64.52
N GLU C 124 -12.28 16.90 -64.04
CA GLU C 124 -12.95 17.92 -64.85
C GLU C 124 -12.03 19.10 -65.20
N LEU C 125 -11.26 19.64 -64.21
CA LEU C 125 -10.41 20.78 -64.48
C LEU C 125 -9.22 20.43 -65.38
N ILE C 126 -8.65 19.22 -65.22
CA ILE C 126 -7.60 18.77 -66.11
C ILE C 126 -8.20 18.59 -67.51
N ASP C 127 -9.40 18.01 -67.60
CA ASP C 127 -10.09 17.86 -68.88
C ASP C 127 -10.27 19.21 -69.58
N ILE C 128 -10.59 20.26 -68.83
CA ILE C 128 -10.79 21.57 -69.41
C ILE C 128 -9.47 22.05 -70.00
N GLY C 129 -8.35 21.68 -69.36
CA GLY C 129 -7.04 21.92 -69.89
C GLY C 129 -5.99 22.42 -68.90
N ALA C 130 -6.24 22.39 -67.60
CA ALA C 130 -5.17 22.64 -66.63
C ALA C 130 -4.16 21.50 -66.74
N ASN C 131 -2.88 21.78 -66.45
CA ASN C 131 -1.82 20.78 -66.53
C ASN C 131 -1.72 20.00 -65.23
N GLY C 132 -2.14 20.59 -64.11
CA GLY C 132 -2.02 19.93 -62.83
C GLY C 132 -2.89 20.62 -61.79
N THR C 133 -2.90 20.07 -60.57
CA THR C 133 -3.63 20.62 -59.46
C THR C 133 -2.67 20.88 -58.29
N MET C 134 -2.83 22.07 -57.69
CA MET C 134 -2.17 22.43 -56.46
C MET C 134 -3.12 21.97 -55.36
N LEU C 135 -2.68 20.95 -54.62
CA LEU C 135 -3.57 20.11 -53.85
C LEU C 135 -3.09 19.90 -52.41
N GLY C 136 -3.96 20.34 -51.47
CA GLY C 136 -3.78 20.16 -50.03
C GLY C 136 -4.50 18.88 -49.62
N VAL C 137 -4.67 18.64 -48.32
CA VAL C 137 -5.39 17.45 -47.89
C VAL C 137 -6.72 17.84 -47.26
N PRO C 138 -7.73 16.94 -47.37
CA PRO C 138 -8.98 17.09 -46.62
C PRO C 138 -8.71 17.38 -45.15
N MET C 139 -9.47 18.34 -44.61
CA MET C 139 -9.05 18.90 -43.34
C MET C 139 -10.16 18.96 -42.28
N TRP C 140 -11.36 18.42 -42.54
CA TRP C 140 -12.35 18.40 -41.48
C TRP C 140 -11.83 17.57 -40.29
N VAL C 141 -11.28 16.42 -40.61
CA VAL C 141 -10.53 15.59 -39.70
C VAL C 141 -9.06 15.68 -40.09
N LYS C 142 -8.23 15.93 -39.09
CA LYS C 142 -6.77 15.94 -39.23
C LYS C 142 -6.29 14.60 -39.72
N MET C 143 -5.65 14.58 -40.88
CA MET C 143 -5.03 13.39 -41.42
CA MET C 143 -5.04 13.39 -41.42
C MET C 143 -3.78 12.99 -40.64
N ASP C 144 -3.52 11.68 -40.61
CA ASP C 144 -2.23 11.16 -40.19
C ASP C 144 -1.36 10.86 -41.41
N LEU C 145 -0.12 10.41 -41.16
CA LEU C 145 0.87 10.20 -42.21
C LEU C 145 0.39 9.18 -43.25
N PRO C 146 0.07 7.91 -42.91
CA PRO C 146 -0.34 6.97 -43.94
C PRO C 146 -1.59 7.37 -44.70
N THR C 147 -2.56 8.04 -44.05
CA THR C 147 -3.78 8.53 -44.68
CA THR C 147 -3.76 8.47 -44.74
C THR C 147 -3.44 9.59 -45.74
N ALA C 148 -2.57 10.53 -45.36
CA ALA C 148 -2.20 11.59 -46.28
C ALA C 148 -1.46 11.03 -47.49
N VAL C 149 -0.51 10.11 -47.25
CA VAL C 149 0.19 9.48 -48.34
C VAL C 149 -0.77 8.77 -49.29
N GLN C 150 -1.68 7.96 -48.76
CA GLN C 150 -2.59 7.20 -49.57
C GLN C 150 -3.55 8.12 -50.34
N PHE C 151 -3.92 9.23 -49.72
CA PHE C 151 -4.75 10.22 -50.40
C PHE C 151 -4.11 10.68 -51.71
N TYR C 152 -2.83 11.06 -51.69
CA TYR C 152 -2.17 11.52 -52.90
C TYR C 152 -1.96 10.38 -53.88
N ARG C 153 -1.68 9.16 -53.38
CA ARG C 153 -1.60 7.98 -54.23
C ARG C 153 -2.93 7.71 -54.96
N ASP C 154 -4.04 7.88 -54.22
CA ASP C 154 -5.38 7.67 -54.75
C ASP C 154 -5.68 8.67 -55.87
N VAL C 155 -5.32 9.95 -55.66
CA VAL C 155 -5.61 10.96 -56.66
C VAL C 155 -4.80 10.69 -57.93
N ALA C 156 -3.51 10.37 -57.75
CA ALA C 156 -2.61 10.10 -58.85
C ALA C 156 -3.03 8.85 -59.62
N ASP C 157 -3.52 7.84 -58.92
CA ASP C 157 -4.07 6.62 -59.52
C ASP C 157 -5.32 6.94 -60.35
N ALA C 158 -6.18 7.79 -59.81
CA ALA C 158 -7.44 8.13 -60.46
C ALA C 158 -7.28 9.07 -61.65
N VAL C 159 -6.34 10.00 -61.57
CA VAL C 159 -6.16 11.01 -62.61
C VAL C 159 -4.71 11.00 -63.03
N PRO C 160 -4.23 9.91 -63.69
CA PRO C 160 -2.79 9.75 -63.95
C PRO C 160 -2.17 10.82 -64.84
N GLU C 161 -2.99 11.53 -65.60
CA GLU C 161 -2.48 12.59 -66.46
CA GLU C 161 -2.50 12.59 -66.47
C GLU C 161 -2.31 13.92 -65.71
N ALA C 162 -2.79 14.05 -64.47
CA ALA C 162 -2.63 15.31 -63.73
C ALA C 162 -1.27 15.36 -63.04
N ALA C 163 -0.53 16.44 -63.28
CA ALA C 163 0.57 16.76 -62.40
C ALA C 163 -0.02 17.27 -61.05
N ILE C 164 0.70 17.02 -59.97
CA ILE C 164 0.30 17.45 -58.65
C ILE C 164 1.41 18.34 -58.08
N ALA C 165 0.98 19.48 -57.56
CA ALA C 165 1.77 20.35 -56.71
C ALA C 165 1.25 20.20 -55.26
N ILE C 166 2.10 19.67 -54.38
CA ILE C 166 1.70 19.49 -53.00
C ILE C 166 1.56 20.85 -52.35
N TYR C 167 0.36 21.12 -51.81
CA TYR C 167 0.11 22.39 -51.15
C TYR C 167 0.32 22.18 -49.66
N ALA C 168 1.54 22.46 -49.22
CA ALA C 168 1.98 22.16 -47.86
C ALA C 168 1.67 23.32 -46.94
N ASN C 169 0.41 23.37 -46.49
CA ASN C 169 -0.08 24.44 -45.63
C ASN C 169 -0.65 23.84 -44.33
N PRO C 170 0.15 23.68 -43.27
CA PRO C 170 -0.37 23.07 -42.04
C PRO C 170 -1.44 23.89 -41.31
N GLU C 171 -1.49 25.20 -41.49
CA GLU C 171 -2.50 26.02 -40.83
C GLU C 171 -3.89 25.71 -41.39
N ALA C 172 -4.01 25.71 -42.71
CA ALA C 172 -5.25 25.35 -43.37
C ALA C 172 -5.59 23.86 -43.17
N PHE C 173 -4.62 22.97 -43.37
CA PHE C 173 -4.95 21.57 -43.60
C PHE C 173 -4.63 20.72 -42.38
N LYS C 174 -4.07 21.32 -41.29
CA LYS C 174 -3.85 20.64 -40.00
C LYS C 174 -2.67 19.66 -40.05
N PHE C 175 -2.68 18.71 -40.98
CA PHE C 175 -1.51 17.88 -41.25
C PHE C 175 -0.27 18.74 -41.50
N ASP C 176 0.89 18.30 -41.00
CA ASP C 176 2.07 19.13 -41.02
C ASP C 176 3.11 18.73 -42.06
N PHE C 177 2.81 17.84 -42.99
CA PHE C 177 3.66 17.53 -44.13
C PHE C 177 5.10 17.21 -43.68
N PRO C 178 5.30 16.13 -42.91
CA PRO C 178 6.60 15.84 -42.30
C PRO C 178 7.60 15.19 -43.26
N ARG C 179 8.84 15.03 -42.78
CA ARG C 179 9.91 14.43 -43.59
C ARG C 179 9.47 13.16 -44.28
N PRO C 180 8.96 12.10 -43.58
CA PRO C 180 8.65 10.84 -44.26
C PRO C 180 7.58 10.97 -45.35
N PHE C 181 6.71 11.97 -45.19
CA PHE C 181 5.70 12.26 -46.20
C PHE C 181 6.40 12.62 -47.52
N TRP C 182 7.41 13.50 -47.48
CA TRP C 182 8.11 13.89 -48.70
C TRP C 182 8.82 12.69 -49.37
N ALA C 183 9.46 11.82 -48.56
CA ALA C 183 10.05 10.58 -49.10
C ALA C 183 9.01 9.74 -49.85
N GLU C 184 7.78 9.65 -49.34
CA GLU C 184 6.73 8.86 -50.01
C GLU C 184 6.25 9.56 -51.28
N MET C 185 6.12 10.88 -51.24
CA MET C 185 5.67 11.63 -52.42
C MET C 185 6.62 11.50 -53.60
N SER C 186 7.92 11.35 -53.32
CA SER C 186 8.93 11.26 -54.37
C SER C 186 8.79 9.97 -55.17
N LYS C 187 8.07 8.99 -54.64
CA LYS C 187 7.78 7.76 -55.37
C LYS C 187 6.56 7.88 -56.28
N ILE C 188 5.84 9.01 -56.25
CA ILE C 188 4.66 9.22 -57.06
C ILE C 188 5.03 10.10 -58.24
N PRO C 189 5.10 9.54 -59.49
CA PRO C 189 5.57 10.31 -60.64
C PRO C 189 4.77 11.59 -60.90
N GLN C 190 3.47 11.56 -60.63
CA GLN C 190 2.60 12.72 -60.83
C GLN C 190 2.97 13.89 -59.91
N VAL C 191 3.60 13.63 -58.76
CA VAL C 191 3.96 14.69 -57.84
C VAL C 191 5.27 15.32 -58.27
N VAL C 192 5.21 16.56 -58.79
CA VAL C 192 6.35 17.13 -59.47
C VAL C 192 6.86 18.37 -58.75
N THR C 193 6.04 18.96 -57.87
CA THR C 193 6.42 20.21 -57.22
C THR C 193 5.67 20.33 -55.91
N ALA C 194 6.07 21.32 -55.11
CA ALA C 194 5.44 21.59 -53.83
C ALA C 194 5.43 23.10 -53.60
N LYS C 195 4.28 23.65 -53.24
CA LYS C 195 4.22 25.01 -52.69
C LYS C 195 4.61 24.88 -51.21
N TYR C 196 5.87 25.19 -50.94
CA TYR C 196 6.53 24.91 -49.68
C TYR C 196 6.55 26.14 -48.81
N LEU C 197 6.74 25.90 -47.52
CA LEU C 197 6.85 27.01 -46.59
C LEU C 197 8.26 27.10 -46.02
N GLY C 198 8.40 27.22 -44.70
CA GLY C 198 9.67 27.49 -44.08
C GLY C 198 10.73 26.49 -44.54
N ILE C 199 11.99 26.95 -44.67
CA ILE C 199 13.05 26.17 -45.31
C ILE C 199 13.94 25.52 -44.26
N GLY C 200 13.52 25.46 -43.00
CA GLY C 200 14.34 24.87 -41.94
C GLY C 200 14.85 23.45 -42.24
N MET C 201 14.02 22.66 -42.91
CA MET C 201 14.30 21.26 -43.20
C MET C 201 14.31 21.05 -44.71
N LEU C 202 14.54 22.11 -45.49
CA LEU C 202 14.60 21.98 -46.94
C LEU C 202 15.77 21.09 -47.37
N ASP C 203 16.95 21.29 -46.77
CA ASP C 203 18.13 20.50 -47.10
C ASP C 203 17.81 19.00 -47.05
N LEU C 204 17.23 18.54 -45.92
CA LEU C 204 16.84 17.13 -45.78
C LEU C 204 15.73 16.72 -46.75
N ASP C 205 14.68 17.55 -46.89
CA ASP C 205 13.57 17.20 -47.76
C ASP C 205 14.04 17.00 -49.19
N LEU C 206 14.97 17.83 -49.66
CA LEU C 206 15.54 17.67 -50.99
C LEU C 206 16.20 16.29 -51.15
N ARG C 207 16.91 15.85 -50.11
CA ARG C 207 17.56 14.52 -50.14
C ARG C 207 16.49 13.42 -50.16
N LEU C 208 15.45 13.57 -49.35
CA LEU C 208 14.42 12.56 -49.22
C LEU C 208 13.54 12.46 -50.48
N ALA C 209 13.43 13.56 -51.24
CA ALA C 209 12.52 13.62 -52.36
C ALA C 209 13.22 14.16 -53.60
N PRO C 210 14.10 13.35 -54.23
CA PRO C 210 14.84 13.81 -55.40
C PRO C 210 13.99 14.22 -56.59
N ASN C 211 12.75 13.72 -56.69
CA ASN C 211 11.95 13.92 -57.89
C ASN C 211 10.99 15.11 -57.78
N ILE C 212 11.10 15.91 -56.71
CA ILE C 212 10.19 17.04 -56.53
C ILE C 212 10.96 18.35 -56.68
N ARG C 213 10.36 19.29 -57.44
CA ARG C 213 10.85 20.66 -57.44
C ARG C 213 10.19 21.43 -56.29
N PHE C 214 10.96 21.65 -55.23
CA PHE C 214 10.44 22.33 -54.06
C PHE C 214 10.41 23.82 -54.35
N LEU C 215 9.23 24.43 -54.26
CA LEU C 215 9.12 25.87 -54.43
C LEU C 215 9.12 26.57 -53.07
N PRO C 216 10.20 27.23 -52.66
CA PRO C 216 10.13 28.12 -51.50
C PRO C 216 9.27 29.32 -51.87
N HIS C 217 8.74 29.97 -50.85
CA HIS C 217 8.15 31.29 -51.00
C HIS C 217 9.26 32.24 -51.45
N GLU C 218 8.87 33.23 -52.27
CA GLU C 218 9.82 34.13 -52.92
C GLU C 218 10.81 34.72 -51.94
N ASP C 219 10.39 35.09 -50.72
CA ASP C 219 11.29 35.76 -49.78
C ASP C 219 12.43 34.82 -49.33
N ASP C 220 12.17 33.52 -49.43
CA ASP C 220 13.11 32.48 -49.00
C ASP C 220 13.94 31.92 -50.14
N TYR C 221 13.63 32.31 -51.39
CA TYR C 221 14.31 31.80 -52.57
C TYR C 221 15.82 32.04 -52.55
N TYR C 222 16.24 33.25 -52.16
CA TYR C 222 17.65 33.61 -52.04
C TYR C 222 18.40 32.61 -51.16
N ALA C 223 17.91 32.41 -49.94
CA ALA C 223 18.56 31.49 -49.01
C ALA C 223 18.53 30.06 -49.55
N ALA C 224 17.39 29.62 -50.03
CA ALA C 224 17.20 28.25 -50.52
C ALA C 224 18.10 27.96 -51.72
N ALA C 225 18.21 28.93 -52.66
CA ALA C 225 19.03 28.78 -53.84
C ALA C 225 20.51 28.68 -53.42
N ARG C 226 20.92 29.37 -52.35
CA ARG C 226 22.29 29.24 -51.86
C ARG C 226 22.54 27.89 -51.18
N ILE C 227 21.52 27.34 -50.53
CA ILE C 227 21.64 26.00 -49.94
C ILE C 227 21.88 24.96 -51.03
N ASN C 228 21.03 24.97 -52.07
CA ASN C 228 21.13 23.94 -53.08
C ASN C 228 20.83 24.55 -54.45
N PRO C 229 21.83 25.16 -55.12
CA PRO C 229 21.58 25.85 -56.39
C PRO C 229 21.21 24.94 -57.56
N GLU C 230 21.58 23.67 -57.47
CA GLU C 230 21.22 22.68 -58.48
C GLU C 230 19.74 22.40 -58.42
N ARG C 231 19.18 22.23 -57.21
CA ARG C 231 17.79 21.79 -57.06
C ARG C 231 16.82 22.97 -56.99
N ILE C 232 17.25 24.06 -56.37
CA ILE C 232 16.35 25.18 -56.10
C ILE C 232 16.49 26.20 -57.23
N THR C 233 15.65 26.01 -58.26
CA THR C 233 15.68 26.78 -59.50
C THR C 233 14.38 27.54 -59.72
N ALA C 234 13.41 27.38 -58.80
CA ALA C 234 12.07 27.93 -58.99
C ALA C 234 11.55 28.36 -57.64
N PHE C 235 10.57 29.26 -57.64
CA PHE C 235 9.96 29.71 -56.39
C PHE C 235 8.52 30.11 -56.71
N TRP C 236 7.70 30.25 -55.67
CA TRP C 236 6.32 30.71 -55.82
C TRP C 236 6.21 32.13 -55.30
N SER C 237 5.35 32.91 -56.00
CA SER C 237 5.22 34.33 -55.71
C SER C 237 3.75 34.71 -55.60
N SER C 238 3.36 35.35 -54.49
CA SER C 238 2.12 36.10 -54.38
C SER C 238 2.40 37.59 -54.57
N GLY C 239 3.60 38.06 -54.21
CA GLY C 239 3.99 39.46 -54.40
C GLY C 239 3.86 39.93 -55.86
N ALA C 240 4.00 39.03 -56.81
CA ALA C 240 3.90 39.33 -58.23
C ALA C 240 2.53 39.88 -58.59
N MET C 241 1.50 39.62 -57.77
CA MET C 241 0.17 40.09 -58.03
C MET C 241 0.05 41.60 -57.75
N CYS C 242 1.13 42.17 -57.21
CA CYS C 242 1.25 43.60 -56.96
C CYS C 242 2.21 44.24 -57.98
N GLY C 243 2.57 43.46 -59.00
CA GLY C 243 3.52 43.84 -60.04
C GLY C 243 4.65 42.83 -60.11
N PRO C 244 4.76 42.06 -61.20
CA PRO C 244 5.73 40.97 -61.29
C PRO C 244 7.20 41.25 -61.57
N ALA C 245 7.56 42.54 -61.75
CA ALA C 245 8.93 42.84 -62.12
C ALA C 245 9.92 42.36 -61.05
N THR C 246 9.55 42.48 -59.77
CA THR C 246 10.44 42.11 -58.69
C THR C 246 10.80 40.63 -58.77
N ALA C 247 9.81 39.76 -58.95
CA ALA C 247 10.00 38.31 -59.05
C ALA C 247 10.85 37.96 -60.27
N ILE C 248 10.61 38.64 -61.40
CA ILE C 248 11.36 38.37 -62.58
C ILE C 248 12.82 38.80 -62.39
N MET C 249 13.03 39.94 -61.72
CA MET C 249 14.39 40.40 -61.49
C MET C 249 15.12 39.46 -60.52
N LEU C 250 14.41 39.02 -59.47
CA LEU C 250 14.98 38.04 -58.53
C LEU C 250 15.42 36.79 -59.29
N ARG C 251 14.52 36.22 -60.10
CA ARG C 251 14.80 35.05 -60.91
C ARG C 251 16.07 35.26 -61.73
N ASP C 252 16.11 36.38 -62.49
CA ASP C 252 17.20 36.61 -63.42
C ASP C 252 18.50 36.81 -62.66
N GLU C 253 18.46 37.50 -61.52
CA GLU C 253 19.67 37.85 -60.79
CA GLU C 253 19.66 37.85 -60.79
C GLU C 253 20.22 36.62 -60.07
N VAL C 254 19.32 35.71 -59.63
CA VAL C 254 19.76 34.46 -59.02
C VAL C 254 20.45 33.58 -60.07
N VAL C 255 19.93 33.50 -61.28
CA VAL C 255 20.61 32.80 -62.35
C VAL C 255 22.04 33.34 -62.50
N ARG C 256 22.19 34.65 -62.53
CA ARG C 256 23.49 35.29 -62.71
C ARG C 256 24.40 34.98 -61.52
N ALA C 257 23.86 35.06 -60.29
CA ALA C 257 24.61 34.77 -59.09
C ALA C 257 25.16 33.34 -59.09
N LYS C 258 24.36 32.39 -59.53
CA LYS C 258 24.80 31.01 -59.56
C LYS C 258 25.97 30.83 -60.53
N SER C 259 26.00 31.62 -61.61
CA SER C 259 27.05 31.56 -62.60
C SER C 259 28.31 32.32 -62.13
N THR C 260 28.15 33.50 -61.53
CA THR C 260 29.27 34.37 -61.23
C THR C 260 29.80 34.17 -59.82
N GLY C 261 28.96 33.64 -58.91
CA GLY C 261 29.27 33.61 -57.49
C GLY C 261 29.06 34.95 -56.77
N ASP C 262 28.54 35.95 -57.45
CA ASP C 262 28.30 37.25 -56.83
C ASP C 262 26.81 37.40 -56.52
N TRP C 263 26.50 37.30 -55.23
CA TRP C 263 25.12 37.16 -54.74
C TRP C 263 24.58 38.50 -54.25
N ALA C 264 25.34 39.61 -54.40
CA ALA C 264 24.99 40.83 -53.70
C ALA C 264 23.67 41.43 -54.22
N LYS C 265 23.44 41.42 -55.52
CA LYS C 265 22.25 42.04 -56.07
C LYS C 265 21.02 41.19 -55.75
N ALA C 266 21.17 39.86 -55.81
CA ALA C 266 20.07 38.96 -55.48
C ALA C 266 19.69 39.18 -54.02
N LYS C 267 20.70 39.37 -53.18
CA LYS C 267 20.49 39.61 -51.75
C LYS C 267 19.73 40.92 -51.55
N ALA C 268 20.08 41.97 -52.32
CA ALA C 268 19.42 43.25 -52.16
C ALA C 268 17.94 43.16 -52.55
N ILE C 269 17.64 42.43 -53.65
CA ILE C 269 16.27 42.28 -54.11
C ILE C 269 15.49 41.50 -53.05
N SER C 270 16.04 40.38 -52.57
CA SER C 270 15.41 39.55 -51.56
C SER C 270 15.12 40.35 -50.29
N ASP C 271 16.06 41.19 -49.86
CA ASP C 271 15.87 41.99 -48.66
C ASP C 271 14.74 43.02 -48.83
N ASP C 272 14.63 43.60 -50.04
CA ASP C 272 13.53 44.49 -50.40
C ASP C 272 12.17 43.78 -50.29
N MET C 273 12.13 42.52 -50.76
CA MET C 273 10.92 41.73 -50.69
CA MET C 273 10.92 41.73 -50.69
C MET C 273 10.47 41.48 -49.25
N ARG C 274 11.37 41.07 -48.40
CA ARG C 274 11.06 40.87 -46.98
C ARG C 274 10.55 42.17 -46.34
N ALA C 275 11.19 43.32 -46.63
CA ALA C 275 10.70 44.58 -46.10
C ALA C 275 9.28 44.88 -46.58
N ALA C 276 8.99 44.63 -47.85
CA ALA C 276 7.65 44.89 -48.37
C ALA C 276 6.58 44.03 -47.66
N ASP C 277 6.97 42.81 -47.25
CA ASP C 277 6.10 41.89 -46.54
C ASP C 277 5.98 42.24 -45.07
N SER C 278 6.79 43.19 -44.56
CA SER C 278 6.97 43.27 -43.11
C SER C 278 5.70 43.72 -42.38
N THR C 279 4.75 44.39 -43.03
CA THR C 279 3.54 44.87 -42.37
C THR C 279 2.33 43.97 -42.61
N LEU C 280 2.48 42.88 -43.33
CA LEU C 280 1.33 42.11 -43.76
C LEU C 280 0.61 41.42 -42.58
N PHE C 281 1.37 40.75 -41.73
CA PHE C 281 0.81 40.00 -40.61
C PHE C 281 0.28 40.92 -39.51
N PRO C 282 -0.98 40.72 -39.07
CA PRO C 282 -1.57 41.50 -37.97
C PRO C 282 -0.70 41.31 -36.74
N ARG C 283 -0.19 42.43 -36.21
CA ARG C 283 0.68 42.47 -35.04
C ARG C 283 1.84 41.49 -35.19
N GLY C 284 2.28 41.23 -36.41
CA GLY C 284 3.40 40.35 -36.66
C GLY C 284 3.06 38.90 -36.34
N ASP C 285 1.77 38.60 -36.21
CA ASP C 285 1.34 37.30 -35.71
C ASP C 285 0.81 36.42 -36.84
N PHE C 286 1.46 35.30 -37.08
CA PHE C 286 1.11 34.41 -38.17
C PHE C 286 -0.26 33.74 -37.95
N SER C 287 -0.61 33.45 -36.68
CA SER C 287 -1.88 32.80 -36.39
C SER C 287 -3.03 33.74 -36.77
N GLU C 288 -2.83 35.04 -36.51
CA GLU C 288 -3.77 36.07 -36.92
C GLU C 288 -3.77 36.19 -38.46
N PHE C 289 -2.60 36.16 -39.12
CA PHE C 289 -2.57 36.17 -40.58
C PHE C 289 -3.38 35.00 -41.17
N SER C 290 -3.26 33.84 -40.53
CA SER C 290 -3.90 32.63 -41.02
C SER C 290 -5.41 32.76 -41.02
N LYS C 291 -5.96 33.46 -40.02
CA LYS C 291 -7.39 33.67 -39.95
C LYS C 291 -7.86 34.59 -41.07
N TYR C 292 -7.01 35.55 -41.48
CA TYR C 292 -7.46 36.57 -42.43
C TYR C 292 -6.67 36.49 -43.75
N ASN C 293 -6.13 35.29 -44.05
CA ASN C 293 -5.25 34.98 -45.18
C ASN C 293 -5.92 35.51 -46.46
N ILE C 294 -7.22 35.23 -46.62
CA ILE C 294 -7.90 35.59 -47.85
C ILE C 294 -8.03 37.11 -47.95
N GLY C 295 -8.65 37.72 -46.93
CA GLY C 295 -8.97 39.13 -46.97
C GLY C 295 -7.71 40.00 -47.05
N LEU C 296 -6.68 39.56 -46.33
CA LEU C 296 -5.43 40.34 -46.26
C LEU C 296 -4.72 40.28 -47.63
N GLU C 297 -4.64 39.11 -48.24
CA GLU C 297 -3.97 39.00 -49.53
C GLU C 297 -4.74 39.81 -50.58
N LYS C 298 -6.05 39.65 -50.63
CA LYS C 298 -6.88 40.33 -51.63
C LYS C 298 -6.82 41.86 -51.40
N ALA C 299 -6.85 42.32 -50.16
CA ALA C 299 -6.75 43.74 -49.86
C ALA C 299 -5.39 44.33 -50.30
N ARG C 300 -4.31 43.58 -50.10
CA ARG C 300 -3.00 44.04 -50.51
C ARG C 300 -2.92 44.18 -52.02
N MET C 301 -3.44 43.20 -52.73
CA MET C 301 -3.50 43.29 -54.19
C MET C 301 -4.34 44.47 -54.66
N ASP C 302 -5.52 44.67 -54.06
CA ASP C 302 -6.35 45.83 -54.37
C ASP C 302 -5.58 47.11 -54.13
N ALA C 303 -4.84 47.22 -53.02
CA ALA C 303 -4.12 48.46 -52.74
C ALA C 303 -2.99 48.69 -53.75
N ALA C 304 -2.32 47.61 -54.19
CA ALA C 304 -1.22 47.74 -55.12
C ALA C 304 -1.64 48.26 -56.48
N GLY C 305 -2.83 47.89 -56.95
CA GLY C 305 -3.38 48.52 -58.15
C GLY C 305 -2.96 47.82 -59.44
N TRP C 306 -2.23 46.69 -59.34
CA TRP C 306 -1.79 46.00 -60.53
C TRP C 306 -2.90 45.11 -61.07
N LEU C 307 -3.74 44.63 -60.17
CA LEU C 307 -4.93 43.87 -60.53
C LEU C 307 -6.04 44.16 -59.51
N LYS C 308 -7.25 43.73 -59.85
CA LYS C 308 -8.43 43.89 -59.01
C LYS C 308 -8.85 42.53 -58.48
N ALA C 309 -8.47 42.26 -57.22
CA ALA C 309 -8.79 40.98 -56.63
C ALA C 309 -10.27 40.96 -56.21
N GLY C 310 -10.71 42.05 -55.59
CA GLY C 310 -12.14 42.25 -55.35
C GLY C 310 -12.59 41.66 -54.01
N PRO C 311 -13.89 41.78 -53.69
CA PRO C 311 -14.41 41.31 -52.40
C PRO C 311 -14.27 39.77 -52.21
N CYS C 312 -14.25 39.36 -50.95
CA CYS C 312 -14.10 37.99 -50.56
C CYS C 312 -15.47 37.31 -50.48
N ARG C 313 -15.51 36.09 -50.99
CA ARG C 313 -16.70 35.26 -50.94
C ARG C 313 -16.96 34.80 -49.51
N PRO C 314 -18.25 34.66 -49.15
CA PRO C 314 -18.63 34.31 -47.78
C PRO C 314 -18.18 32.87 -47.46
N PRO C 315 -17.77 32.59 -46.22
CA PRO C 315 -17.91 33.50 -45.09
C PRO C 315 -16.80 34.50 -44.77
N TYR C 316 -15.68 34.45 -45.51
CA TYR C 316 -14.44 35.13 -45.08
C TYR C 316 -14.37 36.55 -45.63
N ASN C 317 -15.40 37.33 -45.33
CA ASN C 317 -15.63 38.61 -45.95
C ASN C 317 -15.57 39.74 -44.92
N LEU C 318 -15.02 39.50 -43.71
CA LEU C 318 -14.88 40.55 -42.70
CA LEU C 318 -14.87 40.56 -42.72
C LEU C 318 -13.47 40.51 -42.11
N VAL C 319 -12.70 41.61 -42.24
CA VAL C 319 -11.36 41.69 -41.70
C VAL C 319 -11.28 42.90 -40.79
N PRO C 320 -10.77 42.81 -39.54
CA PRO C 320 -10.65 43.99 -38.68
C PRO C 320 -9.94 45.14 -39.40
N GLU C 321 -10.50 46.34 -39.32
CA GLU C 321 -10.03 47.49 -40.09
C GLU C 321 -8.54 47.74 -39.85
N ASP C 322 -8.09 47.58 -38.60
CA ASP C 322 -6.72 47.84 -38.22
C ASP C 322 -5.75 46.93 -38.98
N TYR C 323 -6.19 45.72 -39.32
CA TYR C 323 -5.34 44.75 -39.99
C TYR C 323 -5.23 45.10 -41.47
N LEU C 324 -6.20 45.85 -41.98
CA LEU C 324 -6.27 46.14 -43.40
C LEU C 324 -5.15 47.09 -43.75
N ALA C 325 -4.87 48.10 -42.89
CA ALA C 325 -3.85 49.08 -43.18
C ALA C 325 -2.50 48.39 -43.41
N GLY C 326 -2.17 47.34 -42.63
CA GLY C 326 -0.88 46.70 -42.79
C GLY C 326 -0.78 46.00 -44.14
N ALA C 327 -1.89 45.35 -44.56
CA ALA C 327 -1.95 44.69 -45.86
C ALA C 327 -1.82 45.70 -46.99
N GLN C 328 -2.50 46.86 -46.85
CA GLN C 328 -2.50 47.89 -47.88
C GLN C 328 -1.11 48.48 -48.00
N LYS C 329 -0.46 48.71 -46.86
CA LYS C 329 0.91 49.22 -46.85
C LYS C 329 1.86 48.26 -47.55
N SER C 330 1.67 46.94 -47.35
CA SER C 330 2.47 45.94 -48.01
C SER C 330 2.23 45.99 -49.52
N GLY C 331 0.97 46.11 -49.93
CA GLY C 331 0.62 46.24 -51.34
C GLY C 331 1.31 47.44 -51.99
N LYS C 332 1.33 48.58 -51.30
CA LYS C 332 2.01 49.79 -51.82
C LYS C 332 3.52 49.54 -51.93
N ALA C 333 4.09 48.85 -50.95
CA ALA C 333 5.52 48.59 -50.95
C ALA C 333 5.89 47.70 -52.13
N TRP C 334 5.08 46.64 -52.37
CA TRP C 334 5.35 45.78 -53.51
C TRP C 334 5.16 46.54 -54.84
N ALA C 335 4.15 47.43 -54.91
CA ALA C 335 3.96 48.21 -56.13
C ALA C 335 5.20 49.09 -56.39
N ALA C 336 5.76 49.67 -55.35
CA ALA C 336 6.98 50.48 -55.42
C ALA C 336 8.18 49.65 -55.90
N LEU C 337 8.31 48.42 -55.40
CA LEU C 337 9.32 47.52 -55.92
C LEU C 337 9.12 47.23 -57.39
N HIS C 338 7.86 46.99 -57.82
CA HIS C 338 7.58 46.71 -59.22
C HIS C 338 8.02 47.90 -60.10
N ALA C 339 7.76 49.11 -59.66
CA ALA C 339 8.18 50.29 -60.42
C ALA C 339 9.71 50.33 -60.51
N LYS C 340 10.39 50.06 -59.38
CA LYS C 340 11.82 50.12 -59.29
C LYS C 340 12.45 49.07 -60.20
N TYR C 341 11.97 47.83 -60.13
CA TYR C 341 12.57 46.75 -60.89
C TYR C 341 12.13 46.79 -62.37
N SER C 342 10.94 47.31 -62.69
CA SER C 342 10.58 47.50 -64.07
C SER C 342 11.65 48.30 -64.80
N ASN C 343 12.13 49.36 -64.15
CA ASN C 343 13.15 50.24 -64.71
C ASN C 343 14.50 49.54 -64.82
N GLU C 344 14.80 48.60 -63.93
CA GLU C 344 16.07 47.88 -63.97
C GLU C 344 16.04 46.77 -65.01
N LEU C 345 14.85 46.30 -65.40
CA LEU C 345 14.77 45.29 -66.44
C LEU C 345 15.01 45.94 -67.80
N LYS C 346 14.75 47.27 -67.88
CA LYS C 346 14.96 48.11 -69.06
C LYS C 346 16.37 48.73 -69.05
N THR D 20 41.47 39.06 -19.53
CA THR D 20 40.07 38.63 -19.28
C THR D 20 39.09 39.71 -19.76
N SER D 21 39.22 40.13 -21.03
CA SER D 21 38.30 41.09 -21.62
C SER D 21 37.14 40.37 -22.31
N ARG D 22 35.99 41.04 -22.39
CA ARG D 22 34.73 40.34 -22.62
C ARG D 22 34.70 39.83 -24.05
N LEU D 23 34.23 38.58 -24.21
CA LEU D 23 34.08 37.97 -25.53
C LEU D 23 33.20 38.85 -26.40
N THR D 24 33.49 38.85 -27.71
CA THR D 24 32.56 39.41 -28.68
C THR D 24 32.25 38.33 -29.71
N ALA D 25 31.30 38.62 -30.59
CA ALA D 25 30.92 37.72 -31.68
C ALA D 25 32.10 37.34 -32.54
N GLU D 26 33.03 38.29 -32.76
CA GLU D 26 34.24 38.05 -33.54
C GLU D 26 35.06 36.90 -32.97
N ASP D 27 34.97 36.65 -31.68
CA ASP D 27 35.74 35.62 -31.02
C ASP D 27 35.06 34.26 -31.03
N ILE D 28 33.88 34.15 -31.65
CA ILE D 28 33.10 32.93 -31.61
C ILE D 28 33.13 32.29 -33.00
N ASN D 29 33.90 31.22 -33.13
CA ASN D 29 34.09 30.55 -34.43
C ASN D 29 34.16 29.04 -34.22
N GLY D 30 33.85 28.29 -35.25
CA GLY D 30 34.10 26.85 -35.25
C GLY D 30 33.09 26.03 -34.46
N ALA D 31 33.60 24.96 -33.83
CA ALA D 31 32.80 23.94 -33.18
C ALA D 31 32.68 24.26 -31.70
N TRP D 32 31.43 24.57 -31.29
CA TRP D 32 31.09 24.87 -29.91
C TRP D 32 30.28 23.70 -29.39
N THR D 33 30.87 22.93 -28.46
CA THR D 33 30.29 21.68 -28.00
C THR D 33 29.63 21.89 -26.66
N ILE D 34 28.39 21.40 -26.53
CA ILE D 34 27.62 21.49 -25.31
C ILE D 34 27.73 20.20 -24.52
N MET D 35 28.28 20.32 -23.33
CA MET D 35 28.60 19.16 -22.50
C MET D 35 27.48 18.96 -21.49
N PRO D 36 27.23 17.68 -21.11
CA PRO D 36 26.31 17.38 -20.01
C PRO D 36 26.97 17.68 -18.67
N THR D 37 26.20 17.46 -17.62
CA THR D 37 26.66 17.52 -16.26
C THR D 37 26.71 16.08 -15.75
N PRO D 38 27.90 15.45 -15.75
CA PRO D 38 28.02 14.03 -15.41
C PRO D 38 27.45 13.76 -14.02
N SER D 39 26.73 12.63 -13.93
CA SER D 39 26.04 12.19 -12.75
C SER D 39 26.78 11.06 -12.05
N THR D 40 26.78 11.08 -10.73
CA THR D 40 27.08 9.89 -9.93
C THR D 40 25.98 8.84 -10.05
N PRO D 41 26.25 7.55 -9.72
CA PRO D 41 25.21 6.52 -9.80
C PRO D 41 23.92 6.79 -9.03
N ASP D 42 23.97 7.56 -7.94
CA ASP D 42 22.80 7.82 -7.12
C ASP D 42 22.04 9.10 -7.52
N ALA D 43 22.30 9.66 -8.72
CA ALA D 43 21.83 10.99 -9.03
C ALA D 43 20.31 11.05 -9.27
N SER D 44 19.64 9.92 -9.54
CA SER D 44 18.19 9.93 -9.71
C SER D 44 17.41 10.06 -8.39
N ASP D 45 18.09 9.83 -7.26
CA ASP D 45 17.41 9.76 -5.97
C ASP D 45 17.39 11.16 -5.35
N TRP D 46 16.20 11.63 -5.01
CA TRP D 46 16.04 12.95 -4.40
C TRP D 46 16.80 13.10 -3.09
N ARG D 47 17.16 11.99 -2.43
CA ARG D 47 17.91 12.04 -1.19
C ARG D 47 19.38 12.42 -1.43
N SER D 48 19.88 12.28 -2.66
CA SER D 48 21.29 12.48 -2.94
C SER D 48 21.61 13.97 -2.97
N THR D 49 22.76 14.37 -2.43
CA THR D 49 23.08 15.80 -2.30
C THR D 49 24.28 16.25 -3.14
N ALA D 50 25.15 15.34 -3.54
CA ALA D 50 26.32 15.82 -4.27
C ALA D 50 26.50 14.93 -5.49
N THR D 51 25.72 15.17 -6.54
CA THR D 51 25.55 14.16 -7.57
C THR D 51 26.40 14.43 -8.81
N VAL D 52 27.29 15.45 -8.78
CA VAL D 52 28.12 15.69 -9.95
C VAL D 52 29.41 14.83 -9.86
N ASP D 53 29.71 14.04 -10.89
CA ASP D 53 31.02 13.40 -11.01
C ASP D 53 31.99 14.43 -11.54
N LEU D 54 32.73 15.03 -10.61
CA LEU D 54 33.60 16.14 -10.91
C LEU D 54 34.83 15.65 -11.68
N GLU D 55 35.28 14.40 -11.43
CA GLU D 55 36.41 13.94 -12.19
C GLU D 55 36.02 13.67 -13.65
N GLU D 56 34.85 13.06 -13.91
CA GLU D 56 34.36 12.85 -15.25
C GLU D 56 34.19 14.20 -15.94
N THR D 57 33.74 15.21 -15.20
CA THR D 57 33.63 16.57 -15.73
C THR D 57 35.01 17.06 -16.24
N ALA D 58 36.04 16.94 -15.41
CA ALA D 58 37.40 17.36 -15.77
C ALA D 58 37.90 16.58 -16.98
N ARG D 59 37.61 15.27 -17.02
CA ARG D 59 38.08 14.40 -18.09
C ARG D 59 37.43 14.81 -19.42
N ILE D 60 36.12 15.09 -19.37
CA ILE D 60 35.42 15.54 -20.58
C ILE D 60 36.02 16.83 -21.10
N VAL D 61 36.24 17.81 -20.23
CA VAL D 61 36.78 19.10 -20.63
C VAL D 61 38.14 18.95 -21.31
N GLU D 62 39.04 18.16 -20.71
CA GLU D 62 40.36 17.98 -21.30
C GLU D 62 40.26 17.29 -22.65
N GLU D 63 39.38 16.28 -22.78
CA GLU D 63 39.16 15.57 -24.01
C GLU D 63 38.67 16.50 -25.09
N LEU D 64 37.75 17.42 -24.73
CA LEU D 64 37.21 18.34 -25.71
C LEU D 64 38.31 19.29 -26.19
N ILE D 65 39.10 19.83 -25.25
CA ILE D 65 40.20 20.71 -25.61
C ILE D 65 41.14 19.94 -26.55
N ALA D 66 41.48 18.68 -26.17
CA ALA D 66 42.39 17.89 -27.00
C ALA D 66 41.88 17.67 -28.41
N ALA D 67 40.56 17.54 -28.55
CA ALA D 67 39.96 17.34 -29.87
C ALA D 67 40.05 18.60 -30.71
N GLY D 68 40.34 19.76 -30.11
CA GLY D 68 40.43 21.00 -30.87
C GLY D 68 39.10 21.78 -30.90
N VAL D 69 38.20 21.55 -29.94
CA VAL D 69 36.95 22.32 -29.87
C VAL D 69 37.28 23.79 -29.65
N ASN D 70 36.43 24.65 -30.21
CA ASN D 70 36.66 26.07 -30.14
C ASN D 70 36.14 26.69 -28.86
N GLY D 71 35.05 26.13 -28.34
CA GLY D 71 34.47 26.63 -27.11
C GLY D 71 33.56 25.59 -26.50
N ILE D 72 33.24 25.79 -25.22
CA ILE D 72 32.39 24.84 -24.52
C ILE D 72 31.15 25.57 -23.98
N LEU D 73 29.99 24.98 -24.27
CA LEU D 73 28.73 25.39 -23.69
C LEU D 73 28.29 24.31 -22.71
N SER D 74 27.41 24.69 -21.79
CA SER D 74 26.94 23.79 -20.75
C SER D 74 25.62 24.33 -20.17
N MET D 75 24.93 23.47 -19.41
CA MET D 75 23.88 23.89 -18.48
C MET D 75 22.67 24.46 -19.24
N GLY D 76 22.34 23.81 -20.36
CA GLY D 76 21.04 23.96 -20.99
C GLY D 76 20.05 22.95 -20.40
N THR D 77 19.19 22.43 -21.25
CA THR D 77 18.18 21.48 -20.84
C THR D 77 18.82 20.14 -20.46
N PHE D 78 19.49 19.46 -21.41
CA PHE D 78 20.01 18.14 -21.10
C PHE D 78 21.16 18.25 -20.09
N GLY D 79 21.77 19.43 -19.98
CA GLY D 79 22.79 19.72 -18.99
C GLY D 79 22.26 19.85 -17.57
N GLU D 80 20.91 19.83 -17.41
CA GLU D 80 20.25 19.73 -16.14
C GLU D 80 20.44 20.98 -15.31
N CYS D 81 20.57 22.15 -15.95
CA CYS D 81 20.37 23.42 -15.27
C CYS D 81 19.12 23.43 -14.37
N ALA D 82 18.02 22.76 -14.78
CA ALA D 82 16.80 22.80 -14.01
C ALA D 82 16.92 21.99 -12.72
N THR D 83 17.72 20.89 -12.74
CA THR D 83 17.62 19.91 -11.66
C THR D 83 18.87 19.75 -10.79
N LEU D 84 19.95 20.48 -11.10
CA LEU D 84 21.12 20.58 -10.24
C LEU D 84 20.82 21.48 -9.04
N THR D 85 21.42 21.19 -7.89
CA THR D 85 21.37 22.13 -6.78
C THR D 85 22.42 23.20 -7.02
N TRP D 86 22.34 24.30 -6.28
CA TRP D 86 23.26 25.41 -6.42
C TRP D 86 24.69 24.99 -6.06
N ASP D 87 24.86 24.22 -5.01
CA ASP D 87 26.20 23.80 -4.63
C ASP D 87 26.79 22.91 -5.74
N GLU D 88 25.98 22.04 -6.35
CA GLU D 88 26.41 21.22 -7.47
C GLU D 88 26.87 22.07 -8.65
N LYS D 89 26.09 23.10 -8.98
CA LYS D 89 26.40 24.02 -10.03
C LYS D 89 27.72 24.73 -9.79
N ARG D 90 27.93 25.22 -8.58
CA ARG D 90 29.18 25.91 -8.25
C ARG D 90 30.35 24.95 -8.36
N ASP D 91 30.20 23.73 -7.88
CA ASP D 91 31.29 22.76 -7.92
C ASP D 91 31.61 22.37 -9.37
N TYR D 92 30.58 22.14 -10.19
CA TYR D 92 30.75 21.81 -11.59
C TYR D 92 31.52 22.92 -12.33
N VAL D 93 31.03 24.16 -12.20
CA VAL D 93 31.65 25.26 -12.87
C VAL D 93 33.11 25.47 -12.39
N SER D 94 33.35 25.32 -11.06
CA SER D 94 34.70 25.49 -10.52
C SER D 94 35.63 24.50 -11.18
N THR D 95 35.20 23.23 -11.28
CA THR D 95 36.00 22.17 -11.85
C THR D 95 36.29 22.46 -13.33
N ILE D 96 35.28 22.91 -14.06
CA ILE D 96 35.45 23.28 -15.46
C ILE D 96 36.49 24.40 -15.60
N VAL D 97 36.36 25.46 -14.80
CA VAL D 97 37.21 26.61 -14.94
C VAL D 97 38.68 26.22 -14.63
N GLU D 98 38.88 25.47 -13.56
CA GLU D 98 40.20 25.02 -13.15
C GLU D 98 40.83 24.13 -14.22
N THR D 99 40.02 23.30 -14.89
CA THR D 99 40.50 22.40 -15.92
C THR D 99 40.89 23.19 -17.16
N ILE D 100 40.03 24.13 -17.59
CA ILE D 100 40.23 24.86 -18.83
C ILE D 100 41.50 25.71 -18.72
N ARG D 101 41.67 26.34 -17.56
CA ARG D 101 42.78 27.25 -17.30
C ARG D 101 42.94 28.22 -18.45
N GLY D 102 41.82 28.86 -18.83
CA GLY D 102 41.81 29.95 -19.80
C GLY D 102 42.05 29.52 -21.24
N ARG D 103 42.12 28.23 -21.56
CA ARG D 103 42.53 27.83 -22.91
C ARG D 103 41.45 27.99 -23.98
N VAL D 104 40.17 27.83 -23.60
CA VAL D 104 39.07 28.02 -24.53
C VAL D 104 37.97 28.76 -23.78
N PRO D 105 37.09 29.48 -24.49
CA PRO D 105 35.97 30.14 -23.83
C PRO D 105 34.93 29.13 -23.35
N TYR D 106 34.24 29.49 -22.25
CA TYR D 106 33.34 28.58 -21.55
C TYR D 106 32.11 29.37 -21.10
N PHE D 107 30.93 28.84 -21.45
CA PHE D 107 29.65 29.37 -21.02
C PHE D 107 29.00 28.38 -20.06
N CYS D 108 28.69 28.89 -18.86
CA CYS D 108 27.79 28.25 -17.92
C CYS D 108 26.34 28.54 -18.40
N GLY D 109 25.36 28.10 -17.62
CA GLY D 109 23.96 28.42 -17.84
C GLY D 109 23.28 28.87 -16.55
N THR D 110 22.47 29.94 -16.59
CA THR D 110 21.87 30.47 -15.36
C THR D 110 20.38 30.77 -15.52
N THR D 111 19.72 30.10 -16.46
CA THR D 111 18.28 30.23 -16.61
C THR D 111 17.62 29.87 -15.29
N ALA D 112 16.67 30.71 -14.84
CA ALA D 112 16.04 30.52 -13.54
C ALA D 112 14.63 31.14 -13.61
N LEU D 113 13.92 31.13 -12.48
CA LEU D 113 12.50 31.50 -12.43
C LEU D 113 12.29 33.01 -12.43
N ASN D 114 13.34 33.80 -12.15
CA ASN D 114 13.15 35.22 -12.05
C ASN D 114 14.47 35.95 -12.25
N THR D 115 14.36 37.27 -12.49
CA THR D 115 15.49 38.07 -12.90
C THR D 115 16.53 38.15 -11.80
N ARG D 116 16.09 38.31 -10.55
CA ARG D 116 17.03 38.42 -9.45
C ARG D 116 17.85 37.16 -9.25
N GLU D 117 17.23 35.97 -9.39
CA GLU D 117 17.92 34.71 -9.26
C GLU D 117 18.91 34.52 -10.41
N VAL D 118 18.51 34.90 -11.62
CA VAL D 118 19.42 34.84 -12.74
C VAL D 118 20.66 35.66 -12.45
N ILE D 119 20.44 36.90 -12.00
CA ILE D 119 21.56 37.80 -11.74
C ILE D 119 22.46 37.21 -10.66
N ARG D 120 21.91 36.71 -9.56
CA ARG D 120 22.66 36.14 -8.45
C ARG D 120 23.56 35.03 -8.97
N GLN D 121 22.97 34.10 -9.73
CA GLN D 121 23.70 32.95 -10.21
C GLN D 121 24.77 33.37 -11.23
N THR D 122 24.41 34.29 -12.13
CA THR D 122 25.31 34.75 -13.18
C THR D 122 26.53 35.42 -12.55
N ARG D 123 26.31 36.30 -11.57
CA ARG D 123 27.43 36.97 -10.93
C ARG D 123 28.40 35.96 -10.32
N GLU D 124 27.87 34.97 -9.58
CA GLU D 124 28.72 33.99 -8.92
C GLU D 124 29.48 33.11 -9.92
N LEU D 125 28.83 32.60 -10.96
CA LEU D 125 29.49 31.71 -11.91
C LEU D 125 30.52 32.46 -12.76
N ILE D 126 30.23 33.71 -13.16
CA ILE D 126 31.21 34.50 -13.88
C ILE D 126 32.39 34.78 -12.94
N ASP D 127 32.11 35.09 -11.67
CA ASP D 127 33.16 35.30 -10.68
C ASP D 127 34.07 34.07 -10.56
N ILE D 128 33.50 32.87 -10.62
CA ILE D 128 34.29 31.66 -10.50
C ILE D 128 35.22 31.57 -11.70
N GLY D 129 34.76 32.06 -12.86
CA GLY D 129 35.59 32.17 -14.03
C GLY D 129 34.95 31.73 -15.35
N ALA D 130 33.63 31.50 -15.41
CA ALA D 130 32.99 31.34 -16.72
C ALA D 130 33.10 32.66 -17.49
N ASN D 131 33.12 32.59 -18.81
CA ASN D 131 33.22 33.80 -19.65
C ASN D 131 31.82 34.37 -19.92
N GLY D 132 30.79 33.51 -19.91
CA GLY D 132 29.46 33.97 -20.22
C GLY D 132 28.44 32.95 -19.75
N THR D 133 27.17 33.30 -19.96
CA THR D 133 26.05 32.43 -19.59
C THR D 133 25.18 32.20 -20.82
N MET D 134 24.82 30.94 -20.98
CA MET D 134 23.86 30.50 -21.96
C MET D 134 22.52 30.58 -21.25
N LEU D 135 21.68 31.52 -21.71
CA LEU D 135 20.58 32.03 -20.91
C LEU D 135 19.26 32.07 -21.67
N GLY D 136 18.30 31.28 -21.15
CA GLY D 136 16.92 31.25 -21.61
C GLY D 136 16.11 32.28 -20.82
N VAL D 137 14.78 32.26 -20.92
CA VAL D 137 13.98 33.19 -20.15
C VAL D 137 13.20 32.44 -19.07
N PRO D 138 12.90 33.13 -17.95
CA PRO D 138 11.96 32.62 -16.96
C PRO D 138 10.68 32.12 -17.62
N MET D 139 10.20 30.95 -17.17
CA MET D 139 9.18 30.29 -17.97
C MET D 139 7.96 29.82 -17.18
N TRP D 140 7.86 30.12 -15.89
CA TRP D 140 6.62 29.78 -15.17
C TRP D 140 5.43 30.49 -15.81
N VAL D 141 5.62 31.76 -16.09
CA VAL D 141 4.69 32.56 -16.89
C VAL D 141 5.40 32.84 -18.22
N LYS D 142 4.66 32.60 -19.30
CA LYS D 142 5.11 32.90 -20.66
C LYS D 142 5.41 34.40 -20.78
N MET D 143 6.65 34.72 -21.12
CA MET D 143 7.02 36.11 -21.37
C MET D 143 6.43 36.64 -22.68
N ASP D 144 6.19 37.95 -22.72
CA ASP D 144 5.95 38.65 -23.96
C ASP D 144 7.22 39.31 -24.47
N LEU D 145 7.14 39.93 -25.67
CA LEU D 145 8.31 40.53 -26.32
C LEU D 145 8.98 41.59 -25.44
N PRO D 146 8.31 42.70 -25.03
CA PRO D 146 9.03 43.69 -24.23
C PRO D 146 9.58 43.17 -22.90
N THR D 147 8.89 42.23 -22.25
CA THR D 147 9.34 41.63 -20.98
CA THR D 147 9.39 41.69 -20.97
C THR D 147 10.64 40.84 -21.21
N ALA D 148 10.66 40.06 -22.29
CA ALA D 148 11.86 39.27 -22.61
C ALA D 148 13.04 40.18 -22.93
N VAL D 149 12.81 41.23 -23.73
CA VAL D 149 13.87 42.18 -24.02
C VAL D 149 14.42 42.79 -22.75
N GLN D 150 13.55 43.29 -21.87
CA GLN D 150 13.97 43.97 -20.67
CA GLN D 150 13.98 43.97 -20.67
C GLN D 150 14.72 42.99 -19.75
N PHE D 151 14.29 41.74 -19.74
CA PHE D 151 14.97 40.72 -18.94
C PHE D 151 16.45 40.63 -19.32
N TYR D 152 16.77 40.49 -20.62
CA TYR D 152 18.14 40.40 -21.05
C TYR D 152 18.89 41.72 -20.82
N ARG D 153 18.22 42.87 -20.98
CA ARG D 153 18.80 44.15 -20.67
C ARG D 153 19.19 44.25 -19.20
N ASP D 154 18.29 43.76 -18.34
CA ASP D 154 18.48 43.78 -16.88
C ASP D 154 19.68 42.94 -16.50
N VAL D 155 19.83 41.74 -17.11
CA VAL D 155 20.94 40.85 -16.76
C VAL D 155 22.25 41.49 -17.18
N ALA D 156 22.29 42.01 -18.41
CA ALA D 156 23.47 42.65 -18.96
C ALA D 156 23.85 43.91 -18.17
N ASP D 157 22.85 44.67 -17.74
CA ASP D 157 23.06 45.83 -16.86
C ASP D 157 23.68 45.41 -15.52
N ALA D 158 23.17 44.32 -14.96
CA ALA D 158 23.58 43.88 -13.63
C ALA D 158 24.96 43.18 -13.62
N VAL D 159 25.27 42.46 -14.70
CA VAL D 159 26.49 41.68 -14.78
C VAL D 159 27.20 42.06 -16.07
N PRO D 160 27.71 43.30 -16.20
CA PRO D 160 28.23 43.79 -17.49
C PRO D 160 29.43 43.04 -18.03
N GLU D 161 30.12 42.31 -17.16
CA GLU D 161 31.29 41.54 -17.54
C GLU D 161 30.89 40.18 -18.16
N ALA D 162 29.61 39.75 -18.05
CA ALA D 162 29.21 38.46 -18.61
C ALA D 162 28.88 38.58 -20.08
N ALA D 163 29.49 37.75 -20.93
CA ALA D 163 28.91 37.52 -22.24
C ALA D 163 27.62 36.70 -22.09
N ILE D 164 26.69 36.92 -23.00
CA ILE D 164 25.43 36.18 -23.02
C ILE D 164 25.30 35.45 -24.35
N ALA D 165 24.91 34.17 -24.24
CA ALA D 165 24.44 33.35 -25.33
C ALA D 165 22.94 33.17 -25.16
N ILE D 166 22.15 33.71 -26.11
CA ILE D 166 20.72 33.55 -26.04
C ILE D 166 20.36 32.09 -26.27
N TYR D 167 19.64 31.51 -25.30
CA TYR D 167 19.26 30.09 -25.41
C TYR D 167 17.84 30.06 -25.93
N ALA D 168 17.73 30.00 -27.26
CA ALA D 168 16.47 30.23 -27.93
C ALA D 168 15.72 28.92 -28.09
N ASN D 169 15.07 28.50 -27.01
CA ASN D 169 14.34 27.24 -26.91
C ASN D 169 12.86 27.47 -26.59
N PRO D 170 11.99 27.61 -27.59
CA PRO D 170 10.57 27.87 -27.31
C PRO D 170 9.82 26.75 -26.60
N GLU D 171 10.26 25.48 -26.74
CA GLU D 171 9.59 24.39 -26.05
C GLU D 171 9.77 24.47 -24.55
N ALA D 172 11.01 24.67 -24.10
CA ALA D 172 11.31 24.87 -22.69
C ALA D 172 10.72 26.20 -22.17
N PHE D 173 10.93 27.29 -22.89
CA PHE D 173 10.79 28.60 -22.29
C PHE D 173 9.53 29.31 -22.75
N LYS D 174 8.73 28.68 -23.65
CA LYS D 174 7.40 29.18 -24.05
C LYS D 174 7.49 30.34 -25.03
N PHE D 175 8.15 31.42 -24.64
CA PHE D 175 8.51 32.50 -25.55
C PHE D 175 9.20 31.98 -26.82
N ASP D 176 8.87 32.55 -27.97
CA ASP D 176 9.34 31.98 -29.22
C ASP D 176 10.48 32.76 -29.89
N PHE D 177 11.08 33.74 -29.22
CA PHE D 177 12.29 34.40 -29.70
C PHE D 177 12.10 34.92 -31.13
N PRO D 178 11.17 35.88 -31.34
CA PRO D 178 10.79 36.33 -32.66
C PRO D 178 11.75 37.32 -33.28
N ARG D 179 11.51 37.67 -34.55
CA ARG D 179 12.34 38.60 -35.29
C ARG D 179 12.65 39.85 -34.48
N PRO D 180 11.66 40.63 -33.97
CA PRO D 180 11.98 41.88 -33.28
C PRO D 180 12.83 41.73 -32.04
N PHE D 181 12.72 40.55 -31.41
CA PHE D 181 13.57 40.22 -30.26
C PHE D 181 15.03 40.24 -30.69
N TRP D 182 15.38 39.61 -31.83
CA TRP D 182 16.77 39.59 -32.27
C TRP D 182 17.30 41.00 -32.58
N ALA D 183 16.49 41.85 -33.23
CA ALA D 183 16.85 43.25 -33.46
C ALA D 183 17.20 43.97 -32.16
N GLU D 184 16.44 43.71 -31.08
CA GLU D 184 16.70 44.34 -29.80
C GLU D 184 17.98 43.77 -29.14
N MET D 185 18.18 42.46 -29.25
CA MET D 185 19.37 41.84 -28.66
C MET D 185 20.68 42.36 -29.28
N SER D 186 20.64 42.72 -30.57
CA SER D 186 21.84 43.17 -31.27
C SER D 186 22.34 44.50 -30.71
N LYS D 187 21.47 45.24 -30.01
CA LYS D 187 21.86 46.49 -29.35
C LYS D 187 22.50 46.29 -27.99
N ILE D 188 22.55 45.05 -27.48
CA ILE D 188 23.12 44.75 -26.18
C ILE D 188 24.51 44.18 -26.40
N PRO D 189 25.60 44.92 -26.09
CA PRO D 189 26.95 44.46 -26.40
C PRO D 189 27.30 43.10 -25.80
N GLN D 190 26.76 42.83 -24.61
CA GLN D 190 27.02 41.57 -23.91
C GLN D 190 26.46 40.37 -24.68
N VAL D 191 25.42 40.57 -25.50
CA VAL D 191 24.84 39.45 -26.22
C VAL D 191 25.65 39.18 -27.49
N VAL D 192 26.38 38.06 -27.50
CA VAL D 192 27.38 37.84 -28.52
C VAL D 192 27.03 36.64 -29.40
N THR D 193 26.15 35.77 -28.93
CA THR D 193 25.86 34.53 -29.64
C THR D 193 24.47 34.04 -29.25
N ALA D 194 24.00 33.04 -29.96
CA ALA D 194 22.73 32.41 -29.70
C ALA D 194 22.83 30.92 -30.02
N LYS D 195 22.37 30.08 -29.08
CA LYS D 195 22.10 28.68 -29.37
C LYS D 195 20.75 28.65 -30.10
N TYR D 196 20.84 28.55 -31.42
CA TYR D 196 19.72 28.78 -32.31
C TYR D 196 19.13 27.46 -32.74
N LEU D 197 17.87 27.52 -33.20
CA LEU D 197 17.23 26.31 -33.72
C LEU D 197 16.97 26.45 -35.22
N GLY D 198 15.73 26.20 -35.67
CA GLY D 198 15.46 26.05 -37.09
C GLY D 198 15.96 27.27 -37.86
N ILE D 199 16.40 27.08 -39.10
CA ILE D 199 17.06 28.15 -39.87
C ILE D 199 16.10 28.80 -40.85
N GLY D 200 14.79 28.53 -40.73
CA GLY D 200 13.82 29.12 -41.66
C GLY D 200 13.88 30.66 -41.75
N MET D 201 14.20 31.33 -40.63
CA MET D 201 14.29 32.80 -40.64
C MET D 201 15.71 33.26 -40.31
N LEU D 202 16.71 32.42 -40.54
CA LEU D 202 18.08 32.80 -40.24
C LEU D 202 18.53 33.99 -41.12
N ASP D 203 18.26 33.95 -42.41
CA ASP D 203 18.65 35.01 -43.33
C ASP D 203 18.17 36.37 -42.79
N LEU D 204 16.88 36.49 -42.43
CA LEU D 204 16.37 37.75 -41.84
C LEU D 204 17.01 38.07 -40.49
N ASP D 205 17.12 37.08 -39.60
CA ASP D 205 17.66 37.34 -38.27
C ASP D 205 19.09 37.85 -38.34
N LEU D 206 19.89 37.31 -39.28
CA LEU D 206 21.24 37.82 -39.49
C LEU D 206 21.24 39.32 -39.83
N ARG D 207 20.26 39.74 -40.62
CA ARG D 207 20.17 41.16 -41.04
C ARG D 207 19.73 42.01 -39.85
N LEU D 208 18.80 41.47 -39.07
CA LEU D 208 18.27 42.21 -37.93
C LEU D 208 19.26 42.33 -36.79
N ALA D 209 20.18 41.36 -36.67
CA ALA D 209 21.10 41.33 -35.56
C ALA D 209 22.53 41.16 -36.03
N PRO D 210 23.14 42.24 -36.57
CA PRO D 210 24.51 42.15 -37.11
C PRO D 210 25.58 41.75 -36.09
N ASN D 211 25.33 41.99 -34.79
CA ASN D 211 26.37 41.86 -33.78
C ASN D 211 26.30 40.49 -33.05
N ILE D 212 25.48 39.56 -33.55
CA ILE D 212 25.36 38.25 -32.91
C ILE D 212 25.92 37.17 -33.82
N ARG D 213 26.72 36.26 -33.23
CA ARG D 213 27.10 35.03 -33.91
C ARG D 213 26.02 33.98 -33.67
N PHE D 214 25.18 33.75 -34.69
CA PHE D 214 24.11 32.78 -34.57
C PHE D 214 24.71 31.39 -34.72
N LEU D 215 24.52 30.54 -33.71
CA LEU D 215 24.96 29.15 -33.81
C LEU D 215 23.82 28.26 -34.24
N PRO D 216 23.77 27.77 -35.49
CA PRO D 216 22.83 26.71 -35.84
C PRO D 216 23.26 25.43 -35.15
N HIS D 217 22.30 24.52 -34.98
CA HIS D 217 22.59 23.16 -34.60
C HIS D 217 23.45 22.56 -35.71
N GLU D 218 24.36 21.65 -35.31
CA GLU D 218 25.36 21.09 -36.19
C GLU D 218 24.74 20.56 -37.49
N ASP D 219 23.57 19.93 -37.43
CA ASP D 219 22.99 19.31 -38.63
C ASP D 219 22.59 20.38 -39.66
N ASP D 220 22.36 21.61 -39.19
CA ASP D 220 21.94 22.72 -40.02
C ASP D 220 23.10 23.65 -40.41
N TYR D 221 24.32 23.37 -39.91
CA TYR D 221 25.48 24.22 -40.16
C TYR D 221 25.82 24.31 -41.66
N TYR D 222 25.77 23.18 -42.36
CA TYR D 222 26.04 23.09 -43.78
C TYR D 222 25.14 24.09 -44.54
N ALA D 223 23.84 23.97 -44.33
CA ALA D 223 22.89 24.84 -45.03
C ALA D 223 23.08 26.31 -44.64
N ALA D 224 23.21 26.57 -43.34
CA ALA D 224 23.37 27.93 -42.84
C ALA D 224 24.66 28.59 -43.37
N ALA D 225 25.76 27.83 -43.40
CA ALA D 225 27.04 28.34 -43.88
C ALA D 225 26.92 28.67 -45.37
N ARG D 226 26.12 27.92 -46.13
CA ARG D 226 25.93 28.25 -47.53
C ARG D 226 25.08 29.51 -47.72
N ILE D 227 24.10 29.72 -46.80
CA ILE D 227 23.29 30.93 -46.84
C ILE D 227 24.16 32.17 -46.68
N ASN D 228 24.96 32.18 -45.61
CA ASN D 228 25.75 33.33 -45.30
C ASN D 228 27.11 32.90 -44.77
N PRO D 229 28.09 32.64 -45.65
CA PRO D 229 29.41 32.12 -45.22
C PRO D 229 30.24 33.11 -44.42
N GLU D 230 29.97 34.41 -44.62
CA GLU D 230 30.64 35.45 -43.86
C GLU D 230 30.23 35.41 -42.41
N ARG D 231 28.90 35.26 -42.15
CA ARG D 231 28.40 35.37 -40.78
C ARG D 231 28.38 34.01 -40.07
N ILE D 232 28.10 32.93 -40.80
CA ILE D 232 27.89 31.64 -40.19
C ILE D 232 29.22 30.85 -40.23
N THR D 233 29.99 31.03 -39.16
CA THR D 233 31.33 30.48 -39.02
C THR D 233 31.44 29.52 -37.84
N ALA D 234 30.34 29.31 -37.12
CA ALA D 234 30.34 28.52 -35.90
C ALA D 234 29.01 27.78 -35.77
N PHE D 235 29.01 26.72 -34.96
CA PHE D 235 27.80 25.94 -34.76
C PHE D 235 27.89 25.31 -33.38
N TRP D 236 26.75 24.85 -32.86
CA TRP D 236 26.70 24.14 -31.60
C TRP D 236 26.46 22.66 -31.85
N SER D 237 27.12 21.83 -31.02
CA SER D 237 27.13 20.39 -31.22
C SER D 237 26.83 19.69 -29.90
N SER D 238 25.79 18.81 -29.88
CA SER D 238 25.61 17.82 -28.83
C SER D 238 26.14 16.46 -29.29
N GLY D 239 26.18 16.22 -30.61
CA GLY D 239 26.69 14.95 -31.15
C GLY D 239 28.15 14.73 -30.78
N ALA D 240 28.90 15.81 -30.51
CA ALA D 240 30.29 15.70 -30.14
C ALA D 240 30.48 14.95 -28.82
N MET D 241 29.42 14.86 -28.00
CA MET D 241 29.50 14.17 -26.73
C MET D 241 29.52 12.64 -26.95
N CYS D 242 29.34 12.22 -28.21
CA CYS D 242 29.45 10.83 -28.61
C CYS D 242 30.76 10.57 -29.37
N GLY D 243 31.65 11.57 -29.34
CA GLY D 243 32.90 11.57 -30.07
C GLY D 243 32.99 12.79 -30.97
N PRO D 244 33.89 13.73 -30.68
CA PRO D 244 33.96 15.01 -31.40
C PRO D 244 34.57 15.07 -32.80
N ALA D 245 35.08 13.94 -33.33
CA ALA D 245 35.79 14.00 -34.60
C ALA D 245 34.88 14.49 -35.72
N THR D 246 33.61 14.07 -35.68
CA THR D 246 32.67 14.43 -36.73
C THR D 246 32.53 15.95 -36.83
N ALA D 247 32.31 16.61 -35.68
CA ALA D 247 32.14 18.05 -35.61
C ALA D 247 33.39 18.78 -36.05
N ILE D 248 34.56 18.27 -35.64
CA ILE D 248 35.82 18.88 -36.02
C ILE D 248 36.01 18.76 -37.54
N MET D 249 35.66 17.60 -38.11
CA MET D 249 35.81 17.41 -39.55
C MET D 249 34.82 18.31 -40.32
N LEU D 250 33.59 18.42 -39.81
CA LEU D 250 32.60 19.34 -40.42
C LEU D 250 33.16 20.75 -40.44
N ARG D 251 33.60 21.24 -39.26
CA ARG D 251 34.20 22.55 -39.16
C ARG D 251 35.30 22.74 -40.22
N ASP D 252 36.26 21.80 -40.27
CA ASP D 252 37.43 21.93 -41.11
C ASP D 252 37.03 21.91 -42.58
N GLU D 253 36.06 21.05 -42.93
CA GLU D 253 35.72 20.85 -44.32
C GLU D 253 34.88 22.04 -44.81
N VAL D 254 34.09 22.67 -43.92
CA VAL D 254 33.35 23.87 -44.29
C VAL D 254 34.32 25.03 -44.54
N VAL D 255 35.35 25.18 -43.71
CA VAL D 255 36.37 26.19 -43.99
C VAL D 255 36.92 25.98 -45.41
N ARG D 256 37.26 24.74 -45.77
CA ARG D 256 37.82 24.43 -47.08
C ARG D 256 36.80 24.73 -48.20
N ALA D 257 35.53 24.32 -47.99
CA ALA D 257 34.47 24.55 -48.97
C ALA D 257 34.28 26.04 -49.24
N LYS D 258 34.37 26.87 -48.22
CA LYS D 258 34.21 28.31 -48.39
C LYS D 258 35.33 28.88 -49.25
N SER D 259 36.53 28.30 -49.16
CA SER D 259 37.68 28.73 -49.94
C SER D 259 37.61 28.18 -51.37
N THR D 260 37.25 26.91 -51.55
CA THR D 260 37.36 26.25 -52.85
C THR D 260 36.06 26.33 -53.65
N GLY D 261 34.92 26.50 -52.97
CA GLY D 261 33.62 26.37 -53.58
C GLY D 261 33.16 24.94 -53.81
N ASP D 262 33.91 23.97 -53.29
CA ASP D 262 33.53 22.58 -53.46
C ASP D 262 32.97 22.05 -52.14
N TRP D 263 31.63 21.91 -52.10
CA TRP D 263 30.87 21.68 -50.88
C TRP D 263 30.56 20.18 -50.72
N ALA D 264 31.09 19.30 -51.59
CA ALA D 264 30.63 17.91 -51.63
C ALA D 264 30.96 17.17 -50.33
N LYS D 265 32.18 17.37 -49.80
CA LYS D 265 32.58 16.62 -48.63
C LYS D 265 31.83 17.13 -47.40
N ALA D 266 31.66 18.44 -47.32
CA ALA D 266 30.93 19.04 -46.19
C ALA D 266 29.50 18.49 -46.18
N LYS D 267 28.93 18.38 -47.39
CA LYS D 267 27.58 17.88 -47.55
C LYS D 267 27.50 16.43 -47.10
N ALA D 268 28.52 15.61 -47.43
CA ALA D 268 28.50 14.20 -47.07
C ALA D 268 28.57 14.04 -45.54
N ILE D 269 29.41 14.84 -44.88
CA ILE D 269 29.50 14.79 -43.43
C ILE D 269 28.16 15.21 -42.82
N SER D 270 27.61 16.32 -43.28
CA SER D 270 26.34 16.84 -42.78
C SER D 270 25.22 15.81 -42.94
N ASP D 271 25.19 15.12 -44.08
CA ASP D 271 24.19 14.09 -44.32
C ASP D 271 24.32 12.90 -43.39
N ASP D 272 25.56 12.51 -43.08
CA ASP D 272 25.86 11.48 -42.09
C ASP D 272 25.31 11.87 -40.71
N MET D 273 25.48 13.14 -40.34
CA MET D 273 25.01 13.65 -39.06
C MET D 273 23.50 13.58 -38.92
N ARG D 274 22.76 14.03 -39.95
CA ARG D 274 21.33 13.89 -39.96
C ARG D 274 20.88 12.43 -39.85
N ALA D 275 21.54 11.51 -40.56
CA ALA D 275 21.18 10.09 -40.44
C ALA D 275 21.41 9.60 -39.02
N ALA D 276 22.52 9.98 -38.39
CA ALA D 276 22.80 9.55 -37.03
C ALA D 276 21.73 10.04 -36.04
N ASP D 277 21.17 11.23 -36.31
CA ASP D 277 20.12 11.82 -35.48
C ASP D 277 18.75 11.22 -35.79
N SER D 278 18.63 10.40 -36.84
CA SER D 278 17.31 10.10 -37.37
C SER D 278 16.41 9.29 -36.42
N THR D 279 16.96 8.56 -35.46
CA THR D 279 16.17 7.74 -34.56
C THR D 279 16.01 8.39 -33.18
N LEU D 280 16.54 9.59 -32.97
CA LEU D 280 16.53 10.17 -31.64
C LEU D 280 15.11 10.50 -31.15
N PHE D 281 14.32 11.16 -31.97
CA PHE D 281 12.96 11.56 -31.56
C PHE D 281 12.00 10.38 -31.49
N PRO D 282 11.27 10.24 -30.35
CA PRO D 282 10.25 9.20 -30.20
C PRO D 282 9.22 9.35 -31.32
N ARG D 283 9.06 8.30 -32.14
CA ARG D 283 8.17 8.25 -33.29
C ARG D 283 8.35 9.47 -34.19
N GLY D 284 9.56 10.02 -34.24
CA GLY D 284 9.84 11.17 -35.09
C GLY D 284 9.14 12.43 -34.59
N ASP D 285 8.68 12.40 -33.34
CA ASP D 285 7.83 13.46 -32.83
C ASP D 285 8.61 14.38 -31.89
N PHE D 286 8.74 15.64 -32.27
CA PHE D 286 9.53 16.58 -31.52
C PHE D 286 8.91 16.91 -30.15
N SER D 287 7.57 16.92 -30.07
CA SER D 287 6.90 17.25 -28.83
C SER D 287 7.20 16.18 -27.79
N GLU D 288 7.25 14.92 -28.24
CA GLU D 288 7.66 13.79 -27.42
C GLU D 288 9.15 13.91 -27.06
N PHE D 289 10.02 14.30 -28.02
CA PHE D 289 11.43 14.52 -27.70
C PHE D 289 11.59 15.58 -26.60
N SER D 290 10.77 16.63 -26.67
CA SER D 290 10.86 17.75 -25.75
C SER D 290 10.59 17.31 -24.31
N LYS D 291 9.67 16.37 -24.14
CA LYS D 291 9.36 15.86 -22.80
C LYS D 291 10.51 15.04 -22.26
N TYR D 292 11.27 14.36 -23.12
CA TYR D 292 12.29 13.44 -22.65
C TYR D 292 13.70 13.89 -23.08
N ASN D 293 13.87 15.18 -23.37
CA ASN D 293 15.08 15.85 -23.87
C ASN D 293 16.24 15.45 -22.96
N ILE D 294 16.04 15.47 -21.63
CA ILE D 294 17.17 15.19 -20.75
C ILE D 294 17.56 13.70 -20.86
N GLY D 295 16.60 12.82 -20.62
CA GLY D 295 16.86 11.39 -20.54
C GLY D 295 17.36 10.84 -21.86
N LEU D 296 16.81 11.35 -22.95
CA LEU D 296 17.14 10.86 -24.28
C LEU D 296 18.58 11.27 -24.64
N GLU D 297 18.95 12.53 -24.38
CA GLU D 297 20.29 13.00 -24.67
C GLU D 297 21.31 12.21 -23.82
N LYS D 298 21.04 12.10 -22.53
CA LYS D 298 21.97 11.43 -21.62
C LYS D 298 22.08 9.95 -21.99
N ALA D 299 20.99 9.30 -22.32
CA ALA D 299 21.02 7.91 -22.75
C ALA D 299 21.83 7.68 -24.03
N ARG D 300 21.72 8.62 -24.99
CA ARG D 300 22.47 8.53 -26.21
C ARG D 300 23.95 8.61 -25.93
N MET D 301 24.35 9.57 -25.09
CA MET D 301 25.75 9.71 -24.71
C MET D 301 26.25 8.46 -24.00
N ASP D 302 25.48 7.94 -23.03
CA ASP D 302 25.86 6.70 -22.35
C ASP D 302 26.04 5.58 -23.36
N ALA D 303 25.16 5.45 -24.35
CA ALA D 303 25.29 4.37 -25.32
C ALA D 303 26.54 4.52 -26.19
N ALA D 304 26.89 5.77 -26.54
CA ALA D 304 28.03 6.02 -27.40
C ALA D 304 29.35 5.63 -26.73
N GLY D 305 29.48 5.82 -25.42
CA GLY D 305 30.64 5.28 -24.72
C GLY D 305 31.80 6.27 -24.69
N TRP D 306 31.66 7.49 -25.24
CA TRP D 306 32.76 8.44 -25.26
C TRP D 306 32.85 9.14 -23.90
N LEU D 307 31.70 9.29 -23.24
CA LEU D 307 31.63 9.83 -21.90
C LEU D 307 30.48 9.18 -21.14
N LYS D 308 30.48 9.36 -19.81
CA LYS D 308 29.45 8.83 -18.95
C LYS D 308 28.58 9.99 -18.44
N ALA D 309 27.41 10.14 -19.08
CA ALA D 309 26.51 11.22 -18.69
C ALA D 309 25.81 10.88 -17.37
N GLY D 310 25.35 9.64 -17.27
CA GLY D 310 24.85 9.10 -16.01
C GLY D 310 23.37 9.38 -15.81
N PRO D 311 22.81 8.94 -14.67
CA PRO D 311 21.38 9.08 -14.39
C PRO D 311 20.89 10.53 -14.35
N CYS D 312 19.59 10.69 -14.62
CA CYS D 312 18.95 12.00 -14.62
C CYS D 312 18.46 12.35 -13.22
N ARG D 313 18.68 13.60 -12.85
CA ARG D 313 18.22 14.14 -11.59
C ARG D 313 16.70 14.28 -11.61
N PRO D 314 16.06 14.09 -10.43
CA PRO D 314 14.60 14.19 -10.33
C PRO D 314 14.12 15.62 -10.58
N PRO D 315 12.95 15.80 -11.23
CA PRO D 315 12.02 14.70 -11.50
C PRO D 315 12.12 13.91 -12.81
N TYR D 316 13.02 14.30 -13.70
CA TYR D 316 13.00 13.84 -15.10
C TYR D 316 13.88 12.58 -15.24
N ASN D 317 13.54 11.56 -14.45
CA ASN D 317 14.35 10.38 -14.31
C ASN D 317 13.63 9.14 -14.83
N LEU D 318 12.58 9.27 -15.61
CA LEU D 318 11.83 8.14 -16.17
CA LEU D 318 11.84 8.14 -16.18
C LEU D 318 11.59 8.37 -17.67
N VAL D 319 12.07 7.46 -18.52
CA VAL D 319 11.85 7.57 -19.96
C VAL D 319 11.23 6.26 -20.46
N PRO D 320 10.14 6.27 -21.23
CA PRO D 320 9.56 5.02 -21.77
C PRO D 320 10.63 4.17 -22.46
N GLU D 321 10.66 2.87 -22.15
CA GLU D 321 11.73 1.99 -22.60
C GLU D 321 11.87 2.01 -24.11
N ASP D 322 10.73 2.06 -24.84
CA ASP D 322 10.76 2.03 -26.29
C ASP D 322 11.46 3.25 -26.87
N TYR D 323 11.44 4.38 -26.15
CA TYR D 323 12.07 5.60 -26.64
C TYR D 323 13.59 5.53 -26.44
N LEU D 324 14.03 4.66 -25.52
CA LEU D 324 15.43 4.58 -25.16
C LEU D 324 16.18 3.95 -26.32
N ALA D 325 15.62 2.92 -26.96
CA ALA D 325 16.28 2.24 -28.05
C ALA D 325 16.67 3.22 -29.15
N GLY D 326 15.77 4.18 -29.47
CA GLY D 326 16.06 5.09 -30.55
C GLY D 326 17.25 6.00 -30.20
N ALA D 327 17.29 6.45 -28.93
CA ALA D 327 18.36 7.30 -28.44
C ALA D 327 19.70 6.54 -28.45
N GLN D 328 19.66 5.26 -28.03
CA GLN D 328 20.87 4.45 -27.96
C GLN D 328 21.39 4.15 -29.34
N LYS D 329 20.47 3.89 -30.30
CA LYS D 329 20.85 3.66 -31.67
C LYS D 329 21.51 4.92 -32.25
N SER D 330 21.02 6.11 -31.91
CA SER D 330 21.62 7.35 -32.36
C SER D 330 23.00 7.51 -31.76
N GLY D 331 23.16 7.19 -30.47
CA GLY D 331 24.46 7.23 -29.83
C GLY D 331 25.47 6.32 -30.52
N LYS D 332 25.06 5.10 -30.87
CA LYS D 332 25.95 4.18 -31.58
C LYS D 332 26.29 4.73 -32.95
N ALA D 333 25.34 5.37 -33.64
CA ALA D 333 25.59 5.92 -34.96
C ALA D 333 26.61 7.04 -34.88
N TRP D 334 26.46 7.94 -33.91
CA TRP D 334 27.44 9.00 -33.73
C TRP D 334 28.82 8.45 -33.32
N ALA D 335 28.86 7.40 -32.49
CA ALA D 335 30.14 6.77 -32.16
C ALA D 335 30.83 6.25 -33.42
N ALA D 336 30.05 5.64 -34.32
CA ALA D 336 30.54 5.15 -35.61
C ALA D 336 31.07 6.27 -36.48
N LEU D 337 30.36 7.42 -36.51
CA LEU D 337 30.87 8.59 -37.19
C LEU D 337 32.20 9.04 -36.61
N HIS D 338 32.30 9.09 -35.27
CA HIS D 338 33.53 9.53 -34.64
C HIS D 338 34.71 8.62 -35.04
N ALA D 339 34.48 7.32 -35.11
CA ALA D 339 35.54 6.40 -35.53
C ALA D 339 35.94 6.68 -36.98
N LYS D 340 34.94 6.90 -37.85
CA LYS D 340 35.19 7.13 -39.26
C LYS D 340 35.96 8.41 -39.46
N TYR D 341 35.53 9.50 -38.80
CA TYR D 341 36.17 10.78 -39.01
C TYR D 341 37.49 10.90 -38.25
N SER D 342 37.66 10.20 -37.12
CA SER D 342 38.95 10.17 -36.46
C SER D 342 40.04 9.73 -37.44
N ASN D 343 39.73 8.72 -38.25
CA ASN D 343 40.66 8.16 -39.22
C ASN D 343 40.95 9.14 -40.35
N GLU D 344 40.09 10.13 -40.61
CA GLU D 344 40.28 11.09 -41.68
C GLU D 344 41.03 12.32 -41.18
N LEU D 345 41.16 12.57 -39.87
CA LEU D 345 41.72 13.83 -39.42
C LEU D 345 43.27 13.82 -39.31
N SER E 21 35.17 -51.51 18.98
CA SER E 21 35.18 -50.55 20.11
C SER E 21 33.88 -49.75 20.10
N ARG E 22 33.57 -49.18 21.25
CA ARG E 22 32.31 -48.44 21.42
C ARG E 22 32.32 -47.17 20.57
N LEU E 23 31.22 -46.90 19.90
CA LEU E 23 31.06 -45.68 19.12
C LEU E 23 31.42 -44.46 19.93
N THR E 24 32.03 -43.47 19.27
CA THR E 24 32.25 -42.17 19.86
C THR E 24 31.64 -41.14 18.93
N ALA E 25 31.59 -39.88 19.38
CA ALA E 25 31.08 -38.79 18.58
C ALA E 25 31.83 -38.66 17.27
N GLU E 26 33.17 -38.92 17.31
CA GLU E 26 33.99 -38.87 16.11
C GLU E 26 33.49 -39.81 15.01
N ASP E 27 32.80 -40.87 15.38
CA ASP E 27 32.32 -41.86 14.43
C ASP E 27 30.93 -41.52 13.88
N ILE E 28 30.34 -40.39 14.30
CA ILE E 28 28.97 -40.05 13.93
C ILE E 28 29.01 -38.90 12.96
N ASN E 29 28.75 -39.19 11.68
CA ASN E 29 28.84 -38.19 10.62
C ASN E 29 27.75 -38.44 9.59
N GLY E 30 27.36 -37.42 8.87
CA GLY E 30 26.49 -37.55 7.72
C GLY E 30 25.01 -37.75 8.06
N ALA E 31 24.34 -38.55 7.24
CA ALA E 31 22.89 -38.72 7.27
C ALA E 31 22.51 -39.93 8.12
N TRP E 32 21.84 -39.63 9.24
CA TRP E 32 21.38 -40.62 10.20
C TRP E 32 19.86 -40.69 10.09
N THR E 33 19.35 -41.81 9.53
CA THR E 33 17.95 -41.92 9.17
C THR E 33 17.21 -42.73 10.23
N ILE E 34 16.06 -42.21 10.67
CA ILE E 34 15.24 -42.85 11.67
C ILE E 34 14.13 -43.64 10.98
N MET E 35 14.16 -44.95 11.17
CA MET E 35 13.23 -45.84 10.49
CA MET E 35 13.23 -45.84 10.50
C MET E 35 12.05 -46.13 11.40
N PRO E 36 10.86 -46.35 10.79
CA PRO E 36 9.69 -46.81 11.53
C PRO E 36 9.83 -48.29 11.87
N THR E 37 8.83 -48.79 12.57
CA THR E 37 8.68 -50.21 12.86
C THR E 37 7.49 -50.68 12.03
N PRO E 38 7.76 -51.28 10.85
CA PRO E 38 6.70 -51.67 9.92
C PRO E 38 5.68 -52.59 10.59
N SER E 39 4.41 -52.31 10.27
CA SER E 39 3.28 -53.00 10.84
C SER E 39 2.68 -53.98 9.85
N THR E 40 2.20 -55.09 10.40
CA THR E 40 1.28 -55.96 9.66
C THR E 40 -0.10 -55.30 9.52
N PRO E 41 -0.96 -55.78 8.60
CA PRO E 41 -2.29 -55.15 8.44
C PRO E 41 -3.19 -55.15 9.67
N ASP E 42 -2.99 -56.10 10.62
CA ASP E 42 -3.83 -56.17 11.81
C ASP E 42 -3.27 -55.41 13.01
N ALA E 43 -2.28 -54.53 12.81
CA ALA E 43 -1.48 -54.02 13.94
C ALA E 43 -2.25 -53.04 14.82
N SER E 44 -3.38 -52.48 14.36
CA SER E 44 -4.17 -51.58 15.19
C SER E 44 -5.02 -52.31 16.23
N ASP E 45 -5.16 -53.63 16.11
CA ASP E 45 -6.08 -54.38 16.95
C ASP E 45 -5.30 -54.85 18.18
N TRP E 46 -5.81 -54.55 19.35
CA TRP E 46 -5.16 -55.00 20.61
C TRP E 46 -5.04 -56.52 20.71
N ARG E 47 -5.85 -57.27 19.95
CA ARG E 47 -5.77 -58.74 19.98
C ARG E 47 -4.55 -59.25 19.24
N SER E 48 -3.93 -58.44 18.40
CA SER E 48 -2.83 -58.92 17.57
C SER E 48 -1.55 -59.03 18.41
N THR E 49 -0.76 -60.09 18.21
CA THR E 49 0.40 -60.32 19.07
C THR E 49 1.76 -60.23 18.37
N ALA E 50 1.79 -60.37 17.05
CA ALA E 50 3.09 -60.33 16.39
C ALA E 50 2.97 -59.39 15.19
N THR E 51 3.02 -58.08 15.43
CA THR E 51 2.58 -57.13 14.43
C THR E 51 3.72 -56.51 13.64
N VAL E 52 4.96 -56.98 13.82
CA VAL E 52 6.07 -56.40 13.07
C VAL E 52 6.22 -57.16 11.73
N ASP E 53 6.18 -56.42 10.60
CA ASP E 53 6.57 -57.00 9.32
C ASP E 53 8.08 -57.03 9.25
N LEU E 54 8.63 -58.21 9.54
CA LEU E 54 10.06 -58.36 9.65
C LEU E 54 10.73 -58.33 8.28
N GLU E 55 10.04 -58.79 7.24
CA GLU E 55 10.64 -58.73 5.93
C GLU E 55 10.71 -57.28 5.42
N GLU E 56 9.64 -56.47 5.64
CA GLU E 56 9.67 -55.07 5.28
C GLU E 56 10.79 -54.37 6.07
N THR E 57 10.98 -54.75 7.32
CA THR E 57 12.05 -54.21 8.15
C THR E 57 13.42 -54.46 7.46
N ALA E 58 13.67 -55.70 7.06
CA ALA E 58 14.92 -56.08 6.41
C ALA E 58 15.10 -55.30 5.12
N ARG E 59 14.01 -55.15 4.35
CA ARG E 59 14.06 -54.49 3.06
C ARG E 59 14.40 -53.02 3.23
N ILE E 60 13.79 -52.39 4.23
CA ILE E 60 14.10 -50.98 4.52
C ILE E 60 15.56 -50.82 4.87
N VAL E 61 16.10 -51.67 5.74
CA VAL E 61 17.49 -51.55 6.17
C VAL E 61 18.45 -51.66 4.98
N GLU E 62 18.23 -52.64 4.10
CA GLU E 62 19.11 -52.82 2.95
C GLU E 62 19.00 -51.61 2.02
N GLU E 63 17.80 -51.07 1.83
CA GLU E 63 17.59 -49.93 0.98
C GLU E 63 18.30 -48.69 1.54
N LEU E 64 18.28 -48.53 2.87
CA LEU E 64 18.95 -47.39 3.49
C LEU E 64 20.46 -47.53 3.29
N ILE E 65 21.00 -48.73 3.55
CA ILE E 65 22.43 -48.96 3.36
C ILE E 65 22.76 -48.66 1.90
N ALA E 66 21.94 -49.18 0.96
CA ALA E 66 22.23 -49.00 -0.46
C ALA E 66 22.25 -47.53 -0.85
N ALA E 67 21.39 -46.72 -0.22
CA ALA E 67 21.34 -45.30 -0.50
C ALA E 67 22.57 -44.59 0.01
N GLY E 68 23.36 -45.21 0.91
CA GLY E 68 24.57 -44.61 1.40
C GLY E 68 24.37 -43.89 2.74
N VAL E 69 23.33 -44.25 3.51
CA VAL E 69 23.12 -43.66 4.83
C VAL E 69 24.30 -44.00 5.73
N ASN E 70 24.58 -43.08 6.66
CA ASN E 70 25.73 -43.23 7.54
C ASN E 70 25.41 -44.04 8.78
N GLY E 71 24.17 -43.98 9.24
CA GLY E 71 23.76 -44.71 10.43
C GLY E 71 22.22 -44.77 10.49
N ILE E 72 21.70 -45.70 11.28
CA ILE E 72 20.27 -45.90 11.39
C ILE E 72 19.84 -45.74 12.87
N LEU E 73 18.80 -44.93 13.05
CA LEU E 73 18.15 -44.76 14.34
C LEU E 73 16.77 -45.41 14.21
N SER E 74 16.20 -45.78 15.35
CA SER E 74 14.91 -46.43 15.41
C SER E 74 14.31 -46.23 16.80
N MET E 75 13.00 -46.53 16.92
CA MET E 75 12.36 -46.76 18.20
C MET E 75 12.27 -45.47 19.02
N GLY E 76 12.03 -44.36 18.35
CA GLY E 76 11.55 -43.15 18.98
C GLY E 76 10.01 -43.16 19.07
N THR E 77 9.41 -41.99 18.95
CA THR E 77 7.97 -41.84 19.09
C THR E 77 7.26 -42.52 17.90
N PHE E 78 7.45 -42.05 16.67
CA PHE E 78 6.75 -42.63 15.53
C PHE E 78 7.18 -44.07 15.31
N GLY E 79 8.36 -44.46 15.79
CA GLY E 79 8.83 -45.85 15.74
C GLY E 79 8.13 -46.78 16.72
N GLU E 80 7.24 -46.22 17.56
CA GLU E 80 6.30 -46.96 18.38
C GLU E 80 7.02 -47.75 19.46
N CYS E 81 8.10 -47.18 19.98
CA CYS E 81 8.72 -47.70 21.17
C CYS E 81 7.69 -47.87 22.30
N ALA E 82 6.69 -47.00 22.38
CA ALA E 82 5.71 -47.04 23.44
C ALA E 82 4.78 -48.24 23.29
N THR E 83 4.49 -48.65 22.03
CA THR E 83 3.34 -49.51 21.78
C THR E 83 3.68 -50.89 21.22
N LEU E 84 4.96 -51.18 20.95
CA LEU E 84 5.43 -52.52 20.64
C LEU E 84 5.47 -53.37 21.90
N THR E 85 5.23 -54.68 21.76
CA THR E 85 5.47 -55.61 22.86
C THR E 85 6.96 -55.92 22.86
N TRP E 86 7.42 -56.52 23.96
CA TRP E 86 8.85 -56.80 24.11
C TRP E 86 9.29 -57.83 23.08
N ASP E 87 8.48 -58.86 22.83
CA ASP E 87 8.81 -59.85 21.83
C ASP E 87 8.96 -59.21 20.45
N GLU E 88 8.05 -58.28 20.12
CA GLU E 88 8.12 -57.53 18.86
C GLU E 88 9.43 -56.76 18.74
N LYS E 89 9.80 -56.07 19.82
CA LYS E 89 11.02 -55.30 19.87
C LYS E 89 12.23 -56.19 19.65
N ARG E 90 12.31 -57.31 20.33
CA ARG E 90 13.45 -58.21 20.18
C ARG E 90 13.52 -58.73 18.74
N ASP E 91 12.38 -59.13 18.17
CA ASP E 91 12.38 -59.66 16.81
C ASP E 91 12.79 -58.59 15.79
N TYR E 92 12.26 -57.37 15.95
CA TYR E 92 12.61 -56.25 15.09
C TYR E 92 14.12 -55.98 15.12
N VAL E 93 14.67 -55.82 16.33
CA VAL E 93 16.08 -55.53 16.46
C VAL E 93 16.93 -56.66 15.90
N SER E 94 16.56 -57.93 16.17
CA SER E 94 17.30 -59.09 15.66
C SER E 94 17.37 -59.02 14.13
N THR E 95 16.24 -58.73 13.49
CA THR E 95 16.15 -58.65 12.03
C THR E 95 17.04 -57.54 11.50
N ILE E 96 16.98 -56.37 12.15
CA ILE E 96 17.83 -55.26 11.76
C ILE E 96 19.31 -55.64 11.87
N VAL E 97 19.73 -56.20 13.00
CA VAL E 97 21.12 -56.50 13.25
C VAL E 97 21.64 -57.51 12.21
N GLU E 98 20.86 -58.56 11.97
CA GLU E 98 21.20 -59.60 11.02
CA GLU E 98 21.19 -59.61 11.02
C GLU E 98 21.34 -59.04 9.61
N THR E 99 20.49 -58.07 9.27
CA THR E 99 20.51 -57.47 7.94
C THR E 99 21.74 -56.57 7.79
N ILE E 100 22.02 -55.73 8.82
CA ILE E 100 23.09 -54.76 8.73
C ILE E 100 24.45 -55.45 8.62
N ARG E 101 24.62 -56.54 9.39
CA ARG E 101 25.85 -57.28 9.47
C ARG E 101 27.04 -56.33 9.63
N GLY E 102 26.90 -55.41 10.61
CA GLY E 102 27.99 -54.54 11.02
C GLY E 102 28.35 -53.44 10.03
N ARG E 103 27.61 -53.25 8.94
CA ARG E 103 28.06 -52.33 7.91
C ARG E 103 27.89 -50.85 8.26
N VAL E 104 26.85 -50.52 9.03
CA VAL E 104 26.65 -49.18 9.54
C VAL E 104 26.24 -49.30 10.99
N PRO E 105 26.45 -48.25 11.80
CA PRO E 105 25.97 -48.26 13.19
C PRO E 105 24.44 -48.19 13.27
N TYR E 106 23.90 -48.79 14.33
CA TYR E 106 22.48 -48.89 14.56
C TYR E 106 22.14 -48.63 16.03
N PHE E 107 21.17 -47.74 16.25
CA PHE E 107 20.63 -47.45 17.57
C PHE E 107 19.19 -47.97 17.63
N CYS E 108 18.97 -48.83 18.63
CA CYS E 108 17.64 -49.17 19.10
C CYS E 108 17.13 -48.02 19.99
N GLY E 109 15.95 -48.20 20.57
CA GLY E 109 15.39 -47.26 21.56
C GLY E 109 14.84 -48.03 22.76
N THR E 110 15.14 -47.57 23.99
CA THR E 110 14.74 -48.30 25.18
C THR E 110 14.11 -47.38 26.22
N THR E 111 13.52 -46.27 25.78
CA THR E 111 12.79 -45.40 26.71
C THR E 111 11.69 -46.22 27.37
N ALA E 112 11.55 -46.07 28.69
CA ALA E 112 10.57 -46.84 29.45
C ALA E 112 10.22 -46.07 30.72
N LEU E 113 9.36 -46.66 31.57
CA LEU E 113 8.79 -45.97 32.71
C LEU E 113 9.72 -45.86 33.90
N ASN E 114 10.82 -46.61 33.91
CA ASN E 114 11.70 -46.61 35.05
C ASN E 114 13.08 -47.08 34.64
N THR E 115 14.05 -46.83 35.54
CA THR E 115 15.44 -47.02 35.24
C THR E 115 15.73 -48.51 35.11
N ARG E 116 15.14 -49.33 35.97
CA ARG E 116 15.41 -50.76 35.91
C ARG E 116 14.93 -51.37 34.59
N GLU E 117 13.75 -50.97 34.10
CA GLU E 117 13.23 -51.44 32.84
C GLU E 117 14.11 -50.99 31.67
N VAL E 118 14.57 -49.74 31.72
CA VAL E 118 15.44 -49.25 30.68
C VAL E 118 16.70 -50.11 30.62
N ILE E 119 17.31 -50.37 31.79
CA ILE E 119 18.52 -51.15 31.85
C ILE E 119 18.28 -52.55 31.29
N ARG E 120 17.21 -53.22 31.71
CA ARG E 120 16.87 -54.57 31.25
C ARG E 120 16.78 -54.58 29.72
N GLN E 121 16.04 -53.64 29.16
CA GLN E 121 15.83 -53.59 27.72
C GLN E 121 17.13 -53.28 26.99
N THR E 122 17.90 -52.31 27.51
CA THR E 122 19.13 -51.86 26.88
C THR E 122 20.14 -53.02 26.85
N ARG E 123 20.29 -53.74 27.96
CA ARG E 123 21.22 -54.86 27.98
C ARG E 123 20.86 -55.89 26.91
N GLU E 124 19.57 -56.24 26.81
CA GLU E 124 19.14 -57.26 25.86
C GLU E 124 19.33 -56.82 24.40
N LEU E 125 18.92 -55.59 24.06
CA LEU E 125 19.02 -55.14 22.67
C LEU E 125 20.47 -54.92 22.25
N ILE E 126 21.32 -54.41 23.15
CA ILE E 126 22.74 -54.27 22.84
C ILE E 126 23.34 -55.68 22.66
N ASP E 127 22.95 -56.62 23.52
CA ASP E 127 23.39 -58.00 23.40
C ASP E 127 23.03 -58.59 22.03
N ILE E 128 21.84 -58.26 21.51
CA ILE E 128 21.41 -58.79 20.24
C ILE E 128 22.32 -58.24 19.14
N GLY E 129 22.82 -57.00 19.34
CA GLY E 129 23.81 -56.43 18.49
C GLY E 129 23.55 -54.97 18.07
N ALA E 130 22.62 -54.25 18.70
CA ALA E 130 22.58 -52.80 18.48
C ALA E 130 23.86 -52.19 19.06
N ASN E 131 24.28 -51.06 18.52
CA ASN E 131 25.48 -50.36 18.98
C ASN E 131 25.13 -49.41 20.14
N GLY E 132 23.90 -48.92 20.18
CA GLY E 132 23.53 -47.95 21.19
C GLY E 132 22.01 -47.86 21.29
N THR E 133 21.55 -47.03 22.22
CA THR E 133 20.14 -46.79 22.43
C THR E 133 19.88 -45.28 22.33
N MET E 134 18.79 -44.99 21.60
CA MET E 134 18.27 -43.65 21.51
C MET E 134 17.25 -43.57 22.63
N LEU E 135 17.56 -42.73 23.64
CA LEU E 135 16.96 -42.86 24.95
C LEU E 135 16.46 -41.52 25.50
N GLY E 136 15.14 -41.47 25.74
CA GLY E 136 14.46 -40.37 26.40
C GLY E 136 14.43 -40.61 27.91
N VAL E 137 13.67 -39.85 28.67
CA VAL E 137 13.58 -40.08 30.10
C VAL E 137 12.20 -40.62 30.47
N PRO E 138 12.11 -41.42 31.56
CA PRO E 138 10.81 -41.81 32.12
C PRO E 138 9.92 -40.60 32.33
N MET E 139 8.65 -40.73 31.94
CA MET E 139 7.82 -39.56 31.81
C MET E 139 6.48 -39.67 32.53
N TRP E 140 6.18 -40.75 33.27
CA TRP E 140 4.97 -40.69 34.09
C TRP E 140 4.98 -39.52 35.06
N VAL E 141 6.11 -39.37 35.73
CA VAL E 141 6.42 -38.23 36.54
C VAL E 141 7.48 -37.41 35.81
N LYS E 142 7.23 -36.11 35.69
CA LYS E 142 8.20 -35.16 35.14
C LYS E 142 9.52 -35.19 35.93
N MET E 143 10.60 -35.53 35.26
CA MET E 143 11.93 -35.44 35.84
C MET E 143 12.40 -34.01 36.08
N ASP E 144 13.20 -33.84 37.14
CA ASP E 144 13.95 -32.61 37.34
C ASP E 144 15.38 -32.83 36.86
N LEU E 145 16.20 -31.76 36.88
CA LEU E 145 17.54 -31.82 36.35
C LEU E 145 18.42 -32.90 37.02
N PRO E 146 18.66 -32.90 38.35
CA PRO E 146 19.52 -33.93 38.92
C PRO E 146 19.01 -35.37 38.72
N THR E 147 17.68 -35.59 38.72
CA THR E 147 17.09 -36.90 38.50
CA THR E 147 17.22 -36.96 38.53
C THR E 147 17.39 -37.38 37.08
N ALA E 148 17.22 -36.48 36.11
CA ALA E 148 17.47 -36.82 34.71
C ALA E 148 18.94 -37.14 34.49
N VAL E 149 19.84 -36.32 35.07
CA VAL E 149 21.25 -36.57 34.93
C VAL E 149 21.60 -37.93 35.50
N GLN E 150 21.13 -38.23 36.73
CA GLN E 150 21.48 -39.48 37.38
C GLN E 150 20.90 -40.67 36.61
N PHE E 151 19.74 -40.48 36.00
CA PHE E 151 19.15 -41.52 35.18
C PHE E 151 20.11 -41.96 34.06
N TYR E 152 20.67 -41.00 33.29
CA TYR E 152 21.58 -41.36 32.22
C TYR E 152 22.90 -41.91 32.78
N ARG E 153 23.37 -41.39 33.93
CA ARG E 153 24.54 -41.93 34.60
CA ARG E 153 24.55 -41.93 34.60
C ARG E 153 24.33 -43.39 35.01
N ASP E 154 23.13 -43.69 35.54
CA ASP E 154 22.74 -45.03 35.96
C ASP E 154 22.75 -46.00 34.78
N VAL E 155 22.21 -45.58 33.63
CA VAL E 155 22.13 -46.46 32.47
C VAL E 155 23.53 -46.75 31.97
N ALA E 156 24.36 -45.71 31.87
CA ALA E 156 25.73 -45.84 31.39
C ALA E 156 26.56 -46.70 32.32
N ASP E 157 26.35 -46.57 33.64
CA ASP E 157 27.00 -47.40 34.64
C ASP E 157 26.62 -48.88 34.46
N ALA E 158 25.34 -49.12 34.21
CA ALA E 158 24.78 -50.47 34.15
C ALA E 158 25.11 -51.18 32.84
N VAL E 159 25.18 -50.43 31.74
CA VAL E 159 25.39 -50.98 30.42
C VAL E 159 26.54 -50.25 29.77
N PRO E 160 27.80 -50.37 30.30
CA PRO E 160 28.90 -49.54 29.84
C PRO E 160 29.29 -49.70 28.38
N GLU E 161 28.90 -50.81 27.76
CA GLU E 161 29.20 -51.03 26.36
C GLU E 161 28.18 -50.37 25.43
N ALA E 162 27.04 -49.86 25.94
CA ALA E 162 26.07 -49.16 25.06
C ALA E 162 26.47 -47.72 24.82
N ALA E 163 26.55 -47.31 23.55
CA ALA E 163 26.45 -45.89 23.25
C ALA E 163 25.03 -45.38 23.51
N ILE E 164 24.93 -44.11 23.88
CA ILE E 164 23.65 -43.46 24.14
C ILE E 164 23.51 -42.26 23.22
N ALA E 165 22.33 -42.18 22.60
CA ALA E 165 21.82 -41.03 21.90
C ALA E 165 20.72 -40.40 22.75
N ILE E 166 20.95 -39.17 23.21
CA ILE E 166 19.96 -38.47 23.99
C ILE E 166 18.77 -38.14 23.10
N TYR E 167 17.59 -38.62 23.48
CA TYR E 167 16.38 -38.34 22.73
C TYR E 167 15.67 -37.16 23.38
N ALA E 168 16.03 -35.96 22.90
CA ALA E 168 15.63 -34.73 23.56
C ALA E 168 14.27 -34.26 23.04
N ASN E 169 13.21 -34.88 23.56
CA ASN E 169 11.84 -34.61 23.16
C ASN E 169 11.02 -34.15 24.36
N PRO E 170 10.93 -32.84 24.63
CA PRO E 170 10.15 -32.37 25.78
C PRO E 170 8.65 -32.62 25.72
N GLU E 171 8.06 -32.73 24.52
CA GLU E 171 6.64 -32.98 24.41
C GLU E 171 6.29 -34.38 24.91
N ALA E 172 7.04 -35.39 24.47
CA ALA E 172 6.88 -36.74 24.95
C ALA E 172 7.28 -36.86 26.43
N PHE E 173 8.44 -36.35 26.79
CA PHE E 173 9.08 -36.78 28.02
C PHE E 173 8.98 -35.71 29.12
N LYS E 174 8.36 -34.54 28.83
CA LYS E 174 8.05 -33.51 29.85
C LYS E 174 9.27 -32.69 30.22
N PHE E 175 10.34 -33.35 30.68
CA PHE E 175 11.62 -32.71 30.91
C PHE E 175 12.08 -31.97 29.66
N ASP E 176 12.68 -30.80 29.81
CA ASP E 176 13.01 -29.98 28.66
C ASP E 176 14.50 -29.96 28.28
N PHE E 177 15.33 -30.82 28.85
CA PHE E 177 16.71 -31.02 28.39
C PHE E 177 17.47 -29.68 28.33
N PRO E 178 17.65 -28.99 29.47
CA PRO E 178 18.19 -27.63 29.51
C PRO E 178 19.72 -27.60 29.39
N ARG E 179 20.26 -26.37 29.31
CA ARG E 179 21.71 -26.18 29.16
C ARG E 179 22.51 -27.00 30.15
N PRO E 180 22.31 -26.90 31.49
CA PRO E 180 23.21 -27.62 32.41
C PRO E 180 23.14 -29.15 32.26
N PHE E 181 22.00 -29.64 31.78
CA PHE E 181 21.87 -31.06 31.43
C PHE E 181 22.92 -31.46 30.41
N TRP E 182 23.07 -30.67 29.32
CA TRP E 182 24.05 -31.00 28.30
C TRP E 182 25.50 -31.00 28.84
N ALA E 183 25.84 -30.03 29.68
CA ALA E 183 27.15 -30.00 30.35
C ALA E 183 27.41 -31.27 31.13
N GLU E 184 26.39 -31.80 31.83
CA GLU E 184 26.55 -33.04 32.59
C GLU E 184 26.67 -34.24 31.67
N MET E 185 25.90 -34.26 30.58
CA MET E 185 25.98 -35.40 29.65
C MET E 185 27.36 -35.54 29.00
N SER E 186 28.05 -34.42 28.79
CA SER E 186 29.35 -34.42 28.14
C SER E 186 30.41 -35.09 29.03
N LYS E 187 30.12 -35.26 30.33
CA LYS E 187 31.00 -36.00 31.23
C LYS E 187 30.79 -37.51 31.18
N ILE E 188 29.77 -37.98 30.43
CA ILE E 188 29.47 -39.39 30.35
C ILE E 188 29.99 -39.91 29.01
N PRO E 189 31.09 -40.73 29.00
CA PRO E 189 31.68 -41.18 27.74
C PRO E 189 30.69 -41.88 26.81
N GLN E 190 29.75 -42.65 27.39
CA GLN E 190 28.79 -43.40 26.61
C GLN E 190 27.85 -42.48 25.81
N VAL E 191 27.64 -41.24 26.26
CA VAL E 191 26.73 -40.34 25.57
C VAL E 191 27.48 -39.69 24.40
N VAL E 192 27.14 -40.08 23.17
CA VAL E 192 27.95 -39.71 22.03
C VAL E 192 27.19 -38.82 21.07
N THR E 193 25.85 -38.78 21.18
CA THR E 193 25.04 -38.04 20.21
C THR E 193 23.71 -37.68 20.86
N ALA E 194 22.95 -36.84 20.18
CA ALA E 194 21.64 -36.38 20.61
C ALA E 194 20.76 -36.18 19.40
N LYS E 195 19.54 -36.73 19.45
CA LYS E 195 18.48 -36.40 18.52
C LYS E 195 17.88 -35.08 19.02
N TYR E 196 18.33 -34.00 18.41
CA TYR E 196 18.13 -32.67 18.92
C TYR E 196 16.98 -32.02 18.19
N LEU E 197 16.43 -31.00 18.85
CA LEU E 197 15.35 -30.26 18.22
C LEU E 197 15.80 -28.83 17.92
N GLY E 198 15.02 -27.82 18.30
CA GLY E 198 15.26 -26.48 17.79
C GLY E 198 16.69 -26.04 18.14
N ILE E 199 17.30 -25.24 17.27
CA ILE E 199 18.71 -24.92 17.34
C ILE E 199 18.95 -23.54 17.96
N GLY E 200 17.95 -22.98 18.63
CA GLY E 200 18.14 -21.65 19.24
C GLY E 200 19.30 -21.55 20.23
N MET E 201 19.59 -22.63 20.94
CA MET E 201 20.66 -22.66 21.93
C MET E 201 21.70 -23.70 21.53
N LEU E 202 21.79 -24.06 20.23
CA LEU E 202 22.79 -25.00 19.79
C LEU E 202 24.22 -24.47 19.99
N ASP E 203 24.46 -23.21 19.65
CA ASP E 203 25.75 -22.55 19.82
C ASP E 203 26.28 -22.76 21.24
N LEU E 204 25.48 -22.45 22.26
CA LEU E 204 25.87 -22.65 23.67
C LEU E 204 26.01 -24.13 24.01
N ASP E 205 25.05 -24.97 23.59
CA ASP E 205 25.08 -26.37 23.94
C ASP E 205 26.34 -27.03 23.41
N LEU E 206 26.77 -26.67 22.21
CA LEU E 206 28.01 -27.17 21.63
C LEU E 206 29.21 -26.85 22.54
N ARG E 207 29.23 -25.63 23.07
CA ARG E 207 30.33 -25.21 23.99
C ARG E 207 30.23 -26.03 25.28
N LEU E 208 29.02 -26.19 25.82
CA LEU E 208 28.83 -26.91 27.10
C LEU E 208 29.12 -28.40 26.98
N ALA E 209 28.95 -28.99 25.79
CA ALA E 209 29.07 -30.43 25.63
C ALA E 209 30.00 -30.77 24.46
N PRO E 210 31.32 -30.59 24.63
CA PRO E 210 32.28 -30.85 23.55
C PRO E 210 32.28 -32.28 23.03
N ASN E 211 31.81 -33.26 23.85
CA ASN E 211 31.98 -34.67 23.51
C ASN E 211 30.74 -35.26 22.84
N ILE E 212 29.74 -34.42 22.52
CA ILE E 212 28.50 -34.94 21.90
C ILE E 212 28.41 -34.46 20.46
N ARG E 213 27.98 -35.38 19.59
CA ARG E 213 27.63 -35.00 18.19
C ARG E 213 26.13 -34.66 18.19
N PHE E 214 25.82 -33.37 18.18
CA PHE E 214 24.45 -32.92 18.19
C PHE E 214 23.87 -33.11 16.80
N LEU E 215 22.79 -33.89 16.71
CA LEU E 215 22.10 -34.07 15.44
C LEU E 215 20.90 -33.13 15.33
N PRO E 216 20.97 -32.03 14.56
CA PRO E 216 19.76 -31.28 14.26
C PRO E 216 18.86 -32.11 13.36
N HIS E 217 17.58 -31.75 13.37
CA HIS E 217 16.65 -32.25 12.39
C HIS E 217 17.12 -31.79 11.01
N GLU E 218 16.88 -32.61 10.00
CA GLU E 218 17.38 -32.38 8.65
C GLU E 218 17.08 -30.95 8.17
N ASP E 219 15.91 -30.40 8.46
CA ASP E 219 15.53 -29.08 7.96
C ASP E 219 16.43 -27.97 8.56
N ASP E 220 17.00 -28.27 9.73
CA ASP E 220 17.83 -27.32 10.47
C ASP E 220 19.33 -27.56 10.25
N TYR E 221 19.70 -28.65 9.52
CA TYR E 221 21.10 -28.98 9.30
C TYR E 221 21.88 -27.86 8.58
N TYR E 222 21.28 -27.26 7.55
CA TYR E 222 21.86 -26.15 6.80
C TYR E 222 22.29 -25.03 7.75
N ALA E 223 21.37 -24.56 8.55
CA ALA E 223 21.62 -23.46 9.49
C ALA E 223 22.67 -23.87 10.51
N ALA E 224 22.50 -25.05 11.10
CA ALA E 224 23.38 -25.55 12.16
C ALA E 224 24.81 -25.72 11.64
N ALA E 225 24.96 -26.27 10.43
CA ALA E 225 26.26 -26.50 9.84
C ALA E 225 26.93 -25.14 9.56
N ARG E 226 26.17 -24.10 9.24
CA ARG E 226 26.77 -22.79 9.04
C ARG E 226 27.21 -22.16 10.39
N ILE E 227 26.47 -22.46 11.46
CA ILE E 227 26.84 -21.99 12.79
C ILE E 227 28.19 -22.56 13.21
N ASN E 228 28.33 -23.88 13.12
CA ASN E 228 29.53 -24.53 13.55
C ASN E 228 29.85 -25.69 12.59
N PRO E 229 30.57 -25.42 11.49
CA PRO E 229 30.87 -26.46 10.49
C PRO E 229 31.79 -27.58 10.98
N GLU E 230 32.62 -27.26 11.97
CA GLU E 230 33.51 -28.25 12.56
C GLU E 230 32.72 -29.28 13.35
N ARG E 231 31.73 -28.83 14.13
CA ARG E 231 31.01 -29.73 15.05
C ARG E 231 29.79 -30.37 14.39
N ILE E 232 29.11 -29.61 13.53
CA ILE E 232 27.84 -30.04 12.98
C ILE E 232 28.11 -30.70 11.62
N THR E 233 28.35 -32.02 11.68
CA THR E 233 28.72 -32.83 10.52
C THR E 233 27.70 -33.92 10.22
N ALA E 234 26.63 -33.98 11.00
CA ALA E 234 25.67 -35.06 10.93
C ALA E 234 24.29 -34.50 11.26
N PHE E 235 23.23 -35.21 10.82
CA PHE E 235 21.87 -34.79 11.13
C PHE E 235 20.98 -36.02 11.15
N TRP E 236 19.78 -35.90 11.71
CA TRP E 236 18.78 -36.97 11.70
C TRP E 236 17.67 -36.64 10.71
N SER E 237 17.19 -37.69 10.04
CA SER E 237 16.23 -37.54 8.94
C SER E 237 15.09 -38.53 9.12
N SER E 238 13.84 -38.02 9.16
CA SER E 238 12.65 -38.83 8.99
C SER E 238 12.15 -38.75 7.54
N GLY E 239 12.43 -37.63 6.85
CA GLY E 239 12.09 -37.47 5.44
C GLY E 239 12.67 -38.58 4.55
N ALA E 240 13.81 -39.16 4.96
CA ALA E 240 14.46 -40.20 4.17
C ALA E 240 13.56 -41.44 4.02
N MET E 241 12.58 -41.59 4.91
CA MET E 241 11.67 -42.73 4.85
C MET E 241 10.68 -42.59 3.68
N CYS E 242 10.70 -41.42 3.03
CA CYS E 242 9.91 -41.14 1.85
C CYS E 242 10.78 -41.15 0.59
N GLY E 243 12.02 -41.63 0.75
CA GLY E 243 13.04 -41.65 -0.29
C GLY E 243 14.28 -40.89 0.17
N PRO E 244 15.41 -41.59 0.38
CA PRO E 244 16.60 -40.98 0.96
C PRO E 244 17.50 -40.07 0.12
N ALA E 245 17.19 -39.90 -1.18
CA ALA E 245 18.08 -39.15 -2.04
C ALA E 245 18.26 -37.71 -1.55
N THR E 246 17.18 -37.10 -1.05
CA THR E 246 17.23 -35.71 -0.65
C THR E 246 18.24 -35.53 0.49
N ALA E 247 18.18 -36.40 1.52
CA ALA E 247 19.08 -36.35 2.65
C ALA E 247 20.53 -36.60 2.23
N ILE E 248 20.73 -37.55 1.32
CA ILE E 248 22.05 -37.84 0.81
C ILE E 248 22.60 -36.63 0.05
N MET E 249 21.78 -35.98 -0.74
CA MET E 249 22.22 -34.81 -1.51
C MET E 249 22.51 -33.63 -0.57
N LEU E 250 21.67 -33.46 0.45
CA LEU E 250 21.96 -32.41 1.47
C LEU E 250 23.31 -32.66 2.10
N ARG E 251 23.52 -33.89 2.61
CA ARG E 251 24.80 -34.27 3.19
C ARG E 251 25.97 -33.91 2.26
N ASP E 252 25.88 -34.37 1.02
CA ASP E 252 26.97 -34.24 0.06
C ASP E 252 27.23 -32.77 -0.25
N GLU E 253 26.15 -31.99 -0.40
CA GLU E 253 26.28 -30.62 -0.84
CA GLU E 253 26.29 -30.62 -0.85
C GLU E 253 26.80 -29.75 0.30
N VAL E 254 26.44 -30.09 1.53
CA VAL E 254 26.98 -29.39 2.69
C VAL E 254 28.48 -29.64 2.84
N VAL E 255 28.93 -30.88 2.62
CA VAL E 255 30.36 -31.14 2.60
C VAL E 255 31.06 -30.20 1.59
N ARG E 256 30.52 -30.10 0.38
CA ARG E 256 31.15 -29.21 -0.64
C ARG E 256 31.09 -27.75 -0.18
N ALA E 257 29.92 -27.31 0.31
CA ALA E 257 29.77 -25.93 0.73
C ALA E 257 30.83 -25.56 1.79
N LYS E 258 31.13 -26.47 2.72
CA LYS E 258 32.10 -26.20 3.74
C LYS E 258 33.49 -26.01 3.14
N SER E 259 33.78 -26.73 2.04
CA SER E 259 35.05 -26.66 1.36
C SER E 259 35.12 -25.42 0.46
N THR E 260 34.05 -25.11 -0.29
CA THR E 260 34.09 -24.08 -1.33
C THR E 260 33.64 -22.73 -0.81
N GLY E 261 32.84 -22.72 0.28
CA GLY E 261 32.18 -21.51 0.75
C GLY E 261 30.94 -21.14 -0.04
N ASP E 262 30.52 -21.97 -0.98
CA ASP E 262 29.35 -21.67 -1.78
C ASP E 262 28.16 -22.53 -1.30
N TRP E 263 27.26 -21.87 -0.58
CA TRP E 263 26.19 -22.51 0.18
C TRP E 263 24.87 -22.46 -0.59
N ALA E 264 24.85 -21.97 -1.84
CA ALA E 264 23.60 -21.75 -2.55
C ALA E 264 22.84 -23.06 -2.81
N LYS E 265 23.54 -24.12 -3.22
CA LYS E 265 22.85 -25.35 -3.56
C LYS E 265 22.34 -26.03 -2.29
N ALA E 266 23.14 -25.99 -1.21
CA ALA E 266 22.73 -26.59 0.06
C ALA E 266 21.48 -25.87 0.55
N LYS E 267 21.45 -24.54 0.36
CA LYS E 267 20.33 -23.72 0.78
C LYS E 267 19.09 -24.11 -0.02
N ALA E 268 19.24 -24.35 -1.34
CA ALA E 268 18.11 -24.72 -2.17
C ALA E 268 17.53 -26.07 -1.73
N ILE E 269 18.38 -27.04 -1.43
CA ILE E 269 17.92 -28.34 -0.98
C ILE E 269 17.19 -28.20 0.37
N SER E 270 17.78 -27.46 1.30
CA SER E 270 17.21 -27.23 2.61
C SER E 270 15.85 -26.55 2.51
N ASP E 271 15.72 -25.58 1.61
CA ASP E 271 14.45 -24.88 1.40
C ASP E 271 13.37 -25.80 0.85
N ASP E 272 13.75 -26.70 -0.07
CA ASP E 272 12.88 -27.72 -0.60
C ASP E 272 12.34 -28.62 0.52
N MET E 273 13.23 -29.01 1.43
CA MET E 273 12.85 -29.86 2.55
C MET E 273 11.82 -29.18 3.47
N ARG E 274 12.06 -27.92 3.84
CA ARG E 274 11.11 -27.19 4.64
C ARG E 274 9.74 -27.10 3.95
N ALA E 275 9.73 -26.83 2.63
CA ALA E 275 8.45 -26.76 1.91
C ALA E 275 7.74 -28.12 1.96
N ALA E 276 8.47 -29.21 1.79
CA ALA E 276 7.84 -30.53 1.81
C ALA E 276 7.21 -30.84 3.18
N ASP E 277 7.81 -30.30 4.25
CA ASP E 277 7.30 -30.46 5.60
C ASP E 277 6.14 -29.53 5.90
N SER E 278 5.84 -28.56 5.02
CA SER E 278 5.03 -27.44 5.43
C SER E 278 3.58 -27.80 5.77
N THR E 279 3.04 -28.92 5.29
CA THR E 279 1.65 -29.31 5.55
C THR E 279 1.55 -30.40 6.62
N LEU E 280 2.65 -30.81 7.22
CA LEU E 280 2.60 -31.97 8.11
C LEU E 280 1.81 -31.67 9.40
N PHE E 281 2.10 -30.54 10.05
CA PHE E 281 1.44 -30.19 11.31
C PHE E 281 -0.02 -29.78 11.11
N PRO E 282 -0.94 -30.39 11.87
CA PRO E 282 -2.36 -30.01 11.84
C PRO E 282 -2.49 -28.52 12.17
N ARG E 283 -3.06 -27.76 11.23
CA ARG E 283 -3.25 -26.32 11.32
C ARG E 283 -1.95 -25.62 11.71
N GLY E 284 -0.81 -26.18 11.34
CA GLY E 284 0.48 -25.58 11.64
C GLY E 284 0.79 -25.62 13.13
N ASP E 285 0.05 -26.46 13.88
CA ASP E 285 0.13 -26.45 15.33
C ASP E 285 0.94 -27.64 15.84
N PHE E 286 2.05 -27.36 16.50
CA PHE E 286 2.96 -28.40 16.97
C PHE E 286 2.35 -29.26 18.08
N SER E 287 1.51 -28.65 18.94
CA SER E 287 0.89 -29.39 20.03
C SER E 287 -0.05 -30.46 19.47
N GLU E 288 -0.74 -30.10 18.39
CA GLU E 288 -1.59 -31.02 17.65
C GLU E 288 -0.71 -32.08 16.96
N PHE E 289 0.42 -31.70 16.35
CA PHE E 289 1.32 -32.69 15.77
C PHE E 289 1.80 -33.69 16.82
N SER E 290 2.08 -33.20 18.03
CA SER E 290 2.63 -34.02 19.10
C SER E 290 1.64 -35.12 19.49
N LYS E 291 0.35 -34.80 19.49
CA LYS E 291 -0.67 -35.79 19.80
C LYS E 291 -0.75 -36.87 18.73
N TYR E 292 -0.48 -36.51 17.46
CA TYR E 292 -0.69 -37.45 16.37
C TYR E 292 0.62 -37.80 15.66
N ASN E 293 1.75 -37.64 16.36
CA ASN E 293 3.14 -37.82 15.89
CA ASN E 293 3.12 -37.82 15.87
C ASN E 293 3.24 -39.19 15.22
N ILE E 294 2.68 -40.23 15.85
CA ILE E 294 2.81 -41.56 15.30
C ILE E 294 2.04 -41.69 13.98
N GLY E 295 0.75 -41.40 14.02
CA GLY E 295 -0.15 -41.63 12.91
C GLY E 295 0.21 -40.74 11.74
N LEU E 296 0.65 -39.51 12.03
CA LEU E 296 0.99 -38.55 10.98
C LEU E 296 2.25 -39.00 10.26
N GLU E 297 3.27 -39.41 10.99
CA GLU E 297 4.52 -39.85 10.40
C GLU E 297 4.28 -41.10 9.54
N LYS E 298 3.55 -42.07 10.11
CA LYS E 298 3.31 -43.34 9.41
C LYS E 298 2.46 -43.10 8.18
N ALA E 299 1.44 -42.22 8.26
CA ALA E 299 0.61 -41.93 7.12
C ALA E 299 1.40 -41.27 5.99
N ARG E 300 2.33 -40.38 6.36
CA ARG E 300 3.16 -39.68 5.36
C ARG E 300 4.02 -40.71 4.62
N MET E 301 4.64 -41.59 5.37
CA MET E 301 5.46 -42.64 4.77
C MET E 301 4.64 -43.53 3.86
N ASP E 302 3.46 -43.96 4.32
CA ASP E 302 2.55 -44.76 3.48
C ASP E 302 2.23 -44.00 2.20
N ALA E 303 1.95 -42.69 2.28
CA ALA E 303 1.59 -41.96 1.08
C ALA E 303 2.77 -41.84 0.12
N ALA E 304 4.01 -41.69 0.65
CA ALA E 304 5.17 -41.53 -0.18
C ALA E 304 5.48 -42.77 -1.01
N GLY E 305 5.24 -43.96 -0.48
CA GLY E 305 5.34 -45.17 -1.28
C GLY E 305 6.74 -45.77 -1.29
N TRP E 306 7.70 -45.21 -0.53
CA TRP E 306 9.05 -45.73 -0.54
C TRP E 306 9.13 -46.94 0.39
N LEU E 307 8.31 -46.91 1.45
CA LEU E 307 8.19 -48.04 2.35
C LEU E 307 6.76 -48.12 2.88
N LYS E 308 6.43 -49.24 3.53
CA LYS E 308 5.13 -49.50 4.09
C LYS E 308 5.22 -49.44 5.62
N ALA E 309 4.80 -48.29 6.17
CA ALA E 309 4.93 -48.15 7.62
C ALA E 309 3.80 -48.92 8.31
N GLY E 310 2.59 -48.78 7.76
CA GLY E 310 1.47 -49.62 8.16
C GLY E 310 0.70 -49.04 9.33
N PRO E 311 -0.36 -49.75 9.80
CA PRO E 311 -1.21 -49.26 10.87
C PRO E 311 -0.49 -49.04 12.21
N CYS E 312 -1.05 -48.14 13.01
CA CYS E 312 -0.51 -47.81 14.31
C CYS E 312 -1.03 -48.77 15.38
N ARG E 313 -0.14 -49.19 16.26
CA ARG E 313 -0.49 -50.00 17.39
C ARG E 313 -1.29 -49.18 18.41
N PRO E 314 -2.22 -49.87 19.12
CA PRO E 314 -3.10 -49.19 20.06
C PRO E 314 -2.30 -48.69 21.29
N PRO E 315 -2.70 -47.56 21.88
CA PRO E 315 -3.93 -46.85 21.57
C PRO E 315 -3.95 -45.81 20.45
N TYR E 316 -2.79 -45.51 19.84
CA TYR E 316 -2.63 -44.31 19.00
C TYR E 316 -2.94 -44.65 17.54
N ASN E 317 -4.15 -45.16 17.33
CA ASN E 317 -4.57 -45.70 16.05
C ASN E 317 -5.73 -44.90 15.47
N LEU E 318 -5.97 -43.67 15.96
CA LEU E 318 -7.02 -42.81 15.41
C LEU E 318 -6.47 -41.41 15.16
N VAL E 319 -6.47 -40.99 13.89
CA VAL E 319 -6.06 -39.64 13.55
C VAL E 319 -7.18 -38.94 12.81
N PRO E 320 -7.59 -37.70 13.20
CA PRO E 320 -8.66 -37.01 12.48
C PRO E 320 -8.38 -36.98 10.97
N GLU E 321 -9.38 -37.33 10.16
CA GLU E 321 -9.22 -37.47 8.72
C GLU E 321 -8.62 -36.21 8.10
N ASP E 322 -9.03 -35.02 8.58
CA ASP E 322 -8.54 -33.77 7.98
C ASP E 322 -7.04 -33.62 8.17
N TYR E 323 -6.49 -34.19 9.24
CA TYR E 323 -5.06 -34.08 9.52
C TYR E 323 -4.27 -35.03 8.63
N LEU E 324 -4.94 -36.06 8.12
CA LEU E 324 -4.27 -37.10 7.35
C LEU E 324 -3.86 -36.52 6.01
N ALA E 325 -4.72 -35.70 5.39
CA ALA E 325 -4.44 -35.15 4.09
C ALA E 325 -3.14 -34.33 4.12
N GLY E 326 -2.87 -33.61 5.20
CA GLY E 326 -1.68 -32.78 5.24
C GLY E 326 -0.43 -33.66 5.30
N ALA E 327 -0.52 -34.77 6.07
CA ALA E 327 0.59 -35.71 6.18
C ALA E 327 0.84 -36.38 4.82
N GLN E 328 -0.23 -36.75 4.12
CA GLN E 328 -0.13 -37.44 2.84
C GLN E 328 0.46 -36.51 1.79
N LYS E 329 0.03 -35.24 1.81
CA LYS E 329 0.60 -34.23 0.94
C LYS E 329 2.11 -34.05 1.17
N SER E 330 2.52 -34.07 2.44
CA SER E 330 3.94 -33.98 2.78
C SER E 330 4.69 -35.20 2.25
N GLY E 331 4.12 -36.39 2.41
CA GLY E 331 4.69 -37.62 1.88
C GLY E 331 4.90 -37.55 0.36
N LYS E 332 3.91 -37.03 -0.36
CA LYS E 332 4.03 -36.90 -1.80
C LYS E 332 5.12 -35.89 -2.15
N ALA E 333 5.25 -34.80 -1.39
CA ALA E 333 6.25 -33.78 -1.66
C ALA E 333 7.64 -34.36 -1.45
N TRP E 334 7.85 -35.12 -0.36
CA TRP E 334 9.12 -35.75 -0.14
C TRP E 334 9.44 -36.79 -1.21
N ALA E 335 8.45 -37.55 -1.66
CA ALA E 335 8.67 -38.52 -2.73
C ALA E 335 9.14 -37.80 -4.01
N ALA E 336 8.55 -36.65 -4.31
CA ALA E 336 8.94 -35.81 -5.45
C ALA E 336 10.36 -35.30 -5.31
N LEU E 337 10.76 -34.88 -4.10
CA LEU E 337 12.14 -34.52 -3.85
C LEU E 337 13.07 -35.69 -4.10
N HIS E 338 12.70 -36.89 -3.62
CA HIS E 338 13.54 -38.07 -3.81
C HIS E 338 13.76 -38.32 -5.32
N ALA E 339 12.70 -38.19 -6.12
CA ALA E 339 12.85 -38.39 -7.56
C ALA E 339 13.79 -37.33 -8.16
N LYS E 340 13.64 -36.07 -7.72
CA LYS E 340 14.44 -34.97 -8.23
C LYS E 340 15.90 -35.19 -7.89
N TYR E 341 16.20 -35.52 -6.62
CA TYR E 341 17.57 -35.65 -6.18
C TYR E 341 18.18 -36.98 -6.61
N SER E 342 17.39 -38.04 -6.77
CA SER E 342 17.92 -39.27 -7.33
C SER E 342 18.62 -38.99 -8.66
N ASN E 343 18.00 -38.16 -9.50
CA ASN E 343 18.52 -37.80 -10.81
C ASN E 343 19.78 -36.94 -10.69
N GLU E 344 19.89 -36.12 -9.64
CA GLU E 344 21.04 -35.26 -9.45
C GLU E 344 22.21 -36.03 -8.85
N LEU E 345 21.95 -37.19 -8.21
CA LEU E 345 23.02 -37.98 -7.62
C LEU E 345 23.87 -38.69 -8.68
N LYS E 346 23.27 -39.20 -9.76
CA LYS E 346 24.00 -39.73 -10.90
C LYS E 346 23.13 -39.58 -12.15
N THR F 20 13.43 13.44 6.47
CA THR F 20 12.70 12.59 7.43
C THR F 20 11.83 11.56 6.70
N SER F 21 12.39 10.91 5.67
CA SER F 21 11.69 9.85 4.93
C SER F 21 11.84 8.50 5.64
N ARG F 22 10.86 7.62 5.41
CA ARG F 22 10.59 6.52 6.33
C ARG F 22 11.74 5.53 6.26
N LEU F 23 12.18 5.05 7.43
CA LEU F 23 13.20 4.03 7.50
C LEU F 23 12.78 2.80 6.73
N THR F 24 13.74 2.10 6.12
CA THR F 24 13.49 0.78 5.53
C THR F 24 14.49 -0.16 6.17
N ALA F 25 14.31 -1.47 5.92
CA ALA F 25 15.23 -2.49 6.40
C ALA F 25 16.67 -2.21 5.97
N GLU F 26 16.85 -1.68 4.75
CA GLU F 26 18.16 -1.37 4.22
C GLU F 26 18.92 -0.40 5.13
N ASP F 27 18.19 0.44 5.88
CA ASP F 27 18.79 1.45 6.72
C ASP F 27 19.10 0.94 8.14
N ILE F 28 18.81 -0.35 8.42
CA ILE F 28 18.92 -0.90 9.75
C ILE F 28 20.10 -1.84 9.78
N ASN F 29 21.22 -1.40 10.41
CA ASN F 29 22.44 -2.19 10.44
C ASN F 29 23.14 -2.02 11.78
N GLY F 30 23.95 -2.99 12.16
CA GLY F 30 24.84 -2.82 13.31
C GLY F 30 24.14 -2.99 14.66
N ALA F 31 24.61 -2.21 15.63
CA ALA F 31 24.23 -2.33 17.02
C ALA F 31 23.08 -1.38 17.36
N TRP F 32 21.92 -1.98 17.65
CA TRP F 32 20.70 -1.30 18.05
C TRP F 32 20.51 -1.53 19.54
N THR F 33 20.68 -0.47 20.35
CA THR F 33 20.70 -0.58 21.78
C THR F 33 19.37 -0.14 22.36
N ILE F 34 18.83 -0.96 23.29
CA ILE F 34 17.55 -0.68 23.91
C ILE F 34 17.80 -0.07 25.27
N MET F 35 17.36 1.18 25.41
CA MET F 35 17.61 1.94 26.62
C MET F 35 16.42 1.82 27.55
N PRO F 36 16.67 1.89 28.87
CA PRO F 36 15.63 1.99 29.87
C PRO F 36 15.02 3.39 29.88
N THR F 37 14.02 3.54 30.73
CA THR F 37 13.44 4.83 31.04
C THR F 37 13.86 5.19 32.45
N PRO F 38 14.94 6.01 32.59
CA PRO F 38 15.49 6.33 33.90
C PRO F 38 14.45 6.88 34.85
N SER F 39 14.55 6.43 36.10
CA SER F 39 13.61 6.75 37.15
CA SER F 39 13.61 6.75 37.15
C SER F 39 14.21 7.73 38.15
N THR F 40 13.36 8.61 38.67
CA THR F 40 13.70 9.40 39.87
C THR F 40 13.65 8.51 41.11
N PRO F 41 14.24 8.92 42.24
CA PRO F 41 14.22 8.11 43.44
C PRO F 41 12.85 7.71 43.98
N ASP F 42 11.80 8.50 43.70
CA ASP F 42 10.47 8.21 44.21
C ASP F 42 9.61 7.38 43.24
N ALA F 43 10.21 6.77 42.21
CA ALA F 43 9.41 6.26 41.08
C ALA F 43 8.62 4.99 41.44
N SER F 44 8.93 4.29 42.55
CA SER F 44 8.17 3.13 42.94
C SER F 44 6.83 3.48 43.60
N ASP F 45 6.62 4.74 43.97
CA ASP F 45 5.48 5.13 44.78
C ASP F 45 4.39 5.59 43.80
N TRP F 46 3.21 4.97 43.93
CA TRP F 46 2.07 5.33 43.08
C TRP F 46 1.69 6.80 43.19
N ARG F 47 2.07 7.49 44.27
CA ARG F 47 1.75 8.90 44.44
C ARG F 47 2.58 9.79 43.54
N SER F 48 3.72 9.28 43.03
CA SER F 48 4.64 10.11 42.28
C SER F 48 4.11 10.37 40.88
N THR F 49 4.26 11.59 40.36
CA THR F 49 3.65 11.92 39.05
C THR F 49 4.64 12.19 37.92
N ALA F 50 5.88 12.55 38.24
CA ALA F 50 6.77 12.90 37.15
C ALA F 50 8.09 12.16 37.39
N THR F 51 8.14 10.87 37.07
CA THR F 51 9.19 10.01 37.61
C THR F 51 10.30 9.78 36.61
N VAL F 52 10.29 10.46 35.44
CA VAL F 52 11.38 10.26 34.49
C VAL F 52 12.54 11.22 34.82
N ASP F 53 13.76 10.69 35.00
CA ASP F 53 14.94 11.57 35.08
C ASP F 53 15.32 11.92 33.65
N LEU F 54 14.90 13.10 33.23
CA LEU F 54 15.05 13.55 31.87
C LEU F 54 16.50 13.88 31.57
N GLU F 55 17.26 14.36 32.56
CA GLU F 55 18.65 14.65 32.28
C GLU F 55 19.45 13.35 32.12
N GLU F 56 19.20 12.32 32.94
CA GLU F 56 19.83 11.03 32.79
C GLU F 56 19.48 10.46 31.43
N THR F 57 18.24 10.65 30.98
CA THR F 57 17.79 10.21 29.67
C THR F 57 18.68 10.84 28.58
N ALA F 58 18.84 12.19 28.64
CA ALA F 58 19.66 12.90 27.67
C ALA F 58 21.10 12.40 27.70
N ARG F 59 21.63 12.14 28.92
CA ARG F 59 23.02 11.76 29.08
C ARG F 59 23.24 10.38 28.47
N ILE F 60 22.29 9.45 28.71
CA ILE F 60 22.39 8.11 28.15
C ILE F 60 22.42 8.20 26.62
N VAL F 61 21.52 8.99 26.01
CA VAL F 61 21.43 9.07 24.56
C VAL F 61 22.74 9.58 23.98
N GLU F 62 23.30 10.67 24.56
CA GLU F 62 24.55 11.21 24.03
C GLU F 62 25.69 10.19 24.17
N GLU F 63 25.73 9.47 25.29
CA GLU F 63 26.75 8.46 25.53
C GLU F 63 26.64 7.33 24.49
N LEU F 64 25.41 6.94 24.17
CA LEU F 64 25.22 5.87 23.19
C LEU F 64 25.67 6.34 21.81
N ILE F 65 25.27 7.55 21.42
CA ILE F 65 25.68 8.09 20.13
C ILE F 65 27.21 8.13 20.11
N ALA F 66 27.84 8.61 21.20
CA ALA F 66 29.28 8.74 21.24
C ALA F 66 29.98 7.40 21.10
N ALA F 67 29.37 6.33 21.65
CA ALA F 67 29.94 5.01 21.52
C ALA F 67 29.86 4.49 20.09
N GLY F 68 29.05 5.10 19.24
CA GLY F 68 28.98 4.68 17.83
C GLY F 68 27.78 3.74 17.58
N VAL F 69 26.76 3.74 18.44
CA VAL F 69 25.60 2.88 18.24
C VAL F 69 24.91 3.30 16.95
N ASN F 70 24.28 2.33 16.28
CA ASN F 70 23.67 2.57 14.98
C ASN F 70 22.24 3.10 15.11
N GLY F 71 21.54 2.70 16.17
CA GLY F 71 20.17 3.09 16.41
C GLY F 71 19.78 2.85 17.86
N ILE F 72 18.70 3.49 18.30
CA ILE F 72 18.24 3.38 19.66
C ILE F 72 16.78 2.88 19.68
N LEU F 73 16.56 1.84 20.48
CA LEU F 73 15.22 1.35 20.77
C LEU F 73 14.93 1.71 22.21
N SER F 74 13.65 1.73 22.54
CA SER F 74 13.18 2.06 23.86
C SER F 74 11.75 1.53 24.05
N MET F 75 11.31 1.54 25.29
CA MET F 75 9.90 1.43 25.64
C MET F 75 9.38 0.04 25.33
N GLY F 76 10.21 -0.98 25.57
CA GLY F 76 9.68 -2.35 25.65
C GLY F 76 9.30 -2.69 27.08
N THR F 77 9.52 -3.93 27.51
CA THR F 77 9.12 -4.37 28.82
C THR F 77 9.96 -3.68 29.90
N PHE F 78 11.29 -3.89 29.94
CA PHE F 78 12.10 -3.32 30.99
C PHE F 78 12.12 -1.78 30.89
N GLY F 79 11.82 -1.24 29.70
CA GLY F 79 11.67 0.18 29.47
C GLY F 79 10.40 0.79 30.05
N GLU F 80 9.52 -0.08 30.61
CA GLU F 80 8.38 0.30 31.43
C GLU F 80 7.35 1.03 30.59
N CYS F 81 7.19 0.61 29.33
CA CYS F 81 6.07 1.06 28.54
C CYS F 81 4.75 0.81 29.27
N ALA F 82 4.65 -0.28 30.05
CA ALA F 82 3.41 -0.60 30.75
C ALA F 82 3.11 0.39 31.87
N THR F 83 4.15 0.95 32.52
CA THR F 83 3.95 1.60 33.82
C THR F 83 4.26 3.09 33.85
N LEU F 84 4.71 3.68 32.75
CA LEU F 84 4.84 5.13 32.59
C LEU F 84 3.46 5.75 32.38
N THR F 85 3.27 6.98 32.88
CA THR F 85 2.08 7.74 32.50
C THR F 85 2.31 8.34 31.09
N TRP F 86 1.23 8.80 30.47
CA TRP F 86 1.32 9.37 29.12
C TRP F 86 2.17 10.64 29.11
N ASP F 87 2.03 11.49 30.12
CA ASP F 87 2.83 12.70 30.20
C ASP F 87 4.32 12.33 30.30
N GLU F 88 4.65 11.29 31.10
CA GLU F 88 6.02 10.82 31.23
C GLU F 88 6.58 10.35 29.90
N LYS F 89 5.77 9.58 29.17
CA LYS F 89 6.14 9.07 27.86
C LYS F 89 6.44 10.23 26.91
N ARG F 90 5.56 11.22 26.85
CA ARG F 90 5.77 12.34 25.94
C ARG F 90 7.03 13.11 26.32
N ASP F 91 7.25 13.33 27.61
CA ASP F 91 8.44 14.06 28.04
C ASP F 91 9.71 13.29 27.72
N TYR F 92 9.73 11.98 27.98
CA TYR F 92 10.86 11.12 27.67
C TYR F 92 11.20 11.15 26.18
N VAL F 93 10.20 10.91 25.33
CA VAL F 93 10.43 10.90 23.90
C VAL F 93 10.89 12.29 23.40
N SER F 94 10.30 13.38 23.93
CA SER F 94 10.69 14.73 23.54
C SER F 94 12.18 14.94 23.84
N THR F 95 12.61 14.53 25.03
CA THR F 95 13.98 14.68 25.47
C THR F 95 14.92 13.90 24.57
N ILE F 96 14.55 12.66 24.25
CA ILE F 96 15.34 11.83 23.38
C ILE F 96 15.47 12.49 22.00
N VAL F 97 14.36 12.95 21.42
CA VAL F 97 14.37 13.46 20.06
C VAL F 97 15.26 14.72 20.01
N GLU F 98 15.10 15.61 20.99
CA GLU F 98 15.88 16.84 21.06
C GLU F 98 17.37 16.53 21.19
N THR F 99 17.71 15.49 21.95
CA THR F 99 19.09 15.09 22.17
C THR F 99 19.69 14.52 20.89
N ILE F 100 18.95 13.61 20.21
CA ILE F 100 19.47 12.94 19.05
C ILE F 100 19.72 13.92 17.90
N ARG F 101 18.82 14.87 17.74
CA ARG F 101 18.82 15.83 16.65
C ARG F 101 19.10 15.14 15.33
N GLY F 102 18.37 14.06 15.05
CA GLY F 102 18.38 13.33 13.79
C GLY F 102 19.68 12.58 13.49
N ARG F 103 20.59 12.42 14.44
CA ARG F 103 21.88 11.79 14.15
C ARG F 103 21.80 10.26 14.01
N VAL F 104 20.88 9.62 14.72
CA VAL F 104 20.66 8.18 14.62
C VAL F 104 19.14 7.97 14.64
N PRO F 105 18.67 6.87 14.05
CA PRO F 105 17.26 6.49 14.15
C PRO F 105 16.87 6.07 15.56
N TYR F 106 15.60 6.37 15.91
CA TYR F 106 15.07 6.15 17.24
C TYR F 106 13.65 5.60 17.16
N PHE F 107 13.41 4.50 17.88
CA PHE F 107 12.11 3.89 18.04
C PHE F 107 11.61 4.08 19.46
N CYS F 108 10.44 4.69 19.56
CA CYS F 108 9.62 4.68 20.77
C CYS F 108 8.91 3.31 20.85
N GLY F 109 8.05 3.14 21.85
CA GLY F 109 7.20 1.96 22.00
C GLY F 109 5.78 2.40 22.35
N THR F 110 4.78 1.80 21.69
CA THR F 110 3.40 2.20 21.87
C THR F 110 2.47 1.02 22.05
N THR F 111 3.00 -0.12 22.52
CA THR F 111 2.13 -1.24 22.86
C THR F 111 1.11 -0.77 23.90
N ALA F 112 -0.16 -1.13 23.66
CA ALA F 112 -1.27 -0.72 24.51
C ALA F 112 -2.36 -1.77 24.42
N LEU F 113 -3.49 -1.52 25.13
CA LEU F 113 -4.54 -2.52 25.28
C LEU F 113 -5.45 -2.61 24.05
N ASN F 114 -5.40 -1.66 23.14
CA ASN F 114 -6.31 -1.69 22.00
C ASN F 114 -5.76 -0.88 20.84
N THR F 115 -6.37 -1.11 19.66
CA THR F 115 -5.84 -0.57 18.43
C THR F 115 -5.92 0.95 18.43
N ARG F 116 -7.03 1.49 18.92
CA ARG F 116 -7.21 2.94 18.90
C ARG F 116 -6.20 3.66 19.77
N GLU F 117 -5.88 3.11 20.96
CA GLU F 117 -4.89 3.71 21.85
C GLU F 117 -3.50 3.61 21.24
N VAL F 118 -3.20 2.47 20.60
CA VAL F 118 -1.91 2.34 19.93
C VAL F 118 -1.76 3.45 18.87
N ILE F 119 -2.79 3.63 18.08
CA ILE F 119 -2.74 4.61 17.00
C ILE F 119 -2.57 6.02 17.59
N ARG F 120 -3.34 6.36 18.63
CA ARG F 120 -3.26 7.67 19.27
C ARG F 120 -1.84 7.95 19.74
N GLN F 121 -1.26 6.97 20.47
CA GLN F 121 0.08 7.15 21.01
C GLN F 121 1.12 7.22 19.90
N THR F 122 1.00 6.36 18.88
CA THR F 122 1.95 6.28 17.80
C THR F 122 1.95 7.61 17.02
N ARG F 123 0.77 8.16 16.72
CA ARG F 123 0.73 9.42 15.99
C ARG F 123 1.45 10.51 16.77
N GLU F 124 1.18 10.63 18.08
CA GLU F 124 1.79 11.68 18.89
C GLU F 124 3.32 11.52 18.98
N LEU F 125 3.82 10.31 19.29
CA LEU F 125 5.24 10.11 19.46
C LEU F 125 6.01 10.28 18.13
N ILE F 126 5.45 9.81 17.02
CA ILE F 126 6.07 10.01 15.73
C ILE F 126 6.06 11.51 15.42
N ASP F 127 4.95 12.20 15.72
CA ASP F 127 4.88 13.65 15.54
C ASP F 127 5.97 14.36 16.32
N ILE F 128 6.27 13.91 17.54
CA ILE F 128 7.30 14.55 18.35
C ILE F 128 8.65 14.39 17.64
N GLY F 129 8.83 13.26 16.96
CA GLY F 129 9.99 13.04 16.13
C GLY F 129 10.63 11.66 16.23
N ALA F 130 9.98 10.67 16.86
CA ALA F 130 10.50 9.30 16.76
C ALA F 130 10.36 8.86 15.30
N ASN F 131 11.25 7.97 14.84
CA ASN F 131 11.20 7.45 13.48
C ASN F 131 10.25 6.27 13.37
N GLY F 132 10.03 5.55 14.49
CA GLY F 132 9.18 4.36 14.42
C GLY F 132 8.78 3.95 15.82
N THR F 133 7.97 2.89 15.89
CA THR F 133 7.52 2.33 17.15
C THR F 133 7.88 0.84 17.21
N MET F 134 8.40 0.45 18.36
CA MET F 134 8.62 -0.94 18.69
C MET F 134 7.35 -1.40 19.37
N LEU F 135 6.65 -2.31 18.68
CA LEU F 135 5.24 -2.55 18.92
C LEU F 135 4.90 -4.04 19.05
N GLY F 136 4.38 -4.37 20.23
CA GLY F 136 3.83 -5.69 20.56
C GLY F 136 2.34 -5.70 20.26
N VAL F 137 1.61 -6.71 20.68
CA VAL F 137 0.17 -6.74 20.44
C VAL F 137 -0.57 -6.59 21.74
N PRO F 138 -1.80 -6.01 21.70
CA PRO F 138 -2.70 -6.01 22.84
C PRO F 138 -2.81 -7.43 23.41
N MET F 139 -2.77 -7.49 24.75
CA MET F 139 -2.59 -8.77 25.37
C MET F 139 -3.60 -9.07 26.48
N TRP F 140 -4.58 -8.21 26.74
CA TRP F 140 -5.61 -8.62 27.71
C TRP F 140 -6.30 -9.92 27.26
N VAL F 141 -6.67 -9.94 25.99
CA VAL F 141 -7.14 -11.12 25.30
C VAL F 141 -6.05 -11.56 24.34
N LYS F 142 -5.70 -12.84 24.42
CA LYS F 142 -4.73 -13.48 23.53
C LYS F 142 -5.20 -13.33 22.08
N MET F 143 -4.37 -12.69 21.27
CA MET F 143 -4.67 -12.57 19.86
C MET F 143 -4.48 -13.88 19.11
N ASP F 144 -5.28 -14.06 18.05
CA ASP F 144 -5.04 -15.11 17.08
C ASP F 144 -4.33 -14.51 15.86
N LEU F 145 -3.98 -15.37 14.89
CA LEU F 145 -3.21 -14.97 13.74
C LEU F 145 -3.90 -13.86 12.92
N PRO F 146 -5.13 -14.03 12.39
CA PRO F 146 -5.72 -12.95 11.61
C PRO F 146 -5.91 -11.64 12.35
N THR F 147 -6.23 -11.71 13.66
CA THR F 147 -6.41 -10.50 14.50
C THR F 147 -5.07 -9.75 14.61
N ALA F 148 -4.00 -10.49 14.85
CA ALA F 148 -2.67 -9.91 14.99
C ALA F 148 -2.21 -9.26 13.69
N VAL F 149 -2.44 -9.95 12.58
CA VAL F 149 -2.09 -9.39 11.28
C VAL F 149 -2.85 -8.10 11.02
N GLN F 150 -4.15 -8.10 11.24
CA GLN F 150 -4.97 -6.94 10.96
C GLN F 150 -4.61 -5.79 11.89
N PHE F 151 -4.24 -6.11 13.13
CA PHE F 151 -3.78 -5.09 14.06
C PHE F 151 -2.63 -4.29 13.49
N TYR F 152 -1.57 -4.96 13.01
CA TYR F 152 -0.42 -4.27 12.46
C TYR F 152 -0.78 -3.55 11.15
N ARG F 153 -1.65 -4.14 10.32
CA ARG F 153 -2.17 -3.47 9.13
C ARG F 153 -2.90 -2.19 9.46
N ASP F 154 -3.72 -2.24 10.53
CA ASP F 154 -4.50 -1.09 10.99
C ASP F 154 -3.57 0.03 11.46
N VAL F 155 -2.51 -0.30 12.21
CA VAL F 155 -1.62 0.74 12.71
C VAL F 155 -0.88 1.40 11.56
N ALA F 156 -0.38 0.57 10.63
CA ALA F 156 0.35 1.04 9.46
C ALA F 156 -0.54 1.88 8.56
N ASP F 157 -1.81 1.48 8.39
CA ASP F 157 -2.80 2.25 7.65
C ASP F 157 -3.02 3.61 8.30
N ALA F 158 -3.11 3.63 9.62
CA ALA F 158 -3.45 4.84 10.36
C ALA F 158 -2.29 5.82 10.48
N VAL F 159 -1.06 5.31 10.57
CA VAL F 159 0.11 6.13 10.78
C VAL F 159 1.16 5.74 9.74
N PRO F 160 0.89 6.03 8.43
CA PRO F 160 1.72 5.49 7.37
C PRO F 160 3.17 5.97 7.38
N GLU F 161 3.44 7.09 8.06
CA GLU F 161 4.81 7.59 8.15
C GLU F 161 5.64 6.89 9.24
N ALA F 162 5.02 6.07 10.12
CA ALA F 162 5.79 5.40 11.17
C ALA F 162 6.41 4.11 10.66
N ALA F 163 7.71 3.94 10.86
CA ALA F 163 8.29 2.62 10.78
C ALA F 163 7.84 1.79 12.01
N ILE F 164 7.73 0.48 11.80
CA ILE F 164 7.34 -0.43 12.87
C ILE F 164 8.43 -1.47 13.04
N ALA F 165 8.80 -1.67 14.29
CA ALA F 165 9.60 -2.79 14.77
C ALA F 165 8.69 -3.75 15.51
N ILE F 166 8.55 -4.97 14.97
CA ILE F 166 7.72 -5.96 15.62
C ILE F 166 8.39 -6.39 16.92
N TYR F 167 7.69 -6.27 18.03
CA TYR F 167 8.23 -6.62 19.33
C TYR F 167 7.71 -8.02 19.65
N ALA F 168 8.47 -9.01 19.24
CA ALA F 168 8.01 -10.40 19.24
C ALA F 168 8.32 -11.05 20.57
N ASN F 169 7.47 -10.77 21.56
CA ASN F 169 7.63 -11.23 22.93
C ASN F 169 6.42 -12.08 23.34
N PRO F 170 6.43 -13.41 23.16
CA PRO F 170 5.28 -14.22 23.53
C PRO F 170 4.95 -14.28 25.02
N GLU F 171 5.93 -14.05 25.90
CA GLU F 171 5.66 -14.10 27.33
C GLU F 171 4.79 -12.93 27.76
N ALA F 172 5.18 -11.73 27.32
CA ALA F 172 4.40 -10.53 27.57
C ALA F 172 3.05 -10.57 26.83
N PHE F 173 3.08 -10.88 25.53
CA PHE F 173 1.95 -10.54 24.68
C PHE F 173 1.11 -11.79 24.34
N LYS F 174 1.50 -12.99 24.82
CA LYS F 174 0.68 -14.22 24.71
C LYS F 174 0.77 -14.82 23.30
N PHE F 175 0.37 -14.05 22.27
CA PHE F 175 0.59 -14.43 20.89
C PHE F 175 2.05 -14.82 20.64
N ASP F 176 2.28 -15.84 19.84
CA ASP F 176 3.62 -16.38 19.70
C ASP F 176 4.32 -16.02 18.39
N PHE F 177 3.77 -15.11 17.60
CA PHE F 177 4.45 -14.56 16.41
C PHE F 177 4.94 -15.69 15.49
N PRO F 178 4.04 -16.50 14.94
CA PRO F 178 4.39 -17.70 14.19
C PRO F 178 4.82 -17.41 12.75
N ARG F 179 5.29 -18.47 12.07
CA ARG F 179 5.79 -18.35 10.69
C ARG F 179 4.82 -17.55 9.80
N PRO F 180 3.51 -17.90 9.67
CA PRO F 180 2.67 -17.19 8.71
C PRO F 180 2.47 -15.71 9.02
N PHE F 181 2.60 -15.37 10.31
CA PHE F 181 2.57 -13.97 10.73
C PHE F 181 3.71 -13.21 10.04
N TRP F 182 4.95 -13.74 10.04
CA TRP F 182 6.07 -13.05 9.41
C TRP F 182 5.86 -12.86 7.89
N ALA F 183 5.31 -13.89 7.20
CA ALA F 183 4.98 -13.78 5.79
C ALA F 183 4.01 -12.61 5.56
N GLU F 184 3.02 -12.43 6.44
CA GLU F 184 2.06 -11.32 6.30
C GLU F 184 2.72 -9.97 6.58
N MET F 185 3.57 -9.92 7.60
CA MET F 185 4.23 -8.65 7.94
C MET F 185 5.13 -8.13 6.80
N SER F 186 5.72 -9.03 6.02
CA SER F 186 6.61 -8.66 4.94
C SER F 186 5.87 -7.95 3.81
N LYS F 187 4.53 -8.05 3.78
CA LYS F 187 3.71 -7.30 2.83
C LYS F 187 3.39 -5.89 3.30
N ILE F 188 3.76 -5.52 4.53
CA ILE F 188 3.46 -4.22 5.09
C ILE F 188 4.72 -3.37 5.02
N PRO F 189 4.79 -2.35 4.12
CA PRO F 189 6.04 -1.60 3.94
C PRO F 189 6.58 -0.95 5.22
N GLN F 190 5.69 -0.51 6.10
CA GLN F 190 6.06 0.13 7.35
C GLN F 190 6.81 -0.83 8.29
N VAL F 191 6.58 -2.14 8.17
CA VAL F 191 7.26 -3.08 9.08
C VAL F 191 8.66 -3.37 8.54
N VAL F 192 9.69 -2.87 9.22
CA VAL F 192 11.02 -2.85 8.66
C VAL F 192 11.99 -3.68 9.49
N THR F 193 11.62 -4.01 10.73
CA THR F 193 12.53 -4.71 11.63
C THR F 193 11.69 -5.45 12.67
N ALA F 194 12.37 -6.31 13.43
CA ALA F 194 11.75 -7.06 14.51
C ALA F 194 12.78 -7.18 15.64
N LYS F 195 12.34 -6.89 16.88
CA LYS F 195 13.04 -7.34 18.07
C LYS F 195 12.72 -8.81 18.27
N TYR F 196 13.63 -9.66 17.80
CA TYR F 196 13.37 -11.08 17.67
C TYR F 196 13.95 -11.83 18.87
N LEU F 197 13.46 -13.04 19.07
CA LEU F 197 14.01 -13.86 20.14
C LEU F 197 14.68 -15.09 19.55
N GLY F 198 14.35 -16.31 20.02
CA GLY F 198 15.16 -17.46 19.70
C GLY F 198 15.29 -17.62 18.20
N ILE F 199 16.44 -18.13 17.72
CA ILE F 199 16.73 -18.15 16.29
C ILE F 199 16.47 -19.53 15.69
N GLY F 200 15.75 -20.40 16.40
CA GLY F 200 15.48 -21.75 15.90
C GLY F 200 14.83 -21.76 14.51
N MET F 201 13.96 -20.76 14.24
CA MET F 201 13.23 -20.72 12.97
C MET F 201 13.62 -19.45 12.21
N LEU F 202 14.78 -18.87 12.49
CA LEU F 202 15.22 -17.66 11.80
C LEU F 202 15.46 -17.92 10.31
N ASP F 203 16.13 -19.04 9.98
CA ASP F 203 16.34 -19.40 8.57
C ASP F 203 15.05 -19.29 7.75
N LEU F 204 13.99 -19.93 8.20
CA LEU F 204 12.67 -19.92 7.56
C LEU F 204 12.04 -18.51 7.57
N ASP F 205 12.07 -17.85 8.71
CA ASP F 205 11.46 -16.53 8.83
C ASP F 205 12.10 -15.53 7.86
N LEU F 206 13.42 -15.62 7.68
CA LEU F 206 14.11 -14.78 6.70
C LEU F 206 13.57 -15.01 5.29
N ARG F 207 13.30 -16.25 4.96
CA ARG F 207 12.79 -16.62 3.64
C ARG F 207 11.35 -16.12 3.49
N LEU F 208 10.54 -16.22 4.55
CA LEU F 208 9.14 -15.80 4.52
C LEU F 208 8.99 -14.30 4.51
N ALA F 209 9.96 -13.56 5.09
CA ALA F 209 9.83 -12.12 5.22
C ALA F 209 11.07 -11.42 4.70
N PRO F 210 11.23 -11.33 3.36
CA PRO F 210 12.42 -10.71 2.76
C PRO F 210 12.60 -9.24 3.12
N ASN F 211 11.51 -8.54 3.50
CA ASN F 211 11.56 -7.09 3.65
C ASN F 211 11.81 -6.65 5.10
N ILE F 212 12.10 -7.60 5.99
CA ILE F 212 12.30 -7.27 7.40
C ILE F 212 13.76 -7.52 7.77
N ARG F 213 14.35 -6.55 8.51
CA ARG F 213 15.63 -6.76 9.16
C ARG F 213 15.38 -7.40 10.54
N PHE F 214 15.61 -8.71 10.64
CA PHE F 214 15.41 -9.43 11.88
C PHE F 214 16.55 -9.15 12.83
N LEU F 215 16.26 -8.58 14.00
CA LEU F 215 17.29 -8.35 15.01
C LEU F 215 17.32 -9.47 16.02
N PRO F 216 18.31 -10.38 15.99
CA PRO F 216 18.51 -11.31 17.09
C PRO F 216 18.98 -10.54 18.31
N HIS F 217 18.77 -11.13 19.48
CA HIS F 217 19.40 -10.70 20.69
C HIS F 217 20.90 -10.82 20.51
N GLU F 218 21.66 -9.90 21.13
CA GLU F 218 23.09 -9.80 20.94
C GLU F 218 23.79 -11.15 21.10
N ASP F 219 23.39 -11.99 22.08
CA ASP F 219 24.08 -13.24 22.35
C ASP F 219 23.93 -14.23 21.16
N ASP F 220 22.87 -14.03 20.38
CA ASP F 220 22.54 -14.89 19.25
C ASP F 220 23.01 -14.34 17.93
N TYR F 221 23.53 -13.08 17.91
CA TYR F 221 23.99 -12.45 16.69
C TYR F 221 25.11 -13.24 16.00
N TYR F 222 26.06 -13.80 16.76
CA TYR F 222 27.15 -14.61 16.20
C TYR F 222 26.58 -15.73 15.33
N ALA F 223 25.70 -16.54 15.95
CA ALA F 223 25.12 -17.67 15.23
C ALA F 223 24.28 -17.21 14.05
N ALA F 224 23.43 -16.20 14.26
CA ALA F 224 22.51 -15.71 13.26
C ALA F 224 23.26 -15.15 12.05
N ALA F 225 24.33 -14.38 12.30
CA ALA F 225 25.13 -13.81 11.24
C ALA F 225 25.82 -14.92 10.43
N ARG F 226 26.17 -16.03 11.07
CA ARG F 226 26.76 -17.14 10.34
C ARG F 226 25.72 -17.88 9.50
N ILE F 227 24.47 -17.94 9.99
CA ILE F 227 23.39 -18.56 9.21
C ILE F 227 23.16 -17.80 7.92
N ASN F 228 23.01 -16.47 8.03
CA ASN F 228 22.70 -15.68 6.85
C ASN F 228 23.42 -14.34 6.95
N PRO F 229 24.68 -14.27 6.50
CA PRO F 229 25.47 -13.03 6.66
C PRO F 229 25.00 -11.85 5.82
N GLU F 230 24.29 -12.13 4.73
CA GLU F 230 23.74 -11.11 3.88
C GLU F 230 22.59 -10.41 4.60
N ARG F 231 21.72 -11.16 5.28
CA ARG F 231 20.51 -10.61 5.86
C ARG F 231 20.71 -10.17 7.30
N ILE F 232 21.54 -10.90 8.05
CA ILE F 232 21.69 -10.64 9.47
C ILE F 232 22.93 -9.74 9.65
N THR F 233 22.68 -8.44 9.64
CA THR F 233 23.67 -7.38 9.71
C THR F 233 23.46 -6.51 10.93
N ALA F 234 22.44 -6.80 11.74
CA ALA F 234 22.10 -5.94 12.89
C ALA F 234 21.63 -6.82 14.03
N PHE F 235 21.65 -6.28 15.26
CA PHE F 235 21.19 -7.01 16.42
C PHE F 235 20.72 -5.98 17.46
N TRP F 236 19.97 -6.45 18.45
CA TRP F 236 19.53 -5.61 19.56
C TRP F 236 20.30 -5.99 20.81
N SER F 237 20.60 -4.96 21.64
CA SER F 237 21.45 -5.12 22.80
C SER F 237 20.83 -4.44 24.01
N SER F 238 20.66 -5.17 25.12
CA SER F 238 20.39 -4.61 26.43
C SER F 238 21.68 -4.56 27.24
N GLY F 239 22.64 -5.49 26.98
CA GLY F 239 23.93 -5.50 27.65
C GLY F 239 24.69 -4.17 27.49
N ALA F 240 24.42 -3.43 26.38
CA ALA F 240 25.09 -2.17 26.14
C ALA F 240 24.78 -1.14 27.23
N MET F 241 23.68 -1.34 27.98
CA MET F 241 23.31 -0.41 29.02
C MET F 241 24.22 -0.56 30.23
N CYS F 242 25.08 -1.57 30.21
CA CYS F 242 26.12 -1.79 31.23
C CYS F 242 27.51 -1.38 30.70
N GLY F 243 27.51 -0.72 29.53
CA GLY F 243 28.73 -0.30 28.83
C GLY F 243 28.71 -0.85 27.42
N PRO F 244 28.60 0.03 26.40
CA PRO F 244 28.44 -0.42 25.01
C PRO F 244 29.63 -0.95 24.22
N ALA F 245 30.84 -0.96 24.82
CA ALA F 245 32.02 -1.33 24.03
C ALA F 245 31.91 -2.76 23.52
N THR F 246 31.34 -3.66 24.33
CA THR F 246 31.25 -5.06 23.93
C THR F 246 30.41 -5.22 22.65
N ALA F 247 29.25 -4.58 22.60
CA ALA F 247 28.35 -4.61 21.45
C ALA F 247 29.00 -4.00 20.22
N ILE F 248 29.73 -2.88 20.42
CA ILE F 248 30.42 -2.24 19.33
C ILE F 248 31.51 -3.16 18.78
N MET F 249 32.23 -3.83 19.66
CA MET F 249 33.32 -4.71 19.23
C MET F 249 32.75 -5.94 18.53
N LEU F 250 31.64 -6.48 19.06
CA LEU F 250 30.94 -7.60 18.36
C LEU F 250 30.57 -7.18 16.94
N ARG F 251 29.87 -6.05 16.81
CA ARG F 251 29.51 -5.50 15.52
C ARG F 251 30.73 -5.46 14.58
N ASP F 252 31.82 -4.82 15.05
CA ASP F 252 32.97 -4.56 14.22
C ASP F 252 33.63 -5.87 13.81
N GLU F 253 33.72 -6.81 14.74
CA GLU F 253 34.44 -8.05 14.51
C GLU F 253 33.64 -8.96 13.59
N VAL F 254 32.30 -8.92 13.70
CA VAL F 254 31.46 -9.70 12.79
C VAL F 254 31.59 -9.18 11.35
N VAL F 255 31.64 -7.85 11.17
CA VAL F 255 31.88 -7.30 9.84
C VAL F 255 33.20 -7.87 9.27
N ARG F 256 34.25 -7.89 10.08
CA ARG F 256 35.55 -8.38 9.65
C ARG F 256 35.49 -9.87 9.34
N ALA F 257 34.83 -10.66 10.23
CA ALA F 257 34.70 -12.10 10.04
C ALA F 257 34.01 -12.42 8.70
N LYS F 258 32.98 -11.64 8.34
CA LYS F 258 32.27 -11.88 7.10
C LYS F 258 33.19 -11.69 5.90
N SER F 259 34.14 -10.73 6.01
CA SER F 259 35.09 -10.45 4.95
C SER F 259 36.22 -11.49 4.92
N THR F 260 36.77 -11.87 6.09
CA THR F 260 37.99 -12.66 6.14
C THR F 260 37.70 -14.15 6.22
N GLY F 261 36.51 -14.52 6.74
CA GLY F 261 36.18 -15.90 7.04
C GLY F 261 36.77 -16.40 8.36
N ASP F 262 37.38 -15.52 9.12
CA ASP F 262 37.93 -15.92 10.40
C ASP F 262 37.03 -15.41 11.53
N TRP F 263 36.26 -16.35 12.12
CA TRP F 263 35.18 -16.06 13.04
C TRP F 263 35.64 -16.24 14.48
N ALA F 264 36.93 -16.52 14.74
CA ALA F 264 37.37 -16.87 16.08
C ALA F 264 37.18 -15.71 17.07
N LYS F 265 37.50 -14.48 16.68
CA LYS F 265 37.41 -13.38 17.62
C LYS F 265 35.94 -13.05 17.90
N ALA F 266 35.11 -13.10 16.87
CA ALA F 266 33.68 -12.82 17.05
C ALA F 266 33.09 -13.85 18.00
N LYS F 267 33.55 -15.11 17.84
CA LYS F 267 33.09 -16.21 18.67
C LYS F 267 33.49 -15.96 20.11
N ALA F 268 34.73 -15.48 20.34
CA ALA F 268 35.20 -15.25 21.71
C ALA F 268 34.39 -14.13 22.38
N ILE F 269 34.08 -13.07 21.64
CA ILE F 269 33.29 -11.99 22.20
C ILE F 269 31.88 -12.51 22.53
N SER F 270 31.25 -13.23 21.59
CA SER F 270 29.90 -13.76 21.79
C SER F 270 29.86 -14.68 23.00
N ASP F 271 30.90 -15.51 23.18
CA ASP F 271 30.95 -16.42 24.30
C ASP F 271 31.07 -15.67 25.64
N ASP F 272 31.83 -14.58 25.65
CA ASP F 272 31.95 -13.70 26.82
C ASP F 272 30.57 -13.12 27.19
N MET F 273 29.81 -12.72 26.17
CA MET F 273 28.48 -12.16 26.37
C MET F 273 27.52 -13.17 27.03
N ARG F 274 27.49 -14.39 26.51
CA ARG F 274 26.68 -15.45 27.09
C ARG F 274 27.09 -15.72 28.55
N ALA F 275 28.39 -15.77 28.85
CA ALA F 275 28.81 -15.97 30.24
C ALA F 275 28.32 -14.82 31.13
N ALA F 276 28.43 -13.59 30.66
CA ALA F 276 27.98 -12.44 31.45
C ALA F 276 26.48 -12.50 31.76
N ASP F 277 25.70 -13.08 30.82
CA ASP F 277 24.27 -13.24 30.97
C ASP F 277 23.92 -14.44 31.86
N SER F 278 24.89 -15.29 32.22
CA SER F 278 24.54 -16.60 32.72
C SER F 278 23.85 -16.57 34.09
N THR F 279 23.97 -15.52 34.88
CA THR F 279 23.37 -15.47 36.21
C THR F 279 22.08 -14.63 36.23
N LEU F 280 21.66 -14.09 35.10
CA LEU F 280 20.54 -13.16 35.12
C LEU F 280 19.22 -13.83 35.53
N PHE F 281 18.90 -14.98 34.93
CA PHE F 281 17.64 -15.67 35.19
C PHE F 281 17.60 -16.33 36.56
N PRO F 282 16.54 -16.06 37.34
CA PRO F 282 16.35 -16.69 38.65
C PRO F 282 16.31 -18.20 38.47
N ARG F 283 17.23 -18.89 39.14
CA ARG F 283 17.41 -20.34 39.06
C ARG F 283 17.47 -20.82 37.62
N GLY F 284 17.99 -19.98 36.72
CA GLY F 284 18.12 -20.35 35.32
C GLY F 284 16.77 -20.48 34.64
N ASP F 285 15.72 -19.95 35.27
CA ASP F 285 14.35 -20.19 34.83
C ASP F 285 13.79 -18.97 34.11
N PHE F 286 13.47 -19.11 32.83
CA PHE F 286 12.98 -18.01 32.03
C PHE F 286 11.59 -17.52 32.48
N SER F 287 10.74 -18.44 32.97
CA SER F 287 9.40 -18.05 33.40
C SER F 287 9.49 -17.13 34.61
N GLU F 288 10.48 -17.43 35.45
CA GLU F 288 10.76 -16.58 36.63
C GLU F 288 11.39 -15.26 36.15
N PHE F 289 12.28 -15.28 35.16
CA PHE F 289 12.79 -14.04 34.60
C PHE F 289 11.67 -13.16 34.05
N SER F 290 10.68 -13.79 33.39
CA SER F 290 9.59 -13.07 32.75
C SER F 290 8.77 -12.29 33.78
N LYS F 291 8.63 -12.84 34.99
CA LYS F 291 7.87 -12.16 36.04
C LYS F 291 8.65 -10.95 36.54
N TYR F 292 9.98 -11.02 36.53
CA TYR F 292 10.78 -9.97 37.14
C TYR F 292 11.66 -9.25 36.11
N ASN F 293 11.25 -9.30 34.83
CA ASN F 293 11.94 -8.79 33.64
C ASN F 293 12.33 -7.32 33.93
N ILE F 294 11.39 -6.53 34.47
CA ILE F 294 11.68 -5.12 34.66
C ILE F 294 12.73 -4.94 35.75
N GLY F 295 12.47 -5.48 36.93
CA GLY F 295 13.30 -5.24 38.10
C GLY F 295 14.69 -5.84 37.92
N LEU F 296 14.77 -6.98 37.24
CA LEU F 296 16.05 -7.65 37.06
C LEU F 296 16.91 -6.86 36.08
N GLU F 297 16.34 -6.39 34.97
CA GLU F 297 17.09 -5.63 33.99
C GLU F 297 17.57 -4.31 34.64
N LYS F 298 16.67 -3.60 35.31
CA LYS F 298 17.01 -2.31 35.91
C LYS F 298 18.06 -2.52 37.02
N ALA F 299 17.94 -3.56 37.83
CA ALA F 299 18.93 -3.83 38.87
C ALA F 299 20.32 -4.14 38.30
N ARG F 300 20.38 -4.87 37.19
CA ARG F 300 21.63 -5.19 36.55
C ARG F 300 22.31 -3.92 36.03
N MET F 301 21.53 -3.05 35.39
CA MET F 301 22.06 -1.77 34.93
C MET F 301 22.56 -0.92 36.11
N ASP F 302 21.77 -0.83 37.18
CA ASP F 302 22.20 -0.11 38.38
C ASP F 302 23.51 -0.68 38.91
N ALA F 303 23.66 -2.00 38.96
CA ALA F 303 24.90 -2.58 39.47
C ALA F 303 26.09 -2.28 38.55
N ALA F 304 25.86 -2.26 37.23
CA ALA F 304 26.94 -2.04 36.29
C ALA F 304 27.52 -0.64 36.38
N GLY F 305 26.69 0.37 36.67
CA GLY F 305 27.22 1.70 36.98
C GLY F 305 27.44 2.58 35.75
N TRP F 306 27.08 2.12 34.57
CA TRP F 306 27.26 2.88 33.35
C TRP F 306 26.11 3.90 33.21
N LEU F 307 24.94 3.53 33.72
CA LEU F 307 23.81 4.41 33.79
C LEU F 307 22.97 4.10 35.04
N LYS F 308 22.07 5.02 35.36
CA LYS F 308 21.18 4.90 36.50
C LYS F 308 19.75 4.62 36.01
N ALA F 309 19.36 3.35 36.07
CA ALA F 309 18.04 2.96 35.59
C ALA F 309 16.98 3.36 36.62
N GLY F 310 17.27 3.10 37.89
CA GLY F 310 16.48 3.62 38.99
C GLY F 310 15.32 2.69 39.37
N PRO F 311 14.52 3.07 40.37
CA PRO F 311 13.40 2.26 40.85
C PRO F 311 12.34 1.93 39.80
N CYS F 312 11.66 0.81 39.99
CA CYS F 312 10.61 0.39 39.06
C CYS F 312 9.27 1.02 39.46
N ARG F 313 8.53 1.48 38.46
CA ARG F 313 7.22 2.02 38.62
C ARG F 313 6.22 0.92 38.98
N PRO F 314 5.20 1.26 39.81
CA PRO F 314 4.22 0.27 40.29
C PRO F 314 3.37 -0.25 39.13
N PRO F 315 2.97 -1.54 39.13
CA PRO F 315 3.12 -2.41 40.32
C PRO F 315 4.40 -3.25 40.43
N TYR F 316 5.31 -3.18 39.45
CA TYR F 316 6.39 -4.16 39.31
C TYR F 316 7.65 -3.67 40.06
N ASN F 317 7.47 -3.40 41.34
CA ASN F 317 8.47 -2.75 42.16
C ASN F 317 8.94 -3.64 43.32
N LEU F 318 8.74 -4.96 43.23
CA LEU F 318 9.27 -5.89 44.25
C LEU F 318 9.90 -7.08 43.53
N VAL F 319 11.20 -7.34 43.79
CA VAL F 319 11.87 -8.51 43.24
C VAL F 319 12.48 -9.29 44.42
N PRO F 320 12.30 -10.61 44.52
CA PRO F 320 12.91 -11.39 45.61
C PRO F 320 14.42 -11.07 45.73
N GLU F 321 14.90 -10.81 46.95
CA GLU F 321 16.28 -10.38 47.15
C GLU F 321 17.29 -11.36 46.55
N ASP F 322 17.00 -12.66 46.63
CA ASP F 322 17.90 -13.69 46.14
C ASP F 322 18.10 -13.59 44.63
N TYR F 323 17.07 -13.09 43.91
CA TYR F 323 17.16 -12.99 42.47
C TYR F 323 17.98 -11.76 42.08
N LEU F 324 18.11 -10.81 43.01
CA LEU F 324 18.77 -9.56 42.72
C LEU F 324 20.26 -9.82 42.58
N ALA F 325 20.84 -10.68 43.42
CA ALA F 325 22.26 -10.94 43.37
C ALA F 325 22.67 -11.45 41.98
N GLY F 326 21.85 -12.29 41.36
CA GLY F 326 22.23 -12.82 40.07
C GLY F 326 22.23 -11.72 39.01
N ALA F 327 21.25 -10.81 39.07
CA ALA F 327 21.16 -9.69 38.15
C ALA F 327 22.35 -8.76 38.34
N GLN F 328 22.74 -8.52 39.60
CA GLN F 328 23.83 -7.61 39.92
C GLN F 328 25.15 -8.20 39.46
N LYS F 329 25.31 -9.52 39.64
CA LYS F 329 26.50 -10.21 39.16
C LYS F 329 26.60 -10.11 37.63
N SER F 330 25.46 -10.23 36.93
CA SER F 330 25.46 -10.09 35.47
C SER F 330 25.87 -8.65 35.10
N GLY F 331 25.33 -7.66 35.81
CA GLY F 331 25.70 -6.27 35.59
C GLY F 331 27.21 -6.05 35.74
N LYS F 332 27.80 -6.59 36.79
CA LYS F 332 29.23 -6.47 37.00
C LYS F 332 30.03 -7.17 35.90
N ALA F 333 29.56 -8.32 35.42
CA ALA F 333 30.23 -9.05 34.37
C ALA F 333 30.22 -8.26 33.07
N TRP F 334 29.07 -7.65 32.74
CA TRP F 334 28.99 -6.81 31.55
C TRP F 334 29.87 -5.56 31.69
N ALA F 335 29.92 -4.97 32.89
CA ALA F 335 30.78 -3.81 33.09
C ALA F 335 32.24 -4.18 32.85
N ALA F 336 32.65 -5.37 33.31
CA ALA F 336 34.00 -5.89 33.12
C ALA F 336 34.28 -6.12 31.63
N LEU F 337 33.31 -6.66 30.88
CA LEU F 337 33.45 -6.75 29.44
C LEU F 337 33.64 -5.38 28.80
N HIS F 338 32.87 -4.38 29.21
CA HIS F 338 32.96 -3.04 28.65
C HIS F 338 34.37 -2.50 28.88
N ALA F 339 34.93 -2.70 30.06
CA ALA F 339 36.30 -2.23 30.33
C ALA F 339 37.29 -2.97 29.42
N LYS F 340 37.12 -4.28 29.26
CA LYS F 340 38.01 -5.10 28.46
C LYS F 340 37.96 -4.65 27.00
N TYR F 341 36.76 -4.49 26.45
CA TYR F 341 36.62 -4.15 25.04
C TYR F 341 36.89 -2.68 24.79
N SER F 342 36.62 -1.77 25.75
CA SER F 342 37.03 -0.39 25.58
C SER F 342 38.53 -0.30 25.22
N ASN F 343 39.33 -1.08 25.92
CA ASN F 343 40.78 -1.12 25.73
C ASN F 343 41.16 -1.73 24.38
N GLU F 344 40.36 -2.69 23.87
CA GLU F 344 40.63 -3.33 22.60
C GLU F 344 40.18 -2.46 21.43
N LEU F 345 39.26 -1.52 21.67
CA LEU F 345 38.81 -0.62 20.62
C LEU F 345 39.89 0.44 20.40
N LYS F 346 40.75 0.64 21.41
CA LYS F 346 42.12 1.10 21.30
C LYS F 346 42.22 2.35 22.18
N SER G 21 -19.55 -61.66 42.01
CA SER G 21 -19.92 -60.88 40.80
C SER G 21 -19.16 -59.55 40.81
N ARG G 22 -19.04 -58.93 39.63
CA ARG G 22 -18.23 -57.75 39.43
C ARG G 22 -18.82 -56.59 40.23
N LEU G 23 -17.94 -55.84 40.89
CA LEU G 23 -18.31 -54.65 41.64
C LEU G 23 -19.10 -53.69 40.76
N THR G 24 -20.05 -52.98 41.39
CA THR G 24 -20.72 -51.88 40.71
C THR G 24 -20.54 -50.65 41.60
N ALA G 25 -20.92 -49.49 41.07
CA ALA G 25 -20.90 -48.24 41.82
C ALA G 25 -21.66 -48.33 43.12
N GLU G 26 -22.78 -49.08 43.12
CA GLU G 26 -23.58 -49.26 44.33
C GLU G 26 -22.78 -49.88 45.47
N ASP G 27 -21.74 -50.63 45.15
CA ASP G 27 -20.96 -51.32 46.15
C ASP G 27 -19.78 -50.47 46.68
N ILE G 28 -19.66 -49.22 46.19
CA ILE G 28 -18.52 -48.37 46.48
C ILE G 28 -19.00 -47.24 47.39
N ASN G 29 -18.64 -47.33 48.68
CA ASN G 29 -19.11 -46.37 49.68
C ASN G 29 -18.03 -46.14 50.72
N GLY G 30 -18.06 -44.99 51.36
CA GLY G 30 -17.21 -44.72 52.52
C GLY G 30 -15.75 -44.38 52.15
N ALA G 31 -14.85 -44.82 53.03
CA ALA G 31 -13.44 -44.42 52.98
C ALA G 31 -12.63 -45.47 52.21
N TRP G 32 -12.12 -45.02 51.05
CA TRP G 32 -11.31 -45.81 50.16
C TRP G 32 -9.87 -45.31 50.23
N THR G 33 -9.00 -46.12 50.85
CA THR G 33 -7.67 -45.68 51.22
C THR G 33 -6.66 -46.21 50.21
N ILE G 34 -5.79 -45.31 49.72
CA ILE G 34 -4.78 -45.64 48.72
CA ILE G 34 -4.79 -45.65 48.73
C ILE G 34 -3.45 -45.87 49.43
N MET G 35 -2.98 -47.10 49.34
CA MET G 35 -1.79 -47.52 50.08
C MET G 35 -0.59 -47.41 49.15
N PRO G 36 0.60 -47.13 49.74
CA PRO G 36 1.84 -47.18 48.99
C PRO G 36 2.27 -48.62 48.75
N THR G 37 3.41 -48.74 48.05
CA THR G 37 4.07 -50.02 47.88
C THR G 37 5.33 -49.97 48.73
N PRO G 38 5.29 -50.57 49.95
CA PRO G 38 6.40 -50.47 50.87
C PRO G 38 7.71 -50.95 50.27
N SER G 39 8.77 -50.22 50.57
CA SER G 39 10.10 -50.44 50.01
CA SER G 39 10.10 -50.44 50.01
C SER G 39 11.03 -51.07 51.04
N THR G 40 11.91 -51.96 50.57
CA THR G 40 13.08 -52.39 51.33
C THR G 40 14.10 -51.25 51.42
N PRO G 41 15.09 -51.33 52.34
CA PRO G 41 16.09 -50.29 52.46
C PRO G 41 16.89 -49.97 51.21
N ASP G 42 17.08 -50.93 50.31
CA ASP G 42 17.92 -50.75 49.13
C ASP G 42 17.11 -50.33 47.89
N ALA G 43 15.85 -49.89 48.06
CA ALA G 43 14.95 -49.78 46.91
C ALA G 43 15.31 -48.65 45.96
N SER G 44 16.12 -47.67 46.37
CA SER G 44 16.51 -46.60 45.47
C SER G 44 17.56 -47.02 44.45
N ASP G 45 18.22 -48.17 44.65
CA ASP G 45 19.35 -48.56 43.85
C ASP G 45 18.83 -49.38 42.67
N TRP G 46 19.21 -48.96 41.46
CA TRP G 46 18.81 -49.69 40.26
C TRP G 46 19.27 -51.15 40.25
N ARG G 47 20.27 -51.49 41.04
CA ARG G 47 20.78 -52.86 41.13
C ARG G 47 19.83 -53.78 41.87
N SER G 48 18.95 -53.21 42.69
CA SER G 48 18.10 -54.01 43.57
C SER G 48 16.97 -54.66 42.75
N THR G 49 16.64 -55.90 43.08
CA THR G 49 15.68 -56.67 42.28
C THR G 49 14.37 -57.00 42.98
N ALA G 50 14.35 -57.03 44.31
CA ALA G 50 13.12 -57.45 44.95
C ALA G 50 12.86 -56.46 46.09
N THR G 51 12.30 -55.30 45.75
CA THR G 51 12.34 -54.17 46.66
C THR G 51 11.04 -54.00 47.42
N VAL G 52 10.08 -54.92 47.31
CA VAL G 52 8.84 -54.77 48.05
C VAL G 52 8.97 -55.44 49.43
N ASP G 53 8.71 -54.71 50.51
CA ASP G 53 8.54 -55.30 51.83
C ASP G 53 7.15 -55.89 51.91
N LEU G 54 7.09 -57.22 51.71
CA LEU G 54 5.83 -57.92 51.62
C LEU G 54 5.18 -58.04 52.98
N GLU G 55 5.98 -58.16 54.05
CA GLU G 55 5.36 -58.26 55.35
C GLU G 55 4.77 -56.91 55.79
N GLU G 56 5.46 -55.78 55.53
CA GLU G 56 4.90 -54.47 55.78
C GLU G 56 3.62 -54.28 54.98
N THR G 57 3.60 -54.78 53.74
CA THR G 57 2.40 -54.72 52.91
C THR G 57 1.23 -55.42 53.62
N ALA G 58 1.46 -56.67 54.09
CA ALA G 58 0.42 -57.43 54.79
C ALA G 58 -0.03 -56.70 56.04
N ARG G 59 0.91 -56.08 56.78
CA ARG G 59 0.59 -55.43 58.03
C ARG G 59 -0.27 -54.19 57.77
N ILE G 60 0.08 -53.41 56.74
CA ILE G 60 -0.72 -52.26 56.36
C ILE G 60 -2.15 -52.67 56.02
N VAL G 61 -2.31 -53.73 55.21
CA VAL G 61 -3.63 -54.17 54.80
C VAL G 61 -4.50 -54.53 56.00
N GLU G 62 -3.94 -55.32 56.93
CA GLU G 62 -4.72 -55.75 58.09
C GLU G 62 -5.06 -54.56 58.96
N GLU G 63 -4.14 -53.61 59.13
CA GLU G 63 -4.38 -52.41 59.91
C GLU G 63 -5.52 -51.59 59.29
N LEU G 64 -5.53 -51.49 57.96
CA LEU G 64 -6.58 -50.72 57.30
C LEU G 64 -7.94 -51.42 57.49
N ILE G 65 -7.99 -52.75 57.30
CA ILE G 65 -9.22 -53.51 57.51
C ILE G 65 -9.67 -53.27 58.94
N ALA G 66 -8.75 -53.38 59.91
CA ALA G 66 -9.10 -53.25 61.33
C ALA G 66 -9.65 -51.87 61.63
N ALA G 67 -9.16 -50.83 60.95
CA ALA G 67 -9.65 -49.48 61.13
C ALA G 67 -11.07 -49.33 60.61
N GLY G 68 -11.54 -50.24 59.76
CA GLY G 68 -12.88 -50.13 59.23
C GLY G 68 -12.93 -49.50 57.83
N VAL G 69 -11.82 -49.50 57.09
CA VAL G 69 -11.83 -48.97 55.73
C VAL G 69 -12.78 -49.77 54.86
N ASN G 70 -13.36 -49.08 53.86
CA ASN G 70 -14.36 -49.69 53.02
C ASN G 70 -13.75 -50.43 51.84
N GLY G 71 -12.62 -49.94 51.36
CA GLY G 71 -11.95 -50.52 50.21
C GLY G 71 -10.51 -50.00 50.14
N ILE G 72 -9.68 -50.72 49.39
CA ILE G 72 -8.28 -50.37 49.23
C ILE G 72 -7.93 -50.13 47.77
N LEU G 73 -7.28 -48.99 47.52
CA LEU G 73 -6.73 -48.65 46.24
C LEU G 73 -5.21 -48.72 46.38
N SER G 74 -4.54 -48.87 45.23
CA SER G 74 -3.12 -48.98 45.19
C SER G 74 -2.60 -48.66 43.79
N MET G 75 -1.27 -48.49 43.70
CA MET G 75 -0.55 -48.54 42.43
C MET G 75 -0.97 -47.38 41.51
N GLY G 76 -1.15 -46.21 42.11
CA GLY G 76 -1.16 -44.95 41.40
C GLY G 76 0.26 -44.39 41.28
N THR G 77 0.38 -43.06 41.35
CA THR G 77 1.65 -42.40 41.21
C THR G 77 2.52 -42.69 42.41
N PHE G 78 2.13 -42.27 43.62
CA PHE G 78 2.99 -42.46 44.77
C PHE G 78 3.15 -43.94 45.09
N GLY G 79 2.21 -44.77 44.66
CA GLY G 79 2.29 -46.22 44.77
C GLY G 79 3.31 -46.89 43.86
N GLU G 80 3.93 -46.08 42.97
CA GLU G 80 5.11 -46.46 42.20
C GLU G 80 4.75 -47.54 41.19
N CYS G 81 3.52 -47.47 40.65
CA CYS G 81 3.18 -48.22 39.46
C CYS G 81 4.23 -48.06 38.37
N ALA G 82 4.79 -46.86 38.21
CA ALA G 82 5.73 -46.56 37.15
C ALA G 82 7.07 -47.28 37.38
N THR G 83 7.47 -47.53 38.64
CA THR G 83 8.87 -47.88 38.91
C THR G 83 9.07 -49.27 39.52
N LEU G 84 8.01 -50.02 39.78
CA LEU G 84 8.07 -51.42 40.21
C LEU G 84 8.36 -52.31 39.02
N THR G 85 9.09 -53.42 39.23
CA THR G 85 9.16 -54.45 38.18
C THR G 85 7.90 -55.30 38.22
N TRP G 86 7.69 -56.07 37.16
CA TRP G 86 6.51 -56.93 37.05
C TRP G 86 6.48 -57.99 38.12
N ASP G 87 7.64 -58.61 38.42
CA ASP G 87 7.68 -59.61 39.48
C ASP G 87 7.28 -58.97 40.84
N GLU G 88 7.76 -57.74 41.10
CA GLU G 88 7.41 -57.01 42.33
C GLU G 88 5.91 -56.77 42.42
N LYS G 89 5.32 -56.34 41.30
CA LYS G 89 3.90 -56.06 41.22
CA LYS G 89 3.90 -56.06 41.22
C LYS G 89 3.10 -57.33 41.51
N ARG G 90 3.48 -58.46 40.89
CA ARG G 90 2.75 -59.69 41.12
C ARG G 90 2.87 -60.12 42.59
N ASP G 91 4.06 -60.00 43.18
CA ASP G 91 4.26 -60.37 44.57
C ASP G 91 3.44 -59.49 45.52
N TYR G 92 3.45 -58.17 45.28
CA TYR G 92 2.68 -57.23 46.07
C TYR G 92 1.20 -57.55 46.05
N VAL G 93 0.65 -57.68 44.83
CA VAL G 93 -0.77 -57.95 44.70
C VAL G 93 -1.13 -59.32 45.33
N SER G 94 -0.28 -60.35 45.15
CA SER G 94 -0.53 -61.66 45.74
C SER G 94 -0.65 -61.54 47.27
N THR G 95 0.28 -60.80 47.87
CA THR G 95 0.32 -60.60 49.32
C THR G 95 -0.95 -59.90 49.79
N ILE G 96 -1.34 -58.84 49.07
CA ILE G 96 -2.54 -58.10 49.39
C ILE G 96 -3.77 -59.02 49.32
N VAL G 97 -3.92 -59.78 48.24
CA VAL G 97 -5.10 -60.59 48.03
C VAL G 97 -5.21 -61.64 49.14
N GLU G 98 -4.10 -62.30 49.45
CA GLU G 98 -4.11 -63.34 50.46
C GLU G 98 -4.41 -62.74 51.85
N THR G 99 -3.96 -61.51 52.11
CA THR G 99 -4.22 -60.84 53.39
C THR G 99 -5.70 -60.46 53.49
N ILE G 100 -6.26 -59.88 52.41
CA ILE G 100 -7.64 -59.40 52.46
C ILE G 100 -8.61 -60.55 52.66
N ARG G 101 -8.35 -61.69 52.02
CA ARG G 101 -9.27 -62.86 52.13
C ARG G 101 -10.71 -62.44 51.79
N GLY G 102 -10.89 -61.65 50.73
CA GLY G 102 -12.20 -61.22 50.27
C GLY G 102 -12.98 -60.30 51.21
N ARG G 103 -12.38 -59.76 52.25
CA ARG G 103 -13.13 -59.00 53.23
C ARG G 103 -13.51 -57.58 52.77
N VAL G 104 -12.66 -56.96 51.96
CA VAL G 104 -12.96 -55.66 51.38
C VAL G 104 -12.52 -55.71 49.92
N PRO G 105 -13.11 -54.86 49.06
CA PRO G 105 -12.69 -54.78 47.67
C PRO G 105 -11.31 -54.13 47.55
N TYR G 106 -10.57 -54.51 46.51
CA TYR G 106 -9.19 -54.12 46.30
C TYR G 106 -8.95 -53.84 44.82
N PHE G 107 -8.39 -52.65 44.53
CA PHE G 107 -7.97 -52.26 43.20
C PHE G 107 -6.45 -52.19 43.15
N CYS G 108 -5.89 -52.94 42.20
CA CYS G 108 -4.53 -52.79 41.73
C CYS G 108 -4.49 -51.60 40.78
N GLY G 109 -3.33 -51.34 40.18
CA GLY G 109 -3.16 -50.36 39.12
C GLY G 109 -2.33 -50.94 37.98
N THR G 110 -2.74 -50.67 36.73
CA THR G 110 -2.08 -51.27 35.58
C THR G 110 -1.82 -50.26 34.47
N THR G 111 -1.74 -48.98 34.82
CA THR G 111 -1.36 -47.96 33.85
C THR G 111 -0.02 -48.33 33.23
N ALA G 112 0.07 -48.25 31.88
CA ALA G 112 1.26 -48.64 31.15
C ALA G 112 1.32 -47.84 29.85
N LEU G 113 2.32 -48.11 29.00
CA LEU G 113 2.62 -47.29 27.84
C LEU G 113 1.70 -47.62 26.66
N ASN G 114 0.99 -48.74 26.71
CA ASN G 114 0.19 -49.15 25.57
C ASN G 114 -0.90 -50.10 26.04
N THR G 115 -1.88 -50.25 25.15
CA THR G 115 -3.12 -50.92 25.49
C THR G 115 -2.85 -52.39 25.70
N ARG G 116 -2.00 -52.99 24.88
CA ARG G 116 -1.75 -54.42 24.98
C ARG G 116 -1.08 -54.77 26.31
N GLU G 117 -0.13 -53.94 26.79
CA GLU G 117 0.52 -54.15 28.06
C GLU G 117 -0.46 -53.96 29.21
N VAL G 118 -1.35 -52.96 29.09
CA VAL G 118 -2.35 -52.76 30.13
C VAL G 118 -3.19 -54.03 30.24
N ILE G 119 -3.63 -54.56 29.10
CA ILE G 119 -4.48 -55.74 29.10
C ILE G 119 -3.74 -56.92 29.74
N ARG G 120 -2.49 -57.16 29.34
CA ARG G 120 -1.70 -58.26 29.87
C ARG G 120 -1.63 -58.17 31.40
N GLN G 121 -1.25 -56.98 31.91
CA GLN G 121 -1.08 -56.78 33.33
C GLN G 121 -2.43 -56.92 34.06
N THR G 122 -3.49 -56.33 33.51
CA THR G 122 -4.80 -56.34 34.11
C THR G 122 -5.33 -57.80 34.22
N ARG G 123 -5.18 -58.59 33.16
CA ARG G 123 -5.65 -59.97 33.23
C ARG G 123 -4.92 -60.72 34.36
N GLU G 124 -3.60 -60.57 34.46
CA GLU G 124 -2.84 -61.32 35.46
C GLU G 124 -3.19 -60.86 36.90
N LEU G 125 -3.24 -59.54 37.15
CA LEU G 125 -3.55 -59.07 38.50
C LEU G 125 -4.97 -59.38 38.95
N ILE G 126 -5.95 -59.27 38.03
CA ILE G 126 -7.30 -59.68 38.35
C ILE G 126 -7.32 -61.19 38.62
N ASP G 127 -6.61 -61.97 37.82
CA ASP G 127 -6.49 -63.42 38.03
C ASP G 127 -5.95 -63.75 39.42
N ILE G 128 -5.00 -62.96 39.91
CA ILE G 128 -4.43 -63.22 41.23
C ILE G 128 -5.50 -62.99 42.28
N GLY G 129 -6.39 -62.03 42.01
CA GLY G 129 -7.56 -61.80 42.83
C GLY G 129 -7.87 -60.35 43.15
N ALA G 130 -7.23 -59.35 42.50
CA ALA G 130 -7.74 -57.99 42.61
C ALA G 130 -9.14 -57.93 42.00
N ASN G 131 -9.98 -57.01 42.50
CA ASN G 131 -11.35 -56.85 42.00
C ASN G 131 -11.36 -55.91 40.79
N GLY G 132 -10.39 -55.01 40.70
CA GLY G 132 -10.42 -54.01 39.63
C GLY G 132 -9.04 -53.37 39.53
N THR G 133 -8.92 -52.49 38.54
CA THR G 133 -7.71 -51.74 38.29
C THR G 133 -8.03 -50.25 38.29
N MET G 134 -7.17 -49.52 39.01
CA MET G 134 -7.16 -48.08 38.98
C MET G 134 -6.22 -47.69 37.87
N LEU G 135 -6.81 -47.13 36.81
CA LEU G 135 -6.23 -47.10 35.49
C LEU G 135 -6.27 -45.71 34.86
N GLY G 136 -5.05 -45.19 34.59
CA GLY G 136 -4.82 -43.94 33.88
C GLY G 136 -4.69 -44.25 32.39
N VAL G 137 -4.26 -43.30 31.58
CA VAL G 137 -4.06 -43.57 30.16
C VAL G 137 -2.58 -43.53 29.83
N PRO G 138 -2.16 -44.29 28.79
CA PRO G 138 -0.83 -44.19 28.24
C PRO G 138 -0.48 -42.74 27.96
N MET G 139 0.76 -42.36 28.30
CA MET G 139 1.08 -40.95 28.36
C MET G 139 2.36 -40.58 27.63
N TRP G 140 3.04 -41.52 26.93
CA TRP G 140 4.21 -41.07 26.15
C TRP G 140 3.75 -40.07 25.09
N VAL G 141 2.65 -40.40 24.42
CA VAL G 141 1.95 -39.50 23.52
C VAL G 141 0.65 -39.11 24.20
N LYS G 142 0.40 -37.80 24.25
CA LYS G 142 -0.86 -37.25 24.76
C LYS G 142 -2.04 -37.80 24.00
N MET G 143 -2.95 -38.47 24.72
CA MET G 143 -4.16 -38.95 24.09
C MET G 143 -5.14 -37.82 23.79
N ASP G 144 -5.95 -38.00 22.75
CA ASP G 144 -7.12 -37.15 22.52
C ASP G 144 -8.37 -37.85 23.04
N LEU G 145 -9.53 -37.18 22.95
CA LEU G 145 -10.79 -37.69 23.48
C LEU G 145 -11.18 -39.06 22.90
N PRO G 146 -11.35 -39.24 21.58
CA PRO G 146 -11.77 -40.55 21.08
C PRO G 146 -10.78 -41.67 21.37
N THR G 147 -9.47 -41.38 21.38
CA THR G 147 -8.43 -42.37 21.65
C THR G 147 -8.55 -42.85 23.11
N ALA G 148 -8.71 -41.87 24.03
CA ALA G 148 -8.85 -42.20 25.43
C ALA G 148 -10.10 -43.06 25.69
N VAL G 149 -11.22 -42.68 25.06
CA VAL G 149 -12.44 -43.44 25.22
C VAL G 149 -12.25 -44.87 24.72
N GLN G 150 -11.69 -45.04 23.53
CA GLN G 150 -11.53 -46.35 22.93
C GLN G 150 -10.56 -47.20 23.78
N PHE G 151 -9.56 -46.54 24.36
CA PHE G 151 -8.62 -47.24 25.24
C PHE G 151 -9.36 -47.95 26.37
N TYR G 152 -10.23 -47.24 27.11
CA TYR G 152 -10.96 -47.84 28.20
C TYR G 152 -11.97 -48.87 27.69
N ARG G 153 -12.59 -48.63 26.53
CA ARG G 153 -13.46 -49.61 25.90
C ARG G 153 -12.72 -50.92 25.59
N ASP G 154 -11.49 -50.76 25.05
CA ASP G 154 -10.63 -51.88 24.69
C ASP G 154 -10.28 -52.70 25.93
N VAL G 155 -9.93 -52.04 27.05
CA VAL G 155 -9.53 -52.76 28.26
C VAL G 155 -10.73 -53.53 28.81
N ALA G 156 -11.89 -52.87 28.88
CA ALA G 156 -13.11 -53.46 29.38
C ALA G 156 -13.57 -54.63 28.51
N ASP G 157 -13.42 -54.50 27.19
CA ASP G 157 -13.70 -55.57 26.25
C ASP G 157 -12.79 -56.78 26.49
N ALA G 158 -11.51 -56.51 26.72
CA ALA G 158 -10.51 -57.55 26.85
C ALA G 158 -10.55 -58.26 28.20
N VAL G 159 -10.90 -57.53 29.27
CA VAL G 159 -10.90 -58.07 30.61
C VAL G 159 -12.26 -57.76 31.25
N PRO G 160 -13.35 -58.39 30.76
CA PRO G 160 -14.70 -58.00 31.17
C PRO G 160 -15.01 -58.20 32.64
N GLU G 161 -14.24 -59.05 33.33
CA GLU G 161 -14.49 -59.29 34.73
C GLU G 161 -13.80 -58.24 35.62
N ALA G 162 -12.90 -57.40 35.07
CA ALA G 162 -12.28 -56.35 35.89
C ALA G 162 -13.20 -55.12 36.03
N ALA G 163 -13.42 -54.69 37.28
CA ALA G 163 -13.89 -53.34 37.49
C ALA G 163 -12.75 -52.35 37.18
N ILE G 164 -13.14 -51.16 36.73
CA ILE G 164 -12.18 -50.10 36.43
C ILE G 164 -12.52 -48.87 37.27
N ALA G 165 -11.47 -48.33 37.88
CA ALA G 165 -11.46 -47.02 38.51
C ALA G 165 -10.66 -46.10 37.61
N ILE G 166 -11.33 -45.06 37.08
CA ILE G 166 -10.65 -44.10 36.24
CA ILE G 166 -10.59 -44.16 36.22
C ILE G 166 -9.69 -43.31 37.11
N TYR G 167 -8.40 -43.31 36.73
CA TYR G 167 -7.41 -42.56 37.48
C TYR G 167 -7.20 -41.24 36.74
N ALA G 168 -7.97 -40.25 37.15
CA ALA G 168 -8.07 -38.99 36.39
C ALA G 168 -7.02 -38.01 36.88
N ASN G 169 -5.78 -38.20 36.38
CA ASN G 169 -4.63 -37.40 36.76
C ASN G 169 -4.03 -36.70 35.53
N PRO G 170 -4.43 -35.46 35.21
CA PRO G 170 -3.90 -34.78 34.02
C PRO G 170 -2.40 -34.45 34.07
N GLU G 171 -1.81 -34.29 35.27
CA GLU G 171 -0.41 -33.99 35.37
C GLU G 171 0.45 -35.17 34.91
N ALA G 172 0.14 -36.36 35.46
CA ALA G 172 0.78 -37.59 35.05
C ALA G 172 0.48 -37.94 33.58
N PHE G 173 -0.80 -37.90 33.21
CA PHE G 173 -1.21 -38.62 32.00
C PHE G 173 -1.50 -37.66 30.86
N LYS G 174 -1.37 -36.32 31.08
CA LYS G 174 -1.45 -35.32 30.00
C LYS G 174 -2.90 -35.06 29.58
N PHE G 175 -3.63 -36.09 29.16
CA PHE G 175 -5.06 -36.01 28.92
C PHE G 175 -5.78 -35.42 30.12
N ASP G 176 -6.79 -34.57 29.89
CA ASP G 176 -7.40 -33.86 31.01
C ASP G 176 -8.77 -34.38 31.45
N PHE G 177 -9.20 -35.54 30.95
CA PHE G 177 -10.40 -36.21 31.43
C PHE G 177 -11.62 -35.27 31.42
N PRO G 178 -12.03 -34.78 30.23
CA PRO G 178 -13.05 -33.73 30.12
C PRO G 178 -14.47 -34.25 30.26
N ARG G 179 -15.42 -33.33 30.31
CA ARG G 179 -16.83 -33.67 30.44
C ARG G 179 -17.25 -34.80 29.50
N PRO G 180 -17.07 -34.71 28.16
CA PRO G 180 -17.61 -35.76 27.28
C PRO G 180 -16.99 -37.14 27.52
N PHE G 181 -15.77 -37.15 28.03
CA PHE G 181 -15.13 -38.40 28.43
C PHE G 181 -15.95 -39.10 29.50
N TRP G 182 -16.40 -38.38 30.53
CA TRP G 182 -17.20 -38.99 31.60
C TRP G 182 -18.53 -39.56 31.06
N ALA G 183 -19.20 -38.82 30.15
CA ALA G 183 -20.41 -39.31 29.49
C ALA G 183 -20.16 -40.63 28.77
N GLU G 184 -18.99 -40.78 28.11
CA GLU G 184 -18.67 -42.04 27.42
C GLU G 184 -18.37 -43.15 28.42
N MET G 185 -17.66 -42.83 29.50
CA MET G 185 -17.32 -43.84 30.49
C MET G 185 -18.55 -44.44 31.17
N SER G 186 -19.61 -43.63 31.33
CA SER G 186 -20.82 -44.08 31.99
C SER G 186 -21.54 -45.18 31.19
N LYS G 187 -21.21 -45.32 29.90
CA LYS G 187 -21.75 -46.38 29.05
C LYS G 187 -20.98 -47.69 29.18
N ILE G 188 -19.87 -47.70 29.92
CA ILE G 188 -19.03 -48.89 30.06
C ILE G 188 -19.32 -49.51 31.43
N PRO G 189 -20.02 -50.65 31.50
CA PRO G 189 -20.42 -51.21 32.79
C PRO G 189 -19.26 -51.45 33.75
N GLN G 190 -18.10 -51.83 33.20
CA GLN G 190 -16.91 -52.10 34.00
C GLN G 190 -16.41 -50.86 34.74
N VAL G 191 -16.70 -49.65 34.21
CA VAL G 191 -16.21 -48.43 34.84
C VAL G 191 -17.15 -48.05 35.97
N VAL G 192 -16.69 -48.22 37.22
CA VAL G 192 -17.60 -48.13 38.33
C VAL G 192 -17.27 -46.96 39.24
N THR G 193 -16.06 -46.42 39.13
CA THR G 193 -15.59 -45.38 40.03
C THR G 193 -14.50 -44.58 39.35
N ALA G 194 -14.15 -43.46 39.98
CA ALA G 194 -13.05 -42.62 39.53
C ALA G 194 -12.32 -42.06 40.75
N LYS G 195 -10.98 -42.13 40.71
CA LYS G 195 -10.14 -41.32 41.59
C LYS G 195 -10.09 -39.94 40.98
N TYR G 196 -10.94 -39.05 41.52
CA TYR G 196 -11.21 -37.76 40.92
C TYR G 196 -10.36 -36.68 41.59
N LEU G 197 -10.24 -35.56 40.89
CA LEU G 197 -9.53 -34.43 41.47
C LEU G 197 -10.50 -33.27 41.70
N GLY G 198 -10.17 -32.04 41.21
CA GLY G 198 -10.86 -30.89 41.70
C GLY G 198 -12.36 -31.03 41.38
N ILE G 199 -13.22 -30.46 42.24
CA ILE G 199 -14.66 -30.70 42.17
C ILE G 199 -15.37 -29.57 41.45
N GLY G 200 -14.63 -28.66 40.78
CA GLY G 200 -15.26 -27.56 40.07
C GLY G 200 -16.37 -27.98 39.08
N MET G 201 -16.22 -29.15 38.43
CA MET G 201 -17.22 -29.59 37.46
C MET G 201 -17.85 -30.91 37.93
N LEU G 202 -17.84 -31.19 39.24
CA LEU G 202 -18.40 -32.43 39.75
C LEU G 202 -19.91 -32.48 39.53
N ASP G 203 -20.61 -31.37 39.83
CA ASP G 203 -22.06 -31.30 39.61
C ASP G 203 -22.44 -31.79 38.19
N LEU G 204 -21.80 -31.25 37.16
CA LEU G 204 -22.04 -31.64 35.77
C LEU G 204 -21.63 -33.08 35.49
N ASP G 205 -20.42 -33.47 35.96
CA ASP G 205 -19.94 -34.81 35.67
C ASP G 205 -20.87 -35.87 36.26
N LEU G 206 -21.41 -35.61 37.45
CA LEU G 206 -22.39 -36.52 38.05
C LEU G 206 -23.62 -36.71 37.14
N ARG G 207 -24.05 -35.63 36.50
CA ARG G 207 -25.22 -35.71 35.59
C ARG G 207 -24.83 -36.51 34.35
N LEU G 208 -23.64 -36.25 33.83
CA LEU G 208 -23.19 -36.89 32.60
C LEU G 208 -22.91 -38.38 32.78
N ALA G 209 -22.54 -38.78 34.02
CA ALA G 209 -22.13 -40.14 34.26
C ALA G 209 -22.87 -40.72 35.45
N PRO G 210 -24.16 -41.07 35.27
CA PRO G 210 -24.97 -41.59 36.39
C PRO G 210 -24.45 -42.90 36.98
N ASN G 211 -23.65 -43.67 36.24
CA ASN G 211 -23.29 -45.03 36.65
C ASN G 211 -21.91 -45.08 37.33
N ILE G 212 -21.30 -43.91 37.60
CA ILE G 212 -19.99 -43.89 38.22
C ILE G 212 -20.08 -43.34 39.64
N ARG G 213 -19.36 -44.00 40.56
CA ARG G 213 -19.19 -43.45 41.91
C ARG G 213 -17.91 -42.57 41.87
N PHE G 214 -18.07 -41.27 41.80
CA PHE G 214 -16.97 -40.33 41.76
C PHE G 214 -16.39 -40.19 43.15
N LEU G 215 -15.09 -40.50 43.30
CA LEU G 215 -14.39 -40.32 44.56
C LEU G 215 -13.66 -38.99 44.59
N PRO G 216 -14.14 -37.96 45.30
CA PRO G 216 -13.33 -36.78 45.56
C PRO G 216 -12.16 -37.16 46.48
N HIS G 217 -11.13 -36.34 46.44
CA HIS G 217 -10.08 -36.41 47.43
C HIS G 217 -10.70 -36.07 48.78
N GLU G 218 -10.18 -36.69 49.85
CA GLU G 218 -10.72 -36.59 51.18
C GLU G 218 -11.01 -35.14 51.59
N ASP G 219 -10.13 -34.19 51.27
CA ASP G 219 -10.28 -32.81 51.72
C ASP G 219 -11.52 -32.16 51.06
N ASP G 220 -11.90 -32.70 49.91
CA ASP G 220 -13.03 -32.16 49.13
C ASP G 220 -14.33 -32.91 49.38
N TYR G 221 -14.28 -34.02 50.15
CA TYR G 221 -15.45 -34.83 50.42
C TYR G 221 -16.58 -34.06 51.09
N TYR G 222 -16.25 -33.23 52.09
CA TYR G 222 -17.22 -32.38 52.78
C TYR G 222 -18.04 -31.59 51.76
N ALA G 223 -17.35 -30.80 50.94
CA ALA G 223 -18.03 -29.96 49.97
C ALA G 223 -18.82 -30.78 48.95
N ALA G 224 -18.20 -31.84 48.43
CA ALA G 224 -18.82 -32.69 47.41
C ALA G 224 -20.07 -33.37 47.94
N ALA G 225 -20.02 -33.87 49.18
CA ALA G 225 -21.14 -34.54 49.80
C ALA G 225 -22.29 -33.55 49.99
N ARG G 226 -21.99 -32.27 50.25
CA ARG G 226 -23.04 -31.28 50.38
C ARG G 226 -23.66 -30.94 49.02
N ILE G 227 -22.85 -30.97 47.95
CA ILE G 227 -23.37 -30.74 46.60
C ILE G 227 -24.39 -31.83 46.23
N ASN G 228 -24.02 -33.09 46.42
CA ASN G 228 -24.86 -34.18 46.00
C ASN G 228 -24.76 -35.32 47.00
N PRO G 229 -25.53 -35.28 48.10
CA PRO G 229 -25.42 -36.30 49.16
C PRO G 229 -25.89 -37.69 48.75
N GLU G 230 -26.75 -37.76 47.74
CA GLU G 230 -27.21 -39.02 47.20
C GLU G 230 -26.08 -39.74 46.47
N ARG G 231 -25.32 -39.00 45.66
CA ARG G 231 -24.31 -39.62 44.79
C ARG G 231 -22.94 -39.71 45.48
N ILE G 232 -22.61 -38.71 46.30
CA ILE G 232 -21.26 -38.61 46.84
C ILE G 232 -21.27 -39.24 48.24
N THR G 233 -20.98 -40.55 48.25
CA THR G 233 -21.04 -41.39 49.46
C THR G 233 -19.68 -41.97 49.81
N ALA G 234 -18.66 -41.67 49.02
CA ALA G 234 -17.34 -42.29 49.15
C ALA G 234 -16.27 -41.27 48.79
N PHE G 235 -15.03 -41.51 49.24
CA PHE G 235 -13.93 -40.61 48.91
C PHE G 235 -12.64 -41.43 48.97
N TRP G 236 -11.58 -40.88 48.38
CA TRP G 236 -10.26 -41.51 48.42
C TRP G 236 -9.36 -40.74 49.38
N SER G 237 -8.54 -41.50 50.11
CA SER G 237 -7.72 -40.99 51.17
C SER G 237 -6.29 -41.46 51.03
N SER G 238 -5.32 -40.53 50.96
CA SER G 238 -3.90 -40.82 51.18
C SER G 238 -3.51 -40.45 52.60
N GLY G 239 -4.19 -39.49 53.23
CA GLY G 239 -3.95 -39.11 54.62
C GLY G 239 -4.09 -40.28 55.59
N ALA G 240 -4.92 -41.27 55.23
CA ALA G 240 -5.12 -42.41 56.11
C ALA G 240 -3.83 -43.20 56.32
N MET G 241 -2.86 -43.05 55.42
CA MET G 241 -1.59 -43.75 55.52
C MET G 241 -0.73 -43.17 56.64
N CYS G 242 -1.18 -42.05 57.24
CA CYS G 242 -0.55 -41.46 58.40
C CYS G 242 -1.36 -41.74 59.69
N GLY G 243 -2.33 -42.64 59.57
CA GLY G 243 -3.27 -42.97 60.62
C GLY G 243 -4.71 -42.76 60.14
N PRO G 244 -5.48 -43.84 59.98
CA PRO G 244 -6.82 -43.74 59.38
C PRO G 244 -8.01 -43.23 60.19
N ALA G 245 -7.79 -42.88 61.48
CA ALA G 245 -8.94 -42.52 62.30
C ALA G 245 -9.64 -41.28 61.75
N THR G 246 -8.86 -40.34 61.19
CA THR G 246 -9.43 -39.10 60.69
C THR G 246 -10.42 -39.37 59.55
N ALA G 247 -10.03 -40.20 58.58
CA ALA G 247 -10.86 -40.57 57.45
C ALA G 247 -12.11 -41.31 57.91
N ILE G 248 -11.94 -42.21 58.88
CA ILE G 248 -13.07 -42.96 59.40
CA ILE G 248 -13.12 -42.95 59.32
C ILE G 248 -14.06 -42.00 60.08
N MET G 249 -13.55 -41.04 60.84
CA MET G 249 -14.40 -40.11 61.55
C MET G 249 -15.12 -39.18 60.55
N LEU G 250 -14.40 -38.73 59.52
CA LEU G 250 -15.04 -37.95 58.44
C LEU G 250 -16.20 -38.72 57.83
N ARG G 251 -15.94 -39.96 57.40
CA ARG G 251 -16.96 -40.83 56.86
C ARG G 251 -18.18 -40.89 57.79
N ASP G 252 -17.95 -41.21 59.06
CA ASP G 252 -19.02 -41.45 60.02
C ASP G 252 -19.81 -40.16 60.24
N GLU G 253 -19.11 -39.03 60.31
CA GLU G 253 -19.75 -37.79 60.69
C GLU G 253 -20.54 -37.24 59.50
N VAL G 254 -20.06 -37.50 58.27
CA VAL G 254 -20.80 -37.11 57.08
C VAL G 254 -22.10 -37.92 56.97
N VAL G 255 -22.05 -39.24 57.27
CA VAL G 255 -23.30 -40.01 57.31
C VAL G 255 -24.31 -39.35 58.26
N ARG G 256 -23.85 -38.96 59.44
CA ARG G 256 -24.72 -38.36 60.45
C ARG G 256 -25.24 -37.01 59.96
N ALA G 257 -24.36 -36.18 59.38
CA ALA G 257 -24.73 -34.87 58.86
C ALA G 257 -25.83 -34.99 57.80
N LYS G 258 -25.74 -36.00 56.94
CA LYS G 258 -26.74 -36.17 55.90
C LYS G 258 -28.11 -36.49 56.49
N SER G 259 -28.12 -37.19 57.64
CA SER G 259 -29.36 -37.54 58.32
C SER G 259 -29.89 -36.35 59.15
N THR G 260 -29.01 -35.62 59.85
CA THR G 260 -29.46 -34.63 60.82
C THR G 260 -29.55 -33.23 60.22
N GLY G 261 -28.79 -32.98 59.13
CA GLY G 261 -28.62 -31.65 58.58
C GLY G 261 -27.63 -30.78 59.35
N ASP G 262 -26.94 -31.35 60.33
CA ASP G 262 -25.98 -30.60 61.11
C ASP G 262 -24.57 -30.97 60.67
N TRP G 263 -23.94 -30.06 59.90
CA TRP G 263 -22.70 -30.32 59.18
C TRP G 263 -21.50 -29.78 59.96
N ALA G 264 -21.67 -29.26 61.18
CA ALA G 264 -20.61 -28.51 61.84
C ALA G 264 -19.40 -29.39 62.18
N LYS G 265 -19.63 -30.59 62.67
CA LYS G 265 -18.55 -31.47 63.07
C LYS G 265 -17.81 -31.98 61.84
N ALA G 266 -18.54 -32.31 60.78
CA ALA G 266 -17.93 -32.78 59.55
C ALA G 266 -17.04 -31.67 59.00
N LYS G 267 -17.55 -30.44 59.08
CA LYS G 267 -16.81 -29.27 58.61
C LYS G 267 -15.52 -29.10 59.43
N ALA G 268 -15.59 -29.31 60.75
CA ALA G 268 -14.39 -29.19 61.59
C ALA G 268 -13.34 -30.22 61.22
N ILE G 269 -13.75 -31.46 60.96
CA ILE G 269 -12.82 -32.52 60.61
C ILE G 269 -12.19 -32.18 59.25
N SER G 270 -13.02 -31.79 58.27
CA SER G 270 -12.55 -31.44 56.94
C SER G 270 -11.55 -30.27 57.00
N ASP G 271 -11.82 -29.28 57.84
CA ASP G 271 -10.92 -28.14 57.98
C ASP G 271 -9.58 -28.53 58.58
N ASP G 272 -9.60 -29.44 59.56
CA ASP G 272 -8.39 -30.03 60.11
C ASP G 272 -7.56 -30.75 59.04
N MET G 273 -8.23 -31.48 58.15
CA MET G 273 -7.57 -32.21 57.07
C MET G 273 -6.85 -31.27 56.10
N ARG G 274 -7.53 -30.21 55.66
CA ARG G 274 -6.90 -29.22 54.81
C ARG G 274 -5.71 -28.56 55.50
N ALA G 275 -5.82 -28.22 56.80
CA ALA G 275 -4.65 -27.64 57.49
C ALA G 275 -3.48 -28.62 57.51
N ALA G 276 -3.75 -29.90 57.75
CA ALA G 276 -2.67 -30.88 57.78
C ALA G 276 -1.96 -31.01 56.43
N ASP G 277 -2.71 -30.80 55.33
CA ASP G 277 -2.17 -30.84 54.00
C ASP G 277 -1.44 -29.54 53.62
N SER G 278 -1.52 -28.50 54.45
CA SER G 278 -1.17 -27.18 53.97
C SER G 278 0.33 -27.02 53.66
N THR G 279 1.22 -27.84 54.21
CA THR G 279 2.65 -27.71 53.94
C THR G 279 3.16 -28.75 52.94
N LEU G 280 2.28 -29.60 52.39
CA LEU G 280 2.76 -30.67 51.54
C LEU G 280 3.41 -30.14 50.23
N PHE G 281 2.73 -29.24 49.53
CA PHE G 281 3.24 -28.73 48.26
C PHE G 281 4.43 -27.79 48.42
N PRO G 282 5.53 -28.06 47.66
CA PRO G 282 6.69 -27.19 47.63
C PRO G 282 6.27 -25.79 47.22
N ARG G 283 6.53 -24.82 48.09
CA ARG G 283 6.16 -23.41 47.93
C ARG G 283 4.70 -23.26 47.53
N GLY G 284 3.84 -24.18 47.97
CA GLY G 284 2.43 -24.11 47.66
C GLY G 284 2.15 -24.35 46.19
N ASP G 285 3.14 -24.90 45.47
CA ASP G 285 3.06 -25.00 44.03
C ASP G 285 2.75 -26.44 43.60
N PHE G 286 1.62 -26.63 42.94
CA PHE G 286 1.18 -27.96 42.54
C PHE G 286 2.09 -28.57 41.44
N SER G 287 2.65 -27.72 40.55
CA SER G 287 3.48 -28.24 39.48
C SER G 287 4.77 -28.83 40.08
N GLU G 288 5.25 -28.19 41.13
CA GLU G 288 6.41 -28.73 41.86
C GLU G 288 5.97 -30.00 42.62
N PHE G 289 4.80 -30.00 43.26
CA PHE G 289 4.34 -31.22 43.91
C PHE G 289 4.30 -32.39 42.92
N SER G 290 3.87 -32.11 41.69
CA SER G 290 3.71 -33.12 40.67
C SER G 290 5.05 -33.78 40.33
N LYS G 291 6.13 -32.99 40.33
CA LYS G 291 7.45 -33.51 40.05
C LYS G 291 7.91 -34.43 41.19
N TYR G 292 7.49 -34.15 42.42
CA TYR G 292 8.01 -34.87 43.58
C TYR G 292 6.93 -35.68 44.29
N ASN G 293 5.84 -35.99 43.57
CA ASN G 293 4.60 -36.64 44.07
C ASN G 293 5.00 -37.90 44.84
N ILE G 294 5.91 -38.70 44.27
CA ILE G 294 6.26 -39.98 44.90
C ILE G 294 7.02 -39.72 46.19
N GLY G 295 8.12 -38.99 46.10
CA GLY G 295 9.02 -38.81 47.22
C GLY G 295 8.36 -38.05 48.37
N LEU G 296 7.52 -37.08 48.02
CA LEU G 296 6.84 -36.27 49.01
C LEU G 296 5.82 -37.12 49.79
N GLU G 297 5.02 -37.92 49.08
CA GLU G 297 4.01 -38.74 49.71
C GLU G 297 4.68 -39.77 50.63
N LYS G 298 5.71 -40.45 50.12
CA LYS G 298 6.40 -41.47 50.88
C LYS G 298 7.10 -40.85 52.09
N ALA G 299 7.73 -39.70 51.94
CA ALA G 299 8.39 -39.01 53.07
C ALA G 299 7.40 -38.61 54.17
N ARG G 300 6.22 -38.15 53.75
CA ARG G 300 5.18 -37.77 54.73
C ARG G 300 4.78 -39.00 55.53
N MET G 301 4.51 -40.12 54.83
CA MET G 301 4.12 -41.34 55.51
C MET G 301 5.22 -41.81 56.47
N ASP G 302 6.47 -41.79 56.03
CA ASP G 302 7.61 -42.15 56.88
C ASP G 302 7.64 -41.25 58.12
N ALA G 303 7.41 -39.96 57.97
CA ALA G 303 7.44 -39.07 59.12
C ALA G 303 6.30 -39.34 60.09
N ALA G 304 5.12 -39.71 59.58
CA ALA G 304 3.97 -39.94 60.43
C ALA G 304 4.16 -41.16 61.33
N GLY G 305 4.82 -42.20 60.85
CA GLY G 305 5.19 -43.31 61.74
C GLY G 305 4.14 -44.40 61.77
N TRP G 306 3.02 -44.26 61.03
CA TRP G 306 1.97 -45.26 61.07
C TRP G 306 2.34 -46.46 60.19
N LEU G 307 3.09 -46.19 59.12
CA LEU G 307 3.61 -47.21 58.26
C LEU G 307 4.96 -46.79 57.68
N LYS G 308 5.67 -47.75 57.09
CA LYS G 308 6.98 -47.57 56.51
C LYS G 308 6.86 -47.65 54.99
N ALA G 309 6.83 -46.48 54.35
CA ALA G 309 6.69 -46.43 52.91
C ALA G 309 8.04 -46.74 52.28
N GLY G 310 9.11 -46.16 52.83
CA GLY G 310 10.47 -46.53 52.47
C GLY G 310 10.99 -45.75 51.26
N PRO G 311 12.25 -46.02 50.85
CA PRO G 311 12.87 -45.30 49.73
C PRO G 311 12.13 -45.45 48.39
N CYS G 312 12.34 -44.47 47.52
CA CYS G 312 11.70 -44.44 46.22
C CYS G 312 12.58 -45.19 45.21
N ARG G 313 11.90 -45.96 44.36
CA ARG G 313 12.53 -46.68 43.29
C ARG G 313 12.96 -45.72 42.18
N PRO G 314 14.06 -46.08 41.46
CA PRO G 314 14.63 -45.17 40.47
C PRO G 314 13.71 -45.04 39.25
N PRO G 315 13.61 -43.86 38.63
CA PRO G 315 14.51 -42.73 38.87
C PRO G 315 14.18 -41.71 39.95
N TYR G 316 13.02 -41.83 40.59
CA TYR G 316 12.42 -40.73 41.35
C TYR G 316 12.83 -40.82 42.81
N ASN G 317 14.14 -40.79 43.03
CA ASN G 317 14.72 -41.08 44.32
C ASN G 317 15.50 -39.90 44.87
N LEU G 318 15.28 -38.68 44.34
CA LEU G 318 15.90 -37.47 44.88
C LEU G 318 14.84 -36.38 45.00
N VAL G 319 14.64 -35.85 46.22
CA VAL G 319 13.74 -34.73 46.44
C VAL G 319 14.53 -33.62 47.14
N PRO G 320 14.47 -32.35 46.67
CA PRO G 320 15.19 -31.26 47.35
C PRO G 320 14.91 -31.26 48.87
N GLU G 321 15.95 -31.13 49.67
CA GLU G 321 15.82 -31.25 51.13
C GLU G 321 14.79 -30.27 51.69
N ASP G 322 14.71 -29.06 51.14
CA ASP G 322 13.78 -28.05 51.61
C ASP G 322 12.34 -28.48 51.45
N TYR G 323 12.06 -29.30 50.42
CA TYR G 323 10.70 -29.75 50.17
C TYR G 323 10.32 -30.88 51.14
N LEU G 324 11.32 -31.53 51.72
CA LEU G 324 11.09 -32.68 52.56
C LEU G 324 10.47 -32.21 53.86
N ALA G 325 10.95 -31.09 54.42
CA ALA G 325 10.46 -30.61 55.69
C ALA G 325 8.94 -30.38 55.61
N GLY G 326 8.44 -29.85 54.48
CA GLY G 326 7.02 -29.57 54.39
C GLY G 326 6.21 -30.87 54.41
N ALA G 327 6.72 -31.90 53.71
CA ALA G 327 6.06 -33.19 53.66
C ALA G 327 6.05 -33.84 55.05
N GLN G 328 7.18 -33.73 55.77
CA GLN G 328 7.32 -34.34 57.08
C GLN G 328 6.41 -33.65 58.08
N LYS G 329 6.34 -32.33 58.00
CA LYS G 329 5.43 -31.56 58.83
C LYS G 329 3.96 -31.96 58.58
N SER G 330 3.59 -32.20 57.33
CA SER G 330 2.25 -32.65 57.02
C SER G 330 2.02 -34.05 57.61
N GLY G 331 2.99 -34.94 57.49
CA GLY G 331 2.92 -36.25 58.10
C GLY G 331 2.69 -36.20 59.61
N LYS G 332 3.42 -35.33 60.29
CA LYS G 332 3.22 -35.15 61.73
C LYS G 332 1.84 -34.58 62.03
N ALA G 333 1.33 -33.69 61.21
CA ALA G 333 0.01 -33.08 61.42
C ALA G 333 -1.07 -34.14 61.27
N TRP G 334 -0.95 -35.00 60.23
CA TRP G 334 -1.92 -36.08 60.06
C TRP G 334 -1.82 -37.09 61.21
N ALA G 335 -0.60 -37.39 61.69
CA ALA G 335 -0.47 -38.29 62.83
C ALA G 335 -1.18 -37.71 64.06
N ALA G 336 -1.06 -36.41 64.28
CA ALA G 336 -1.73 -35.70 65.38
C ALA G 336 -3.26 -35.77 65.24
N LEU G 337 -3.78 -35.62 64.00
CA LEU G 337 -5.20 -35.83 63.77
C LEU G 337 -5.61 -37.26 64.10
N HIS G 338 -4.80 -38.25 63.71
CA HIS G 338 -5.12 -39.65 63.96
C HIS G 338 -5.24 -39.88 65.47
N ALA G 339 -4.34 -39.30 66.24
CA ALA G 339 -4.41 -39.47 67.70
C ALA G 339 -5.68 -38.81 68.24
N LYS G 340 -6.02 -37.62 67.73
CA LYS G 340 -7.19 -36.89 68.19
C LYS G 340 -8.45 -37.66 67.89
N TYR G 341 -8.59 -38.15 66.64
CA TYR G 341 -9.80 -38.81 66.24
C TYR G 341 -9.86 -40.26 66.76
N SER G 342 -8.72 -40.94 66.96
CA SER G 342 -8.76 -42.24 67.60
C SER G 342 -9.50 -42.16 68.94
N ASN G 343 -9.25 -41.11 69.70
CA ASN G 343 -9.88 -40.89 71.00
C ASN G 343 -11.37 -40.57 70.86
N GLU G 344 -11.77 -39.92 69.75
CA GLU G 344 -13.17 -39.59 69.54
C GLU G 344 -13.95 -40.79 69.02
N LEU G 345 -13.28 -41.78 68.44
CA LEU G 345 -14.01 -42.92 67.96
C LEU G 345 -14.40 -43.74 69.21
N SER H 21 -22.32 5.60 51.93
CA SER H 21 -21.42 4.80 52.81
C SER H 21 -21.07 3.50 52.09
N ARG H 22 -19.83 3.04 52.27
CA ARG H 22 -19.22 2.10 51.33
CA ARG H 22 -19.22 2.10 51.34
C ARG H 22 -19.90 0.74 51.49
N LEU H 23 -20.19 0.11 50.36
CA LEU H 23 -20.75 -1.22 50.32
C LEU H 23 -19.89 -2.19 51.12
N THR H 24 -20.51 -3.16 51.77
CA THR H 24 -19.78 -4.26 52.40
C THR H 24 -20.33 -5.55 51.82
N ALA H 25 -19.68 -6.67 52.15
CA ALA H 25 -20.11 -7.98 51.72
C ALA H 25 -21.55 -8.27 52.15
N GLU H 26 -21.94 -7.78 53.34
CA GLU H 26 -23.29 -7.95 53.85
C GLU H 26 -24.34 -7.39 52.88
N ASP H 27 -23.97 -6.41 52.08
CA ASP H 27 -24.89 -5.75 51.18
C ASP H 27 -24.97 -6.42 49.82
N ILE H 28 -24.21 -7.52 49.61
CA ILE H 28 -24.09 -8.14 48.30
CA ILE H 28 -24.11 -8.14 48.30
C ILE H 28 -24.82 -9.48 48.35
N ASN H 29 -26.01 -9.52 47.72
CA ASN H 29 -26.86 -10.71 47.76
C ASN H 29 -27.55 -10.87 46.40
N GLY H 30 -27.97 -12.09 46.09
CA GLY H 30 -28.82 -12.35 44.93
C GLY H 30 -28.07 -12.30 43.59
N ALA H 31 -28.79 -11.84 42.58
CA ALA H 31 -28.39 -11.91 41.18
C ALA H 31 -27.66 -10.61 40.78
N TRP H 32 -26.36 -10.78 40.49
CA TRP H 32 -25.50 -9.68 40.05
C TRP H 32 -25.21 -9.91 38.57
N THR H 33 -25.76 -9.05 37.71
CA THR H 33 -25.71 -9.24 36.27
C THR H 33 -24.65 -8.35 35.66
N ILE H 34 -23.81 -8.95 34.80
CA ILE H 34 -22.72 -8.24 34.14
CA ILE H 34 -22.72 -8.24 34.14
C ILE H 34 -23.21 -7.86 32.74
N MET H 35 -23.25 -6.55 32.51
CA MET H 35 -23.75 -6.02 31.27
C MET H 35 -22.59 -5.75 30.32
N PRO H 36 -22.83 -5.88 29.00
CA PRO H 36 -21.87 -5.44 27.99
C PRO H 36 -21.86 -3.92 27.88
N THR H 37 -21.01 -3.43 27.00
CA THR H 37 -20.93 -2.03 26.63
C THR H 37 -21.45 -1.94 25.20
N PRO H 38 -22.73 -1.56 25.03
CA PRO H 38 -23.36 -1.59 23.70
C PRO H 38 -22.60 -0.76 22.70
N SER H 39 -22.49 -1.32 21.47
CA SER H 39 -21.74 -0.73 20.39
C SER H 39 -22.65 -0.11 19.34
N THR H 40 -22.20 0.99 18.76
CA THR H 40 -22.77 1.53 17.53
C THR H 40 -22.38 0.65 16.33
N PRO H 41 -23.07 0.77 15.17
CA PRO H 41 -22.73 -0.09 14.03
C PRO H 41 -21.28 0.00 13.52
N ASP H 42 -20.62 1.14 13.72
CA ASP H 42 -19.27 1.33 13.23
C ASP H 42 -18.19 0.97 14.25
N ALA H 43 -18.53 0.24 15.34
CA ALA H 43 -17.63 0.13 16.47
C ALA H 43 -16.40 -0.74 16.19
N SER H 44 -16.41 -1.56 15.14
CA SER H 44 -15.24 -2.38 14.81
C SER H 44 -14.15 -1.60 14.11
N ASP H 45 -14.42 -0.38 13.63
CA ASP H 45 -13.48 0.36 12.81
C ASP H 45 -12.63 1.23 13.75
N TRP H 46 -11.31 1.11 13.64
CA TRP H 46 -10.41 1.93 14.47
C TRP H 46 -10.60 3.44 14.26
N ARG H 47 -11.20 3.84 13.13
CA ARG H 47 -11.42 5.27 12.86
C ARG H 47 -12.57 5.82 13.70
N SER H 48 -13.43 4.96 14.24
CA SER H 48 -14.61 5.41 14.95
C SER H 48 -14.24 5.92 16.33
N THR H 49 -14.88 7.02 16.77
CA THR H 49 -14.45 7.66 18.02
C THR H 49 -15.45 7.60 19.16
N ALA H 50 -16.74 7.44 18.87
CA ALA H 50 -17.69 7.47 19.96
C ALA H 50 -18.64 6.30 19.77
N THR H 51 -18.21 5.12 20.17
CA THR H 51 -18.85 3.89 19.70
C THR H 51 -19.82 3.32 20.72
N VAL H 52 -20.09 4.01 21.83
CA VAL H 52 -21.02 3.49 22.82
C VAL H 52 -22.45 3.95 22.46
N ASP H 53 -23.39 2.99 22.32
CA ASP H 53 -24.80 3.33 22.21
C ASP H 53 -25.32 3.62 23.59
N LEU H 54 -25.41 4.92 23.91
CA LEU H 54 -25.74 5.34 25.26
C LEU H 54 -27.20 5.10 25.57
N GLU H 55 -28.07 5.19 24.55
CA GLU H 55 -29.47 4.92 24.82
C GLU H 55 -29.71 3.42 25.09
N GLU H 56 -29.05 2.52 24.33
CA GLU H 56 -29.14 1.10 24.58
C GLU H 56 -28.60 0.81 25.97
N THR H 57 -27.55 1.51 26.38
CA THR H 57 -27.00 1.37 27.74
C THR H 57 -28.08 1.67 28.77
N ALA H 58 -28.76 2.82 28.63
CA ALA H 58 -29.81 3.21 29.57
C ALA H 58 -30.95 2.20 29.57
N ARG H 59 -31.31 1.68 28.38
CA ARG H 59 -32.42 0.77 28.25
C ARG H 59 -32.10 -0.55 28.95
N ILE H 60 -30.85 -1.02 28.78
CA ILE H 60 -30.44 -2.26 29.44
C ILE H 60 -30.52 -2.11 30.97
N VAL H 61 -30.02 -0.98 31.50
CA VAL H 61 -30.00 -0.75 32.93
C VAL H 61 -31.42 -0.78 33.51
N GLU H 62 -32.35 -0.04 32.86
CA GLU H 62 -33.71 -0.01 33.37
C GLU H 62 -34.36 -1.37 33.30
N GLU H 63 -34.09 -2.14 32.23
CA GLU H 63 -34.65 -3.46 32.07
C GLU H 63 -34.16 -4.39 33.17
N LEU H 64 -32.86 -4.27 33.49
CA LEU H 64 -32.32 -5.13 34.55
C LEU H 64 -32.92 -4.77 35.89
N ILE H 65 -33.03 -3.47 36.21
CA ILE H 65 -33.64 -3.05 37.46
C ILE H 65 -35.06 -3.58 37.50
N ALA H 66 -35.82 -3.43 36.38
CA ALA H 66 -37.21 -3.85 36.36
C ALA H 66 -37.33 -5.34 36.60
N ALA H 67 -36.38 -6.13 36.11
CA ALA H 67 -36.40 -7.57 36.32
C ALA H 67 -36.14 -7.92 37.78
N GLY H 68 -35.64 -6.99 38.60
CA GLY H 68 -35.39 -7.23 40.02
C GLY H 68 -33.95 -7.69 40.30
N VAL H 69 -32.99 -7.34 39.42
CA VAL H 69 -31.58 -7.67 39.67
C VAL H 69 -31.11 -6.95 40.93
N ASN H 70 -30.16 -7.58 41.63
CA ASN H 70 -29.68 -7.05 42.91
C ASN H 70 -28.54 -6.06 42.74
N GLY H 71 -27.76 -6.21 41.69
CA GLY H 71 -26.67 -5.32 41.40
C GLY H 71 -26.18 -5.49 39.96
N ILE H 72 -25.46 -4.51 39.47
CA ILE H 72 -24.95 -4.54 38.11
C ILE H 72 -23.40 -4.43 38.13
N LEU H 73 -22.79 -5.33 37.39
CA LEU H 73 -21.37 -5.32 37.11
C LEU H 73 -21.21 -4.97 35.64
N SER H 74 -20.02 -4.47 35.30
CA SER H 74 -19.71 -4.03 33.95
C SER H 74 -18.19 -4.02 33.75
N MET H 75 -17.78 -3.94 32.49
CA MET H 75 -16.42 -3.54 32.12
C MET H 75 -15.41 -4.59 32.55
N GLY H 76 -15.78 -5.86 32.37
CA GLY H 76 -14.77 -6.95 32.42
C GLY H 76 -14.25 -7.20 31.00
N THR H 77 -14.02 -8.47 30.67
CA THR H 77 -13.48 -8.82 29.37
C THR H 77 -14.50 -8.57 28.26
N PHE H 78 -15.65 -9.25 28.25
CA PHE H 78 -16.62 -9.08 27.19
C PHE H 78 -17.19 -7.66 27.21
N GLY H 79 -17.14 -6.99 28.36
CA GLY H 79 -17.53 -5.59 28.51
C GLY H 79 -16.57 -4.58 27.88
N GLU H 80 -15.43 -5.09 27.35
CA GLU H 80 -14.51 -4.37 26.49
C GLU H 80 -13.84 -3.23 27.26
N CYS H 81 -13.59 -3.46 28.56
CA CYS H 81 -12.68 -2.61 29.30
C CYS H 81 -11.36 -2.39 28.55
N ALA H 82 -10.87 -3.41 27.82
CA ALA H 82 -9.60 -3.32 27.14
C ALA H 82 -9.67 -2.36 25.95
N THR H 83 -10.84 -2.24 25.28
CA THR H 83 -10.86 -1.64 23.94
C THR H 83 -11.71 -0.39 23.82
N LEU H 84 -12.38 0.05 24.89
CA LEU H 84 -13.03 1.35 24.96
C LEU H 84 -12.02 2.47 25.11
N THR H 85 -12.31 3.65 24.55
CA THR H 85 -11.50 4.83 24.88
C THR H 85 -11.96 5.38 26.22
N TRP H 86 -11.14 6.25 26.81
CA TRP H 86 -11.46 6.82 28.12
C TRP H 86 -12.73 7.68 28.04
N ASP H 87 -12.90 8.46 27.00
CA ASP H 87 -14.09 9.27 26.86
C ASP H 87 -15.34 8.38 26.77
N GLU H 88 -15.24 7.26 26.03
CA GLU H 88 -16.33 6.29 25.94
C GLU H 88 -16.69 5.74 27.31
N LYS H 89 -15.67 5.36 28.09
CA LYS H 89 -15.84 4.81 29.42
C LYS H 89 -16.56 5.82 30.32
N ARG H 90 -16.12 7.09 30.29
CA ARG H 90 -16.75 8.09 31.14
C ARG H 90 -18.22 8.31 30.73
N ASP H 91 -18.48 8.33 29.43
CA ASP H 91 -19.85 8.53 28.95
C ASP H 91 -20.74 7.35 29.34
N TYR H 92 -20.24 6.12 29.17
CA TYR H 92 -20.99 4.91 29.54
C TYR H 92 -21.33 4.92 31.03
N VAL H 93 -20.32 5.13 31.89
CA VAL H 93 -20.55 5.13 33.31
C VAL H 93 -21.51 6.26 33.72
N SER H 94 -21.36 7.46 33.12
CA SER H 94 -22.27 8.58 33.42
C SER H 94 -23.71 8.19 33.14
N THR H 95 -23.93 7.57 31.98
CA THR H 95 -25.26 7.14 31.55
C THR H 95 -25.83 6.11 32.53
N ILE H 96 -25.01 5.14 32.91
CA ILE H 96 -25.42 4.12 33.85
C ILE H 96 -25.81 4.77 35.19
N VAL H 97 -24.97 5.64 35.72
CA VAL H 97 -25.20 6.19 37.05
C VAL H 97 -26.49 7.03 37.05
N GLU H 98 -26.67 7.85 36.02
CA GLU H 98 -27.86 8.68 35.89
CA GLU H 98 -27.85 8.68 35.85
C GLU H 98 -29.12 7.83 35.76
N THR H 99 -29.03 6.70 35.08
CA THR H 99 -30.17 5.81 34.90
C THR H 99 -30.51 5.12 36.23
N ILE H 100 -29.49 4.58 36.92
CA ILE H 100 -29.72 3.83 38.14
C ILE H 100 -30.34 4.71 39.24
N ARG H 101 -29.86 5.92 39.33
CA ARG H 101 -30.25 6.90 40.33
C ARG H 101 -30.31 6.27 41.71
N GLY H 102 -29.22 5.58 42.07
CA GLY H 102 -29.04 5.04 43.41
C GLY H 102 -29.90 3.81 43.74
N ARG H 103 -30.66 3.24 42.79
CA ARG H 103 -31.56 2.18 43.15
C ARG H 103 -30.89 0.81 43.39
N VAL H 104 -29.79 0.53 42.70
CA VAL H 104 -29.04 -0.71 42.91
C VAL H 104 -27.57 -0.35 42.87
N PRO H 105 -26.70 -1.14 43.55
CA PRO H 105 -25.27 -0.92 43.44
C PRO H 105 -24.72 -1.27 42.06
N TYR H 106 -23.66 -0.56 41.69
CA TYR H 106 -23.09 -0.62 40.33
C TYR H 106 -21.56 -0.57 40.44
N PHE H 107 -20.93 -1.56 39.78
CA PHE H 107 -19.49 -1.62 39.65
C PHE H 107 -19.09 -1.37 38.20
N CYS H 108 -18.23 -0.36 38.04
CA CYS H 108 -17.47 -0.15 36.83
C CYS H 108 -16.30 -1.14 36.81
N GLY H 109 -15.43 -1.04 35.80
CA GLY H 109 -14.19 -1.80 35.75
C GLY H 109 -13.03 -0.89 35.35
N THR H 110 -11.88 -1.05 36.01
CA THR H 110 -10.76 -0.12 35.80
C THR H 110 -9.45 -0.88 35.66
N THR H 111 -9.49 -2.16 35.29
CA THR H 111 -8.26 -2.90 35.02
C THR H 111 -7.49 -2.14 33.94
N ALA H 112 -6.20 -1.98 34.16
CA ALA H 112 -5.31 -1.24 33.25
C ALA H 112 -3.89 -1.77 33.45
N LEU H 113 -2.95 -1.19 32.70
CA LEU H 113 -1.57 -1.71 32.61
C LEU H 113 -0.71 -1.36 33.86
N ASN H 114 -1.14 -0.44 34.71
CA ASN H 114 -0.32 -0.04 35.82
C ASN H 114 -1.16 0.57 36.93
N THR H 115 -0.52 0.65 38.11
CA THR H 115 -1.23 1.03 39.32
C THR H 115 -1.71 2.46 39.23
N ARG H 116 -0.88 3.36 38.70
CA ARG H 116 -1.27 4.75 38.62
C ARG H 116 -2.50 4.98 37.72
N GLU H 117 -2.55 4.27 36.57
CA GLU H 117 -3.67 4.38 35.65
C GLU H 117 -4.93 3.82 36.28
N VAL H 118 -4.80 2.69 37.00
CA VAL H 118 -5.94 2.12 37.69
C VAL H 118 -6.51 3.15 38.66
N ILE H 119 -5.63 3.75 39.46
CA ILE H 119 -6.06 4.73 40.45
C ILE H 119 -6.76 5.91 39.77
N ARG H 120 -6.17 6.46 38.72
CA ARG H 120 -6.73 7.61 38.01
C ARG H 120 -8.14 7.28 37.54
N GLN H 121 -8.29 6.14 36.85
CA GLN H 121 -9.57 5.74 36.31
C GLN H 121 -10.58 5.49 37.43
N THR H 122 -10.16 4.79 38.48
CA THR H 122 -11.03 4.44 39.58
C THR H 122 -11.54 5.70 40.27
N ARG H 123 -10.67 6.67 40.54
CA ARG H 123 -11.10 7.89 41.19
C ARG H 123 -12.16 8.60 40.36
N GLU H 124 -11.94 8.73 39.05
CA GLU H 124 -12.89 9.42 38.19
C GLU H 124 -14.23 8.69 38.08
N LEU H 125 -14.23 7.37 37.86
CA LEU H 125 -15.49 6.63 37.72
C LEU H 125 -16.27 6.56 39.02
N ILE H 126 -15.59 6.43 40.17
CA ILE H 126 -16.27 6.45 41.45
C ILE H 126 -16.84 7.86 41.67
N ASP H 127 -16.08 8.89 41.31
CA ASP H 127 -16.55 10.27 41.40
C ASP H 127 -17.81 10.48 40.58
N ILE H 128 -17.90 9.87 39.41
CA ILE H 128 -19.08 10.02 38.56
C ILE H 128 -20.27 9.40 39.28
N GLY H 129 -20.01 8.32 40.04
CA GLY H 129 -21.02 7.74 40.90
C GLY H 129 -21.10 6.22 40.91
N ALA H 130 -20.16 5.50 40.30
CA ALA H 130 -20.07 4.05 40.55
C ALA H 130 -19.79 3.81 42.03
N ASN H 131 -20.26 2.67 42.55
CA ASN H 131 -20.05 2.30 43.95
C ASN H 131 -18.70 1.59 44.10
N GLY H 132 -18.22 0.92 43.04
CA GLY H 132 -17.01 0.14 43.16
C GLY H 132 -16.45 -0.17 41.79
N THR H 133 -15.30 -0.85 41.79
CA THR H 133 -14.64 -1.28 40.55
C THR H 133 -14.41 -2.78 40.60
N MET H 134 -14.74 -3.42 39.48
CA MET H 134 -14.43 -4.81 39.26
C MET H 134 -13.08 -4.80 38.60
N LEU H 135 -12.07 -5.32 39.35
CA LEU H 135 -10.68 -4.98 39.09
C LEU H 135 -9.80 -6.24 39.06
N GLY H 136 -9.20 -6.45 37.86
CA GLY H 136 -8.18 -7.48 37.64
C GLY H 136 -6.81 -6.91 37.94
N VAL H 137 -5.73 -7.61 37.55
CA VAL H 137 -4.39 -7.07 37.78
C VAL H 137 -3.76 -6.70 36.44
N PRO H 138 -2.83 -5.75 36.45
CA PRO H 138 -2.00 -5.45 35.29
C PRO H 138 -1.35 -6.73 34.78
N MET H 139 -1.36 -6.90 33.46
CA MET H 139 -1.06 -8.20 32.90
C MET H 139 -0.02 -8.16 31.79
N TRP H 140 0.58 -7.01 31.45
CA TRP H 140 1.70 -7.07 30.50
C TRP H 140 2.83 -7.96 31.05
N VAL H 141 3.16 -7.75 32.31
CA VAL H 141 4.03 -8.62 33.07
C VAL H 141 3.16 -9.38 34.08
N LYS H 142 3.34 -10.69 34.10
CA LYS H 142 2.71 -11.60 35.04
C LYS H 142 3.08 -11.20 36.46
N MET H 143 2.06 -10.89 37.26
CA MET H 143 2.29 -10.59 38.67
CA MET H 143 2.36 -10.58 38.65
C MET H 143 2.61 -11.84 39.48
N ASP H 144 3.38 -11.66 40.55
CA ASP H 144 3.54 -12.67 41.58
C ASP H 144 2.65 -12.29 42.78
N LEU H 145 2.61 -13.14 43.80
CA LEU H 145 1.73 -13.00 44.94
C LEU H 145 1.94 -11.67 45.68
N PRO H 146 3.13 -11.33 46.22
CA PRO H 146 3.26 -10.06 46.94
C PRO H 146 2.95 -8.82 46.09
N THR H 147 3.30 -8.84 44.79
CA THR H 147 3.02 -7.73 43.89
C THR H 147 1.51 -7.53 43.72
N ALA H 148 0.79 -8.64 43.51
CA ALA H 148 -0.66 -8.57 43.34
C ALA H 148 -1.33 -8.07 44.63
N VAL H 149 -0.91 -8.58 45.79
CA VAL H 149 -1.46 -8.11 47.05
C VAL H 149 -1.24 -6.61 47.21
N GLN H 150 -0.01 -6.14 46.98
N GLN H 150 -0.01 -6.16 46.99
CA GLN H 150 0.31 -4.74 47.19
CA GLN H 150 0.28 -4.77 47.22
C GLN H 150 -0.46 -3.87 46.20
C GLN H 150 -0.46 -3.88 46.22
N PHE H 151 -0.66 -4.39 44.98
CA PHE H 151 -1.44 -3.67 43.97
C PHE H 151 -2.82 -3.31 44.52
N TYR H 152 -3.55 -4.31 45.06
CA TYR H 152 -4.88 -4.04 45.58
C TYR H 152 -4.83 -3.16 46.82
N ARG H 153 -3.82 -3.33 47.66
CA ARG H 153 -3.63 -2.47 48.84
CA ARG H 153 -3.65 -2.46 48.84
C ARG H 153 -3.42 -1.01 48.41
N ASP H 154 -2.63 -0.82 47.34
CA ASP H 154 -2.34 0.50 46.78
C ASP H 154 -3.61 1.17 46.28
N VAL H 155 -4.47 0.41 45.56
CA VAL H 155 -5.69 1.01 45.00
C VAL H 155 -6.63 1.39 46.13
N ALA H 156 -6.80 0.49 47.11
CA ALA H 156 -7.66 0.72 48.25
C ALA H 156 -7.17 1.90 49.10
N ASP H 157 -5.84 2.04 49.26
CA ASP H 157 -5.24 3.17 49.94
C ASP H 157 -5.55 4.49 49.21
N ALA H 158 -5.44 4.45 47.89
CA ALA H 158 -5.59 5.64 47.06
C ALA H 158 -7.04 6.08 46.90
N VAL H 159 -7.97 5.12 46.84
CA VAL H 159 -9.37 5.42 46.60
C VAL H 159 -10.18 4.73 47.69
N PRO H 160 -10.07 5.18 48.97
CA PRO H 160 -10.66 4.43 50.08
C PRO H 160 -12.18 4.34 50.05
N GLU H 161 -12.84 5.22 49.30
CA GLU H 161 -14.29 5.14 49.20
C GLU H 161 -14.77 4.13 48.16
N ALA H 162 -13.89 3.57 47.32
CA ALA H 162 -14.31 2.58 46.31
C ALA H 162 -14.42 1.19 46.92
N ALA H 163 -15.58 0.54 46.76
CA ALA H 163 -15.60 -0.92 46.90
C ALA H 163 -14.84 -1.57 45.73
N ILE H 164 -14.22 -2.70 46.01
CA ILE H 164 -13.49 -3.48 45.02
C ILE H 164 -14.11 -4.87 44.94
N ALA H 165 -14.35 -5.26 43.70
CA ALA H 165 -14.67 -6.64 43.33
C ALA H 165 -13.44 -7.22 42.65
N ILE H 166 -12.88 -8.27 43.23
CA ILE H 166 -11.73 -8.91 42.63
C ILE H 166 -12.17 -9.63 41.36
N TYR H 167 -11.54 -9.30 40.25
CA TYR H 167 -11.85 -9.93 38.98
C TYR H 167 -10.84 -11.05 38.76
N ALA H 168 -11.19 -12.23 39.22
CA ALA H 168 -10.24 -13.33 39.33
C ALA H 168 -10.26 -14.15 38.04
N ASN H 169 -9.55 -13.64 37.03
CA ASN H 169 -9.53 -14.22 35.69
C ASN H 169 -8.08 -14.54 35.29
N PRO H 170 -7.59 -15.77 35.56
CA PRO H 170 -6.19 -16.09 35.22
C PRO H 170 -5.88 -16.12 33.72
N GLU H 171 -6.87 -16.38 32.85
CA GLU H 171 -6.60 -16.39 31.43
C GLU H 171 -6.24 -15.00 30.91
N ALA H 172 -7.07 -14.01 31.27
CA ALA H 172 -6.80 -12.62 30.95
C ALA H 172 -5.54 -12.10 31.66
N PHE H 173 -5.41 -12.34 32.97
CA PHE H 173 -4.52 -11.56 33.77
C PHE H 173 -3.27 -12.34 34.17
N LYS H 174 -3.15 -13.63 33.77
CA LYS H 174 -1.95 -14.45 33.97
C LYS H 174 -1.84 -14.94 35.43
N PHE H 175 -1.79 -14.01 36.38
CA PHE H 175 -1.82 -14.34 37.80
C PHE H 175 -3.01 -15.22 38.11
N ASP H 176 -2.82 -16.22 39.00
CA ASP H 176 -3.85 -17.21 39.19
C ASP H 176 -4.66 -17.07 40.49
N PHE H 177 -4.52 -15.98 41.22
CA PHE H 177 -5.37 -15.65 42.36
C PHE H 177 -5.43 -16.81 43.35
N PRO H 178 -4.28 -17.20 43.95
CA PRO H 178 -4.19 -18.42 44.78
C PRO H 178 -4.72 -18.21 46.19
N ARG H 179 -4.78 -19.31 46.95
CA ARG H 179 -5.31 -19.30 48.30
C ARG H 179 -4.74 -18.14 49.13
N PRO H 180 -3.40 -17.97 49.30
CA PRO H 180 -2.91 -16.92 50.21
C PRO H 180 -3.30 -15.50 49.79
N PHE H 181 -3.50 -15.33 48.49
CA PHE H 181 -4.02 -14.06 47.96
C PHE H 181 -5.37 -13.73 48.60
N TRP H 182 -6.30 -14.70 48.64
CA TRP H 182 -7.61 -14.45 49.24
C TRP H 182 -7.53 -14.09 50.74
N ALA H 183 -6.65 -14.78 51.49
CA ALA H 183 -6.41 -14.44 52.90
C ALA H 183 -5.97 -12.99 53.04
N GLU H 184 -5.12 -12.50 52.12
CA GLU H 184 -4.65 -11.12 52.19
C GLU H 184 -5.75 -10.13 51.81
N MET H 185 -6.56 -10.49 50.80
CA MET H 185 -7.66 -9.61 50.39
C MET H 185 -8.69 -9.39 51.50
N SER H 186 -8.88 -10.39 52.36
CA SER H 186 -9.87 -10.32 53.43
C SER H 186 -9.47 -9.29 54.49
N LYS H 187 -8.19 -8.88 54.51
CA LYS H 187 -7.71 -7.81 55.38
C LYS H 187 -7.95 -6.42 54.83
N ILE H 188 -8.43 -6.30 53.57
CA ILE H 188 -8.65 -5.02 52.95
C ILE H 188 -10.15 -4.72 53.01
N PRO H 189 -10.61 -3.74 53.83
CA PRO H 189 -12.05 -3.49 53.99
C PRO H 189 -12.78 -3.19 52.68
N GLN H 190 -12.09 -2.50 51.76
CA GLN H 190 -12.66 -2.13 50.47
C GLN H 190 -13.01 -3.34 49.62
N VAL H 191 -12.32 -4.47 49.83
CA VAL H 191 -12.54 -5.64 49.00
C VAL H 191 -13.74 -6.42 49.57
N VAL H 192 -14.86 -6.37 48.84
CA VAL H 192 -16.11 -6.85 49.40
C VAL H 192 -16.61 -8.08 48.67
N THR H 193 -16.14 -8.32 47.46
CA THR H 193 -16.69 -9.37 46.62
C THR H 193 -15.65 -9.77 45.59
N ALA H 194 -15.93 -10.87 44.89
CA ALA H 194 -15.08 -11.41 43.85
C ALA H 194 -15.94 -11.98 42.76
N LYS H 195 -15.60 -11.66 41.51
CA LYS H 195 -16.14 -12.36 40.34
C LYS H 195 -15.25 -13.60 40.21
N TYR H 196 -15.79 -14.71 40.73
CA TYR H 196 -15.01 -15.90 40.95
C TYR H 196 -15.23 -16.88 39.82
N LEU H 197 -14.27 -17.79 39.70
CA LEU H 197 -14.44 -18.84 38.70
C LEU H 197 -14.61 -20.19 39.38
N GLY H 198 -13.84 -21.23 38.97
CA GLY H 198 -14.16 -22.58 39.34
C GLY H 198 -14.24 -22.69 40.86
N ILE H 199 -15.10 -23.57 41.37
CA ILE H 199 -15.42 -23.67 42.79
C ILE H 199 -14.65 -24.80 43.45
N GLY H 200 -13.63 -25.36 42.78
CA GLY H 200 -12.84 -26.45 43.37
C GLY H 200 -12.26 -26.12 44.75
N MET H 201 -11.86 -24.87 44.98
CA MET H 201 -11.26 -24.45 46.23
C MET H 201 -12.10 -23.36 46.89
N LEU H 202 -13.40 -23.30 46.56
CA LEU H 202 -14.28 -22.33 47.21
C LEU H 202 -14.37 -22.57 48.72
N ASP H 203 -14.57 -23.82 49.14
CA ASP H 203 -14.69 -24.17 50.54
C ASP H 203 -13.52 -23.56 51.36
N LEU H 204 -12.28 -23.78 50.91
CA LEU H 204 -11.10 -23.20 51.57
C LEU H 204 -11.05 -21.69 51.49
N ASP H 205 -11.32 -21.13 50.29
CA ASP H 205 -11.23 -19.69 50.11
C ASP H 205 -12.21 -18.97 51.03
N LEU H 206 -13.41 -19.54 51.21
CA LEU H 206 -14.39 -18.96 52.13
C LEU H 206 -13.84 -18.88 53.55
N ARG H 207 -13.12 -19.93 53.98
CA ARG H 207 -12.54 -19.97 55.30
C ARG H 207 -11.39 -18.95 55.42
N LEU H 208 -10.59 -18.80 54.36
CA LEU H 208 -9.45 -17.88 54.34
C LEU H 208 -9.87 -16.42 54.27
N ALA H 209 -11.05 -16.15 53.69
CA ALA H 209 -11.47 -14.79 53.43
C ALA H 209 -12.89 -14.57 53.94
N PRO H 210 -13.09 -14.49 55.28
CA PRO H 210 -14.43 -14.34 55.84
C PRO H 210 -15.16 -13.07 55.41
N ASN H 211 -14.44 -12.02 54.97
CA ASN H 211 -15.05 -10.73 54.73
C ASN H 211 -15.41 -10.51 53.24
N ILE H 212 -15.27 -11.54 52.41
CA ILE H 212 -15.58 -11.40 50.98
C ILE H 212 -16.83 -12.19 50.63
N ARG H 213 -17.74 -11.55 49.87
CA ARG H 213 -18.82 -12.28 49.21
C ARG H 213 -18.34 -12.86 47.88
N PHE H 214 -18.07 -14.16 47.86
CA PHE H 214 -17.58 -14.81 46.65
C PHE H 214 -18.75 -15.05 45.72
N LEU H 215 -18.68 -14.48 44.50
CA LEU H 215 -19.70 -14.70 43.50
C LEU H 215 -19.29 -15.82 42.55
N PRO H 216 -19.86 -17.02 42.65
CA PRO H 216 -19.65 -18.01 41.61
C PRO H 216 -20.39 -17.59 40.35
N HIS H 217 -19.94 -18.12 39.23
CA HIS H 217 -20.67 -18.05 38.00
C HIS H 217 -22.03 -18.72 38.20
N GLU H 218 -23.06 -18.22 37.53
CA GLU H 218 -24.43 -18.63 37.72
C GLU H 218 -24.57 -20.15 37.63
N ASP H 219 -23.86 -20.83 36.70
CA ASP H 219 -24.04 -22.26 36.52
C ASP H 219 -23.53 -23.04 37.76
N ASP H 220 -22.65 -22.41 38.52
CA ASP H 220 -22.02 -23.02 39.70
C ASP H 220 -22.71 -22.61 41.00
N TYR H 221 -23.68 -21.68 40.94
CA TYR H 221 -24.36 -21.16 42.11
C TYR H 221 -25.07 -22.27 42.90
N TYR H 222 -25.76 -23.16 42.21
CA TYR H 222 -26.44 -24.31 42.82
C TYR H 222 -25.47 -25.08 43.72
N ALA H 223 -24.36 -25.52 43.14
CA ALA H 223 -23.38 -26.32 43.90
C ALA H 223 -22.78 -25.53 45.04
N ALA H 224 -22.37 -24.29 44.76
CA ALA H 224 -21.75 -23.42 45.75
C ALA H 224 -22.68 -23.12 46.92
N ALA H 225 -23.96 -22.85 46.62
CA ALA H 225 -24.93 -22.54 47.66
C ALA H 225 -25.17 -23.78 48.53
N ARG H 226 -25.07 -24.98 47.96
CA ARG H 226 -25.21 -26.19 48.76
C ARG H 226 -23.97 -26.42 49.64
N ILE H 227 -22.79 -26.03 49.16
CA ILE H 227 -21.59 -26.14 49.96
C ILE H 227 -21.67 -25.25 51.20
N ASN H 228 -22.00 -23.97 50.99
CA ASN H 228 -22.03 -23.04 52.09
C ASN H 228 -23.21 -22.09 51.92
N PRO H 229 -24.41 -22.47 52.39
CA PRO H 229 -25.60 -21.64 52.18
C PRO H 229 -25.61 -20.33 52.95
N GLU H 230 -24.85 -20.28 54.06
CA GLU H 230 -24.71 -19.06 54.82
C GLU H 230 -23.94 -18.02 54.02
N ARG H 231 -22.83 -18.43 53.38
CA ARG H 231 -21.93 -17.47 52.75
C ARG H 231 -22.30 -17.22 51.27
N ILE H 232 -22.78 -18.26 50.59
CA ILE H 232 -23.01 -18.15 49.16
C ILE H 232 -24.48 -17.78 48.93
N THR H 233 -24.72 -16.49 48.89
CA THR H 233 -26.06 -15.88 48.76
C THR H 233 -26.22 -15.10 47.48
N ALA H 234 -25.19 -15.05 46.66
CA ALA H 234 -25.15 -14.19 45.48
C ALA H 234 -24.34 -14.87 44.39
N PHE H 235 -24.53 -14.44 43.13
CA PHE H 235 -23.83 -15.03 42.02
C PHE H 235 -23.76 -13.98 40.92
N TRP H 236 -22.83 -14.18 39.96
CA TRP H 236 -22.74 -13.31 38.80
C TRP H 236 -23.30 -14.01 37.57
N SER H 237 -23.95 -13.23 36.71
CA SER H 237 -24.66 -13.76 35.57
C SER H 237 -24.33 -12.97 34.31
N SER H 238 -23.87 -13.64 33.25
CA SER H 238 -23.85 -13.11 31.89
C SER H 238 -25.05 -13.61 31.11
N GLY H 239 -25.57 -14.80 31.45
CA GLY H 239 -26.77 -15.35 30.78
C GLY H 239 -27.98 -14.40 30.86
N ALA H 240 -28.04 -13.56 31.89
CA ALA H 240 -29.13 -12.63 32.07
C ALA H 240 -29.21 -11.63 30.92
N MET H 241 -28.12 -11.45 30.17
CA MET H 241 -28.11 -10.50 29.06
C MET H 241 -28.89 -11.06 27.86
N CYS H 242 -29.31 -12.32 27.97
CA CYS H 242 -30.16 -12.99 26.99
C CYS H 242 -31.61 -13.10 27.51
N GLY H 243 -31.87 -12.43 28.62
CA GLY H 243 -33.16 -12.47 29.31
C GLY H 243 -32.96 -12.87 30.77
N PRO H 244 -33.20 -11.95 31.71
CA PRO H 244 -32.90 -12.22 33.13
C PRO H 244 -33.83 -13.10 33.96
N ALA H 245 -34.93 -13.61 33.38
CA ALA H 245 -35.88 -14.34 34.21
C ALA H 245 -35.24 -15.60 34.80
N THR H 246 -34.37 -16.26 34.04
CA THR H 246 -33.73 -17.48 34.50
C THR H 246 -32.93 -17.24 35.77
N ALA H 247 -32.10 -16.18 35.77
CA ALA H 247 -31.27 -15.85 36.91
C ALA H 247 -32.11 -15.48 38.11
N ILE H 248 -33.19 -14.71 37.87
CA ILE H 248 -34.07 -14.32 38.96
C ILE H 248 -34.75 -15.56 39.55
N MET H 249 -35.16 -16.50 38.71
CA MET H 249 -35.84 -17.71 39.18
C MET H 249 -34.84 -18.58 39.96
N LEU H 250 -33.61 -18.68 39.47
CA LEU H 250 -32.58 -19.43 40.22
C LEU H 250 -32.39 -18.81 41.60
N ARG H 251 -32.20 -17.49 41.66
CA ARG H 251 -32.08 -16.79 42.91
C ARG H 251 -33.24 -17.14 43.86
N ASP H 252 -34.47 -16.99 43.39
CA ASP H 252 -35.65 -17.13 44.21
C ASP H 252 -35.78 -18.58 44.68
N GLU H 253 -35.46 -19.54 43.81
CA GLU H 253 -35.68 -20.94 44.12
C GLU H 253 -34.60 -21.44 45.09
N VAL H 254 -33.37 -20.87 44.97
CA VAL H 254 -32.33 -21.22 45.91
C VAL H 254 -32.67 -20.69 47.31
N VAL H 255 -33.21 -19.47 47.41
CA VAL H 255 -33.69 -18.98 48.70
C VAL H 255 -34.66 -19.99 49.33
N ARG H 256 -35.62 -20.46 48.54
CA ARG H 256 -36.64 -21.37 49.03
C ARG H 256 -36.02 -22.70 49.43
N ALA H 257 -35.10 -23.23 48.59
CA ALA H 257 -34.42 -24.50 48.87
C ALA H 257 -33.67 -24.43 50.21
N LYS H 258 -33.03 -23.31 50.51
CA LYS H 258 -32.29 -23.17 51.75
C LYS H 258 -33.22 -23.26 52.94
N SER H 259 -34.46 -22.78 52.80
CA SER H 259 -35.46 -22.79 53.85
C SER H 259 -36.12 -24.17 53.96
N THR H 260 -36.46 -24.81 52.82
CA THR H 260 -37.29 -26.00 52.83
C THR H 260 -36.44 -27.27 52.83
N GLY H 261 -35.20 -27.19 52.33
CA GLY H 261 -34.37 -28.35 52.10
C GLY H 261 -34.69 -29.07 50.80
N ASP H 262 -35.60 -28.54 49.99
CA ASP H 262 -35.95 -29.19 48.74
C ASP H 262 -35.30 -28.45 47.57
N TRP H 263 -34.24 -29.06 47.04
CA TRP H 263 -33.32 -28.46 46.08
C TRP H 263 -33.66 -28.91 44.67
N ALA H 264 -34.74 -29.68 44.45
CA ALA H 264 -34.99 -30.25 43.14
C ALA H 264 -35.24 -29.18 42.06
N LYS H 265 -36.01 -28.14 42.37
CA LYS H 265 -36.34 -27.15 41.36
C LYS H 265 -35.11 -26.29 41.04
N ALA H 266 -34.35 -25.95 42.06
CA ALA H 266 -33.13 -25.17 41.87
C ALA H 266 -32.17 -25.96 40.98
N LYS H 267 -32.11 -27.27 41.22
CA LYS H 267 -31.26 -28.16 40.44
C LYS H 267 -31.71 -28.19 38.99
N ALA H 268 -33.04 -28.22 38.75
CA ALA H 268 -33.55 -28.26 37.38
C ALA H 268 -33.21 -26.96 36.63
N ILE H 269 -33.32 -25.81 37.30
CA ILE H 269 -33.00 -24.53 36.69
C ILE H 269 -31.49 -24.50 36.35
N SER H 270 -30.65 -24.88 37.32
CA SER H 270 -29.21 -24.90 37.15
C SER H 270 -28.81 -25.80 35.98
N ASP H 271 -29.47 -26.96 35.86
CA ASP H 271 -29.17 -27.89 34.80
C ASP H 271 -29.55 -27.35 33.42
N ASP H 272 -30.65 -26.59 33.36
CA ASP H 272 -31.06 -25.90 32.15
C ASP H 272 -30.00 -24.89 31.73
N MET H 273 -29.47 -24.15 32.71
CA MET H 273 -28.43 -23.16 32.45
C MET H 273 -27.16 -23.78 31.86
N ARG H 274 -26.68 -24.88 32.45
CA ARG H 274 -25.54 -25.58 31.91
C ARG H 274 -25.78 -26.07 30.48
N ALA H 275 -26.97 -26.61 30.20
CA ALA H 275 -27.27 -27.05 28.83
C ALA H 275 -27.24 -25.85 27.87
N ALA H 276 -27.80 -24.71 28.27
CA ALA H 276 -27.79 -23.53 27.41
C ALA H 276 -26.38 -23.04 27.10
N ASP H 277 -25.46 -23.23 28.06
CA ASP H 277 -24.06 -22.86 27.89
C ASP H 277 -23.28 -23.90 27.08
N SER H 278 -23.88 -25.06 26.77
CA SER H 278 -23.10 -26.18 26.34
C SER H 278 -22.42 -25.96 24.98
N THR H 279 -22.90 -25.06 24.12
CA THR H 279 -22.34 -24.88 22.80
C THR H 279 -21.45 -23.63 22.73
N LEU H 280 -21.30 -22.89 23.83
CA LEU H 280 -20.61 -21.62 23.76
C LEU H 280 -19.12 -21.76 23.40
N PHE H 281 -18.41 -22.67 24.08
CA PHE H 281 -16.97 -22.83 23.87
C PHE H 281 -16.65 -23.52 22.55
N PRO H 282 -15.76 -22.92 21.73
CA PRO H 282 -15.33 -23.53 20.47
C PRO H 282 -14.74 -24.91 20.75
N ARG H 283 -15.32 -25.94 20.15
CA ARG H 283 -14.97 -27.34 20.33
C ARG H 283 -14.86 -27.71 21.82
N GLY H 284 -15.65 -27.06 22.65
CA GLY H 284 -15.64 -27.34 24.08
C GLY H 284 -14.34 -26.91 24.75
N ASP H 285 -13.57 -26.05 24.06
CA ASP H 285 -12.22 -25.75 24.51
C ASP H 285 -12.17 -24.35 25.14
N PHE H 286 -11.82 -24.28 26.42
CA PHE H 286 -11.82 -23.04 27.15
C PHE H 286 -10.71 -22.08 26.66
N SER H 287 -9.57 -22.62 26.23
CA SER H 287 -8.47 -21.77 25.77
C SER H 287 -8.88 -21.06 24.50
N GLU H 288 -9.63 -21.75 23.64
CA GLU H 288 -10.22 -21.17 22.44
C GLU H 288 -11.31 -20.16 22.84
N PHE H 289 -12.16 -20.46 23.83
CA PHE H 289 -13.13 -19.49 24.31
C PHE H 289 -12.44 -18.20 24.78
N SER H 290 -11.30 -18.35 25.46
CA SER H 290 -10.60 -17.24 26.05
C SER H 290 -10.11 -16.27 24.98
N LYS H 291 -9.70 -16.79 23.81
CA LYS H 291 -9.27 -15.96 22.73
C LYS H 291 -10.43 -15.17 22.15
N TYR H 292 -11.64 -15.74 22.18
CA TYR H 292 -12.77 -15.10 21.49
C TYR H 292 -13.87 -14.68 22.47
N ASN H 293 -13.50 -14.51 23.75
CA ASN H 293 -14.38 -14.24 24.90
C ASN H 293 -15.28 -13.05 24.53
N ILE H 294 -14.71 -12.00 23.93
CA ILE H 294 -15.50 -10.82 23.67
C ILE H 294 -16.51 -11.11 22.57
N GLY H 295 -16.04 -11.55 21.40
CA GLY H 295 -16.89 -11.74 20.24
C GLY H 295 -17.96 -12.79 20.48
N LEU H 296 -17.59 -13.83 21.20
CA LEU H 296 -18.52 -14.94 21.46
C LEU H 296 -19.65 -14.48 22.39
N GLU H 297 -19.32 -13.76 23.46
CA GLU H 297 -20.32 -13.28 24.39
C GLU H 297 -21.26 -12.29 23.68
N LYS H 298 -20.69 -11.33 22.96
CA LYS H 298 -21.48 -10.30 22.28
C LYS H 298 -22.35 -10.94 21.19
N ALA H 299 -21.83 -11.93 20.45
CA ALA H 299 -22.63 -12.63 19.44
C ALA H 299 -23.81 -13.38 20.07
N ARG H 300 -23.56 -14.00 21.22
CA ARG H 300 -24.64 -14.75 21.92
C ARG H 300 -25.76 -13.77 22.29
N MET H 301 -25.38 -12.62 22.89
CA MET H 301 -26.36 -11.62 23.28
C MET H 301 -27.14 -11.11 22.06
N ASP H 302 -26.42 -10.80 20.97
CA ASP H 302 -27.07 -10.38 19.73
C ASP H 302 -28.06 -11.43 19.26
N ALA H 303 -27.69 -12.71 19.31
CA ALA H 303 -28.60 -13.74 18.82
C ALA H 303 -29.82 -13.88 19.72
N ALA H 304 -29.66 -13.68 21.04
CA ALA H 304 -30.76 -13.83 21.95
C ALA H 304 -31.83 -12.77 21.76
N GLY H 305 -31.45 -11.54 21.40
CA GLY H 305 -32.44 -10.53 21.02
C GLY H 305 -33.00 -9.75 22.19
N TRP H 306 -32.49 -9.96 23.41
CA TRP H 306 -32.98 -9.26 24.57
C TRP H 306 -32.31 -7.88 24.63
N LEU H 307 -31.07 -7.81 24.11
CA LEU H 307 -30.37 -6.54 23.99
C LEU H 307 -29.46 -6.58 22.77
N LYS H 308 -28.97 -5.40 22.38
CA LYS H 308 -28.07 -5.23 21.26
C LYS H 308 -26.66 -4.94 21.77
N ALA H 309 -25.81 -5.96 21.78
CA ALA H 309 -24.45 -5.77 22.28
C ALA H 309 -23.61 -5.09 21.21
N GLY H 310 -23.77 -5.53 19.96
CA GLY H 310 -23.19 -4.84 18.81
C GLY H 310 -21.77 -5.27 18.50
N PRO H 311 -21.15 -4.68 17.46
CA PRO H 311 -19.80 -5.06 17.03
C PRO H 311 -18.72 -4.88 18.10
N CYS H 312 -17.66 -5.68 17.97
CA CYS H 312 -16.53 -5.61 18.88
C CYS H 312 -15.51 -4.55 18.42
N ARG H 313 -15.01 -3.81 19.40
CA ARG H 313 -14.00 -2.81 19.17
C ARG H 313 -12.66 -3.45 18.86
N PRO H 314 -11.84 -2.79 18.00
CA PRO H 314 -10.59 -3.38 17.54
C PRO H 314 -9.57 -3.46 18.69
N PRO H 315 -8.73 -4.51 18.73
CA PRO H 315 -8.56 -5.46 17.63
C PRO H 315 -9.43 -6.71 17.59
N TYR H 316 -10.32 -6.93 18.58
CA TYR H 316 -10.96 -8.23 18.78
C TYR H 316 -12.29 -8.32 18.03
N ASN H 317 -12.22 -8.08 16.73
CA ASN H 317 -13.38 -7.91 15.88
C ASN H 317 -13.46 -8.99 14.80
N LEU H 318 -12.76 -10.11 14.98
CA LEU H 318 -12.82 -11.25 14.04
CA LEU H 318 -12.93 -11.23 14.07
C LEU H 318 -12.94 -12.54 14.84
N VAL H 319 -14.01 -13.31 14.61
CA VAL H 319 -14.20 -14.60 15.25
C VAL H 319 -14.47 -15.63 14.15
N PRO H 320 -13.80 -16.79 14.13
CA PRO H 320 -14.05 -17.81 13.09
C PRO H 320 -15.54 -18.12 12.99
N GLU H 321 -16.08 -18.15 11.78
CA GLU H 321 -17.53 -18.25 11.56
C GLU H 321 -18.12 -19.47 12.25
N ASP H 322 -17.40 -20.59 12.24
CA ASP H 322 -17.86 -21.83 12.83
C ASP H 322 -18.06 -21.69 14.34
N TYR H 323 -17.28 -20.82 14.99
CA TYR H 323 -17.40 -20.64 16.42
C TYR H 323 -18.62 -19.75 16.75
N LEU H 324 -19.08 -18.99 15.76
CA LEU H 324 -20.15 -18.04 15.98
C LEU H 324 -21.45 -18.81 16.15
N ALA H 325 -21.66 -19.87 15.38
CA ALA H 325 -22.89 -20.64 15.44
C ALA H 325 -23.09 -21.18 16.84
N GLY H 326 -22.02 -21.62 17.51
CA GLY H 326 -22.17 -22.19 18.83
C GLY H 326 -22.63 -21.13 19.83
N ALA H 327 -22.07 -19.91 19.71
CA ALA H 327 -22.44 -18.81 20.57
C ALA H 327 -23.90 -18.40 20.31
N GLN H 328 -24.31 -18.38 19.04
CA GLN H 328 -25.66 -17.98 18.65
C GLN H 328 -26.66 -19.01 19.15
N LYS H 329 -26.31 -20.29 19.04
CA LYS H 329 -27.16 -21.36 19.54
C LYS H 329 -27.33 -21.24 21.06
N SER H 330 -26.26 -20.87 21.78
CA SER H 330 -26.34 -20.67 23.21
C SER H 330 -27.26 -19.48 23.52
N GLY H 331 -27.13 -18.39 22.76
CA GLY H 331 -28.00 -17.25 22.90
C GLY H 331 -29.49 -17.60 22.72
N LYS H 332 -29.80 -18.42 21.71
CA LYS H 332 -31.17 -18.86 21.48
C LYS H 332 -31.65 -19.73 22.65
N ALA H 333 -30.77 -20.59 23.20
CA ALA H 333 -31.14 -21.46 24.30
C ALA H 333 -31.45 -20.62 25.55
N TRP H 334 -30.63 -19.62 25.83
CA TRP H 334 -30.89 -18.74 26.97
C TRP H 334 -32.17 -17.92 26.77
N ALA H 335 -32.42 -17.46 25.53
CA ALA H 335 -33.66 -16.73 25.26
C ALA H 335 -34.88 -17.62 25.55
N ALA H 336 -34.78 -18.90 25.17
CA ALA H 336 -35.84 -19.89 25.43
C ALA H 336 -36.06 -20.12 26.93
N LEU H 337 -34.96 -20.19 27.68
CA LEU H 337 -35.06 -20.25 29.14
C LEU H 337 -35.77 -19.03 29.70
N HIS H 338 -35.41 -17.83 29.21
CA HIS H 338 -36.03 -16.60 29.69
C HIS H 338 -37.55 -16.65 29.46
N ALA H 339 -37.98 -17.14 28.31
CA ALA H 339 -39.41 -17.21 28.04
C ALA H 339 -40.07 -18.19 29.00
N LYS H 340 -39.42 -19.35 29.25
CA LYS H 340 -39.98 -20.36 30.11
C LYS H 340 -40.09 -19.84 31.54
N TYR H 341 -39.02 -19.21 32.05
CA TYR H 341 -39.03 -18.76 33.42
C TYR H 341 -39.83 -17.47 33.60
N SER H 342 -39.92 -16.61 32.60
CA SER H 342 -40.80 -15.45 32.69
C SER H 342 -42.21 -15.88 33.10
N ASN H 343 -42.69 -16.99 32.48
CA ASN H 343 -44.02 -17.51 32.74
C ASN H 343 -44.12 -18.09 34.15
N GLU H 344 -43.02 -18.64 34.69
CA GLU H 344 -43.01 -19.22 36.03
C GLU H 344 -42.89 -18.14 37.10
N LEU H 345 -42.38 -16.96 36.76
CA LEU H 345 -42.39 -15.83 37.65
C LEU H 345 -43.81 -15.23 37.68
N LYS H 346 -44.53 -15.26 36.53
CA LYS H 346 -45.78 -14.51 36.35
C LYS H 346 -46.88 -15.40 35.79
C1 GOL I . -19.17 23.03 -27.20
O1 GOL I . -18.57 21.74 -27.26
C2 GOL I . -18.11 23.98 -26.73
O2 GOL I . -16.88 23.52 -27.31
C3 GOL I . -18.08 23.98 -25.21
O3 GOL I . -18.61 22.76 -24.72
P PO4 J . -19.82 13.55 -33.95
O1 PO4 J . -20.84 13.85 -34.92
O2 PO4 J . -18.75 12.84 -34.64
O3 PO4 J . -19.26 14.90 -33.25
O4 PO4 J . -20.41 12.73 -32.83
P PO4 K . -11.76 35.82 -32.51
O1 PO4 K . -10.53 35.72 -33.40
O2 PO4 K . -11.36 36.14 -31.08
O3 PO4 K . -12.67 36.96 -33.05
O4 PO4 K . -12.50 34.44 -32.58
C1 GOL L . -7.18 21.33 -14.54
O1 GOL L . -7.19 21.68 -15.91
C2 GOL L . -7.92 20.01 -14.39
O2 GOL L . -7.15 19.12 -13.60
C3 GOL L . -9.29 20.17 -13.80
O3 GOL L . -9.88 21.41 -14.14
P PO4 M . -3.15 31.67 -9.13
O1 PO4 M . -3.23 30.46 -10.17
O2 PO4 M . -2.39 31.32 -7.92
O3 PO4 M . -2.49 32.75 -9.90
O4 PO4 M . -4.51 31.98 -8.62
P PO4 N . 1.71 11.72 -20.94
O1 PO4 N . 2.83 12.14 -21.90
O2 PO4 N . 2.13 10.57 -19.99
O3 PO4 N . 1.32 12.91 -20.08
O4 PO4 N . 0.52 11.30 -21.76
C1 GOL O . 7.39 23.16 -45.48
O1 GOL O . 8.19 24.28 -45.17
C2 GOL O . 5.95 23.58 -45.44
O2 GOL O . 5.55 24.00 -46.73
C3 GOL O . 5.04 22.52 -44.89
O3 GOL O . 5.11 22.51 -43.47
P PO4 P . -2.05 30.59 -50.62
O1 PO4 P . -0.93 31.49 -51.01
O2 PO4 P . -1.44 29.52 -49.62
O3 PO4 P . -3.15 31.31 -49.92
O4 PO4 P . -2.51 29.97 -51.87
P PO4 Q . 1.57 30.32 -79.26
O1 PO4 Q . 1.47 29.81 -80.70
O2 PO4 Q . 3.01 30.73 -78.97
O3 PO4 Q . 0.64 31.52 -79.08
O4 PO4 Q . 1.17 29.20 -78.28
C1 GOL R . 14.86 29.72 -34.44
O1 GOL R . 15.92 28.78 -34.28
C2 GOL R . 14.27 30.15 -33.11
O2 GOL R . 14.87 29.42 -32.05
C3 GOL R . 14.38 31.64 -32.86
O3 GOL R . 13.11 32.28 -32.98
P PO4 S . 20.00 21.70 -24.90
O1 PO4 S . 20.96 21.25 -25.93
O2 PO4 S . 20.75 22.53 -23.91
O3 PO4 S . 18.98 22.64 -25.62
O4 PO4 S . 19.30 20.59 -24.30
P PO4 T . 4.20 38.93 -27.67
O1 PO4 T . 3.59 39.09 -29.06
O2 PO4 T . 5.48 38.08 -27.78
O3 PO4 T . 4.59 40.32 -27.16
O4 PO4 T . 3.18 38.23 -26.77
C1 GOL U . 16.83 -27.95 23.57
O1 GOL U . 17.01 -29.26 24.14
C2 GOL U . 15.95 -27.96 22.34
O2 GOL U . 16.66 -28.45 21.22
C3 GOL U . 14.69 -28.79 22.56
O3 GOL U . 15.04 -30.13 22.85
P PO4 V . 10.46 -39.24 16.52
O1 PO4 V . 10.68 -38.03 17.47
O2 PO4 V . 11.16 -40.46 16.92
O3 PO4 V . 11.07 -38.85 15.21
O4 PO4 V . 9.05 -39.56 16.49
P PO4 W . 14.00 -28.65 37.23
O1 PO4 W . 13.63 -29.22 35.87
O2 PO4 W . 15.38 -29.17 37.56
O3 PO4 W . 14.04 -27.16 37.22
O4 PO4 W . 12.97 -29.15 38.29
C1 GOL X . 9.55 -14.98 19.26
O1 GOL X . 9.88 -16.08 20.11
C2 GOL X . 10.13 -15.09 17.85
O2 GOL X . 11.30 -15.93 17.79
C3 GOL X . 9.10 -15.54 16.83
O3 GOL X . 8.31 -16.65 17.28
P PO4 Y . 12.55 -5.89 26.60
O1 PO4 Y . 11.85 -7.14 25.93
O2 PO4 Y . 14.03 -6.00 26.26
O3 PO4 Y . 12.04 -4.67 26.01
O4 PO4 Y . 12.33 -5.92 28.06
C1 GOL Z . -11.16 -33.46 37.47
O1 GOL Z . -11.23 -33.98 38.79
C2 GOL Z . -9.88 -33.82 36.75
O2 GOL Z . -9.05 -34.63 37.61
C3 GOL Z . -10.11 -34.53 35.44
O3 GOL Z . -11.45 -34.34 34.95
P PO4 AA . -1.72 -40.92 43.50
O1 PO4 AA . -2.04 -42.33 43.16
O2 PO4 AA . -0.30 -40.73 43.60
O3 PO4 AA . -2.31 -39.90 42.36
O4 PO4 AA . -2.41 -40.55 44.79
P PO4 BA . -8.55 -33.42 22.12
O1 PO4 BA . -8.20 -33.56 20.61
O2 PO4 BA . -7.30 -33.67 22.92
O3 PO4 BA . -9.04 -31.99 22.42
O4 PO4 BA . -9.65 -34.41 22.49
C1 GOL CA . -9.52 -18.64 42.02
O1 GOL CA . -8.13 -18.82 42.27
C2 GOL CA . -9.89 -19.12 40.64
O2 GOL CA . -10.10 -18.00 39.78
C3 GOL CA . -11.09 -20.05 40.66
O3 GOL CA . -12.29 -19.36 41.00
P PO4 DA . -16.13 -11.38 31.78
O1 PO4 DA . -15.89 -11.23 30.34
O2 PO4 DA . -15.03 -12.22 32.46
O3 PO4 DA . -16.16 -10.02 32.47
O4 PO4 DA . -17.41 -12.08 32.03
P PO4 EA . 4.35 -16.52 42.51
O1 PO4 EA . 4.19 -15.85 41.15
O2 PO4 EA . 5.79 -17.04 42.59
O3 PO4 EA . 4.10 -15.59 43.72
O4 PO4 EA . 3.37 -17.67 42.57
P PO4 FA . -26.85 -28.82 51.62
O1 PO4 FA . -27.08 -29.29 50.20
O2 PO4 FA . -25.96 -29.83 52.33
O3 PO4 FA . -26.23 -27.44 51.65
O4 PO4 FA . -28.18 -28.74 52.35
#